data_6ORO
#
_entry.id   6ORO
#
_cell.length_a   1.00
_cell.length_b   1.00
_cell.length_c   1.00
_cell.angle_alpha   90.00
_cell.angle_beta   90.00
_cell.angle_gamma   90.00
#
_symmetry.space_group_name_H-M   'P 1'
#
loop_
_entity.id
_entity.type
_entity.pdbx_description
1 polymer 'RC1 variant of HIV-1 Env glycoprotein gp41'
2 polymer 'RC1 variant of HIV-1 Env glycoprotein gp120'
3 polymer 'Ab874NHP antibody Fab heavy chain'
4 polymer 'Ab874NHP antibody Fab light chain'
5 branched beta-D-mannopyranose-(1-4)-2-acetamido-2-deoxy-beta-D-glucopyranose-(1-4)-2-acetamido-2-deoxy-beta-D-glucopyranose
6 branched alpha-D-mannopyranose-(1-2)-alpha-D-mannopyranose-(1-2)-alpha-D-mannopyranose-(1-3)-beta-D-mannopyranose-(1-4)-2-acetamido-2-deoxy-beta-D-glucopyranose-(1-4)-2-acetamido-2-deoxy-beta-D-glucopyranose
7 branched alpha-D-mannopyranose-(1-6)-beta-D-mannopyranose-(1-4)-2-acetamido-2-deoxy-beta-D-glucopyranose-(1-4)-2-acetamido-2-deoxy-beta-D-glucopyranose
8 branched 2-acetamido-2-deoxy-beta-D-glucopyranose-(1-4)-2-acetamido-2-deoxy-beta-D-glucopyranose
9 non-polymer 2-acetamido-2-deoxy-beta-D-glucopyranose
#
loop_
_entity_poly.entity_id
_entity_poly.type
_entity_poly.pdbx_seq_one_letter_code
_entity_poly.pdbx_strand_id
1 'polypeptide(L)'
;AVGIGAVSLGFLGAAGSTMGAASMTLTVQARNLLSGIVQQQSNLLRAPEPQQHLLKDTHWGIKQLQARVLAVEHYLRDQQ
LLGIWGCSGKLICCTNVPWNSSWSNRNLSEIWDNMTWLQWDKEISNYTQIIYGLLEESQNQQEKNEQDLLALD
;
A,C,F
2 'polypeptide(L)'
;AENLWVTVYYGVPVWKDAETTLFCASDAKAYETEKHNVWATHACVPTDPNPQEIHLENVTEEFNMWKNNMVEQMHEDIIS
LWDQSLKPCVKLTPLCVTLQCTNYAPNLLSNMRGELKQCSFNMTTELRDKKQKVYSLFYRLDVVQINENQGNRSNNSNKE
YRLINCNTSAITQACPKVSFEPIPIHYCAPAGFAILKCKDKKFNGTGPCPSVSTVQCTHGIKPVVSTQLLLNGSLAEEEV
IIRSENITNNAKNILVQLNTPVQINCTRPNNNTVKSIRIGPGQAFYYFGDIIGDIRMAHCNVSKATWNETLGKVVKQLRK
HFGNNTIIRFAQSSGGDLEVTTHSFNCGGEFFYCNTSGLFNSTWISNTSVQGSNSTGSNDSIVLPCRIKQIINMWQRIGQ
AMYAPPIQGVIRCVSNITGLILTRDGGSTNSTTETFRPGGGDMRDNWRSELYKYKVVKIEPLGVAPTRCKRRVVGRRRRR
R
;
B,G,I
3 'polypeptide(L)'
;MGWSCIILFLVATATGVHSEVQLVETGGGLVQPGGSLKLSCAASGFTFSSYGMNWVRQAPGKGLEWVSGINSGGGTKYYA
DSVKGRFTISRDNSKNTLSLQMNSLRAEDTAVYYCAKSPWGQSTSFEYFEFWGQGALVTVSSASTKGPSVFPLAPSSKST
SGGTAALGCLVKDYFPEPVTVSWNSGALTSGVHTFPAVLQSSGLYSLSSVVTVPSSSLGTQTYICNVNHKPSNT(UNK)V
DKRVEPKSCDKTHHHHHH
;
D,H,J
4 'polypeptide(L)'
;MGWSCIILFLVATATGSNSQTVVTQPRSVSVSQGQTARITCGGDNIGSEAVQWYQQKPAQAPVLVIYDDSERPSGIPDRF
SGSKSGNTATLTISGVEAGDEADYYCQVWDSSSDHPLFGGGTRLTVLGQPKAAPSVTLFPPSSEELQANKATLVCLISDF
YPGAVTVAWKADSSPVKAGVETTTPSKQSNNKYAASSYLSLTPEQWKSHRSYSCQVTHEGSTVEKTVAPTECS
;
E,K,L
#
loop_
_chem_comp.id
_chem_comp.type
_chem_comp.name
_chem_comp.formula
BMA D-saccharide, beta linking beta-D-mannopyranose 'C6 H12 O6'
MAN D-saccharide, alpha linking alpha-D-mannopyranose 'C6 H12 O6'
NAG D-saccharide, beta linking 2-acetamido-2-deoxy-beta-D-glucopyranose 'C8 H15 N O6'
#
# COMPACT_ATOMS: atom_id res chain seq x y z
N VAL A 7 7.72 -58.75 -12.02
CA VAL A 7 8.04 -57.34 -11.87
C VAL A 7 6.76 -56.52 -11.97
N SER A 8 6.51 -55.70 -10.94
CA SER A 8 5.31 -54.88 -10.90
C SER A 8 5.41 -53.74 -11.91
N LEU A 9 4.26 -53.32 -12.42
CA LEU A 9 4.22 -52.30 -13.47
C LEU A 9 4.45 -50.91 -12.90
N GLY A 10 3.56 -50.45 -12.03
CA GLY A 10 3.71 -49.14 -11.42
C GLY A 10 2.37 -48.57 -11.04
N PHE A 11 2.37 -47.26 -10.82
CA PHE A 11 1.20 -46.53 -10.35
C PHE A 11 0.13 -46.52 -11.43
N LEU A 12 -1.10 -46.91 -11.04
CA LEU A 12 -2.26 -47.09 -11.94
C LEU A 12 -1.94 -48.08 -13.07
N GLY A 13 -1.10 -49.06 -12.80
CA GLY A 13 -0.45 -49.79 -13.88
C GLY A 13 -1.36 -50.75 -14.61
N ALA A 14 -2.33 -51.34 -13.92
CA ALA A 14 -3.12 -52.42 -14.48
C ALA A 14 -4.54 -51.99 -14.78
N ALA A 15 -4.75 -50.71 -15.07
CA ALA A 15 -6.10 -50.19 -15.25
C ALA A 15 -6.73 -50.57 -16.57
N GLY A 16 -6.03 -51.29 -17.43
CA GLY A 16 -6.63 -51.83 -18.63
C GLY A 16 -6.79 -53.32 -18.50
N SER A 17 -6.15 -53.90 -17.49
CA SER A 17 -6.20 -55.33 -17.30
C SER A 17 -7.56 -55.74 -16.75
N THR A 18 -7.78 -57.04 -16.70
CA THR A 18 -9.02 -57.56 -16.17
C THR A 18 -9.04 -57.46 -14.65
N MET A 19 -10.23 -57.62 -14.07
CA MET A 19 -10.40 -57.49 -12.63
C MET A 19 -9.71 -58.60 -11.85
N GLY A 20 -9.47 -59.75 -12.48
CA GLY A 20 -8.82 -60.83 -11.78
C GLY A 20 -7.34 -60.59 -11.58
N ALA A 21 -6.71 -59.86 -12.49
CA ALA A 21 -5.27 -59.64 -12.42
C ALA A 21 -4.90 -58.32 -11.75
N ALA A 22 -5.77 -57.32 -11.80
CA ALA A 22 -5.44 -56.04 -11.19
C ALA A 22 -5.63 -56.04 -9.68
N SER A 23 -6.31 -57.04 -9.13
CA SER A 23 -6.48 -57.10 -7.68
C SER A 23 -5.27 -57.65 -6.95
N MET A 24 -4.26 -58.14 -7.68
CA MET A 24 -3.08 -58.67 -7.02
C MET A 24 -2.14 -57.55 -6.58
N THR A 25 -1.93 -56.56 -7.44
CA THR A 25 -1.01 -55.47 -7.14
C THR A 25 -1.80 -54.25 -6.66
N LEU A 26 -2.30 -54.35 -5.43
CA LEU A 26 -3.05 -53.26 -4.83
C LEU A 26 -2.20 -52.39 -3.92
N THR A 27 -1.00 -52.82 -3.56
CA THR A 27 -0.17 -52.02 -2.68
C THR A 27 0.43 -50.82 -3.37
N VAL A 28 0.45 -50.80 -4.70
CA VAL A 28 1.10 -49.71 -5.41
C VAL A 28 0.22 -48.46 -5.38
N GLN A 29 -1.09 -48.63 -5.55
CA GLN A 29 -2.01 -47.51 -5.49
C GLN A 29 -2.32 -47.06 -4.07
N ALA A 30 -1.73 -47.69 -3.06
CA ALA A 30 -1.93 -47.27 -1.68
C ALA A 30 -0.75 -46.50 -1.10
N ARG A 31 0.48 -46.79 -1.54
CA ARG A 31 1.64 -46.07 -1.03
C ARG A 31 1.66 -44.64 -1.54
N ASN A 32 1.44 -44.46 -2.84
CA ASN A 32 1.59 -43.18 -3.50
C ASN A 32 0.32 -42.34 -3.46
N LEU A 33 -0.52 -42.53 -2.45
CA LEU A 33 -1.75 -41.77 -2.34
C LEU A 33 -1.59 -40.56 -1.43
N LEU A 34 -0.58 -40.52 -0.58
CA LEU A 34 -0.36 -39.39 0.30
C LEU A 34 0.90 -38.61 -0.01
N SER A 35 1.88 -39.20 -0.68
CA SER A 35 3.09 -38.47 -1.05
C SER A 35 3.12 -38.16 -2.54
N HIS A 59 4.38 -14.25 -2.39
CA HIS A 59 3.14 -14.78 -1.85
C HIS A 59 2.50 -15.80 -2.78
N TRP A 60 3.23 -16.86 -3.10
CA TRP A 60 2.66 -17.99 -3.82
C TRP A 60 3.05 -19.32 -3.25
N GLY A 61 3.31 -19.40 -1.94
CA GLY A 61 3.37 -20.66 -1.25
C GLY A 61 2.00 -20.99 -0.70
N ILE A 62 1.07 -20.03 -0.80
CA ILE A 62 -0.26 -20.25 -0.26
C ILE A 62 -1.04 -21.19 -1.18
N LYS A 63 -0.69 -21.25 -2.46
CA LYS A 63 -1.25 -22.30 -3.30
C LYS A 63 -0.61 -23.64 -3.03
N GLN A 64 0.63 -23.66 -2.54
CA GLN A 64 1.18 -24.91 -2.07
C GLN A 64 0.51 -25.35 -0.78
N LEU A 65 0.12 -24.40 0.06
CA LEU A 65 -0.47 -24.75 1.34
C LEU A 65 -1.93 -25.14 1.20
N GLN A 66 -2.64 -24.64 0.19
CA GLN A 66 -3.99 -25.13 -0.07
C GLN A 66 -4.01 -26.45 -0.80
N ALA A 67 -2.84 -27.00 -1.16
CA ALA A 67 -2.75 -28.34 -1.71
C ALA A 67 -2.35 -29.38 -0.67
N ARG A 68 -1.48 -29.03 0.28
CA ARG A 68 -1.10 -30.01 1.29
C ARG A 68 -2.21 -30.22 2.31
N VAL A 69 -3.09 -29.26 2.50
CA VAL A 69 -4.26 -29.48 3.34
C VAL A 69 -5.33 -30.26 2.58
N LEU A 70 -5.50 -29.99 1.29
CA LEU A 70 -6.47 -30.71 0.48
C LEU A 70 -6.09 -32.16 0.26
N ALA A 71 -4.80 -32.47 0.30
CA ALA A 71 -4.37 -33.86 0.10
C ALA A 71 -4.61 -34.70 1.34
N VAL A 72 -4.47 -34.11 2.52
CA VAL A 72 -4.55 -34.90 3.74
C VAL A 72 -6.01 -35.08 4.16
N GLU A 73 -6.91 -34.25 3.67
CA GLU A 73 -8.29 -34.34 4.12
C GLU A 73 -9.14 -35.22 3.21
N HIS A 74 -8.71 -35.40 1.96
CA HIS A 74 -9.33 -36.48 1.18
C HIS A 74 -8.86 -37.85 1.62
N TYR A 75 -7.68 -37.95 2.24
CA TYR A 75 -7.22 -39.25 2.69
C TYR A 75 -7.83 -39.65 4.01
N LEU A 76 -8.06 -38.69 4.91
CA LEU A 76 -8.66 -39.03 6.20
C LEU A 76 -10.13 -39.40 6.07
N ARG A 77 -10.77 -39.06 4.95
CA ARG A 77 -12.19 -39.32 4.82
C ARG A 77 -12.48 -40.80 4.64
N ASP A 78 -11.83 -41.46 3.69
CA ASP A 78 -12.10 -42.88 3.51
C ASP A 78 -11.32 -43.73 4.50
N GLN A 79 -10.25 -43.19 5.10
CA GLN A 79 -9.63 -43.89 6.20
C GLN A 79 -10.53 -43.92 7.43
N GLN A 80 -11.36 -42.90 7.64
CA GLN A 80 -12.50 -42.98 8.55
C GLN A 80 -13.49 -44.03 8.09
N LEU A 81 -13.75 -44.09 6.79
CA LEU A 81 -14.85 -44.89 6.30
C LEU A 81 -14.52 -46.37 6.27
N LEU A 82 -13.24 -46.73 6.20
CA LEU A 82 -12.89 -48.12 6.40
C LEU A 82 -12.91 -48.50 7.87
N GLY A 83 -12.65 -47.55 8.76
CA GLY A 83 -12.57 -47.88 10.17
C GLY A 83 -13.90 -48.20 10.80
N ILE A 84 -15.00 -47.83 10.14
CA ILE A 84 -16.31 -48.09 10.71
C ILE A 84 -16.90 -49.35 10.11
N TRP A 85 -16.30 -49.87 9.04
CA TRP A 85 -16.82 -51.08 8.42
C TRP A 85 -16.20 -52.34 9.01
N GLY A 86 -15.31 -52.18 9.98
CA GLY A 86 -14.64 -53.33 10.56
C GLY A 86 -13.31 -53.61 9.88
N CYS A 87 -13.09 -52.95 8.74
CA CYS A 87 -11.87 -53.12 7.96
C CYS A 87 -10.90 -52.03 8.38
N SER A 88 -10.25 -52.25 9.54
CA SER A 88 -9.51 -51.18 10.18
C SER A 88 -8.20 -50.87 9.46
N GLY A 89 -7.47 -51.90 9.06
CA GLY A 89 -6.18 -51.66 8.44
C GLY A 89 -5.84 -52.64 7.33
N LYS A 90 -6.84 -53.37 6.84
CA LYS A 90 -6.60 -54.35 5.82
C LYS A 90 -6.77 -53.75 4.44
N LEU A 91 -6.55 -54.56 3.41
CA LEU A 91 -6.83 -54.19 2.04
C LEU A 91 -7.83 -55.10 1.37
N ILE A 92 -7.86 -56.38 1.72
CA ILE A 92 -8.85 -57.33 1.23
C ILE A 92 -9.58 -57.81 2.47
N CYS A 93 -10.63 -57.10 2.87
CA CYS A 93 -11.28 -57.48 4.11
C CYS A 93 -12.59 -58.16 3.83
N CYS A 94 -13.01 -58.99 4.78
CA CYS A 94 -14.10 -59.92 4.58
C CYS A 94 -15.30 -59.45 5.38
N THR A 95 -16.49 -59.50 4.78
CA THR A 95 -17.65 -58.99 5.47
C THR A 95 -18.72 -60.07 5.46
N ASN A 96 -19.96 -59.73 5.79
CA ASN A 96 -20.93 -60.74 6.13
C ASN A 96 -22.32 -60.47 5.56
N VAL A 97 -22.56 -59.34 4.91
CA VAL A 97 -23.89 -59.08 4.32
C VAL A 97 -24.05 -59.98 3.10
N PRO A 98 -25.22 -60.52 2.85
CA PRO A 98 -25.43 -61.33 1.66
C PRO A 98 -25.71 -60.45 0.46
N TRP A 99 -25.30 -60.94 -0.71
CA TRP A 99 -25.50 -60.23 -1.96
C TRP A 99 -26.93 -60.45 -2.41
N ASN A 100 -27.68 -59.36 -2.60
CA ASN A 100 -29.12 -59.43 -2.83
C ASN A 100 -29.47 -60.03 -4.19
N SER A 101 -28.53 -59.97 -5.14
CA SER A 101 -28.67 -60.43 -6.52
C SER A 101 -29.80 -59.74 -7.27
N SER A 102 -30.21 -58.57 -6.79
CA SER A 102 -30.98 -57.63 -7.60
C SER A 102 -30.13 -56.42 -7.90
N TRP A 103 -28.89 -56.44 -7.42
CA TRP A 103 -27.90 -55.41 -7.68
C TRP A 103 -27.06 -55.75 -8.90
N SER A 104 -26.74 -57.03 -9.09
CA SER A 104 -26.07 -57.49 -10.30
C SER A 104 -26.45 -58.94 -10.53
N ASN A 105 -27.05 -59.21 -11.68
CA ASN A 105 -27.60 -60.53 -11.98
C ASN A 105 -26.54 -61.56 -12.28
N ARG A 106 -25.32 -61.12 -12.59
CA ARG A 106 -24.34 -61.98 -13.24
C ARG A 106 -23.79 -63.03 -12.30
N ASN A 107 -23.03 -63.96 -12.87
CA ASN A 107 -22.47 -65.12 -12.19
C ASN A 107 -21.24 -64.72 -11.38
N LEU A 108 -20.44 -65.71 -11.00
CA LEU A 108 -19.12 -65.40 -10.48
C LEU A 108 -18.09 -65.26 -11.61
N SER A 109 -18.19 -66.12 -12.63
CA SER A 109 -17.09 -66.28 -13.56
C SER A 109 -16.97 -65.14 -14.56
N GLU A 110 -18.10 -64.60 -15.05
CA GLU A 110 -18.06 -63.55 -16.06
C GLU A 110 -18.04 -62.16 -15.44
N ILE A 111 -17.59 -62.04 -14.18
CA ILE A 111 -17.22 -60.77 -13.58
C ILE A 111 -15.71 -60.64 -13.45
N TRP A 112 -15.05 -61.66 -12.92
CA TRP A 112 -13.63 -61.58 -12.64
C TRP A 112 -12.75 -61.82 -13.86
N ASP A 113 -13.31 -62.10 -15.02
CA ASP A 113 -12.49 -62.43 -16.17
C ASP A 113 -12.81 -61.63 -17.42
N ASN A 114 -14.01 -61.05 -17.52
CA ASN A 114 -14.43 -60.39 -18.74
C ASN A 114 -14.82 -58.93 -18.52
N MET A 115 -14.38 -58.33 -17.42
CA MET A 115 -14.65 -56.93 -17.17
C MET A 115 -13.43 -56.27 -16.56
N THR A 116 -13.36 -54.95 -16.68
CA THR A 116 -12.36 -54.14 -16.00
C THR A 116 -13.00 -53.36 -14.86
N TRP A 117 -12.14 -52.84 -13.98
CA TRP A 117 -12.63 -52.08 -12.84
C TRP A 117 -13.29 -50.79 -13.22
N LEU A 118 -12.84 -50.15 -14.28
CA LEU A 118 -13.44 -48.92 -14.74
C LEU A 118 -14.81 -49.14 -15.37
N GLN A 119 -15.17 -50.38 -15.69
CA GLN A 119 -16.47 -50.70 -16.24
C GLN A 119 -17.41 -51.33 -15.21
N TRP A 120 -16.89 -52.04 -14.23
CA TRP A 120 -17.74 -52.55 -13.15
C TRP A 120 -18.27 -51.41 -12.29
N ASP A 121 -17.51 -50.34 -12.13
CA ASP A 121 -17.94 -49.28 -11.25
C ASP A 121 -18.99 -48.38 -11.89
N LYS A 122 -19.31 -48.60 -13.16
CA LYS A 122 -20.40 -47.90 -13.83
C LYS A 122 -21.70 -48.66 -13.75
N GLU A 123 -21.64 -49.99 -13.79
CA GLU A 123 -22.87 -50.79 -13.81
C GLU A 123 -23.53 -50.87 -12.44
N ILE A 124 -22.73 -50.93 -11.37
CA ILE A 124 -23.28 -51.01 -10.03
C ILE A 124 -23.64 -49.63 -9.48
N SER A 125 -23.48 -48.58 -10.28
CA SER A 125 -23.28 -47.26 -9.74
C SER A 125 -24.51 -46.57 -9.16
N ASN A 126 -25.71 -47.17 -9.24
CA ASN A 126 -26.76 -46.52 -8.47
C ASN A 126 -26.70 -46.94 -7.02
N TYR A 127 -27.36 -48.03 -6.65
CA TYR A 127 -26.93 -49.19 -5.86
C TYR A 127 -25.67 -49.03 -5.02
N THR A 128 -25.37 -47.86 -4.45
CA THR A 128 -24.14 -47.76 -3.69
C THR A 128 -24.32 -46.90 -2.44
N GLN A 129 -25.38 -46.12 -2.38
CA GLN A 129 -25.76 -45.54 -1.11
C GLN A 129 -26.65 -46.48 -0.32
N ILE A 130 -27.06 -47.58 -0.93
CA ILE A 130 -27.72 -48.65 -0.18
C ILE A 130 -26.70 -49.59 0.42
N ILE A 131 -25.60 -49.85 -0.28
CA ILE A 131 -24.57 -50.75 0.23
C ILE A 131 -23.82 -50.11 1.39
N TYR A 132 -23.41 -48.85 1.24
CA TYR A 132 -22.67 -48.16 2.29
C TYR A 132 -23.48 -47.94 3.55
N GLY A 133 -24.81 -47.99 3.45
CA GLY A 133 -25.63 -47.95 4.64
C GLY A 133 -25.82 -49.34 5.23
N LEU A 134 -26.00 -50.34 4.36
CA LEU A 134 -26.24 -51.69 4.83
C LEU A 134 -24.97 -52.34 5.34
N LEU A 135 -23.80 -51.85 4.95
CA LEU A 135 -22.57 -52.53 5.27
C LEU A 135 -22.14 -52.28 6.71
N GLU A 136 -22.48 -51.13 7.28
CA GLU A 136 -22.07 -50.86 8.65
C GLU A 136 -23.18 -51.02 9.67
N GLU A 137 -24.43 -50.71 9.31
CA GLU A 137 -25.51 -50.77 10.28
C GLU A 137 -25.85 -52.18 10.67
N SER A 138 -25.88 -53.10 9.71
CA SER A 138 -26.22 -54.47 10.01
C SER A 138 -25.03 -55.30 10.44
N GLN A 139 -23.83 -54.72 10.56
CA GLN A 139 -22.70 -55.52 10.97
C GLN A 139 -21.99 -55.03 12.23
N ASN A 140 -21.49 -53.81 12.26
CA ASN A 140 -20.79 -53.40 13.47
C ASN A 140 -21.76 -53.01 14.57
N GLN A 141 -22.99 -52.66 14.21
CA GLN A 141 -24.03 -52.58 15.21
C GLN A 141 -24.72 -53.91 15.43
N GLN A 142 -24.21 -54.99 14.85
CA GLN A 142 -24.59 -56.32 15.29
C GLN A 142 -23.47 -57.06 15.98
N GLU A 143 -22.25 -57.05 15.42
CA GLU A 143 -21.15 -57.82 15.99
C GLU A 143 -20.76 -57.33 17.37
N LYS A 144 -20.73 -56.01 17.56
CA LYS A 144 -20.32 -55.48 18.85
C LYS A 144 -21.43 -55.63 19.88
N ASN A 145 -22.68 -55.75 19.45
CA ASN A 145 -23.72 -56.14 20.36
C ASN A 145 -23.92 -57.66 20.41
N GLU A 146 -23.10 -58.43 19.70
CA GLU A 146 -23.05 -59.86 19.95
C GLU A 146 -21.96 -60.22 20.93
N GLN A 147 -20.77 -59.60 20.79
CA GLN A 147 -19.66 -59.97 21.67
C GLN A 147 -19.84 -59.44 23.07
N ASP A 148 -20.49 -58.29 23.22
CA ASP A 148 -20.86 -57.80 24.54
C ASP A 148 -21.94 -58.66 25.18
N LEU A 149 -22.65 -59.45 24.39
CA LEU A 149 -23.56 -60.48 24.90
C LEU A 149 -23.02 -61.89 24.74
N LEU A 150 -21.76 -62.04 24.33
CA LEU A 150 -21.10 -63.35 24.32
C LEU A 150 -19.99 -63.42 25.35
N ALA A 151 -19.26 -62.32 25.55
CA ALA A 151 -18.17 -62.29 26.52
C ALA A 151 -18.63 -61.91 27.94
N LEU A 152 -19.90 -62.15 28.28
CA LEU A 152 -20.41 -61.99 29.64
C LEU A 152 -20.05 -63.18 30.51
N ASP A 153 -19.59 -64.25 29.88
CA ASP A 153 -19.41 -65.51 30.55
C ASP A 153 -17.97 -66.02 30.69
N ALA B 1 -21.98 -70.53 0.68
CA ALA B 1 -20.90 -70.68 -0.29
C ALA B 1 -21.42 -70.49 -1.71
N GLU B 2 -22.58 -71.07 -2.00
CA GLU B 2 -23.19 -70.93 -3.31
C GLU B 2 -23.72 -69.51 -3.51
N ASN B 3 -24.33 -68.95 -2.48
CA ASN B 3 -24.62 -67.52 -2.47
C ASN B 3 -23.33 -66.73 -2.17
N LEU B 4 -23.37 -65.44 -2.48
CA LEU B 4 -22.18 -64.62 -2.45
C LEU B 4 -22.28 -63.55 -1.37
N TRP B 5 -21.13 -63.16 -0.85
CA TRP B 5 -21.03 -62.08 0.12
C TRP B 5 -20.12 -60.99 -0.44
N VAL B 6 -20.23 -59.78 0.11
CA VAL B 6 -19.52 -58.65 -0.47
C VAL B 6 -18.11 -58.62 0.06
N THR B 7 -17.25 -57.82 -0.58
CA THR B 7 -15.85 -57.71 -0.19
C THR B 7 -15.37 -56.30 -0.51
N VAL B 8 -14.79 -55.63 0.48
CA VAL B 8 -14.38 -54.24 0.35
C VAL B 8 -12.93 -54.22 -0.12
N TYR B 9 -12.68 -53.54 -1.24
CA TYR B 9 -11.34 -53.38 -1.78
C TYR B 9 -10.89 -51.94 -1.60
N TYR B 10 -9.59 -51.75 -1.46
CA TYR B 10 -9.00 -50.43 -1.29
C TYR B 10 -7.83 -50.29 -2.24
N GLY B 11 -7.68 -49.11 -2.83
CA GLY B 11 -6.62 -48.89 -3.76
C GLY B 11 -6.82 -49.55 -5.11
N VAL B 12 -8.03 -49.48 -5.65
CA VAL B 12 -8.33 -50.13 -6.91
C VAL B 12 -8.41 -49.05 -7.97
N PRO B 13 -7.79 -49.22 -9.15
CA PRO B 13 -7.67 -48.10 -10.08
C PRO B 13 -8.93 -47.71 -10.84
N VAL B 14 -9.55 -46.61 -10.44
CA VAL B 14 -10.53 -45.91 -11.26
C VAL B 14 -10.22 -44.42 -11.17
N TRP B 15 -10.57 -43.70 -12.22
CA TRP B 15 -10.45 -42.25 -12.19
C TRP B 15 -11.64 -41.64 -12.92
N LYS B 16 -12.18 -40.57 -12.35
CA LYS B 16 -13.21 -39.79 -13.04
C LYS B 16 -12.87 -38.32 -12.90
N ASP B 17 -13.33 -37.54 -13.88
CA ASP B 17 -12.80 -36.22 -14.16
C ASP B 17 -13.14 -35.22 -13.06
N ALA B 18 -12.25 -34.25 -12.87
CA ALA B 18 -12.42 -33.19 -11.87
C ALA B 18 -11.52 -32.01 -12.25
N GLU B 19 -11.31 -31.10 -11.30
CA GLU B 19 -10.36 -30.01 -11.48
C GLU B 19 -9.87 -29.58 -10.11
N THR B 20 -8.64 -29.08 -10.05
CA THR B 20 -8.02 -28.67 -8.79
C THR B 20 -7.32 -27.35 -8.97
N THR B 21 -6.50 -27.00 -7.97
CA THR B 21 -5.47 -26.01 -8.08
C THR B 21 -4.12 -26.71 -8.16
N LEU B 22 -3.13 -26.02 -8.72
CA LEU B 22 -1.84 -26.61 -9.02
C LEU B 22 -0.75 -25.74 -8.41
N PHE B 23 0.43 -26.32 -8.24
CA PHE B 23 1.57 -25.55 -7.77
C PHE B 23 2.78 -25.78 -8.67
N CYS B 24 3.62 -24.76 -8.77
CA CYS B 24 4.79 -24.80 -9.63
C CYS B 24 5.98 -25.38 -8.90
N ALA B 25 6.85 -26.04 -9.65
CA ALA B 25 8.01 -26.72 -9.07
C ALA B 25 9.08 -26.83 -10.14
N SER B 26 10.11 -25.98 -10.05
CA SER B 26 11.10 -25.91 -11.12
C SER B 26 12.39 -25.33 -10.57
N ASP B 27 13.47 -26.09 -10.68
CA ASP B 27 14.81 -25.64 -10.34
C ASP B 27 15.80 -26.59 -10.98
N ALA B 28 17.02 -26.10 -11.18
CA ALA B 28 18.16 -26.93 -11.56
C ALA B 28 19.36 -26.66 -10.67
N LYS B 29 19.50 -25.43 -10.17
CA LYS B 29 20.70 -25.04 -9.44
C LYS B 29 20.44 -23.83 -8.55
N GLU B 34 24.20 -14.43 -8.32
CA GLU B 34 23.90 -15.63 -9.10
C GLU B 34 22.41 -15.92 -9.06
N LYS B 35 21.73 -15.59 -10.15
CA LYS B 35 20.28 -15.77 -10.35
C LYS B 35 19.50 -15.11 -9.22
N HIS B 36 19.64 -13.78 -9.15
CA HIS B 36 19.15 -13.02 -8.01
C HIS B 36 17.62 -12.96 -7.97
N ASN B 37 16.99 -12.52 -9.06
CA ASN B 37 15.56 -12.26 -9.08
C ASN B 37 15.08 -12.34 -10.52
N VAL B 38 14.11 -13.22 -10.77
CA VAL B 38 13.32 -13.18 -11.99
C VAL B 38 11.93 -12.81 -11.52
N TRP B 39 10.96 -12.71 -12.42
CA TRP B 39 9.59 -12.71 -11.95
C TRP B 39 9.33 -14.05 -11.26
N ALA B 40 8.86 -13.96 -10.02
CA ALA B 40 9.24 -14.80 -8.87
C ALA B 40 9.37 -16.30 -9.11
N THR B 41 10.59 -16.80 -8.90
CA THR B 41 10.87 -18.23 -8.77
C THR B 41 12.08 -18.32 -7.84
N HIS B 42 11.83 -18.42 -6.54
CA HIS B 42 12.91 -18.37 -5.56
C HIS B 42 13.31 -19.75 -5.07
N ALA B 43 12.41 -20.46 -4.42
CA ALA B 43 12.60 -21.89 -4.20
C ALA B 43 11.49 -22.70 -4.89
N CYS B 44 10.24 -22.47 -4.50
CA CYS B 44 9.04 -23.03 -5.14
C CYS B 44 9.10 -24.54 -5.29
N VAL B 45 9.43 -25.22 -4.20
CA VAL B 45 9.61 -26.68 -4.04
C VAL B 45 10.44 -27.29 -5.18
N PRO B 46 11.77 -27.18 -5.11
CA PRO B 46 12.63 -27.63 -6.21
C PRO B 46 12.46 -29.10 -6.56
N THR B 47 12.57 -29.39 -7.85
CA THR B 47 12.17 -30.67 -8.40
C THR B 47 13.14 -31.78 -8.04
N ASP B 48 12.80 -32.98 -8.46
CA ASP B 48 13.32 -34.33 -8.42
C ASP B 48 14.08 -34.63 -9.71
N PRO B 49 15.19 -35.39 -9.62
CA PRO B 49 15.98 -35.67 -10.85
C PRO B 49 15.26 -36.50 -11.90
N ASN B 50 14.70 -37.65 -11.53
CA ASN B 50 14.08 -38.52 -12.52
C ASN B 50 12.56 -38.42 -12.48
N PRO B 51 11.92 -37.94 -13.54
CA PRO B 51 10.45 -37.99 -13.59
C PRO B 51 9.97 -39.37 -13.95
N GLN B 52 8.83 -39.74 -13.36
CA GLN B 52 8.23 -41.05 -13.56
C GLN B 52 7.17 -40.95 -14.65
N GLU B 53 7.37 -41.68 -15.74
CA GLU B 53 6.44 -41.70 -16.86
C GLU B 53 5.99 -43.15 -17.06
N ILE B 54 4.81 -43.46 -16.56
CA ILE B 54 4.29 -44.82 -16.56
C ILE B 54 3.36 -44.99 -17.75
N HIS B 55 3.54 -46.06 -18.51
CA HIS B 55 2.80 -46.27 -19.74
C HIS B 55 1.64 -47.21 -19.51
N LEU B 56 0.45 -46.83 -19.97
CA LEU B 56 -0.74 -47.64 -19.80
C LEU B 56 -0.96 -48.54 -21.00
N GLU B 57 -1.94 -49.43 -20.90
CA GLU B 57 -2.15 -50.47 -21.89
C GLU B 57 -3.66 -50.62 -22.03
N ASN B 58 -4.12 -50.82 -23.28
CA ASN B 58 -5.52 -51.13 -23.61
C ASN B 58 -6.50 -50.05 -23.12
N VAL B 59 -6.04 -48.82 -22.99
CA VAL B 59 -6.83 -47.75 -22.37
C VAL B 59 -6.94 -46.60 -23.36
N THR B 60 -8.18 -46.21 -23.67
CA THR B 60 -8.46 -45.06 -24.50
C THR B 60 -9.32 -44.07 -23.73
N GLU B 61 -9.00 -42.79 -23.86
CA GLU B 61 -9.76 -41.74 -23.21
C GLU B 61 -10.07 -40.65 -24.22
N GLU B 62 -11.29 -40.12 -24.19
CA GLU B 62 -11.62 -38.99 -25.05
C GLU B 62 -10.90 -37.76 -24.52
N PHE B 63 -10.14 -37.09 -25.37
CA PHE B 63 -9.45 -35.88 -24.98
C PHE B 63 -10.07 -34.68 -25.67
N ASN B 64 -9.84 -33.52 -25.08
CA ASN B 64 -10.37 -32.29 -25.64
C ASN B 64 -9.51 -31.15 -25.14
N MET B 65 -8.93 -30.39 -26.05
CA MET B 65 -8.48 -29.04 -25.72
C MET B 65 -9.67 -28.12 -25.91
N TRP B 66 -9.43 -26.80 -25.85
CA TRP B 66 -10.43 -25.72 -25.94
C TRP B 66 -11.46 -25.72 -24.80
N LYS B 67 -11.37 -26.68 -23.88
CA LYS B 67 -12.26 -26.78 -22.72
C LYS B 67 -11.47 -27.22 -21.49
N ASN B 68 -10.16 -27.04 -21.49
CA ASN B 68 -9.29 -27.46 -20.42
C ASN B 68 -9.42 -26.49 -19.25
N ASN B 69 -8.90 -26.88 -18.09
CA ASN B 69 -8.78 -25.96 -16.97
C ASN B 69 -7.35 -25.51 -16.77
N MET B 70 -6.36 -26.21 -17.33
CA MET B 70 -4.98 -25.83 -17.10
C MET B 70 -4.59 -24.58 -17.86
N VAL B 71 -5.39 -24.17 -18.84
CA VAL B 71 -5.15 -22.92 -19.53
C VAL B 71 -5.62 -21.75 -18.68
N GLU B 72 -6.85 -21.81 -18.17
CA GLU B 72 -7.43 -20.69 -17.46
C GLU B 72 -6.81 -20.40 -16.10
N GLN B 73 -5.91 -21.24 -15.59
CA GLN B 73 -5.15 -20.78 -14.43
C GLN B 73 -3.66 -20.71 -14.70
N MET B 74 -3.20 -21.14 -15.88
CA MET B 74 -1.91 -20.64 -16.33
C MET B 74 -1.95 -19.14 -16.51
N HIS B 75 -2.99 -18.66 -17.21
CA HIS B 75 -3.09 -17.24 -17.51
C HIS B 75 -3.42 -16.39 -16.29
N GLU B 76 -4.04 -16.97 -15.26
CA GLU B 76 -4.22 -16.21 -14.05
C GLU B 76 -2.94 -16.17 -13.22
N ASP B 77 -2.08 -17.17 -13.37
CA ASP B 77 -0.84 -17.15 -12.60
C ASP B 77 0.30 -16.44 -13.32
N ILE B 78 0.02 -15.66 -14.34
CA ILE B 78 1.04 -14.77 -14.88
C ILE B 78 0.71 -13.32 -14.59
N ILE B 79 -0.53 -12.89 -14.83
CA ILE B 79 -0.85 -11.49 -14.63
C ILE B 79 -1.03 -11.17 -13.15
N SER B 80 -1.31 -12.19 -12.33
CA SER B 80 -1.34 -11.94 -10.90
C SER B 80 0.03 -12.02 -10.28
N LEU B 81 1.02 -12.51 -11.02
CA LEU B 81 2.39 -12.56 -10.54
C LEU B 81 3.19 -11.41 -11.09
N TRP B 82 2.78 -10.87 -12.23
CA TRP B 82 3.43 -9.72 -12.84
C TRP B 82 3.21 -8.46 -12.01
N ASP B 83 1.98 -8.25 -11.53
CA ASP B 83 1.69 -7.09 -10.71
C ASP B 83 2.34 -7.19 -9.34
N GLN B 84 2.57 -8.41 -8.86
CA GLN B 84 3.15 -8.59 -7.55
C GLN B 84 4.62 -8.20 -7.56
N SER B 85 5.33 -8.55 -8.61
CA SER B 85 6.75 -8.24 -8.75
C SER B 85 7.00 -6.85 -9.31
N LEU B 86 6.02 -5.97 -9.24
CA LEU B 86 6.14 -4.59 -9.69
C LEU B 86 5.51 -3.61 -8.72
N LYS B 87 4.79 -4.10 -7.71
CA LYS B 87 4.22 -3.24 -6.68
C LYS B 87 5.25 -2.47 -5.84
N PRO B 88 6.31 -3.08 -5.28
CA PRO B 88 7.21 -2.27 -4.45
C PRO B 88 8.22 -1.43 -5.23
N CYS B 89 8.12 -1.35 -6.55
CA CYS B 89 9.11 -0.62 -7.32
C CYS B 89 8.87 0.88 -7.26
N VAL B 90 9.73 1.62 -7.95
CA VAL B 90 9.60 3.07 -8.05
C VAL B 90 8.39 3.42 -8.88
N LYS B 91 7.51 4.26 -8.34
CA LYS B 91 6.44 4.84 -9.13
C LYS B 91 6.78 6.26 -9.50
N LEU B 92 6.18 6.75 -10.56
CA LEU B 92 6.48 8.10 -11.06
C LEU B 92 5.20 8.75 -11.59
N THR B 93 4.55 9.50 -10.72
CA THR B 93 3.60 10.50 -11.16
C THR B 93 4.20 11.78 -11.75
N PRO B 94 5.37 12.34 -11.29
CA PRO B 94 5.76 13.65 -11.85
C PRO B 94 6.39 13.59 -13.24
N LEU B 95 6.26 12.49 -13.98
CA LEU B 95 6.75 12.51 -15.35
C LEU B 95 5.76 13.18 -16.29
N CYS B 96 4.45 13.07 -16.03
CA CYS B 96 3.44 13.62 -16.93
C CYS B 96 3.40 15.15 -16.88
N VAL B 97 4.45 15.79 -17.40
CA VAL B 97 4.55 17.24 -17.46
C VAL B 97 4.57 17.61 -18.94
N THR B 98 3.99 18.75 -19.29
CA THR B 98 4.03 19.21 -20.67
C THR B 98 5.46 19.57 -21.06
N LEU B 99 5.93 19.00 -22.16
CA LEU B 99 7.34 19.04 -22.53
C LEU B 99 7.54 19.37 -24.00
N GLN B 100 8.62 20.10 -24.27
CA GLN B 100 8.93 20.65 -25.59
C GLN B 100 9.98 19.80 -26.28
N CYS B 101 9.80 19.57 -27.59
CA CYS B 101 10.66 18.65 -28.34
C CYS B 101 10.96 19.21 -29.72
N THR B 102 12.05 18.71 -30.32
CA THR B 102 12.43 19.03 -31.68
C THR B 102 12.90 17.76 -32.39
N ASN B 103 12.97 17.82 -33.71
CA ASN B 103 13.46 16.72 -34.51
C ASN B 103 14.99 16.71 -34.49
N TYR B 104 15.56 15.75 -35.20
CA TYR B 104 17.02 15.63 -35.34
C TYR B 104 17.54 16.29 -36.61
N ALA B 105 18.73 15.85 -37.01
CA ALA B 105 19.68 16.29 -38.03
C ALA B 105 19.06 16.34 -39.44
N PRO B 106 19.93 16.61 -40.41
CA PRO B 106 19.37 16.47 -41.71
C PRO B 106 19.01 14.98 -41.74
N ASN B 107 19.96 14.10 -41.37
CA ASN B 107 19.74 12.62 -41.39
C ASN B 107 19.03 12.22 -42.67
N LEU B 108 19.67 12.39 -43.82
CA LEU B 108 19.06 12.19 -45.17
C LEU B 108 19.04 10.73 -45.61
N LEU B 109 19.29 9.76 -44.72
CA LEU B 109 19.23 8.28 -44.94
C LEU B 109 17.80 7.94 -45.35
N SER B 110 16.82 8.59 -44.73
CA SER B 110 15.37 8.48 -44.98
C SER B 110 14.78 7.21 -44.37
N ASN B 111 15.50 6.59 -43.45
CA ASN B 111 14.84 5.47 -42.75
C ASN B 111 14.59 6.00 -41.34
N MET B 112 15.54 6.73 -40.80
CA MET B 112 15.46 7.27 -39.42
C MET B 112 15.14 8.76 -39.44
N ARG B 113 14.57 9.27 -40.52
CA ARG B 113 14.26 10.72 -40.55
C ARG B 113 12.99 10.96 -39.72
N GLY B 114 13.12 11.73 -38.66
CA GLY B 114 12.01 12.10 -37.79
C GLY B 114 11.57 10.93 -36.92
N GLU B 115 12.48 10.48 -36.07
CA GLU B 115 12.23 9.29 -35.28
C GLU B 115 12.61 9.44 -33.80
N LEU B 116 13.53 10.32 -33.44
CA LEU B 116 14.10 10.18 -32.11
C LEU B 116 13.75 11.27 -31.08
N LYS B 117 13.39 12.48 -31.50
CA LYS B 117 12.57 13.42 -30.72
C LYS B 117 13.18 13.79 -29.36
N GLN B 118 14.28 14.55 -29.42
CA GLN B 118 14.90 15.06 -28.20
C GLN B 118 13.99 16.06 -27.50
N CYS B 119 13.83 15.90 -26.19
CA CYS B 119 12.87 16.68 -25.42
C CYS B 119 13.53 17.27 -24.17
N SER B 120 12.81 18.19 -23.52
CA SER B 120 13.31 18.87 -22.33
C SER B 120 12.13 19.29 -21.47
N PHE B 121 12.28 19.17 -20.14
CA PHE B 121 11.16 19.42 -19.24
C PHE B 121 11.67 19.69 -17.83
N ASN B 122 10.74 20.05 -16.95
CA ASN B 122 11.01 20.27 -15.54
C ASN B 122 10.68 19.01 -14.76
N MET B 123 11.39 18.83 -13.64
CA MET B 123 11.24 17.62 -12.83
C MET B 123 11.71 17.92 -11.42
N THR B 124 10.94 17.48 -10.42
CA THR B 124 11.18 17.86 -9.04
C THR B 124 12.39 17.14 -8.46
N THR B 125 13.21 17.87 -7.70
CA THR B 125 14.40 17.33 -7.09
C THR B 125 14.07 16.81 -5.69
N GLU B 126 15.12 16.56 -4.89
CA GLU B 126 14.97 16.06 -3.53
C GLU B 126 14.20 17.03 -2.66
N LEU B 127 14.71 18.26 -2.55
CA LEU B 127 14.03 19.29 -1.79
C LEU B 127 12.76 19.71 -2.50
N ARG B 128 11.75 20.06 -1.71
CA ARG B 128 10.39 20.16 -2.25
C ARG B 128 10.21 21.41 -3.09
N ASP B 129 10.90 22.50 -2.77
CA ASP B 129 10.62 23.77 -3.41
C ASP B 129 11.76 24.24 -4.32
N LYS B 130 12.47 23.30 -4.95
CA LYS B 130 13.39 23.64 -6.02
C LYS B 130 13.13 22.73 -7.21
N LYS B 131 13.58 23.17 -8.38
CA LYS B 131 13.28 22.49 -9.62
C LYS B 131 14.57 22.17 -10.36
N GLN B 132 14.53 21.09 -11.13
CA GLN B 132 15.69 20.57 -11.84
C GLN B 132 15.34 20.48 -13.32
N LYS B 133 16.26 20.92 -14.17
CA LYS B 133 16.03 20.91 -15.61
C LYS B 133 16.83 19.78 -16.23
N VAL B 134 16.19 19.02 -17.11
CA VAL B 134 16.77 17.77 -17.59
C VAL B 134 16.63 17.71 -19.10
N TYR B 135 17.50 16.96 -19.76
CA TYR B 135 17.39 16.70 -21.19
C TYR B 135 17.40 15.21 -21.45
N SER B 136 16.50 14.74 -22.29
CA SER B 136 16.43 13.33 -22.65
C SER B 136 15.87 13.22 -24.06
N LEU B 137 15.44 12.02 -24.44
CA LEU B 137 14.81 11.79 -25.73
C LEU B 137 13.95 10.54 -25.67
N PHE B 138 12.99 10.45 -26.59
CA PHE B 138 12.00 9.39 -26.59
C PHE B 138 11.66 9.03 -28.02
N TYR B 139 11.48 7.74 -28.26
CA TYR B 139 11.08 7.23 -29.57
C TYR B 139 9.70 7.77 -29.95
N ARG B 140 9.40 7.75 -31.25
CA ARG B 140 8.26 8.45 -31.80
C ARG B 140 6.92 7.88 -31.32
N LEU B 141 6.89 6.63 -30.88
CA LEU B 141 5.65 6.04 -30.37
C LEU B 141 5.44 6.26 -28.88
N ASP B 142 6.04 7.31 -28.31
CA ASP B 142 5.80 7.63 -26.91
C ASP B 142 5.28 9.03 -26.68
N VAL B 143 5.36 9.90 -27.67
CA VAL B 143 4.91 11.27 -27.51
C VAL B 143 3.79 11.55 -28.50
N VAL B 144 2.83 12.35 -28.04
CA VAL B 144 1.68 12.78 -28.84
C VAL B 144 1.50 14.26 -28.60
N GLN B 145 1.46 15.05 -29.67
CA GLN B 145 1.35 16.50 -29.52
C GLN B 145 -0.05 16.91 -29.09
N ILE B 146 -0.14 18.14 -28.60
CA ILE B 146 -1.42 18.74 -28.24
C ILE B 146 -1.82 19.68 -29.37
N ASN B 147 -2.89 19.34 -30.08
CA ASN B 147 -3.35 20.14 -31.22
C ASN B 147 -3.96 21.45 -30.75
N SER B 157 4.43 26.73 -35.57
CA SER B 157 5.81 26.27 -35.54
C SER B 157 5.99 25.08 -34.61
N ASN B 158 6.89 25.23 -33.63
CA ASN B 158 7.12 24.19 -32.63
C ASN B 158 5.90 24.03 -31.74
N LYS B 159 5.68 22.80 -31.28
CA LYS B 159 4.55 22.50 -30.43
C LYS B 159 5.02 21.75 -29.19
N GLU B 160 4.08 21.44 -28.32
CA GLU B 160 4.35 20.74 -27.08
C GLU B 160 4.02 19.27 -27.24
N TYR B 161 4.42 18.47 -26.25
CA TYR B 161 4.19 17.04 -26.32
C TYR B 161 3.97 16.52 -24.91
N ARG B 162 3.30 15.37 -24.82
CA ARG B 162 3.05 14.70 -23.55
C ARG B 162 3.18 13.20 -23.77
N LEU B 163 3.44 12.47 -22.67
CA LEU B 163 3.63 11.03 -22.74
C LEU B 163 2.33 10.33 -23.13
N ILE B 164 2.47 9.21 -23.85
CA ILE B 164 1.34 8.64 -24.58
C ILE B 164 0.25 8.06 -23.66
N ASN B 165 0.55 7.83 -22.39
CA ASN B 165 -0.40 7.20 -21.50
C ASN B 165 -0.85 8.07 -20.34
N CYS B 166 -0.66 9.38 -20.41
CA CYS B 166 -1.04 10.23 -19.29
C CYS B 166 -2.50 10.68 -19.35
N ASN B 167 -3.36 9.97 -20.08
CA ASN B 167 -4.80 10.15 -19.92
C ASN B 167 -5.51 8.84 -19.60
N THR B 168 -4.78 7.75 -19.51
CA THR B 168 -5.40 6.45 -19.33
C THR B 168 -4.92 5.70 -18.11
N SER B 169 -3.62 5.70 -17.84
CA SER B 169 -3.07 4.85 -16.78
C SER B 169 -1.89 5.53 -16.12
N ALA B 170 -1.66 5.18 -14.86
CA ALA B 170 -0.56 5.73 -14.09
C ALA B 170 0.73 4.99 -14.42
N ILE B 171 1.78 5.74 -14.68
CA ILE B 171 3.06 5.15 -15.09
C ILE B 171 3.78 4.64 -13.86
N THR B 172 4.47 3.51 -14.00
CA THR B 172 5.39 3.04 -12.97
C THR B 172 6.60 2.41 -13.64
N GLN B 173 7.71 2.38 -12.90
CA GLN B 173 9.00 1.95 -13.43
C GLN B 173 9.30 0.55 -12.93
N ALA B 174 9.92 -0.26 -13.78
CA ALA B 174 10.45 -1.54 -13.33
C ALA B 174 11.64 -1.32 -12.40
N CYS B 175 11.78 -2.23 -11.44
CA CYS B 175 12.97 -2.20 -10.61
C CYS B 175 14.19 -2.63 -11.44
N PRO B 176 15.32 -1.93 -11.32
CA PRO B 176 16.45 -2.19 -12.21
C PRO B 176 17.29 -3.41 -11.85
N LYS B 177 16.85 -4.24 -10.91
CA LYS B 177 17.56 -5.46 -10.57
C LYS B 177 16.99 -6.70 -11.25
N VAL B 178 15.67 -6.79 -11.36
CA VAL B 178 15.04 -8.00 -11.87
C VAL B 178 15.27 -8.14 -13.37
N SER B 179 15.15 -9.37 -13.85
CA SER B 179 15.36 -9.68 -15.27
C SER B 179 14.19 -10.51 -15.77
N PHE B 180 13.76 -10.22 -16.99
CA PHE B 180 12.56 -10.84 -17.55
C PHE B 180 12.88 -12.02 -18.46
N GLU B 181 14.05 -12.62 -18.31
CA GLU B 181 14.39 -13.76 -19.16
C GLU B 181 13.65 -14.99 -18.66
N PRO B 182 12.97 -15.74 -19.52
CA PRO B 182 12.13 -16.83 -19.04
C PRO B 182 12.94 -18.05 -18.65
N ILE B 183 12.50 -18.72 -17.60
CA ILE B 183 13.10 -19.96 -17.12
C ILE B 183 12.02 -21.02 -17.17
N PRO B 184 12.39 -22.31 -17.23
CA PRO B 184 11.37 -23.37 -17.27
C PRO B 184 10.54 -23.44 -16.00
N ILE B 185 9.29 -23.86 -16.16
CA ILE B 185 8.34 -24.06 -15.06
C ILE B 185 7.63 -25.38 -15.29
N HIS B 186 7.65 -26.26 -14.30
CA HIS B 186 6.83 -27.45 -14.32
C HIS B 186 5.60 -27.20 -13.46
N TYR B 187 4.46 -27.71 -13.89
CA TYR B 187 3.27 -27.78 -13.06
C TYR B 187 3.15 -29.18 -12.48
N CYS B 188 2.81 -29.26 -11.20
CA CYS B 188 2.62 -30.53 -10.53
C CYS B 188 1.28 -30.53 -9.83
N ALA B 189 0.57 -31.63 -9.91
CA ALA B 189 -0.71 -31.88 -9.27
C ALA B 189 -0.51 -32.38 -7.85
N PRO B 190 -1.41 -32.06 -6.92
CA PRO B 190 -1.17 -32.46 -5.51
C PRO B 190 -1.33 -33.94 -5.29
N ALA B 191 -1.03 -34.41 -4.08
CA ALA B 191 -1.06 -35.82 -3.78
C ALA B 191 -2.49 -36.33 -3.75
N GLY B 192 -2.77 -37.39 -4.50
CA GLY B 192 -4.12 -37.88 -4.67
C GLY B 192 -4.76 -37.51 -5.98
N PHE B 193 -3.97 -37.10 -6.96
CA PHE B 193 -4.44 -36.77 -8.30
C PHE B 193 -3.39 -37.23 -9.30
N ALA B 194 -3.70 -37.11 -10.58
CA ALA B 194 -2.77 -37.52 -11.62
C ALA B 194 -3.06 -36.72 -12.87
N ILE B 195 -2.08 -36.66 -13.75
CA ILE B 195 -2.16 -35.89 -14.99
C ILE B 195 -1.88 -36.84 -16.13
N LEU B 196 -2.85 -37.01 -17.02
CA LEU B 196 -2.66 -37.89 -18.16
C LEU B 196 -1.92 -37.17 -19.28
N LYS B 197 -1.56 -37.92 -20.31
CA LYS B 197 -0.67 -37.40 -21.35
C LYS B 197 -0.82 -38.23 -22.61
N CYS B 198 -1.25 -37.60 -23.70
CA CYS B 198 -1.38 -38.31 -24.98
C CYS B 198 -0.01 -38.52 -25.59
N LYS B 199 0.20 -39.68 -26.19
CA LYS B 199 1.52 -40.06 -26.66
C LYS B 199 1.44 -40.67 -28.05
N ASP B 200 0.79 -39.97 -28.98
CA ASP B 200 0.96 -40.29 -30.39
C ASP B 200 1.77 -39.17 -31.06
N LYS B 201 1.90 -39.24 -32.37
CA LYS B 201 2.72 -38.28 -33.09
C LYS B 201 1.90 -37.21 -33.79
N LYS B 202 0.91 -37.59 -34.58
CA LYS B 202 0.04 -36.65 -35.27
C LYS B 202 -1.26 -36.58 -34.48
N PHE B 203 -1.49 -35.46 -33.80
CA PHE B 203 -2.61 -35.30 -32.90
C PHE B 203 -3.32 -33.99 -33.25
N ASN B 204 -4.52 -34.10 -33.81
CA ASN B 204 -5.23 -32.93 -34.33
C ASN B 204 -6.07 -32.23 -33.28
N GLY B 205 -5.69 -32.33 -32.01
CA GLY B 205 -6.35 -31.59 -30.95
C GLY B 205 -7.42 -32.36 -30.21
N THR B 206 -8.47 -32.79 -30.90
CA THR B 206 -9.58 -33.46 -30.28
C THR B 206 -9.69 -34.89 -30.80
N GLY B 207 -10.20 -35.79 -29.98
CA GLY B 207 -10.43 -37.14 -30.40
C GLY B 207 -9.97 -38.16 -29.39
N PRO B 208 -10.08 -39.44 -29.75
CA PRO B 208 -9.56 -40.48 -28.87
C PRO B 208 -8.07 -40.71 -29.06
N CYS B 209 -7.32 -40.76 -27.96
CA CYS B 209 -5.88 -40.98 -27.98
C CYS B 209 -5.61 -42.40 -27.53
N PRO B 210 -5.29 -43.33 -28.41
CA PRO B 210 -5.30 -44.76 -28.06
C PRO B 210 -4.07 -45.27 -27.30
N SER B 211 -3.22 -44.39 -26.77
CA SER B 211 -2.10 -44.85 -25.93
C SER B 211 -1.74 -43.68 -25.02
N VAL B 212 -2.17 -43.74 -23.76
CA VAL B 212 -1.97 -42.66 -22.83
C VAL B 212 -0.84 -43.02 -21.87
N SER B 213 -0.42 -42.04 -21.07
CA SER B 213 0.64 -42.24 -20.11
C SER B 213 0.42 -41.30 -18.94
N THR B 214 0.69 -41.79 -17.73
CA THR B 214 0.47 -41.03 -16.51
C THR B 214 1.78 -40.51 -15.95
N VAL B 215 1.87 -39.19 -15.80
CA VAL B 215 2.96 -38.55 -15.10
C VAL B 215 2.35 -37.76 -13.95
N GLN B 216 3.20 -37.07 -13.20
CA GLN B 216 2.71 -36.16 -12.18
C GLN B 216 3.14 -34.72 -12.41
N CYS B 217 4.26 -34.50 -13.09
CA CYS B 217 4.73 -33.15 -13.38
C CYS B 217 5.02 -33.04 -14.86
N THR B 218 4.51 -31.99 -15.49
CA THR B 218 4.68 -31.80 -16.92
C THR B 218 6.12 -31.43 -17.25
N HIS B 219 6.43 -31.42 -18.55
CA HIS B 219 7.76 -31.09 -19.00
C HIS B 219 8.00 -29.59 -18.90
N GLY B 220 9.20 -29.16 -19.31
CA GLY B 220 9.61 -27.78 -19.10
C GLY B 220 8.86 -26.82 -20.00
N ILE B 221 8.09 -25.91 -19.41
CA ILE B 221 7.34 -24.90 -20.14
C ILE B 221 8.10 -23.60 -20.04
N LYS B 222 8.40 -22.99 -21.19
CA LYS B 222 9.02 -21.68 -21.21
C LYS B 222 7.94 -20.63 -21.46
N PRO B 223 7.58 -19.83 -20.47
CA PRO B 223 6.48 -18.86 -20.65
C PRO B 223 6.95 -17.56 -21.28
N VAL B 224 7.26 -17.63 -22.57
CA VAL B 224 7.59 -16.42 -23.32
C VAL B 224 6.33 -15.66 -23.65
N VAL B 225 6.50 -14.42 -24.12
CA VAL B 225 5.41 -13.59 -24.57
C VAL B 225 5.71 -13.18 -26.01
N SER B 226 4.81 -13.51 -26.92
CA SER B 226 5.02 -13.19 -28.32
C SER B 226 3.69 -13.10 -29.04
N THR B 227 3.73 -12.49 -30.22
CA THR B 227 2.58 -12.36 -31.11
C THR B 227 3.01 -12.69 -32.53
N GLN B 228 2.14 -13.40 -33.26
CA GLN B 228 2.22 -13.77 -34.67
C GLN B 228 3.28 -14.81 -34.99
N LEU B 229 4.18 -15.11 -34.05
CA LEU B 229 5.26 -16.06 -34.26
C LEU B 229 5.67 -16.57 -32.88
N LEU B 230 5.40 -17.84 -32.62
CA LEU B 230 5.79 -18.43 -31.36
C LEU B 230 7.30 -18.61 -31.31
N LEU B 231 7.91 -18.20 -30.21
CA LEU B 231 9.36 -18.25 -30.07
C LEU B 231 9.78 -19.23 -28.99
N ASN B 232 10.91 -19.90 -29.24
CA ASN B 232 11.56 -20.85 -28.33
C ASN B 232 10.65 -21.98 -27.86
N GLY B 233 9.65 -22.35 -28.64
CA GLY B 233 8.69 -23.34 -28.21
C GLY B 233 9.24 -24.75 -28.33
N SER B 234 8.34 -25.70 -28.13
CA SER B 234 8.66 -27.11 -28.26
C SER B 234 8.27 -27.60 -29.64
N LEU B 235 9.03 -28.56 -30.16
CA LEU B 235 8.88 -28.99 -31.53
C LEU B 235 7.67 -29.90 -31.71
N ALA B 236 7.56 -30.47 -32.89
CA ALA B 236 6.60 -31.49 -33.23
C ALA B 236 7.32 -32.66 -33.88
N GLU B 237 6.56 -33.57 -34.44
CA GLU B 237 7.09 -34.74 -35.12
C GLU B 237 6.69 -34.70 -36.60
N GLU B 238 6.86 -35.85 -37.27
CA GLU B 238 7.16 -36.03 -38.69
C GLU B 238 6.59 -35.02 -39.67
N GLU B 239 5.31 -34.66 -39.56
CA GLU B 239 4.76 -33.61 -40.38
C GLU B 239 4.05 -32.57 -39.52
N VAL B 240 3.85 -31.38 -40.08
CA VAL B 240 3.27 -30.29 -39.33
C VAL B 240 1.79 -30.52 -39.11
N ILE B 241 1.23 -29.84 -38.13
CA ILE B 241 -0.12 -30.10 -37.64
C ILE B 241 -0.91 -28.81 -37.69
N ILE B 242 -2.16 -28.89 -38.16
CA ILE B 242 -3.08 -27.76 -38.16
C ILE B 242 -4.13 -28.00 -37.10
N ARG B 243 -4.29 -27.05 -36.19
CA ARG B 243 -5.18 -27.20 -35.05
C ARG B 243 -6.08 -25.97 -34.93
N SER B 244 -7.35 -26.18 -34.64
CA SER B 244 -8.27 -25.09 -34.37
C SER B 244 -9.52 -25.62 -33.69
N GLU B 245 -10.50 -24.73 -33.55
CA GLU B 245 -11.88 -25.06 -33.26
C GLU B 245 -12.71 -24.59 -34.44
N ASN B 246 -13.64 -25.44 -34.89
CA ASN B 246 -14.63 -25.28 -35.97
C ASN B 246 -14.16 -24.42 -37.14
N ILE B 247 -13.11 -24.86 -37.86
CA ILE B 247 -12.78 -24.21 -39.12
C ILE B 247 -13.96 -24.31 -40.08
N THR B 248 -13.98 -23.37 -41.04
CA THR B 248 -15.18 -22.68 -41.55
C THR B 248 -15.84 -21.88 -40.43
N ASN B 249 -15.04 -21.04 -39.78
CA ASN B 249 -15.53 -19.93 -38.96
C ASN B 249 -14.43 -18.90 -38.96
N ASN B 250 -14.71 -17.72 -39.51
CA ASN B 250 -13.66 -16.75 -39.81
C ASN B 250 -13.16 -16.00 -38.59
N ALA B 251 -13.75 -16.19 -37.42
CA ALA B 251 -13.35 -15.47 -36.23
C ALA B 251 -12.47 -16.27 -35.30
N LYS B 252 -12.13 -17.52 -35.64
CA LYS B 252 -11.31 -18.36 -34.80
C LYS B 252 -9.97 -18.61 -35.46
N ASN B 253 -8.92 -18.66 -34.64
CA ASN B 253 -7.56 -18.68 -35.14
C ASN B 253 -7.18 -20.07 -35.64
N ILE B 254 -5.96 -20.19 -36.14
CA ILE B 254 -5.38 -21.46 -36.56
C ILE B 254 -3.98 -21.53 -35.97
N LEU B 255 -3.72 -22.55 -35.16
CA LEU B 255 -2.47 -22.66 -34.40
C LEU B 255 -1.55 -23.65 -35.10
N VAL B 256 -0.78 -23.17 -36.05
CA VAL B 256 0.14 -24.01 -36.81
C VAL B 256 1.36 -24.31 -35.94
N GLN B 257 1.79 -25.56 -35.91
CA GLN B 257 3.02 -25.95 -35.25
C GLN B 257 3.98 -26.55 -36.27
N LEU B 258 5.24 -26.14 -36.22
CA LEU B 258 6.21 -26.51 -37.25
C LEU B 258 6.95 -27.79 -36.92
N ASN B 259 7.75 -28.25 -37.88
CA ASN B 259 8.52 -29.47 -37.76
C ASN B 259 10.01 -29.18 -37.63
N THR B 260 10.59 -28.49 -38.60
CA THR B 260 11.97 -28.10 -38.43
C THR B 260 12.06 -26.61 -38.09
N PRO B 261 12.95 -26.21 -37.19
CA PRO B 261 12.96 -24.82 -36.76
C PRO B 261 13.68 -23.91 -37.74
N VAL B 262 13.35 -22.63 -37.65
CA VAL B 262 13.92 -21.59 -38.50
C VAL B 262 14.55 -20.55 -37.59
N GLN B 263 15.85 -20.30 -37.76
CA GLN B 263 16.54 -19.38 -36.88
C GLN B 263 16.14 -17.94 -37.14
N ILE B 264 16.52 -17.06 -36.23
CA ILE B 264 16.20 -15.64 -36.33
C ILE B 264 17.29 -14.87 -35.57
N ASN B 265 17.63 -13.68 -36.05
CA ASN B 265 18.80 -12.96 -35.56
C ASN B 265 18.51 -11.48 -35.32
N CYS B 266 17.48 -11.18 -34.53
CA CYS B 266 17.18 -9.79 -34.20
C CYS B 266 18.28 -9.16 -33.36
N THR B 267 18.58 -7.90 -33.65
CA THR B 267 19.66 -7.17 -32.98
C THR B 267 19.41 -5.68 -33.07
N ARG B 268 20.33 -4.88 -32.50
CA ARG B 268 20.26 -3.43 -32.50
C ARG B 268 21.67 -2.85 -32.51
N PRO B 269 21.99 -1.91 -33.40
CA PRO B 269 23.40 -1.55 -33.60
C PRO B 269 23.92 -0.34 -32.84
N ASN B 270 23.07 0.42 -32.14
CA ASN B 270 23.52 1.68 -31.54
C ASN B 270 24.31 1.42 -30.25
N ASN B 271 24.59 2.47 -29.49
CA ASN B 271 25.40 2.28 -28.29
C ASN B 271 24.71 2.71 -27.01
N ASN B 272 24.00 3.85 -27.02
CA ASN B 272 22.96 4.21 -26.06
C ASN B 272 23.48 4.32 -24.61
N THR B 273 24.25 5.38 -24.38
CA THR B 273 24.62 5.72 -23.01
C THR B 273 23.40 6.05 -22.16
N VAL B 274 23.53 5.83 -20.86
CA VAL B 274 22.43 6.01 -19.91
C VAL B 274 22.91 6.93 -18.79
N LYS B 275 22.00 7.70 -18.22
CA LYS B 275 22.30 8.57 -17.09
C LYS B 275 21.26 8.38 -16.01
N SER B 276 21.50 8.99 -14.85
CA SER B 276 20.61 8.83 -13.72
C SER B 276 20.63 10.06 -12.85
N ILE B 277 19.44 10.62 -12.60
CA ILE B 277 19.27 11.71 -11.65
C ILE B 277 18.40 11.17 -10.53
N ARG B 278 18.17 11.97 -9.49
CA ARG B 278 17.23 11.61 -8.45
C ARG B 278 16.01 12.51 -8.57
N ILE B 279 14.82 11.86 -8.61
CA ILE B 279 13.48 12.49 -8.66
C ILE B 279 13.41 12.92 -7.21
N GLY B 280 12.91 12.20 -6.23
CA GLY B 280 13.36 12.47 -4.86
C GLY B 280 12.21 12.64 -3.91
N PRO B 281 12.41 12.30 -2.61
CA PRO B 281 13.65 12.14 -1.90
C PRO B 281 13.94 10.67 -1.67
N GLY B 282 14.61 10.01 -2.58
CA GLY B 282 14.89 8.59 -2.32
C GLY B 282 14.60 7.67 -3.49
N GLN B 283 14.11 8.14 -4.60
CA GLN B 283 13.84 7.24 -5.73
C GLN B 283 14.69 7.65 -6.93
N ALA B 284 15.46 6.80 -7.58
CA ALA B 284 16.25 7.27 -8.73
C ALA B 284 15.43 7.15 -10.00
N PHE B 285 15.95 7.53 -11.12
CA PHE B 285 15.21 7.59 -12.40
C PHE B 285 16.23 7.49 -13.53
N TYR B 286 16.29 6.34 -14.18
CA TYR B 286 17.25 6.11 -15.26
C TYR B 286 16.63 6.52 -16.58
N TYR B 287 17.02 7.68 -17.11
CA TYR B 287 16.52 8.10 -18.40
C TYR B 287 17.54 7.79 -19.49
N PHE B 288 17.17 8.09 -20.72
CA PHE B 288 17.90 7.60 -21.89
C PHE B 288 18.78 8.71 -22.45
N GLY B 289 20.09 8.57 -22.28
CA GLY B 289 21.05 9.55 -22.75
C GLY B 289 21.24 9.53 -24.25
N ASP B 290 22.37 10.06 -24.68
CA ASP B 290 22.54 10.29 -26.11
C ASP B 290 23.18 9.08 -26.80
N ILE B 291 23.14 9.08 -28.13
CA ILE B 291 23.53 7.96 -28.96
C ILE B 291 24.89 8.26 -29.56
N ILE B 292 25.88 7.42 -29.29
CA ILE B 292 27.24 7.62 -29.77
C ILE B 292 27.46 6.73 -30.99
N GLY B 293 27.91 7.32 -32.08
CA GLY B 293 28.20 6.57 -33.28
C GLY B 293 27.44 7.10 -34.48
N ASP B 294 26.60 6.26 -35.08
CA ASP B 294 25.67 6.71 -36.10
C ASP B 294 24.49 5.76 -36.12
N ILE B 295 23.35 6.28 -36.46
CA ILE B 295 22.10 5.56 -36.22
C ILE B 295 21.70 4.76 -37.45
N ARG B 296 21.12 3.59 -37.19
CA ARG B 296 20.47 2.77 -38.20
C ARG B 296 19.14 2.32 -37.63
N MET B 297 18.46 1.41 -38.32
CA MET B 297 17.29 0.79 -37.72
C MET B 297 17.73 -0.39 -36.88
N ALA B 298 16.78 -1.00 -36.20
CA ALA B 298 16.99 -2.29 -35.54
C ALA B 298 16.27 -3.33 -36.38
N HIS B 299 16.98 -4.35 -36.83
CA HIS B 299 16.44 -5.26 -37.81
C HIS B 299 16.65 -6.72 -37.43
N CYS B 300 16.02 -7.60 -38.21
CA CYS B 300 16.05 -9.03 -37.97
C CYS B 300 16.29 -9.75 -39.29
N ASN B 301 17.02 -10.85 -39.25
CA ASN B 301 17.28 -11.65 -40.45
C ASN B 301 16.68 -13.03 -40.31
N VAL B 302 16.08 -13.51 -41.40
CA VAL B 302 15.63 -14.89 -41.54
C VAL B 302 16.12 -15.39 -42.89
N SER B 303 16.81 -16.53 -42.88
CA SER B 303 17.44 -17.05 -44.10
C SER B 303 16.39 -17.44 -45.13
N LYS B 304 16.57 -16.96 -46.36
CA LYS B 304 15.52 -17.04 -47.37
C LYS B 304 15.36 -18.47 -47.88
N ALA B 305 16.45 -19.23 -47.92
CA ALA B 305 16.36 -20.60 -48.42
C ALA B 305 15.59 -21.50 -47.45
N THR B 306 15.69 -21.25 -46.16
CA THR B 306 14.97 -22.07 -45.20
C THR B 306 13.51 -21.67 -45.12
N TRP B 307 13.23 -20.37 -45.14
CA TRP B 307 11.86 -19.89 -44.98
C TRP B 307 11.00 -20.23 -46.18
N ASN B 308 11.62 -20.37 -47.35
CA ASN B 308 10.86 -20.85 -48.51
C ASN B 308 10.44 -22.30 -48.33
N GLU B 309 11.31 -23.11 -47.71
CA GLU B 309 10.99 -24.52 -47.55
C GLU B 309 9.91 -24.72 -46.49
N THR B 310 9.88 -23.84 -45.48
CA THR B 310 8.92 -24.02 -44.39
C THR B 310 7.51 -23.63 -44.83
N LEU B 311 7.37 -22.57 -45.63
CA LEU B 311 6.06 -22.27 -46.19
C LEU B 311 5.64 -23.31 -47.22
N GLY B 312 6.61 -23.94 -47.88
CA GLY B 312 6.28 -25.01 -48.80
C GLY B 312 5.76 -26.25 -48.08
N LYS B 313 6.19 -26.45 -46.85
CA LYS B 313 5.73 -27.61 -46.09
C LYS B 313 4.37 -27.35 -45.46
N VAL B 314 4.08 -26.10 -45.09
CA VAL B 314 2.79 -25.78 -44.49
C VAL B 314 1.68 -25.83 -45.53
N VAL B 315 1.95 -25.31 -46.73
CA VAL B 315 0.90 -25.18 -47.72
C VAL B 315 0.57 -26.54 -48.35
N LYS B 316 1.43 -27.53 -48.20
CA LYS B 316 1.04 -28.89 -48.56
C LYS B 316 0.05 -29.46 -47.54
N GLN B 317 0.14 -29.01 -46.30
CA GLN B 317 -0.73 -29.51 -45.23
C GLN B 317 -2.10 -28.86 -45.22
N LEU B 318 -2.22 -27.59 -45.61
CA LEU B 318 -3.52 -26.94 -45.63
C LEU B 318 -4.41 -27.38 -46.76
N ARG B 319 -3.91 -28.17 -47.71
CA ARG B 319 -4.77 -28.68 -48.77
C ARG B 319 -5.77 -29.71 -48.27
N LYS B 320 -5.44 -30.41 -47.18
CA LYS B 320 -6.35 -31.40 -46.62
C LYS B 320 -7.59 -30.79 -45.97
N HIS B 321 -7.61 -29.49 -45.71
CA HIS B 321 -8.72 -28.87 -45.02
C HIS B 321 -9.48 -27.86 -45.87
N PHE B 322 -9.06 -27.64 -47.12
CA PHE B 322 -9.73 -26.64 -47.94
C PHE B 322 -9.88 -27.12 -49.37
N GLY B 323 -9.84 -28.42 -49.59
CA GLY B 323 -9.91 -28.89 -50.97
C GLY B 323 -8.55 -28.90 -51.63
N ASN B 324 -8.38 -29.84 -52.57
CA ASN B 324 -7.08 -30.04 -53.19
C ASN B 324 -6.84 -28.98 -54.27
N ASN B 325 -7.87 -28.56 -54.99
CA ASN B 325 -7.70 -27.61 -56.07
C ASN B 325 -8.05 -26.21 -55.58
N THR B 326 -7.08 -25.52 -54.99
CA THR B 326 -7.23 -24.13 -54.60
C THR B 326 -5.85 -23.50 -54.47
N ILE B 327 -5.76 -22.20 -54.77
CA ILE B 327 -4.46 -21.59 -55.01
C ILE B 327 -4.08 -20.58 -53.92
N ILE B 328 -3.39 -21.07 -52.87
CA ILE B 328 -3.33 -20.40 -51.58
C ILE B 328 -2.50 -19.12 -51.65
N ARG B 329 -3.05 -18.03 -51.11
CA ARG B 329 -2.42 -16.72 -51.12
C ARG B 329 -2.29 -16.19 -49.70
N PHE B 330 -1.10 -15.69 -49.36
CA PHE B 330 -0.85 -14.99 -48.11
C PHE B 330 -0.93 -13.48 -48.34
N ALA B 331 -0.92 -12.72 -47.25
CA ALA B 331 -1.04 -11.27 -47.34
C ALA B 331 -0.44 -10.64 -46.08
N GLN B 332 -0.69 -9.35 -45.89
CA GLN B 332 -0.20 -8.61 -44.74
C GLN B 332 -1.28 -8.56 -43.66
N SER B 333 -0.99 -7.88 -42.56
CA SER B 333 -2.00 -7.67 -41.53
C SER B 333 -2.88 -6.48 -41.88
N SER B 334 -4.09 -6.49 -41.34
CA SER B 334 -5.10 -5.52 -41.76
C SER B 334 -4.94 -4.18 -41.05
N GLY B 335 -5.12 -4.16 -39.74
CA GLY B 335 -5.10 -2.91 -39.01
C GLY B 335 -5.65 -3.08 -37.61
N GLY B 336 -5.47 -2.04 -36.81
CA GLY B 336 -5.81 -2.06 -35.41
C GLY B 336 -4.75 -1.35 -34.59
N ASP B 337 -4.55 -1.79 -33.35
CA ASP B 337 -3.43 -1.27 -32.57
C ASP B 337 -2.15 -2.01 -32.90
N LEU B 338 -1.06 -1.59 -32.26
CA LEU B 338 0.26 -2.01 -32.68
C LEU B 338 0.57 -3.46 -32.32
N GLU B 339 0.06 -3.96 -31.19
CA GLU B 339 0.47 -5.29 -30.75
C GLU B 339 -0.26 -6.42 -31.44
N VAL B 340 -1.10 -6.12 -32.42
CA VAL B 340 -1.83 -7.14 -33.17
C VAL B 340 -1.35 -7.21 -34.61
N THR B 341 -1.13 -6.06 -35.23
CA THR B 341 -0.69 -6.01 -36.61
C THR B 341 0.80 -6.25 -36.79
N THR B 342 1.56 -6.46 -35.71
CA THR B 342 3.00 -6.63 -35.80
C THR B 342 3.47 -7.85 -35.01
N HIS B 343 4.75 -8.17 -35.15
CA HIS B 343 5.41 -9.22 -34.37
C HIS B 343 6.16 -8.56 -33.23
N SER B 344 5.84 -8.93 -32.00
CA SER B 344 6.40 -8.28 -30.82
C SER B 344 6.94 -9.31 -29.84
N PHE B 345 8.03 -8.95 -29.17
CA PHE B 345 8.66 -9.79 -28.16
C PHE B 345 9.59 -8.93 -27.33
N ASN B 346 10.33 -9.57 -26.45
CA ASN B 346 11.37 -8.89 -25.66
C ASN B 346 12.67 -9.65 -25.77
N CYS B 347 13.76 -8.92 -25.90
CA CYS B 347 15.10 -9.48 -26.09
C CYS B 347 16.03 -8.85 -25.06
N GLY B 348 16.23 -9.54 -23.95
CA GLY B 348 17.17 -9.08 -22.94
C GLY B 348 16.67 -8.01 -22.01
N GLY B 349 15.51 -7.42 -22.25
CA GLY B 349 15.03 -6.36 -21.40
C GLY B 349 14.45 -5.20 -22.17
N GLU B 350 14.36 -5.35 -23.48
CA GLU B 350 13.86 -4.29 -24.34
C GLU B 350 12.85 -4.86 -25.32
N PHE B 351 11.83 -4.07 -25.66
CA PHE B 351 10.63 -4.56 -26.31
C PHE B 351 10.60 -4.14 -27.77
N PHE B 352 10.77 -5.09 -28.69
CA PHE B 352 10.77 -4.77 -30.11
C PHE B 352 9.36 -4.81 -30.68
N TYR B 353 9.21 -4.24 -31.88
CA TYR B 353 7.98 -4.30 -32.65
C TYR B 353 8.37 -4.33 -34.13
N CYS B 354 8.36 -5.51 -34.73
CA CYS B 354 8.80 -5.71 -36.10
C CYS B 354 7.65 -5.47 -37.07
N ASN B 355 7.82 -5.83 -38.34
CA ASN B 355 6.74 -5.67 -39.31
C ASN B 355 6.22 -6.99 -39.84
N THR B 356 7.10 -7.87 -40.33
CA THR B 356 6.77 -9.12 -41.02
C THR B 356 5.78 -8.88 -42.16
N SER B 357 6.20 -8.06 -43.12
CA SER B 357 5.52 -7.99 -44.39
C SER B 357 6.24 -8.72 -45.49
N GLY B 358 7.56 -8.78 -45.43
CA GLY B 358 8.35 -9.52 -46.39
C GLY B 358 8.40 -11.01 -46.19
N LEU B 359 7.52 -11.55 -45.34
CA LEU B 359 7.41 -12.98 -45.13
C LEU B 359 6.13 -13.54 -45.71
N PHE B 360 4.98 -12.95 -45.39
CA PHE B 360 3.70 -13.53 -45.77
C PHE B 360 3.19 -12.95 -47.08
N ASN B 361 4.06 -12.94 -48.07
CA ASN B 361 3.80 -12.58 -49.45
C ASN B 361 3.67 -13.87 -50.27
N SER B 362 3.74 -13.77 -51.60
CA SER B 362 4.04 -14.90 -52.50
C SER B 362 2.98 -16.01 -52.48
N THR B 363 1.85 -15.72 -53.14
CA THR B 363 0.80 -16.70 -53.43
C THR B 363 1.28 -17.98 -54.10
N TRP B 364 0.49 -19.05 -53.97
CA TRP B 364 0.86 -20.36 -54.47
C TRP B 364 -0.16 -20.84 -55.49
N ILE B 365 0.23 -21.81 -56.32
CA ILE B 365 -0.61 -22.37 -57.36
C ILE B 365 -0.66 -23.88 -57.18
N SER B 366 -1.86 -24.45 -57.23
CA SER B 366 -2.09 -25.88 -57.04
C SER B 366 -1.61 -26.63 -58.28
N ASN B 367 -0.38 -27.12 -58.21
CA ASN B 367 0.20 -27.86 -59.32
C ASN B 367 1.18 -28.90 -58.81
N ASN B 379 21.80 -18.55 -51.08
CA ASN B 379 22.03 -17.78 -49.86
C ASN B 379 21.54 -16.36 -50.05
N ASP B 380 20.75 -15.90 -49.09
CA ASP B 380 20.18 -14.55 -49.11
C ASP B 380 19.82 -14.22 -47.67
N SER B 381 19.13 -13.11 -47.46
CA SER B 381 18.58 -12.75 -46.16
C SER B 381 17.42 -11.80 -46.37
N ILE B 382 16.33 -12.05 -45.67
CA ILE B 382 15.18 -11.15 -45.68
C ILE B 382 15.30 -10.25 -44.47
N VAL B 383 15.33 -8.95 -44.70
CA VAL B 383 15.44 -7.97 -43.62
C VAL B 383 14.04 -7.58 -43.16
N LEU B 384 13.93 -7.21 -41.89
CA LEU B 384 12.66 -6.82 -41.30
C LEU B 384 12.91 -5.58 -40.45
N PRO B 385 12.38 -4.42 -40.82
CA PRO B 385 12.56 -3.23 -39.99
C PRO B 385 11.75 -3.31 -38.71
N CYS B 386 12.41 -3.04 -37.59
CA CYS B 386 11.75 -3.16 -36.29
C CYS B 386 11.98 -1.91 -35.45
N ARG B 387 10.90 -1.19 -35.17
CA ARG B 387 10.92 -0.01 -34.31
C ARG B 387 10.64 -0.40 -32.86
N ILE B 388 10.96 0.51 -31.95
CA ILE B 388 11.11 0.20 -30.53
C ILE B 388 10.25 1.16 -29.71
N LYS B 389 9.45 0.60 -28.80
CA LYS B 389 8.79 1.38 -27.77
C LYS B 389 9.47 1.18 -26.42
N GLN B 390 9.26 2.14 -25.53
CA GLN B 390 9.73 2.03 -24.15
C GLN B 390 8.61 1.85 -23.15
N ILE B 391 7.41 2.30 -23.48
CA ILE B 391 6.26 2.25 -22.58
C ILE B 391 5.34 1.16 -23.09
N ILE B 392 5.21 0.08 -22.34
CA ILE B 392 4.42 -1.06 -22.75
C ILE B 392 3.06 -1.01 -22.08
N ASN B 393 2.10 -1.67 -22.71
CA ASN B 393 0.74 -1.69 -22.22
C ASN B 393 0.20 -3.11 -22.30
N MET B 394 0.98 -4.06 -21.79
CA MET B 394 0.80 -5.48 -22.08
C MET B 394 -0.48 -6.04 -21.46
N TRP B 395 -0.84 -7.24 -21.95
CA TRP B 395 -2.01 -8.03 -21.58
C TRP B 395 -3.34 -7.31 -21.80
N GLN B 396 -3.37 -6.36 -22.75
CA GLN B 396 -4.60 -5.77 -23.30
C GLN B 396 -5.44 -5.04 -22.26
N ARG B 397 -4.86 -4.68 -21.13
CA ARG B 397 -5.60 -4.03 -20.07
C ARG B 397 -5.52 -2.51 -20.23
N ILE B 398 -6.27 -1.82 -19.39
CA ILE B 398 -6.10 -0.38 -19.18
C ILE B 398 -6.05 -0.15 -17.67
N GLY B 399 -5.25 0.82 -17.24
CA GLY B 399 -5.15 1.10 -15.82
C GLY B 399 -3.89 0.55 -15.19
N GLN B 400 -2.99 0.04 -16.00
CA GLN B 400 -1.68 -0.39 -15.51
C GLN B 400 -0.69 -0.35 -16.66
N ALA B 401 0.19 0.64 -16.64
CA ALA B 401 1.23 0.77 -17.65
C ALA B 401 2.59 0.60 -17.00
N MET B 402 3.65 0.73 -17.78
CA MET B 402 4.97 0.34 -17.32
C MET B 402 6.05 1.01 -18.15
N TYR B 403 7.02 1.61 -17.47
CA TYR B 403 8.23 2.14 -18.10
C TYR B 403 9.30 1.06 -18.10
N ALA B 404 10.26 1.20 -19.01
CA ALA B 404 11.34 0.23 -19.08
C ALA B 404 12.68 0.92 -19.20
N PRO B 405 13.61 0.69 -18.28
CA PRO B 405 14.89 1.40 -18.31
C PRO B 405 15.78 0.88 -19.43
N PRO B 406 16.50 1.77 -20.10
CA PRO B 406 17.33 1.36 -21.24
C PRO B 406 18.60 0.64 -20.80
N ILE B 407 19.23 -0.01 -21.77
CA ILE B 407 20.38 -0.89 -21.54
C ILE B 407 21.56 -0.36 -22.35
N GLN B 408 22.73 -0.32 -21.72
CA GLN B 408 23.95 0.10 -22.40
C GLN B 408 24.38 -0.94 -23.42
N GLY B 409 25.28 -0.52 -24.31
CA GLY B 409 25.88 -1.43 -25.26
C GLY B 409 24.94 -1.80 -26.40
N VAL B 410 25.30 -2.86 -27.09
CA VAL B 410 24.49 -3.40 -28.17
C VAL B 410 23.66 -4.55 -27.61
N ILE B 411 22.63 -4.93 -28.35
CA ILE B 411 21.73 -6.02 -27.95
C ILE B 411 21.76 -7.08 -29.04
N ARG B 412 21.99 -8.32 -28.64
CA ARG B 412 22.11 -9.42 -29.57
C ARG B 412 21.41 -10.64 -28.97
N CYS B 413 20.46 -11.21 -29.70
CA CYS B 413 19.84 -12.45 -29.26
C CYS B 413 19.42 -13.29 -30.45
N VAL B 414 19.68 -14.59 -30.37
CA VAL B 414 19.33 -15.57 -31.39
C VAL B 414 18.23 -16.46 -30.83
N SER B 415 17.22 -16.73 -31.65
CA SER B 415 16.10 -17.58 -31.26
C SER B 415 15.70 -18.41 -32.47
N ASN B 416 14.70 -19.27 -32.30
CA ASN B 416 14.21 -20.02 -33.45
C ASN B 416 12.71 -20.25 -33.36
N ILE B 417 12.06 -20.05 -34.49
CA ILE B 417 10.61 -19.99 -34.60
C ILE B 417 10.05 -21.40 -34.69
N THR B 418 9.16 -21.75 -33.75
CA THR B 418 8.40 -22.99 -33.83
C THR B 418 6.94 -22.63 -33.62
N GLY B 419 6.26 -22.24 -34.69
CA GLY B 419 4.83 -22.02 -34.58
C GLY B 419 4.34 -20.69 -35.11
N LEU B 420 3.28 -20.74 -35.90
CA LEU B 420 2.66 -19.56 -36.48
C LEU B 420 1.23 -19.47 -35.99
N ILE B 421 0.65 -18.27 -36.05
CA ILE B 421 -0.75 -18.04 -35.73
C ILE B 421 -1.37 -17.35 -36.93
N LEU B 422 -2.15 -18.07 -37.70
CA LEU B 422 -2.76 -17.55 -38.91
C LEU B 422 -4.23 -17.28 -38.69
N THR B 423 -4.74 -16.25 -39.36
CA THR B 423 -6.15 -15.89 -39.29
C THR B 423 -6.72 -15.83 -40.69
N ARG B 424 -7.63 -16.74 -40.98
CA ARG B 424 -8.35 -16.70 -42.24
C ARG B 424 -9.26 -15.48 -42.30
N ASP B 425 -9.37 -14.87 -43.46
CA ASP B 425 -10.34 -13.80 -43.67
C ASP B 425 -11.45 -14.27 -44.60
N GLY B 426 -12.52 -13.50 -44.62
CA GLY B 426 -13.82 -14.00 -45.02
C GLY B 426 -14.09 -14.02 -46.51
N GLY B 427 -15.37 -13.93 -46.81
CA GLY B 427 -15.89 -14.15 -48.14
C GLY B 427 -17.28 -14.71 -48.01
N SER B 428 -17.92 -14.95 -49.14
CA SER B 428 -19.21 -15.61 -49.15
C SER B 428 -19.16 -16.97 -49.82
N THR B 429 -18.74 -17.01 -51.09
CA THR B 429 -18.75 -18.23 -51.87
C THR B 429 -17.34 -18.78 -51.98
N ASN B 430 -17.25 -20.08 -52.23
CA ASN B 430 -15.96 -20.71 -52.50
C ASN B 430 -15.61 -20.40 -53.95
N SER B 431 -15.13 -19.18 -54.16
CA SER B 431 -14.75 -18.68 -55.48
C SER B 431 -13.27 -18.33 -55.42
N THR B 432 -12.44 -19.34 -55.69
CA THR B 432 -10.99 -19.23 -55.88
C THR B 432 -10.29 -18.66 -54.64
N THR B 433 -10.18 -19.54 -53.66
CA THR B 433 -9.14 -19.46 -52.63
C THR B 433 -9.20 -18.32 -51.61
N GLU B 434 -9.86 -18.62 -50.49
CA GLU B 434 -9.71 -17.99 -49.19
C GLU B 434 -8.25 -17.59 -48.94
N THR B 435 -7.99 -16.40 -48.41
CA THR B 435 -6.62 -16.04 -48.11
C THR B 435 -6.31 -16.12 -46.62
N PHE B 436 -5.02 -16.03 -46.29
CA PHE B 436 -4.56 -16.07 -44.91
C PHE B 436 -3.70 -14.86 -44.60
N ARG B 437 -3.70 -14.48 -43.33
CA ARG B 437 -2.97 -13.31 -42.86
C ARG B 437 -2.78 -13.46 -41.35
N PRO B 438 -1.67 -12.98 -40.80
CA PRO B 438 -1.35 -13.26 -39.40
C PRO B 438 -2.17 -12.39 -38.45
N GLY B 439 -1.83 -12.50 -37.17
CA GLY B 439 -2.47 -11.67 -36.16
C GLY B 439 -2.87 -12.41 -34.91
N GLY B 440 -4.15 -12.39 -34.59
CA GLY B 440 -4.64 -13.04 -33.40
C GLY B 440 -4.45 -12.17 -32.18
N GLY B 441 -3.23 -12.15 -31.65
CA GLY B 441 -2.88 -11.24 -30.58
C GLY B 441 -3.39 -11.59 -29.20
N ASP B 442 -4.35 -12.49 -29.07
CA ASP B 442 -4.84 -12.88 -27.74
C ASP B 442 -3.83 -13.79 -27.07
N MET B 443 -3.66 -13.60 -25.76
CA MET B 443 -2.55 -14.24 -25.07
C MET B 443 -2.78 -15.71 -24.75
N ARG B 444 -4.04 -16.17 -24.74
CA ARG B 444 -4.29 -17.55 -24.31
C ARG B 444 -3.85 -18.57 -25.34
N ASP B 445 -3.68 -18.16 -26.59
CA ASP B 445 -3.23 -19.10 -27.61
C ASP B 445 -1.75 -19.42 -27.46
N ASN B 446 -0.98 -18.59 -26.77
CA ASN B 446 0.43 -18.90 -26.54
C ASN B 446 0.60 -20.08 -25.61
N TRP B 447 -0.34 -20.31 -24.70
CA TRP B 447 -0.23 -21.39 -23.75
C TRP B 447 -1.10 -22.59 -24.10
N ARG B 448 -1.69 -22.61 -25.30
CA ARG B 448 -2.39 -23.80 -25.75
C ARG B 448 -1.57 -24.66 -26.68
N SER B 449 -0.41 -24.19 -27.13
CA SER B 449 0.45 -24.99 -27.98
C SER B 449 1.41 -25.86 -27.19
N GLU B 450 1.36 -25.81 -25.86
CA GLU B 450 2.07 -26.78 -25.03
C GLU B 450 1.23 -27.41 -23.93
N LEU B 451 0.01 -26.98 -23.69
CA LEU B 451 -0.87 -27.68 -22.78
C LEU B 451 -1.99 -28.38 -23.53
N TYR B 452 -1.69 -28.89 -24.71
CA TYR B 452 -2.69 -29.57 -25.53
C TYR B 452 -2.76 -31.06 -25.24
N LYS B 453 -1.95 -31.57 -24.34
CA LYS B 453 -1.93 -33.00 -24.10
C LYS B 453 -1.88 -33.30 -22.61
N TYR B 454 -2.65 -32.57 -21.81
CA TYR B 454 -2.72 -32.84 -20.39
C TYR B 454 -4.14 -32.58 -19.89
N LYS B 455 -4.65 -33.50 -19.07
CA LYS B 455 -5.89 -33.29 -18.35
C LYS B 455 -5.75 -33.90 -16.96
N VAL B 456 -6.58 -33.45 -16.04
CA VAL B 456 -6.43 -33.76 -14.62
C VAL B 456 -7.53 -34.72 -14.20
N VAL B 457 -7.15 -35.81 -13.52
CA VAL B 457 -8.12 -36.81 -13.07
C VAL B 457 -7.99 -36.96 -11.57
N LYS B 458 -9.02 -37.54 -10.96
CA LYS B 458 -9.08 -37.79 -9.52
C LYS B 458 -9.23 -39.28 -9.24
N ILE B 459 -8.37 -39.80 -8.39
CA ILE B 459 -8.44 -41.19 -7.96
C ILE B 459 -9.58 -41.35 -6.98
N GLU B 460 -10.41 -42.38 -7.16
CA GLU B 460 -11.47 -42.75 -6.23
C GLU B 460 -11.27 -44.19 -5.80
N PRO B 461 -10.34 -44.44 -4.90
CA PRO B 461 -9.79 -45.81 -4.74
C PRO B 461 -10.66 -46.79 -3.98
N LEU B 462 -11.95 -46.53 -3.74
CA LEU B 462 -12.78 -47.54 -3.11
C LEU B 462 -13.51 -48.38 -4.15
N GLY B 463 -14.21 -49.39 -3.67
CA GLY B 463 -14.99 -50.25 -4.55
C GLY B 463 -15.41 -51.53 -3.88
N VAL B 464 -16.55 -52.09 -4.28
CA VAL B 464 -17.06 -53.32 -3.71
C VAL B 464 -17.30 -54.32 -4.84
N ALA B 465 -17.28 -55.61 -4.48
CA ALA B 465 -17.44 -56.69 -5.44
C ALA B 465 -17.80 -57.96 -4.68
N PRO B 466 -18.58 -58.85 -5.28
CA PRO B 466 -18.92 -60.09 -4.60
C PRO B 466 -17.96 -61.22 -4.90
N THR B 467 -17.77 -62.09 -3.91
CA THR B 467 -16.99 -63.32 -4.07
C THR B 467 -17.42 -64.33 -3.00
N ARG B 468 -16.84 -65.53 -3.06
CA ARG B 468 -17.18 -66.61 -2.15
C ARG B 468 -16.34 -66.51 -0.87
N CYS B 469 -16.71 -65.56 -0.02
CA CYS B 469 -15.94 -65.30 1.19
C CYS B 469 -16.87 -65.01 2.36
N LYS B 470 -16.38 -65.23 3.58
CA LYS B 470 -17.18 -65.05 4.78
C LYS B 470 -16.27 -64.78 5.97
N ARG B 471 -16.65 -63.78 6.76
CA ARG B 471 -15.88 -63.40 7.95
C ARG B 471 -16.08 -64.44 9.03
N ARG B 472 -14.97 -64.86 9.66
CA ARG B 472 -15.03 -65.77 10.78
C ARG B 472 -15.68 -65.09 11.98
N VAL B 473 -16.68 -65.72 12.57
CA VAL B 473 -17.37 -65.14 13.70
C VAL B 473 -16.60 -65.40 14.98
N VAL C 7 -36.24 -46.58 13.18
CA VAL C 7 -35.72 -45.42 12.47
C VAL C 7 -34.85 -44.59 13.42
N SER C 8 -33.61 -44.34 13.02
CA SER C 8 -32.68 -43.58 13.84
C SER C 8 -33.08 -42.11 13.86
N LEU C 9 -32.75 -41.45 14.98
CA LEU C 9 -33.16 -40.07 15.17
C LEU C 9 -32.28 -39.11 14.39
N GLY C 10 -30.99 -39.07 14.69
CA GLY C 10 -30.07 -38.21 13.98
C GLY C 10 -28.90 -37.83 14.86
N PHE C 11 -28.21 -36.77 14.42
CA PHE C 11 -26.99 -36.30 15.08
C PHE C 11 -27.33 -35.74 16.46
N LEU C 12 -26.59 -36.21 17.47
CA LEU C 12 -26.82 -35.90 18.89
C LEU C 12 -28.24 -36.25 19.33
N GLY C 13 -28.82 -37.28 18.73
CA GLY C 13 -30.27 -37.45 18.79
C GLY C 13 -30.78 -37.91 20.14
N ALA C 14 -30.00 -38.71 20.85
CA ALA C 14 -30.49 -39.38 22.05
C ALA C 14 -29.88 -38.79 23.31
N ALA C 15 -29.50 -37.52 23.28
CA ALA C 15 -28.79 -36.92 24.40
C ALA C 15 -29.68 -36.62 25.60
N GLY C 16 -30.98 -36.87 25.51
CA GLY C 16 -31.83 -36.76 26.66
C GLY C 16 -32.26 -38.13 27.13
N SER C 17 -32.00 -39.14 26.31
CA SER C 17 -32.37 -40.49 26.64
C SER C 17 -31.46 -41.06 27.71
N THR C 18 -31.83 -42.23 28.22
CA THR C 18 -31.02 -42.87 29.24
C THR C 18 -29.78 -43.49 28.61
N MET C 19 -28.82 -43.85 29.46
CA MET C 19 -27.55 -44.40 28.99
C MET C 19 -27.71 -45.78 28.36
N GLY C 20 -28.77 -46.51 28.70
CA GLY C 20 -28.95 -47.83 28.12
C GLY C 20 -29.41 -47.76 26.68
N ALA C 21 -30.14 -46.72 26.30
CA ALA C 21 -30.68 -46.61 24.96
C ALA C 21 -29.82 -45.79 24.03
N ALA C 22 -29.04 -44.84 24.55
CA ALA C 22 -28.22 -44.02 23.69
C ALA C 22 -26.95 -44.71 23.24
N SER C 23 -26.58 -45.83 23.87
CA SER C 23 -25.39 -46.54 23.45
C SER C 23 -25.62 -47.42 22.24
N MET C 24 -26.85 -47.56 21.77
CA MET C 24 -27.11 -48.38 20.60
C MET C 24 -26.78 -47.64 19.32
N THR C 25 -27.17 -46.38 19.22
CA THR C 25 -26.94 -45.59 18.02
C THR C 25 -25.70 -44.71 18.20
N LEU C 26 -24.54 -45.36 18.17
CA LEU C 26 -23.28 -44.63 18.29
C LEU C 26 -22.63 -44.33 16.96
N THR C 27 -23.08 -44.93 15.88
CA THR C 27 -22.47 -44.67 14.59
C THR C 27 -22.83 -43.32 14.02
N VAL C 28 -23.88 -42.67 14.54
CA VAL C 28 -24.32 -41.41 13.97
C VAL C 28 -23.39 -40.28 14.41
N GLN C 29 -22.96 -40.30 15.67
CA GLN C 29 -22.03 -39.29 16.17
C GLN C 29 -20.59 -39.55 15.75
N ALA C 30 -20.33 -40.60 14.98
CA ALA C 30 -18.99 -40.88 14.50
C ALA C 30 -18.80 -40.51 13.04
N ARG C 31 -19.84 -40.62 12.21
CA ARG C 31 -19.70 -40.26 10.80
C ARG C 31 -19.56 -38.77 10.61
N ASN C 32 -20.41 -38.00 11.29
CA ASN C 32 -20.49 -36.56 11.10
C ASN C 32 -19.52 -35.78 11.98
N LEU C 33 -18.40 -36.39 12.36
CA LEU C 33 -17.42 -35.72 13.19
C LEU C 33 -16.30 -35.08 12.38
N LEU C 34 -16.11 -35.49 11.13
CA LEU C 34 -15.08 -34.91 10.30
C LEU C 34 -15.61 -34.12 9.11
N SER C 35 -16.84 -34.37 8.67
CA SER C 35 -17.43 -33.62 7.57
C SER C 35 -18.49 -32.64 8.07
N HIS C 59 -9.57 -11.66 0.76
CA HIS C 59 -8.77 -12.34 1.77
C HIS C 59 -9.59 -12.77 2.97
N TRP C 60 -10.61 -13.58 2.72
CA TRP C 60 -11.34 -14.21 3.81
C TRP C 60 -11.60 -15.69 3.58
N GLY C 61 -10.73 -16.37 2.84
CA GLY C 61 -10.72 -17.81 2.83
C GLY C 61 -9.75 -18.30 3.89
N ILE C 62 -9.02 -17.36 4.49
CA ILE C 62 -8.04 -17.75 5.51
C ILE C 62 -8.76 -18.12 6.81
N LYS C 63 -9.97 -17.59 7.03
CA LYS C 63 -10.76 -18.09 8.14
C LYS C 63 -11.38 -19.44 7.81
N GLN C 64 -11.60 -19.74 6.53
CA GLN C 64 -11.99 -21.10 6.17
C GLN C 64 -10.83 -22.05 6.36
N LEU C 65 -9.60 -21.58 6.12
CA LEU C 65 -8.46 -22.47 6.21
C LEU C 65 -8.02 -22.68 7.65
N GLN C 66 -8.28 -21.74 8.54
CA GLN C 66 -8.03 -22.00 9.95
C GLN C 66 -9.13 -22.82 10.61
N ALA C 67 -10.17 -23.18 9.86
CA ALA C 67 -11.18 -24.11 10.36
C ALA C 67 -10.95 -25.53 9.85
N ARG C 68 -10.49 -25.71 8.62
CA ARG C 68 -10.26 -27.06 8.13
C ARG C 68 -9.01 -27.68 8.73
N VAL C 69 -8.06 -26.88 9.19
CA VAL C 69 -6.93 -27.42 9.92
C VAL C 69 -7.32 -27.71 11.38
N LEU C 70 -8.15 -26.86 11.97
CA LEU C 70 -8.60 -27.06 13.34
C LEU C 70 -9.53 -28.26 13.47
N ALA C 71 -10.25 -28.61 12.40
CA ALA C 71 -11.14 -29.76 12.48
C ALA C 71 -10.38 -31.07 12.38
N VAL C 72 -9.29 -31.10 11.63
CA VAL C 72 -8.61 -32.38 11.42
C VAL C 72 -7.65 -32.68 12.57
N GLU C 73 -7.29 -31.66 13.36
CA GLU C 73 -6.29 -31.90 14.40
C GLU C 73 -6.96 -32.21 15.74
N HIS C 74 -8.22 -31.81 15.92
CA HIS C 74 -8.96 -32.36 17.05
C HIS C 74 -9.37 -33.81 16.81
N TYR C 75 -9.49 -34.22 15.56
CA TYR C 75 -9.88 -35.61 15.30
C TYR C 75 -8.70 -36.57 15.40
N LEU C 76 -7.50 -36.13 14.99
CA LEU C 76 -6.33 -37.00 15.09
C LEU C 76 -5.88 -37.20 16.53
N ARG C 77 -6.32 -36.34 17.45
CA ARG C 77 -5.84 -36.46 18.83
C ARG C 77 -6.44 -37.68 19.53
N ASP C 78 -7.75 -37.83 19.51
CA ASP C 78 -8.31 -38.98 20.19
C ASP C 78 -8.25 -40.24 19.32
N GLN C 79 -8.08 -40.09 18.00
CA GLN C 79 -7.78 -41.24 17.19
C GLN C 79 -6.39 -41.82 17.49
N GLN C 80 -5.44 -40.97 17.86
CA GLN C 80 -4.21 -41.42 18.52
C GLN C 80 -4.51 -42.10 19.84
N LEU C 81 -5.43 -41.53 20.62
CA LEU C 81 -5.60 -41.95 21.99
C LEU C 81 -6.37 -43.26 22.09
N LEU C 82 -7.18 -43.59 21.08
CA LEU C 82 -7.74 -44.93 21.05
C LEU C 82 -6.73 -45.96 20.58
N GLY C 83 -5.77 -45.55 19.75
CA GLY C 83 -4.82 -46.49 19.18
C GLY C 83 -3.82 -47.02 20.19
N ILE C 84 -3.67 -46.34 21.31
CA ILE C 84 -2.70 -46.78 22.30
C ILE C 84 -3.38 -47.59 23.40
N TRP C 85 -4.72 -47.57 23.43
CA TRP C 85 -5.43 -48.33 24.46
C TRP C 85 -5.76 -49.74 23.98
N GLY C 86 -5.36 -50.10 22.77
CA GLY C 86 -5.68 -51.40 22.24
C GLY C 86 -6.95 -51.38 21.42
N CYS C 87 -7.69 -50.28 21.52
CA CYS C 87 -8.96 -50.13 20.82
C CYS C 87 -8.68 -49.40 19.51
N SER C 88 -8.16 -50.15 18.54
CA SER C 88 -7.58 -49.55 17.34
C SER C 88 -8.65 -48.99 16.42
N GLY C 89 -9.72 -49.74 16.19
CA GLY C 89 -10.73 -49.30 15.25
C GLY C 89 -12.14 -49.66 15.66
N LYS C 90 -12.33 -50.03 16.92
CA LYS C 90 -13.65 -50.44 17.38
C LYS C 90 -14.41 -49.24 17.94
N LEU C 91 -15.64 -49.50 18.36
CA LEU C 91 -16.43 -48.50 19.07
C LEU C 91 -16.85 -48.96 20.45
N ILE C 92 -17.06 -50.25 20.66
CA ILE C 92 -17.34 -50.81 21.98
C ILE C 92 -16.21 -51.79 22.24
N CYS C 93 -15.12 -51.32 22.81
CA CYS C 93 -13.98 -52.19 22.97
C CYS C 93 -13.84 -52.61 24.43
N CYS C 94 -13.22 -53.76 24.62
CA CYS C 94 -13.23 -54.45 25.89
C CYS C 94 -11.83 -54.36 26.50
N THR C 95 -11.76 -54.07 27.80
CA THR C 95 -10.46 -53.88 28.41
C THR C 95 -10.38 -54.80 29.63
N ASN C 96 -9.40 -54.58 30.50
CA ASN C 96 -9.07 -55.60 31.46
C ASN C 96 -8.74 -55.05 32.85
N VAL C 97 -8.69 -53.73 33.04
CA VAL C 97 -8.43 -53.16 34.36
C VAL C 97 -9.65 -53.39 35.23
N PRO C 98 -9.49 -53.70 36.51
CA PRO C 98 -10.66 -53.84 37.37
C PRO C 98 -11.12 -52.49 37.88
N TRP C 99 -12.42 -52.40 38.12
CA TRP C 99 -13.04 -51.18 38.61
C TRP C 99 -12.80 -51.09 40.12
N ASN C 100 -12.16 -50.01 40.57
CA ASN C 100 -11.66 -49.91 41.94
C ASN C 100 -12.81 -49.78 42.94
N SER C 101 -13.97 -49.32 42.49
CA SER C 101 -15.18 -49.09 43.30
C SER C 101 -14.95 -48.06 44.41
N SER C 102 -13.91 -47.25 44.29
CA SER C 102 -13.81 -46.01 45.05
C SER C 102 -13.99 -44.84 44.11
N TRP C 103 -14.21 -45.13 42.83
CA TRP C 103 -14.48 -44.14 41.81
C TRP C 103 -15.98 -43.91 41.65
N SER C 104 -16.77 -44.96 41.78
CA SER C 104 -18.23 -44.83 41.80
C SER C 104 -18.81 -45.99 42.59
N ASN C 105 -19.52 -45.66 43.67
CA ASN C 105 -20.01 -46.66 44.61
C ASN C 105 -21.16 -47.47 44.06
N ARG C 106 -21.82 -47.00 43.00
CA ARG C 106 -23.13 -47.48 42.63
C ARG C 106 -23.07 -48.88 42.03
N ASN C 107 -24.24 -49.46 41.83
CA ASN C 107 -24.44 -50.83 41.37
C ASN C 107 -24.23 -50.91 39.86
N LEU C 108 -24.71 -52.00 39.26
CA LEU C 108 -24.81 -52.03 37.81
C LEU C 108 -26.13 -51.42 37.33
N SER C 109 -27.22 -51.70 38.05
CA SER C 109 -28.55 -51.44 37.50
C SER C 109 -28.93 -49.97 37.51
N GLU C 110 -28.57 -49.23 38.56
CA GLU C 110 -28.96 -47.83 38.66
C GLU C 110 -27.94 -46.89 38.04
N ILE C 111 -27.13 -47.39 37.11
CA ILE C 111 -26.33 -46.57 36.21
C ILE C 111 -26.90 -46.57 34.79
N TRP C 112 -27.19 -47.75 34.27
CA TRP C 112 -27.63 -47.87 32.88
C TRP C 112 -29.10 -47.56 32.67
N ASP C 113 -29.86 -47.23 33.71
CA ASP C 113 -31.28 -47.02 33.53
C ASP C 113 -31.79 -45.71 34.12
N ASN C 114 -31.06 -45.10 35.05
CA ASN C 114 -31.56 -43.93 35.75
C ASN C 114 -30.63 -42.72 35.63
N MET C 115 -29.74 -42.73 34.64
CA MET C 115 -28.86 -41.60 34.42
C MET C 115 -28.71 -41.36 32.93
N THR C 116 -28.31 -40.14 32.58
CA THR C 116 -27.95 -39.79 31.23
C THR C 116 -26.44 -39.60 31.12
N TRP C 117 -25.95 -39.59 29.88
CA TRP C 117 -24.52 -39.45 29.63
C TRP C 117 -23.99 -38.09 30.04
N LEU C 118 -24.80 -37.05 29.92
CA LEU C 118 -24.38 -35.72 30.31
C LEU C 118 -24.31 -35.57 31.82
N GLN C 119 -24.88 -36.49 32.58
CA GLN C 119 -24.81 -36.47 34.03
C GLN C 119 -23.80 -37.46 34.60
N TRP C 120 -23.57 -38.58 33.92
CA TRP C 120 -22.51 -39.48 34.36
C TRP C 120 -21.13 -38.87 34.20
N ASP C 121 -20.96 -38.03 33.19
CA ASP C 121 -19.63 -37.47 32.93
C ASP C 121 -19.28 -36.35 33.90
N LYS C 122 -20.22 -35.93 34.74
CA LYS C 122 -19.94 -34.95 35.78
C LYS C 122 -19.56 -35.60 37.09
N GLU C 123 -20.13 -36.77 37.40
CA GLU C 123 -19.89 -37.40 38.69
C GLU C 123 -18.52 -38.09 38.73
N ILE C 124 -18.09 -38.67 37.61
CA ILE C 124 -16.80 -39.35 37.57
C ILE C 124 -15.67 -38.38 37.31
N SER C 125 -15.95 -37.09 37.23
CA SER C 125 -15.09 -36.17 36.49
C SER C 125 -13.78 -35.79 37.16
N ASN C 126 -13.51 -36.23 38.39
CA ASN C 126 -12.15 -35.97 38.84
C ASN C 126 -11.20 -37.02 38.31
N TYR C 127 -11.03 -38.14 39.02
CA TYR C 127 -11.06 -39.55 38.63
C TYR C 127 -10.95 -39.85 37.12
N THR C 128 -10.19 -39.09 36.34
CA THR C 128 -10.13 -39.42 34.91
C THR C 128 -8.74 -39.24 34.35
N GLN C 129 -7.87 -38.53 35.05
CA GLN C 129 -6.46 -38.59 34.73
C GLN C 129 -5.78 -39.76 35.42
N ILE C 130 -6.50 -40.43 36.31
CA ILE C 130 -6.02 -41.68 36.87
C ILE C 130 -6.40 -42.85 35.96
N ILE C 131 -7.59 -42.78 35.35
CA ILE C 131 -8.02 -43.88 34.48
C ILE C 131 -7.22 -43.88 33.19
N TYR C 132 -7.05 -42.71 32.56
CA TYR C 132 -6.30 -42.62 31.31
C TYR C 132 -4.83 -42.99 31.46
N GLY C 133 -4.30 -42.93 32.67
CA GLY C 133 -2.96 -43.42 32.90
C GLY C 133 -2.95 -44.91 33.19
N LEU C 134 -3.93 -45.37 33.96
CA LEU C 134 -3.99 -46.78 34.33
C LEU C 134 -4.46 -47.65 33.17
N LEU C 135 -5.12 -47.07 32.18
CA LEU C 135 -5.72 -47.88 31.14
C LEU C 135 -4.70 -48.36 30.12
N GLU C 136 -3.64 -47.60 29.89
CA GLU C 136 -2.66 -48.01 28.90
C GLU C 136 -1.40 -48.59 29.51
N GLU C 137 -0.96 -48.09 30.67
CA GLU C 137 0.30 -48.54 31.23
C GLU C 137 0.22 -49.97 31.74
N SER C 138 -0.88 -50.33 32.39
CA SER C 138 -1.02 -51.67 32.93
C SER C 138 -1.59 -52.64 31.92
N GLN C 139 -1.83 -52.24 30.67
CA GLN C 139 -2.37 -53.19 29.71
C GLN C 139 -1.53 -53.38 28.46
N ASN C 140 -1.25 -52.33 27.69
CA ASN C 140 -0.48 -52.57 26.48
C ASN C 140 1.00 -52.70 26.78
N GLN C 141 1.44 -52.17 27.92
CA GLN C 141 2.76 -52.53 28.40
C GLN C 141 2.74 -53.77 29.27
N GLN C 142 1.61 -54.47 29.33
CA GLN C 142 1.62 -55.83 29.83
C GLN C 142 1.33 -56.87 28.76
N GLU C 143 0.32 -56.65 27.92
CA GLU C 143 -0.07 -57.64 26.92
C GLU C 143 1.03 -57.86 25.88
N LYS C 144 1.68 -56.79 25.44
CA LYS C 144 2.70 -56.95 24.42
C LYS C 144 3.99 -57.52 25.02
N ASN C 145 4.20 -57.35 26.32
CA ASN C 145 5.26 -58.10 26.97
C ASN C 145 4.79 -59.44 27.51
N GLU C 146 3.53 -59.82 27.28
CA GLU C 146 3.16 -61.21 27.51
C GLU C 146 3.26 -62.02 26.23
N GLN C 147 2.83 -61.48 25.09
CA GLN C 147 2.83 -62.25 23.87
C GLN C 147 4.24 -62.42 23.30
N ASP C 148 5.11 -61.46 23.52
CA ASP C 148 6.52 -61.63 23.18
C ASP C 148 7.20 -62.65 24.09
N LEU C 149 6.60 -62.94 25.25
CA LEU C 149 7.04 -64.04 26.09
C LEU C 149 6.10 -65.23 26.05
N LEU C 150 5.11 -65.24 25.16
CA LEU C 150 4.29 -66.41 24.92
C LEU C 150 4.53 -67.00 23.53
N ALA C 151 4.77 -66.16 22.53
CA ALA C 151 5.03 -66.63 21.18
C ALA C 151 6.50 -66.95 20.92
N LEU C 152 7.28 -67.26 21.95
CA LEU C 152 8.66 -67.73 21.81
C LEU C 152 8.70 -69.20 21.44
N ASP C 153 7.57 -69.87 21.56
CA ASP C 153 7.51 -71.32 21.47
C ASP C 153 6.73 -71.89 20.27
N GLU D 20 41.73 20.37 -17.39
CA GLU D 20 42.59 20.56 -18.55
C GLU D 20 42.01 19.83 -19.77
N VAL D 21 41.20 20.55 -20.53
CA VAL D 21 40.64 20.07 -21.79
C VAL D 21 40.88 21.14 -22.83
N GLN D 22 41.70 20.83 -23.83
CA GLN D 22 42.16 21.86 -24.76
C GLN D 22 42.25 21.30 -26.16
N LEU D 23 42.56 22.19 -27.10
CA LEU D 23 42.71 21.82 -28.50
C LEU D 23 44.00 22.41 -29.06
N VAL D 24 44.79 21.56 -29.71
CA VAL D 24 46.03 21.97 -30.37
C VAL D 24 45.78 21.95 -31.86
N GLU D 25 46.48 22.84 -32.59
CA GLU D 25 46.16 23.07 -34.00
C GLU D 25 47.42 23.22 -34.84
N THR D 26 47.29 22.87 -36.12
CA THR D 26 48.28 23.17 -37.14
C THR D 26 47.53 23.77 -38.33
N GLY D 27 48.13 24.76 -38.97
CA GLY D 27 47.49 25.40 -40.10
C GLY D 27 48.46 26.25 -40.87
N GLY D 28 48.33 26.21 -42.19
CA GLY D 28 49.18 26.97 -43.07
C GLY D 28 48.51 28.24 -43.56
N GLY D 29 49.31 29.08 -44.22
CA GLY D 29 48.82 30.31 -44.79
C GLY D 29 49.57 30.65 -46.06
N LEU D 30 49.18 31.78 -46.66
CA LEU D 30 49.82 32.38 -47.84
C LEU D 30 49.78 31.42 -49.04
N VAL D 31 48.57 31.05 -49.43
CA VAL D 31 48.35 30.11 -50.53
C VAL D 31 47.56 30.85 -51.61
N GLN D 32 48.13 30.92 -52.80
CA GLN D 32 47.58 31.68 -53.92
C GLN D 32 46.23 31.11 -54.35
N PRO D 33 45.33 31.96 -54.95
CA PRO D 33 43.94 31.52 -55.15
C PRO D 33 43.70 30.55 -56.31
N GLY D 34 44.49 29.48 -56.38
CA GLY D 34 44.23 28.41 -57.30
C GLY D 34 44.61 27.05 -56.75
N GLY D 35 44.98 27.00 -55.49
CA GLY D 35 45.50 25.80 -54.87
C GLY D 35 44.55 25.27 -53.81
N SER D 36 45.12 24.51 -52.88
CA SER D 36 44.36 23.88 -51.82
C SER D 36 45.06 24.12 -50.48
N LEU D 37 44.41 23.66 -49.41
CA LEU D 37 44.97 23.77 -48.08
C LEU D 37 44.30 22.76 -47.18
N LYS D 38 45.06 22.20 -46.24
CA LYS D 38 44.54 21.19 -45.32
C LYS D 38 44.86 21.62 -43.90
N LEU D 39 43.83 21.78 -43.08
CA LEU D 39 43.95 22.17 -41.68
C LEU D 39 43.72 20.95 -40.79
N SER D 40 44.35 20.96 -39.62
CA SER D 40 44.27 19.84 -38.69
C SER D 40 44.07 20.35 -37.28
N CYS D 41 43.03 19.86 -36.61
CA CYS D 41 42.77 20.14 -35.21
C CYS D 41 42.82 18.82 -34.42
N ALA D 42 43.58 18.83 -33.34
CA ALA D 42 43.77 17.63 -32.53
C ALA D 42 43.37 17.91 -31.09
N ALA D 43 43.08 16.84 -30.34
CA ALA D 43 42.50 16.97 -29.01
C ALA D 43 43.14 15.96 -28.07
N SER D 44 44.11 16.41 -27.28
CA SER D 44 44.65 15.57 -26.21
C SER D 44 43.97 15.85 -24.88
N GLY D 45 42.64 15.88 -24.89
CA GLY D 45 41.88 16.17 -23.70
C GLY D 45 40.87 15.11 -23.32
N PHE D 46 39.61 15.46 -23.59
CA PHE D 46 38.42 14.68 -23.30
C PHE D 46 38.39 13.38 -24.10
N THR D 47 37.36 12.59 -23.84
CA THR D 47 37.13 11.36 -24.58
C THR D 47 36.57 11.73 -25.94
N PHE D 48 37.45 11.77 -26.94
CA PHE D 48 37.02 12.16 -28.29
C PHE D 48 36.66 10.92 -29.11
N SER D 49 35.46 10.42 -28.83
CA SER D 49 34.81 9.49 -29.75
C SER D 49 33.32 9.72 -29.76
N SER D 50 32.84 10.83 -29.19
CA SER D 50 31.41 10.99 -28.99
C SER D 50 30.86 12.37 -29.32
N TYR D 51 31.69 13.39 -29.52
CA TYR D 51 31.20 14.74 -29.63
C TYR D 51 31.36 15.27 -31.05
N GLY D 52 30.39 16.07 -31.46
CA GLY D 52 30.39 16.58 -32.82
C GLY D 52 31.09 17.92 -32.95
N MET D 53 32.27 17.90 -33.55
CA MET D 53 33.08 19.09 -33.67
C MET D 53 32.60 19.92 -34.85
N ASN D 54 32.82 21.23 -34.78
CA ASN D 54 32.35 22.16 -35.81
C ASN D 54 33.40 23.21 -36.12
N TRP D 55 33.09 24.07 -37.09
CA TRP D 55 33.99 25.13 -37.54
C TRP D 55 33.23 26.44 -37.71
N VAL D 56 33.87 27.56 -37.35
CA VAL D 56 33.35 28.89 -37.62
C VAL D 56 34.47 29.74 -38.20
N ARG D 57 34.11 30.88 -38.76
CA ARG D 57 35.08 31.75 -39.41
C ARG D 57 34.84 33.20 -39.01
N GLN D 58 35.88 34.02 -39.15
CA GLN D 58 35.84 35.43 -38.76
C GLN D 58 36.85 36.20 -39.58
N ALA D 59 36.36 37.07 -40.46
CA ALA D 59 37.26 38.03 -41.10
C ALA D 59 37.68 39.08 -40.09
N PRO D 60 38.84 39.72 -40.28
CA PRO D 60 39.18 40.87 -39.44
C PRO D 60 38.29 42.06 -39.82
N GLY D 61 37.09 42.08 -39.26
CA GLY D 61 36.01 42.82 -39.86
C GLY D 61 34.66 42.54 -39.22
N LYS D 62 33.69 42.13 -40.05
CA LYS D 62 32.26 42.08 -39.74
C LYS D 62 31.88 41.26 -38.51
N GLY D 63 32.08 39.95 -38.54
CA GLY D 63 31.61 39.14 -37.43
C GLY D 63 31.88 37.67 -37.62
N LEU D 64 30.91 36.82 -37.29
CA LEU D 64 31.09 35.40 -37.48
C LEU D 64 30.24 34.88 -38.63
N GLU D 65 30.56 33.66 -39.05
CA GLU D 65 29.86 32.95 -40.10
C GLU D 65 30.11 31.46 -39.89
N TRP D 66 29.08 30.65 -40.06
CA TRP D 66 29.17 29.23 -39.76
C TRP D 66 29.45 28.43 -41.03
N VAL D 67 30.25 27.37 -40.87
CA VAL D 67 30.49 26.37 -41.92
C VAL D 67 30.51 24.98 -41.32
N SER D 68 30.23 23.97 -42.14
CA SER D 68 30.89 22.65 -42.13
C SER D 68 30.74 21.89 -40.81
N GLY D 69 29.52 21.47 -40.52
CA GLY D 69 29.28 20.62 -39.38
C GLY D 69 29.50 19.13 -39.66
N ILE D 70 29.57 18.35 -38.59
CA ILE D 70 29.73 16.90 -38.69
C ILE D 70 29.17 16.27 -37.41
N ASN D 71 28.79 14.99 -37.49
CA ASN D 71 28.39 14.22 -36.33
C ASN D 71 29.58 13.47 -35.76
N SER D 72 29.33 12.52 -34.87
CA SER D 72 30.40 11.76 -34.22
C SER D 72 30.75 10.47 -34.95
N GLY D 73 30.26 10.30 -36.18
CA GLY D 73 30.57 9.09 -36.92
C GLY D 73 31.06 9.38 -38.33
N GLY D 74 30.97 10.64 -38.73
CA GLY D 74 31.36 11.01 -40.08
C GLY D 74 30.34 10.66 -41.12
N GLY D 75 29.09 10.44 -40.73
CA GLY D 75 28.07 9.98 -41.65
C GLY D 75 27.08 11.01 -42.12
N THR D 76 27.15 12.25 -41.64
CA THR D 76 26.20 13.28 -42.04
C THR D 76 26.86 14.40 -42.83
N LYS D 77 27.84 15.08 -42.23
CA LYS D 77 28.71 16.12 -42.81
C LYS D 77 27.94 17.17 -43.65
N TYR D 78 27.09 17.92 -42.97
CA TYR D 78 26.32 18.95 -43.65
C TYR D 78 27.09 20.27 -43.65
N TYR D 79 26.72 21.16 -44.59
CA TYR D 79 27.49 22.36 -44.85
C TYR D 79 26.59 23.58 -44.88
N ALA D 80 27.21 24.74 -45.05
CA ALA D 80 26.51 26.02 -45.14
C ALA D 80 25.97 26.22 -46.55
N ASP D 81 25.59 27.45 -46.87
CA ASP D 81 25.03 27.76 -48.18
C ASP D 81 26.00 28.58 -49.03
N SER D 82 27.17 28.92 -48.48
CA SER D 82 28.18 29.68 -49.21
C SER D 82 29.44 28.89 -49.51
N VAL D 83 29.59 27.69 -48.96
CA VAL D 83 30.74 26.84 -49.22
C VAL D 83 30.23 25.49 -49.69
N LYS D 84 28.95 25.45 -50.08
CA LYS D 84 28.27 24.19 -50.32
C LYS D 84 28.78 23.51 -51.57
N GLY D 85 29.07 22.22 -51.46
CA GLY D 85 29.53 21.42 -52.59
C GLY D 85 30.88 21.84 -53.12
N ARG D 86 31.75 22.36 -52.26
CA ARG D 86 32.99 22.95 -52.72
C ARG D 86 34.16 22.45 -51.87
N PHE D 87 33.88 21.94 -50.68
CA PHE D 87 34.94 21.47 -49.78
C PHE D 87 34.54 20.15 -49.16
N THR D 88 35.30 19.74 -48.14
CA THR D 88 35.10 18.45 -47.50
C THR D 88 35.56 18.51 -46.05
N ILE D 89 35.16 17.49 -45.28
CA ILE D 89 35.59 17.27 -43.90
C ILE D 89 35.99 15.82 -43.75
N SER D 90 37.19 15.57 -43.25
CA SER D 90 37.61 14.25 -42.81
C SER D 90 37.58 14.21 -41.29
N ARG D 91 37.31 13.03 -40.73
CA ARG D 91 37.32 12.84 -39.29
C ARG D 91 37.81 11.43 -39.00
N ASP D 92 39.05 11.32 -38.53
CA ASP D 92 39.66 10.04 -38.19
C ASP D 92 39.70 9.93 -36.67
N ASN D 93 38.94 8.99 -36.12
CA ASN D 93 39.02 8.71 -34.70
C ASN D 93 40.21 7.79 -34.41
N SER D 94 40.32 7.36 -33.15
CA SER D 94 41.32 6.47 -32.56
C SER D 94 42.73 7.07 -32.50
N LYS D 95 42.94 8.28 -33.04
CA LYS D 95 44.17 9.00 -32.78
C LYS D 95 43.90 10.49 -32.57
N ASN D 96 42.64 10.87 -32.36
CA ASN D 96 42.20 12.20 -31.94
C ASN D 96 42.61 13.27 -32.95
N THR D 97 42.05 13.16 -34.14
CA THR D 97 42.43 14.04 -35.24
C THR D 97 41.21 14.40 -36.08
N LEU D 98 40.96 15.70 -36.22
CA LEU D 98 40.04 16.21 -37.22
C LEU D 98 40.86 16.70 -38.40
N SER D 99 40.32 16.55 -39.62
CA SER D 99 41.02 17.04 -40.79
C SER D 99 40.06 17.78 -41.69
N LEU D 100 40.30 19.08 -41.85
CA LEU D 100 39.56 19.93 -42.76
C LEU D 100 40.44 20.29 -43.95
N GLN D 101 39.86 20.25 -45.14
CA GLN D 101 40.61 20.33 -46.39
C GLN D 101 39.94 21.30 -47.34
N MET D 102 40.44 22.52 -47.40
CA MET D 102 39.93 23.50 -48.34
C MET D 102 40.62 23.32 -49.67
N ASN D 103 39.84 23.24 -50.75
CA ASN D 103 40.46 22.81 -51.99
C ASN D 103 40.26 23.75 -53.16
N SER D 104 39.19 24.54 -53.18
CA SER D 104 38.97 25.42 -54.34
C SER D 104 39.78 26.70 -54.23
N LEU D 105 39.63 27.42 -53.10
CA LEU D 105 40.29 28.69 -52.80
C LEU D 105 39.97 29.75 -53.87
N ARG D 106 38.75 30.25 -53.72
CA ARG D 106 38.24 31.34 -54.52
C ARG D 106 38.88 32.66 -54.08
N ALA D 107 38.54 33.73 -54.81
CA ALA D 107 38.94 35.10 -54.47
C ALA D 107 38.62 35.43 -53.01
N GLU D 108 39.61 35.99 -52.33
CA GLU D 108 39.80 35.86 -50.90
C GLU D 108 38.70 36.44 -50.01
N ASP D 109 38.04 35.56 -49.27
CA ASP D 109 37.37 35.96 -48.03
C ASP D 109 38.34 35.61 -46.91
N THR D 110 39.28 36.51 -46.71
CA THR D 110 40.35 36.36 -45.72
C THR D 110 39.77 36.34 -44.32
N ALA D 111 39.89 35.20 -43.64
CA ALA D 111 39.23 35.01 -42.36
C ALA D 111 40.04 34.04 -41.50
N VAL D 112 39.81 34.09 -40.19
CA VAL D 112 40.45 33.20 -39.24
C VAL D 112 39.48 32.06 -38.93
N TYR D 113 40.02 30.91 -38.52
CA TYR D 113 39.24 29.68 -38.38
C TYR D 113 39.39 29.11 -36.97
N TYR D 114 38.27 28.73 -36.35
CA TYR D 114 38.26 28.23 -34.98
C TYR D 114 37.77 26.80 -34.93
N CYS D 115 38.37 26.01 -34.05
CA CYS D 115 37.96 24.63 -33.82
C CYS D 115 37.01 24.58 -32.63
N ALA D 116 35.99 23.74 -32.70
CA ALA D 116 34.89 23.81 -31.73
C ALA D 116 34.57 22.42 -31.16
N LYS D 117 33.65 22.39 -30.21
CA LYS D 117 33.18 21.14 -29.60
C LYS D 117 31.75 21.36 -29.11
N SER D 118 30.86 20.43 -29.43
CA SER D 118 29.46 20.55 -29.02
C SER D 118 29.11 19.41 -28.08
N PRO D 119 28.58 19.68 -26.89
CA PRO D 119 28.42 18.61 -25.92
C PRO D 119 27.12 17.84 -26.07
N TRP D 120 26.73 17.51 -27.29
CA TRP D 120 25.71 16.50 -27.49
C TRP D 120 26.29 15.29 -28.21
N GLY D 121 26.82 15.51 -29.40
CA GLY D 121 27.07 14.41 -30.29
C GLY D 121 25.85 14.19 -31.17
N GLN D 122 26.11 13.59 -32.32
CA GLN D 122 25.17 12.95 -33.22
C GLN D 122 24.24 13.88 -34.02
N SER D 123 24.01 15.11 -33.57
CA SER D 123 22.99 15.93 -34.25
C SER D 123 22.97 17.35 -33.70
N THR D 124 21.98 18.10 -34.19
CA THR D 124 21.59 19.48 -34.04
C THR D 124 20.30 19.67 -33.21
N SER D 125 19.67 20.85 -33.39
CA SER D 125 18.32 21.34 -33.07
C SER D 125 18.19 22.00 -31.71
N PHE D 126 19.22 21.94 -30.86
CA PHE D 126 19.72 23.12 -30.15
C PHE D 126 21.11 22.74 -29.66
N GLU D 127 22.11 23.41 -30.22
CA GLU D 127 23.50 23.03 -30.12
C GLU D 127 24.31 24.23 -29.67
N TYR D 128 25.28 23.99 -28.79
CA TYR D 128 26.14 25.07 -28.35
C TYR D 128 27.58 24.60 -28.36
N PHE D 129 28.48 25.44 -27.85
CA PHE D 129 29.90 25.23 -28.00
C PHE D 129 30.59 25.50 -26.67
N GLU D 130 31.11 24.44 -26.03
CA GLU D 130 31.74 24.61 -24.72
C GLU D 130 33.15 25.18 -24.82
N PHE D 131 34.07 24.44 -25.43
CA PHE D 131 35.48 24.78 -25.40
C PHE D 131 35.97 25.10 -26.80
N TRP D 132 36.80 26.12 -26.91
CA TRP D 132 37.27 26.65 -28.17
C TRP D 132 38.78 26.48 -28.26
N GLY D 133 39.31 26.44 -29.48
CA GLY D 133 40.70 26.12 -29.71
C GLY D 133 41.63 27.27 -30.04
N GLN D 134 41.08 28.41 -30.46
CA GLN D 134 41.74 29.71 -30.72
C GLN D 134 43.00 29.66 -31.57
N GLY D 135 43.20 28.61 -32.35
CA GLY D 135 44.29 28.54 -33.30
C GLY D 135 43.78 28.84 -34.70
N ALA D 136 44.10 30.02 -35.20
CA ALA D 136 43.30 30.65 -36.24
C ALA D 136 44.16 31.29 -37.30
N LEU D 137 45.13 30.56 -37.82
CA LEU D 137 46.01 31.11 -38.84
C LEU D 137 45.26 31.23 -40.17
N VAL D 138 45.65 32.22 -40.95
CA VAL D 138 44.75 32.85 -41.90
C VAL D 138 45.15 32.47 -43.32
N THR D 139 44.16 32.41 -44.22
CA THR D 139 44.40 32.27 -45.65
C THR D 139 44.35 33.66 -46.27
N VAL D 140 45.43 34.08 -46.94
CA VAL D 140 45.51 35.47 -47.36
C VAL D 140 45.71 35.69 -48.87
N SER D 141 46.46 34.80 -49.52
CA SER D 141 46.76 34.82 -50.96
C SER D 141 47.24 36.18 -51.46
N SER D 142 48.39 36.62 -50.93
CA SER D 142 48.95 37.87 -51.39
C SER D 142 49.96 37.63 -52.50
N ALA D 143 50.70 38.69 -52.81
CA ALA D 143 51.74 38.65 -53.85
C ALA D 143 52.97 37.89 -53.37
N GLN E 20 17.15 36.17 -46.26
CA GLN E 20 16.82 34.95 -45.54
C GLN E 20 16.12 35.34 -44.23
N THR E 21 16.81 35.19 -43.10
CA THR E 21 16.28 35.49 -41.78
C THR E 21 17.34 36.27 -41.01
N VAL E 22 17.05 37.52 -40.70
CA VAL E 22 18.03 38.40 -40.05
C VAL E 22 17.81 38.39 -38.55
N VAL E 23 18.91 38.52 -37.83
CA VAL E 23 18.90 38.66 -36.37
C VAL E 23 19.64 39.95 -36.08
N THR E 24 18.89 41.04 -35.89
CA THR E 24 19.51 42.33 -35.69
C THR E 24 19.71 42.60 -34.20
N GLN E 25 20.75 43.36 -33.90
CA GLN E 25 21.07 43.78 -32.55
C GLN E 25 21.84 45.09 -32.64
N PRO E 26 21.75 45.98 -31.64
CA PRO E 26 22.29 47.33 -31.80
C PRO E 26 23.81 47.36 -31.85
N ARG E 27 24.32 48.28 -32.66
CA ARG E 27 25.75 48.42 -32.88
C ARG E 27 26.38 49.19 -31.71
N SER E 28 27.05 48.44 -30.82
CA SER E 28 28.02 48.96 -29.86
C SER E 28 27.41 49.95 -28.87
N VAL E 29 26.50 49.44 -28.05
CA VAL E 29 25.95 50.24 -26.96
C VAL E 29 26.97 50.32 -25.83
N SER E 30 27.02 51.47 -25.17
CA SER E 30 28.05 51.70 -24.14
C SER E 30 27.47 52.56 -23.03
N VAL E 31 27.28 51.96 -21.86
CA VAL E 31 26.99 52.70 -20.64
C VAL E 31 28.29 52.77 -19.85
N SER E 32 28.32 53.66 -18.86
CA SER E 32 29.55 53.95 -18.12
C SER E 32 29.25 53.93 -16.64
N GLN E 33 29.67 52.85 -15.96
CA GLN E 33 29.61 52.67 -14.52
C GLN E 33 28.21 52.76 -13.93
N GLY E 34 27.17 52.56 -14.76
CA GLY E 34 25.82 52.52 -14.25
C GLY E 34 25.46 51.23 -13.56
N GLN E 35 26.36 50.23 -13.63
CA GLN E 35 26.26 48.93 -12.98
C GLN E 35 25.06 48.11 -13.48
N THR E 36 24.56 48.45 -14.66
CA THR E 36 23.59 47.65 -15.37
C THR E 36 23.75 47.94 -16.85
N ALA E 37 23.47 46.94 -17.68
CA ALA E 37 23.54 47.08 -19.12
C ALA E 37 22.65 46.01 -19.74
N ARG E 38 21.89 46.39 -20.76
CA ARG E 38 20.90 45.51 -21.38
C ARG E 38 21.21 45.44 -22.87
N ILE E 39 22.03 44.47 -23.26
CA ILE E 39 22.33 44.22 -24.66
C ILE E 39 21.14 43.47 -25.24
N THR E 40 20.25 44.19 -25.93
CA THR E 40 19.08 43.54 -26.48
C THR E 40 19.41 42.83 -27.78
N CYS E 41 18.46 42.04 -28.27
CA CYS E 41 18.62 41.22 -29.44
C CYS E 41 17.24 41.09 -30.08
N GLY E 42 17.07 40.13 -30.98
CA GLY E 42 15.76 39.83 -31.52
C GLY E 42 15.77 39.75 -33.02
N GLY E 43 14.56 39.70 -33.58
CA GLY E 43 14.35 39.61 -35.00
C GLY E 43 13.04 38.90 -35.31
N ASP E 44 13.13 37.85 -36.13
CA ASP E 44 12.00 36.97 -36.41
C ASP E 44 11.78 36.00 -35.27
N ASN E 45 11.19 34.85 -35.58
CA ASN E 45 10.50 33.99 -34.61
C ASN E 45 11.44 33.44 -33.54
N ILE E 46 11.48 34.18 -32.44
CA ILE E 46 12.05 33.68 -31.20
C ILE E 46 10.95 33.01 -30.39
N GLY E 47 11.28 31.85 -29.86
CA GLY E 47 10.31 30.85 -29.47
C GLY E 47 10.83 29.59 -30.12
N SER E 48 12.03 29.74 -30.67
CA SER E 48 12.89 28.68 -31.17
C SER E 48 14.30 28.87 -30.60
N GLU E 49 14.35 29.03 -29.28
CA GLU E 49 15.58 28.95 -28.48
C GLU E 49 16.64 30.00 -28.81
N ALA E 50 16.39 31.24 -28.40
CA ALA E 50 17.46 32.25 -28.28
C ALA E 50 18.42 31.77 -27.20
N VAL E 51 19.63 31.38 -27.59
CA VAL E 51 20.30 30.28 -26.91
C VAL E 51 21.64 30.68 -26.29
N GLN E 52 22.39 31.61 -26.89
CA GLN E 52 23.67 31.99 -26.31
C GLN E 52 24.02 33.44 -26.57
N TRP E 53 25.13 33.87 -25.94
CA TRP E 53 25.61 35.23 -26.03
C TRP E 53 27.11 35.38 -26.29
N TYR E 54 27.92 34.44 -25.79
CA TYR E 54 29.30 34.19 -26.26
C TYR E 54 30.20 35.43 -26.12
N GLN E 55 30.56 35.73 -24.87
CA GLN E 55 31.55 36.77 -24.59
C GLN E 55 32.88 36.44 -25.25
N GLN E 56 33.48 37.43 -25.93
CA GLN E 56 34.83 37.28 -26.45
C GLN E 56 35.55 38.61 -26.33
N LYS E 57 36.80 38.56 -25.78
CA LYS E 57 37.81 39.57 -25.54
C LYS E 57 38.81 39.58 -26.71
N PRO E 58 39.43 40.72 -27.01
CA PRO E 58 40.30 40.79 -28.19
C PRO E 58 41.56 39.94 -28.05
N ALA E 59 41.92 39.29 -29.16
CA ALA E 59 43.04 38.34 -29.28
C ALA E 59 42.93 37.19 -28.29
N GLN E 60 41.73 36.77 -27.96
CA GLN E 60 41.48 35.71 -27.01
C GLN E 60 40.57 34.66 -27.65
N ALA E 61 40.25 33.65 -26.88
CA ALA E 61 39.26 32.68 -27.33
C ALA E 61 37.87 33.13 -26.91
N PRO E 62 36.84 32.88 -27.72
CA PRO E 62 35.47 33.07 -27.24
C PRO E 62 35.16 32.13 -26.10
N VAL E 63 34.35 32.58 -25.15
CA VAL E 63 33.99 31.82 -23.96
C VAL E 63 32.48 31.81 -23.84
N LEU E 64 31.90 30.63 -23.61
CA LEU E 64 30.48 30.55 -23.35
C LEU E 64 30.17 31.16 -22.00
N VAL E 65 29.07 31.91 -21.94
CA VAL E 65 28.68 32.63 -20.74
C VAL E 65 27.31 32.21 -20.24
N ILE E 66 26.35 31.98 -21.14
CA ILE E 66 25.00 31.60 -20.72
C ILE E 66 24.38 30.73 -21.80
N TYR E 67 23.92 29.56 -21.40
CA TYR E 67 23.39 28.56 -22.32
C TYR E 67 21.96 28.24 -21.96
N ASP E 68 21.13 28.14 -23.00
CA ASP E 68 19.68 27.92 -22.90
C ASP E 68 19.02 29.00 -22.01
N ASP E 69 19.52 30.23 -22.12
CA ASP E 69 19.00 31.52 -21.64
C ASP E 69 18.50 31.57 -20.19
N SER E 70 18.80 30.59 -19.39
CA SER E 70 18.50 30.66 -17.97
C SER E 70 19.69 30.28 -17.09
N GLU E 71 20.45 29.26 -17.47
CA GLU E 71 21.60 28.84 -16.69
C GLU E 71 22.91 29.23 -17.36
N ARG E 72 23.97 29.10 -16.58
CA ARG E 72 25.35 29.40 -16.88
C ARG E 72 26.20 28.20 -16.48
N PRO E 73 27.31 27.94 -17.17
CA PRO E 73 28.16 26.81 -16.77
C PRO E 73 28.92 27.13 -15.49
N SER E 74 29.48 26.08 -14.90
CA SER E 74 30.22 26.22 -13.66
C SER E 74 31.54 26.94 -13.91
N GLY E 75 31.77 28.01 -13.15
CA GLY E 75 32.97 28.81 -13.29
C GLY E 75 32.75 30.24 -13.76
N ILE E 76 31.51 30.71 -13.77
CA ILE E 76 31.20 32.08 -14.19
C ILE E 76 30.49 32.78 -13.05
N PRO E 77 30.92 33.98 -12.65
CA PRO E 77 30.23 34.69 -11.56
C PRO E 77 28.85 35.16 -11.99
N ASP E 78 27.99 35.35 -11.00
CA ASP E 78 26.58 35.63 -11.26
C ASP E 78 26.28 37.12 -11.41
N ARG E 79 27.06 37.80 -12.25
CA ARG E 79 26.65 39.11 -12.74
C ARG E 79 25.92 39.02 -14.07
N PHE E 80 25.93 37.85 -14.69
CA PHE E 80 25.28 37.63 -15.97
C PHE E 80 23.92 36.98 -15.74
N SER E 81 22.92 37.45 -16.47
CA SER E 81 21.56 36.94 -16.33
C SER E 81 20.80 37.23 -17.61
N GLY E 82 20.17 36.20 -18.16
CA GLY E 82 19.44 36.37 -19.40
C GLY E 82 17.95 36.16 -19.23
N SER E 83 17.17 36.66 -20.18
CA SER E 83 15.72 36.49 -20.14
C SER E 83 15.18 36.58 -21.56
N LYS E 84 14.28 35.67 -21.88
CA LYS E 84 13.61 35.67 -23.17
C LYS E 84 12.20 36.19 -22.98
N SER E 85 11.92 37.38 -23.51
CA SER E 85 10.66 38.07 -23.29
C SER E 85 9.98 38.31 -24.63
N GLY E 86 8.84 37.66 -24.85
CA GLY E 86 8.05 37.89 -26.03
C GLY E 86 8.71 37.42 -27.31
N ASN E 87 9.18 38.37 -28.11
CA ASN E 87 9.83 38.07 -29.38
C ASN E 87 11.26 38.56 -29.41
N THR E 88 11.68 39.35 -28.42
CA THR E 88 13.05 39.88 -28.38
C THR E 88 13.66 39.50 -27.04
N ALA E 89 14.57 38.54 -27.06
CA ALA E 89 15.30 38.19 -25.86
C ALA E 89 16.42 39.20 -25.61
N THR E 90 16.93 39.20 -24.38
CA THR E 90 17.99 40.14 -24.04
C THR E 90 18.88 39.56 -22.94
N LEU E 91 20.05 40.15 -22.81
CA LEU E 91 21.03 39.78 -21.80
C LEU E 91 21.24 40.97 -20.87
N THR E 92 21.05 40.75 -19.58
CA THR E 92 21.14 41.80 -18.58
C THR E 92 22.31 41.51 -17.66
N ILE E 93 23.37 42.28 -17.79
CA ILE E 93 24.49 42.22 -16.85
C ILE E 93 24.30 43.34 -15.83
N SER E 94 24.54 43.01 -14.57
CA SER E 94 24.37 43.97 -13.46
C SER E 94 25.70 44.06 -12.72
N GLY E 95 26.41 45.15 -12.93
CA GLY E 95 27.74 45.30 -12.38
C GLY E 95 28.73 45.53 -13.49
N VAL E 96 29.90 46.04 -13.10
CA VAL E 96 30.94 46.36 -14.06
C VAL E 96 32.30 45.89 -13.53
N GLU E 97 33.31 46.05 -14.38
CA GLU E 97 34.67 45.63 -14.12
C GLU E 97 35.56 46.31 -15.16
N ALA E 98 36.83 46.50 -14.82
CA ALA E 98 37.83 47.00 -15.75
C ALA E 98 38.41 45.91 -16.64
N GLY E 99 37.83 44.70 -16.61
CA GLY E 99 38.29 43.62 -17.46
C GLY E 99 37.15 42.90 -18.14
N ASP E 100 35.97 43.51 -18.15
CA ASP E 100 34.79 42.93 -18.78
C ASP E 100 34.24 43.87 -19.85
N GLU E 101 35.12 44.44 -20.65
CA GLU E 101 34.76 45.23 -21.83
C GLU E 101 35.07 44.38 -23.05
N ALA E 102 34.04 43.93 -23.76
CA ALA E 102 34.22 42.89 -24.76
C ALA E 102 33.09 42.97 -25.78
N ASP E 103 32.93 41.88 -26.53
CA ASP E 103 31.97 41.82 -27.63
C ASP E 103 30.95 40.71 -27.34
N TYR E 104 29.69 40.95 -27.72
CA TYR E 104 28.57 40.08 -27.34
C TYR E 104 27.63 39.95 -28.53
N TYR E 105 27.19 38.72 -28.82
CA TYR E 105 26.35 38.50 -30.00
C TYR E 105 25.57 37.20 -29.89
N CYS E 106 24.40 37.17 -30.52
CA CYS E 106 23.41 36.12 -30.41
C CYS E 106 23.73 34.92 -31.32
N GLN E 107 23.10 33.79 -31.02
CA GLN E 107 23.31 32.56 -31.78
C GLN E 107 21.97 31.83 -31.94
N VAL E 108 20.91 32.60 -32.14
CA VAL E 108 19.55 32.19 -31.81
C VAL E 108 18.99 31.11 -32.74
N TRP E 109 19.54 30.99 -33.94
CA TRP E 109 18.85 30.27 -34.99
C TRP E 109 19.23 28.80 -35.00
N ASP E 110 18.25 27.96 -35.34
CA ASP E 110 18.40 26.71 -36.08
C ASP E 110 17.03 26.31 -36.62
N SER E 111 16.82 26.56 -37.92
CA SER E 111 15.65 26.10 -38.64
C SER E 111 15.90 26.15 -40.14
N SER E 112 15.23 25.28 -40.89
CA SER E 112 14.93 25.38 -42.32
C SER E 112 16.16 25.41 -43.24
N SER E 113 17.36 25.51 -42.69
CA SER E 113 18.59 25.84 -43.41
C SER E 113 19.76 25.39 -42.54
N ASP E 114 20.94 25.96 -42.80
CA ASP E 114 22.09 25.82 -41.92
C ASP E 114 21.74 26.18 -40.47
N HIS E 115 22.03 25.26 -39.58
CA HIS E 115 21.45 25.39 -38.25
C HIS E 115 22.18 26.43 -37.40
N PRO E 116 23.52 26.43 -37.23
CA PRO E 116 24.11 27.54 -36.49
C PRO E 116 24.13 28.80 -37.35
N LEU E 117 23.64 29.90 -36.78
CA LEU E 117 23.62 31.20 -37.45
C LEU E 117 23.86 32.28 -36.41
N PHE E 118 25.09 32.77 -36.33
CA PHE E 118 25.41 33.92 -35.51
C PHE E 118 24.79 35.17 -36.10
N GLY E 119 24.64 36.19 -35.26
CA GLY E 119 24.12 37.45 -35.76
C GLY E 119 24.87 38.66 -35.25
N GLY E 120 25.50 39.40 -36.16
CA GLY E 120 26.12 40.70 -35.97
C GLY E 120 27.15 40.76 -34.85
N GLY E 121 27.23 41.92 -34.23
CA GLY E 121 28.11 42.10 -33.08
C GLY E 121 27.64 43.28 -32.26
N THR E 122 28.19 43.37 -31.05
CA THR E 122 27.90 44.49 -30.15
C THR E 122 29.09 44.70 -29.24
N ARG E 123 29.66 45.91 -29.28
CA ARG E 123 30.83 46.24 -28.47
C ARG E 123 30.39 46.91 -27.17
N LEU E 124 31.05 46.56 -26.07
CA LEU E 124 30.73 47.11 -24.76
C LEU E 124 31.96 47.79 -24.17
N THR E 125 31.85 49.09 -23.92
CA THR E 125 32.89 49.87 -23.25
C THR E 125 32.28 50.64 -22.10
N VAL E 126 33.04 50.77 -21.01
CA VAL E 126 32.65 51.59 -19.88
C VAL E 126 33.71 52.65 -19.66
N LEU E 127 33.34 53.74 -18.98
CA LEU E 127 34.25 54.87 -18.80
C LEU E 127 34.59 55.07 -17.34
N VAL F 7 9.33 -45.76 38.39
CA VAL F 7 8.99 -44.43 37.92
C VAL F 7 9.64 -44.18 36.56
N SER F 8 8.83 -43.83 35.58
CA SER F 8 9.34 -43.57 34.24
C SER F 8 10.12 -42.26 34.19
N LEU F 9 11.10 -42.22 33.28
CA LEU F 9 11.99 -41.07 33.21
C LEU F 9 11.33 -39.90 32.51
N GLY F 10 10.98 -40.06 31.25
CA GLY F 10 10.32 -39.00 30.51
C GLY F 10 10.60 -39.13 29.02
N PHE F 11 10.33 -38.02 28.33
CA PHE F 11 10.46 -37.96 26.88
C PHE F 11 11.92 -38.10 26.47
N LEU F 12 12.18 -39.02 25.53
CA LEU F 12 13.53 -39.41 25.08
C LEU F 12 14.42 -39.85 26.23
N GLY F 13 13.82 -40.47 27.25
CA GLY F 13 14.49 -40.58 28.53
C GLY F 13 15.61 -41.59 28.56
N ALA F 14 15.48 -42.67 27.80
CA ALA F 14 16.40 -43.79 27.92
C ALA F 14 17.33 -43.90 26.72
N ALA F 15 17.62 -42.77 26.07
CA ALA F 15 18.39 -42.79 24.84
C ALA F 15 19.88 -43.04 25.06
N GLY F 16 20.33 -43.18 26.30
CA GLY F 16 21.69 -43.58 26.56
C GLY F 16 21.72 -44.99 27.08
N SER F 17 20.56 -45.51 27.45
CA SER F 17 20.46 -46.84 27.99
C SER F 17 20.65 -47.88 26.90
N THR F 18 20.77 -49.13 27.31
CA THR F 18 20.93 -50.22 26.35
C THR F 18 19.59 -50.52 25.69
N MET F 19 19.66 -51.28 24.59
CA MET F 19 18.47 -51.60 23.81
C MET F 19 17.51 -52.52 24.55
N GLY F 20 18.00 -53.27 25.53
CA GLY F 20 17.11 -54.15 26.28
C GLY F 20 16.22 -53.41 27.23
N ALA F 21 16.68 -52.28 27.76
CA ALA F 21 15.93 -51.54 28.75
C ALA F 21 15.11 -50.41 28.16
N ALA F 22 15.52 -49.85 27.03
CA ALA F 22 14.78 -48.75 26.44
C ALA F 22 13.54 -49.20 25.69
N SER F 23 13.42 -50.49 25.39
CA SER F 23 12.24 -51.00 24.70
C SER F 23 11.05 -51.19 25.62
N MET F 24 11.22 -51.04 26.93
CA MET F 24 10.10 -51.21 27.84
C MET F 24 9.22 -49.97 27.87
N THR F 25 9.83 -48.79 27.93
CA THR F 25 9.09 -47.54 28.01
C THR F 25 8.99 -46.90 26.64
N LEU F 26 8.15 -47.50 25.79
CA LEU F 26 7.94 -46.97 24.46
C LEU F 26 6.69 -46.12 24.34
N THR F 27 5.82 -46.12 25.34
CA THR F 27 4.61 -45.31 25.25
C THR F 27 4.89 -43.84 25.45
N VAL F 28 6.04 -43.47 26.01
CA VAL F 28 6.31 -42.07 26.29
C VAL F 28 6.65 -41.32 25.01
N GLN F 29 7.43 -41.94 24.12
CA GLN F 29 7.77 -41.33 22.85
C GLN F 29 6.65 -41.41 21.81
N ALA F 30 5.51 -41.99 22.16
CA ALA F 30 4.38 -42.07 21.25
C ALA F 30 3.28 -41.07 21.59
N ARG F 31 3.09 -40.74 22.87
CA ARG F 31 2.06 -39.78 23.22
C ARG F 31 2.43 -38.37 22.79
N ASN F 32 3.67 -37.96 23.05
CA ASN F 32 4.12 -36.60 22.84
C ASN F 32 4.66 -36.37 21.44
N LEU F 33 4.18 -37.12 20.46
CA LEU F 33 4.64 -36.97 19.08
C LEU F 33 3.71 -36.08 18.27
N LEU F 34 2.48 -35.86 18.71
CA LEU F 34 1.56 -35.00 17.99
C LEU F 34 1.19 -33.73 18.75
N SER F 35 1.33 -33.70 20.07
CA SER F 35 1.05 -32.49 20.84
C SER F 35 2.34 -31.81 21.32
N HIS F 59 0.58 -10.24 11.08
CA HIS F 59 0.72 -11.34 10.13
C HIS F 59 1.89 -12.25 10.48
N TRP F 60 1.86 -12.82 11.69
CA TRP F 60 2.82 -13.85 12.05
C TRP F 60 2.18 -15.03 12.74
N GLY F 61 0.92 -15.32 12.46
CA GLY F 61 0.34 -16.59 12.82
C GLY F 61 0.52 -17.56 11.67
N ILE F 62 1.00 -17.05 10.53
CA ILE F 62 1.19 -17.90 9.37
C ILE F 62 2.41 -18.82 9.57
N LYS F 63 3.37 -18.40 10.40
CA LYS F 63 4.41 -19.33 10.77
C LYS F 63 3.93 -20.33 11.80
N GLN F 64 2.91 -19.99 12.58
CA GLN F 64 2.28 -21.00 13.41
C GLN F 64 1.49 -21.99 12.57
N LEU F 65 0.91 -21.51 11.47
CA LEU F 65 0.08 -22.38 10.66
C LEU F 65 0.91 -23.27 9.74
N GLN F 66 2.12 -22.83 9.37
CA GLN F 66 3.01 -23.73 8.64
C GLN F 66 3.72 -24.71 9.55
N ALA F 67 3.49 -24.65 10.85
CA ALA F 67 3.98 -25.66 11.78
C ALA F 67 2.94 -26.69 12.15
N ARG F 68 1.67 -26.28 12.30
CA ARG F 68 0.64 -27.26 12.63
C ARG F 68 0.28 -28.14 11.46
N VAL F 69 0.51 -27.68 10.23
CA VAL F 69 0.33 -28.55 9.07
C VAL F 69 1.54 -29.47 8.90
N LEU F 70 2.74 -28.96 9.17
CA LEU F 70 3.96 -29.77 9.07
C LEU F 70 4.01 -30.85 10.15
N ALA F 71 3.39 -30.62 11.29
CA ALA F 71 3.42 -31.63 12.34
C ALA F 71 2.47 -32.79 12.05
N VAL F 72 1.34 -32.51 11.40
CA VAL F 72 0.36 -33.56 11.21
C VAL F 72 0.68 -34.40 9.98
N GLU F 73 1.52 -33.89 9.08
CA GLU F 73 1.78 -34.63 7.86
C GLU F 73 3.03 -35.49 7.98
N HIS F 74 3.93 -35.18 8.91
CA HIS F 74 4.95 -36.16 9.24
C HIS F 74 4.39 -37.31 10.07
N TYR F 75 3.30 -37.09 10.79
CA TYR F 75 2.73 -38.18 11.59
C TYR F 75 1.88 -39.11 10.76
N LEU F 76 1.16 -38.58 9.76
CA LEU F 76 0.34 -39.45 8.92
C LEU F 76 1.18 -40.32 7.99
N ARG F 77 2.44 -39.97 7.77
CA ARG F 77 3.25 -40.74 6.83
C ARG F 77 3.60 -42.12 7.38
N ASP F 78 4.16 -42.19 8.58
CA ASP F 78 4.50 -43.51 9.10
C ASP F 78 3.29 -44.21 9.71
N GLN F 79 2.25 -43.47 10.05
CA GLN F 79 1.00 -44.13 10.42
C GLN F 79 0.36 -44.82 9.24
N GLN F 80 0.52 -44.29 8.02
CA GLN F 80 0.27 -45.05 6.79
C GLN F 80 1.20 -46.25 6.69
N LEU F 81 2.46 -46.07 7.05
CA LEU F 81 3.47 -47.08 6.75
C LEU F 81 3.39 -48.25 7.71
N LEU F 82 2.85 -48.04 8.92
CA LEU F 82 2.57 -49.18 9.77
C LEU F 82 1.31 -49.91 9.33
N GLY F 83 0.36 -49.20 8.72
CA GLY F 83 -0.91 -49.82 8.37
C GLY F 83 -0.81 -50.79 7.22
N ILE F 84 0.28 -50.72 6.45
CA ILE F 84 0.42 -51.61 5.31
C ILE F 84 1.29 -52.81 5.67
N TRP F 85 1.97 -52.75 6.82
CA TRP F 85 2.80 -53.87 7.24
C TRP F 85 2.04 -54.88 8.07
N GLY F 86 0.76 -54.65 8.30
CA GLY F 86 -0.02 -55.54 9.13
C GLY F 86 -0.05 -55.10 10.58
N CYS F 87 0.81 -54.14 10.91
CA CYS F 87 0.93 -53.61 12.26
C CYS F 87 0.04 -52.37 12.36
N SER F 88 -1.26 -52.61 12.48
CA SER F 88 -2.23 -51.53 12.31
C SER F 88 -2.24 -50.56 13.48
N GLY F 89 -2.20 -51.08 14.70
CA GLY F 89 -2.27 -50.21 15.86
C GLY F 89 -1.42 -50.65 17.02
N LYS F 90 -0.49 -51.56 16.78
CA LYS F 90 0.34 -52.08 17.85
C LYS F 90 1.60 -51.25 17.99
N LEU F 91 2.43 -51.63 18.96
CA LEU F 91 3.76 -51.05 19.12
C LEU F 91 4.87 -52.08 19.04
N ILE F 92 4.61 -53.31 19.47
CA ILE F 92 5.56 -54.41 19.33
C ILE F 92 4.84 -55.44 18.47
N CYS F 93 4.96 -55.33 17.17
CA CYS F 93 4.20 -56.23 16.33
C CYS F 93 5.11 -57.28 15.72
N CYS F 94 4.51 -58.41 15.39
CA CYS F 94 5.25 -59.62 15.06
C CYS F 94 5.10 -59.89 13.57
N THR F 95 6.20 -60.24 12.91
CA THR F 95 6.13 -60.42 11.47
C THR F 95 6.69 -61.79 11.14
N ASN F 96 6.98 -62.05 9.87
CA ASN F 96 7.18 -63.42 9.45
C ASN F 96 8.35 -63.59 8.45
N VAL F 97 8.98 -62.52 8.00
CA VAL F 97 10.12 -62.65 7.09
C VAL F 97 11.31 -63.19 7.87
N PRO F 98 12.11 -64.08 7.29
CA PRO F 98 13.29 -64.55 8.00
C PRO F 98 14.44 -63.58 7.86
N TRP F 99 15.29 -63.56 8.88
CA TRP F 99 16.45 -62.69 8.90
C TRP F 99 17.55 -63.32 8.06
N ASN F 100 18.02 -62.61 7.04
CA ASN F 100 18.91 -63.18 6.03
C ASN F 100 20.29 -63.49 6.59
N SER F 101 20.68 -62.82 7.68
CA SER F 101 21.97 -62.93 8.34
C SER F 101 23.14 -62.57 7.44
N SER F 102 22.87 -61.83 6.38
CA SER F 102 23.90 -61.10 5.67
C SER F 102 23.70 -59.62 5.89
N TRP F 103 22.69 -59.27 6.68
CA TRP F 103 22.41 -57.90 7.08
C TRP F 103 23.10 -57.56 8.39
N SER F 104 23.16 -58.52 9.32
CA SER F 104 23.92 -58.36 10.55
C SER F 104 24.37 -59.72 11.02
N ASN F 105 25.68 -59.90 11.14
CA ASN F 105 26.26 -61.20 11.44
C ASN F 105 26.05 -61.62 12.89
N ARG F 106 25.83 -60.61 13.74
CA ARG F 106 25.73 -60.66 15.22
C ARG F 106 24.80 -61.75 15.76
N ASN F 107 24.89 -62.01 17.02
CA ASN F 107 24.10 -63.19 17.41
C ASN F 107 23.32 -62.88 18.62
N LEU F 108 22.30 -62.34 18.24
CA LEU F 108 21.16 -62.02 19.15
C LEU F 108 21.55 -61.46 20.53
N SER F 109 22.27 -62.16 21.41
CA SER F 109 22.49 -61.48 22.71
C SER F 109 23.36 -60.23 22.58
N GLU F 110 24.58 -60.28 22.06
CA GLU F 110 25.40 -59.08 22.01
C GLU F 110 24.79 -58.00 21.12
N ILE F 111 23.47 -58.04 20.91
CA ILE F 111 22.70 -56.93 20.37
C ILE F 111 21.87 -56.25 21.45
N TRP F 112 21.13 -57.03 22.22
CA TRP F 112 20.20 -56.47 23.18
C TRP F 112 20.85 -56.04 24.49
N ASP F 113 22.16 -56.19 24.64
CA ASP F 113 22.79 -55.88 25.92
C ASP F 113 24.01 -54.97 25.79
N ASN F 114 24.63 -54.90 24.62
CA ASN F 114 25.88 -54.17 24.47
C ASN F 114 25.82 -53.09 23.40
N MET F 115 24.61 -52.67 23.02
CA MET F 115 24.46 -51.61 22.04
C MET F 115 23.31 -50.69 22.46
N THR F 116 23.34 -49.48 21.93
CA THR F 116 22.23 -48.55 22.08
C THR F 116 21.51 -48.40 20.75
N TRP F 117 20.30 -47.83 20.81
CA TRP F 117 19.48 -47.65 19.62
C TRP F 117 20.09 -46.66 18.64
N LEU F 118 20.78 -45.65 19.13
CA LEU F 118 21.41 -44.68 18.27
C LEU F 118 22.62 -45.26 17.55
N GLN F 119 23.14 -46.41 17.98
CA GLN F 119 24.25 -47.06 17.33
C GLN F 119 23.83 -48.25 16.47
N TRP F 120 22.73 -48.93 16.82
CA TRP F 120 22.22 -49.98 15.95
C TRP F 120 21.68 -49.42 14.65
N ASP F 121 21.13 -48.20 14.68
CA ASP F 121 20.52 -47.66 13.49
C ASP F 121 21.55 -47.13 12.51
N LYS F 122 22.82 -47.11 12.88
CA LYS F 122 23.90 -46.74 11.97
C LYS F 122 24.48 -47.95 11.26
N GLU F 123 24.54 -49.09 11.94
CA GLU F 123 25.19 -50.27 11.37
C GLU F 123 24.30 -50.94 10.33
N ILE F 124 22.98 -50.97 10.55
CA ILE F 124 22.07 -51.60 9.61
C ILE F 124 21.71 -50.66 8.47
N SER F 125 22.29 -49.47 8.42
CA SER F 125 21.66 -48.36 7.73
C SER F 125 21.71 -48.39 6.21
N ASN F 126 22.37 -49.37 5.58
CA ASN F 126 22.18 -49.41 4.14
C ASN F 126 20.90 -50.13 3.79
N TYR F 127 20.94 -51.44 3.63
CA TYR F 127 20.08 -52.50 4.19
C TYR F 127 18.74 -52.07 4.77
N THR F 128 18.05 -51.07 4.23
CA THR F 128 16.78 -50.69 4.84
C THR F 128 15.74 -50.33 3.80
N GLN F 129 16.16 -50.06 2.57
CA GLN F 129 15.20 -50.03 1.49
C GLN F 129 14.97 -51.41 0.91
N ILE F 130 15.75 -52.39 1.34
CA ILE F 130 15.46 -53.78 1.02
C ILE F 130 14.48 -54.38 2.02
N ILE F 131 14.58 -53.99 3.29
CA ILE F 131 13.67 -54.51 4.31
C ILE F 131 12.27 -53.94 4.13
N TYR F 132 12.16 -52.63 3.93
CA TYR F 132 10.85 -51.99 3.76
C TYR F 132 10.13 -52.46 2.51
N GLY F 133 10.84 -53.00 1.53
CA GLY F 133 10.20 -53.60 0.38
C GLY F 133 9.83 -55.03 0.64
N LEU F 134 10.72 -55.76 1.32
CA LEU F 134 10.48 -57.17 1.58
C LEU F 134 9.46 -57.39 2.67
N LEU F 135 9.23 -56.38 3.52
CA LEU F 135 8.37 -56.59 4.68
C LEU F 135 6.90 -56.58 4.31
N GLU F 136 6.52 -55.84 3.28
CA GLU F 136 5.10 -55.79 2.91
C GLU F 136 4.75 -56.64 1.70
N GLU F 137 5.65 -56.75 0.73
CA GLU F 137 5.32 -57.48 -0.49
C GLU F 137 5.19 -58.96 -0.25
N SER F 138 6.08 -59.53 0.54
CA SER F 138 6.06 -60.96 0.79
C SER F 138 5.14 -61.33 1.93
N GLN F 139 4.44 -60.38 2.55
CA GLN F 139 3.57 -60.75 3.66
C GLN F 139 2.10 -60.37 3.47
N ASN F 140 1.78 -59.09 3.28
CA ASN F 140 0.37 -58.77 3.16
C ASN F 140 -0.15 -59.09 1.76
N GLN F 141 0.74 -59.16 0.78
CA GLN F 141 0.35 -59.77 -0.48
C GLN F 141 0.55 -61.28 -0.50
N GLN F 142 0.86 -61.87 0.65
CA GLN F 142 0.71 -63.31 0.79
C GLN F 142 -0.40 -63.71 1.74
N GLU F 143 -0.49 -63.07 2.92
CA GLU F 143 -1.48 -63.47 3.92
C GLU F 143 -2.90 -63.23 3.42
N LYS F 144 -3.13 -62.10 2.75
CA LYS F 144 -4.49 -61.81 2.31
C LYS F 144 -4.86 -62.64 1.09
N ASN F 145 -3.87 -63.11 0.34
CA ASN F 145 -4.16 -64.12 -0.67
C ASN F 145 -4.03 -65.54 -0.14
N GLU F 146 -3.77 -65.71 1.16
CA GLU F 146 -3.96 -67.03 1.76
C GLU F 146 -5.33 -67.17 2.40
N GLN F 147 -5.80 -66.13 3.09
CA GLN F 147 -7.08 -66.24 3.78
C GLN F 147 -8.25 -66.19 2.82
N ASP F 148 -8.12 -65.47 1.72
CA ASP F 148 -9.12 -65.53 0.66
C ASP F 148 -9.14 -66.87 -0.04
N LEU F 149 -8.06 -67.65 0.08
CA LEU F 149 -8.04 -69.03 -0.36
C LEU F 149 -8.10 -70.03 0.79
N LEU F 150 -8.32 -69.57 2.02
CA LEU F 150 -8.57 -70.46 3.15
C LEU F 150 -10.01 -70.35 3.64
N ALA F 151 -10.58 -69.15 3.61
CA ALA F 151 -11.96 -68.94 4.06
C ALA F 151 -12.99 -69.16 2.96
N LEU F 152 -12.67 -69.95 1.94
CA LEU F 152 -13.62 -70.36 0.90
C LEU F 152 -14.52 -71.49 1.39
N ASP F 153 -14.14 -72.09 2.51
CA ASP F 153 -14.76 -73.32 2.96
C ASP F 153 -15.54 -73.23 4.28
N ALA G 1 -16.69 -61.68 37.09
CA ALA G 1 -18.03 -61.41 36.58
C ALA G 1 -18.83 -60.56 37.56
N GLU G 2 -18.71 -60.88 38.85
CA GLU G 2 -19.39 -60.12 39.88
C GLU G 2 -18.75 -58.75 40.05
N ASN G 3 -17.42 -58.70 40.03
CA ASN G 3 -16.73 -57.44 39.90
C ASN G 3 -16.78 -56.93 38.47
N LEU G 4 -16.50 -55.65 38.29
CA LEU G 4 -16.73 -54.99 37.02
C LEU G 4 -15.41 -54.55 36.40
N TRP G 5 -15.40 -54.49 35.07
CA TRP G 5 -14.26 -54.00 34.32
C TRP G 5 -14.70 -52.81 33.46
N VAL G 6 -13.75 -51.99 33.03
CA VAL G 6 -14.10 -50.75 32.36
C VAL G 6 -14.35 -51.03 30.89
N THR G 7 -14.94 -50.06 30.19
CA THR G 7 -15.25 -50.21 28.78
C THR G 7 -15.19 -48.83 28.12
N VAL G 8 -14.42 -48.72 27.05
CA VAL G 8 -14.18 -47.45 26.38
C VAL G 8 -15.23 -47.28 25.30
N TYR G 9 -15.96 -46.17 25.35
CA TYR G 9 -16.95 -45.83 24.35
C TYR G 9 -16.47 -44.66 23.52
N TYR G 10 -16.91 -44.62 22.26
CA TYR G 10 -16.54 -43.55 21.35
C TYR G 10 -17.79 -43.03 20.67
N GLY G 11 -17.85 -41.73 20.48
CA GLY G 11 -19.02 -41.14 19.86
C GLY G 11 -20.23 -41.08 20.76
N VAL G 12 -20.05 -40.71 22.01
CA VAL G 12 -21.15 -40.69 22.97
C VAL G 12 -21.53 -39.23 23.18
N PRO G 13 -22.81 -38.87 23.16
CA PRO G 13 -23.16 -37.44 23.15
C PRO G 13 -23.00 -36.69 24.45
N VAL G 14 -21.94 -35.88 24.56
CA VAL G 14 -21.86 -34.83 25.58
C VAL G 14 -21.35 -33.58 24.89
N TRP G 15 -21.73 -32.43 25.43
CA TRP G 15 -21.20 -31.17 24.95
C TRP G 15 -20.95 -30.24 26.12
N LYS G 16 -19.83 -29.54 26.10
CA LYS G 16 -19.57 -28.49 27.08
C LYS G 16 -19.05 -27.27 26.35
N ASP G 17 -19.30 -26.11 26.95
CA ASP G 17 -19.25 -24.82 26.26
C ASP G 17 -17.82 -24.44 25.86
N ALA G 18 -17.71 -23.71 24.76
CA ALA G 18 -16.43 -23.23 24.23
C ALA G 18 -16.71 -22.06 23.29
N GLU G 19 -15.70 -21.71 22.49
CA GLU G 19 -15.86 -20.70 21.44
C GLU G 19 -14.85 -20.98 20.35
N THR G 20 -15.19 -20.62 19.11
CA THR G 20 -14.34 -20.87 17.96
C THR G 20 -14.30 -19.65 17.08
N THR G 21 -13.77 -19.84 15.87
CA THR G 21 -13.96 -18.96 14.74
C THR G 21 -14.93 -19.60 13.78
N LEU G 22 -15.58 -18.77 12.96
CA LEU G 22 -16.67 -19.20 12.10
C LEU G 22 -16.37 -18.77 10.67
N PHE G 23 -17.02 -19.41 9.71
CA PHE G 23 -16.90 -18.99 8.32
C PHE G 23 -18.27 -18.83 7.68
N CYS G 24 -18.34 -17.92 6.72
CA CYS G 24 -19.60 -17.59 6.07
C CYS G 24 -19.82 -18.50 4.87
N ALA G 25 -21.09 -18.77 4.58
CA ALA G 25 -21.45 -19.70 3.51
C ALA G 25 -22.85 -19.33 3.02
N SER G 26 -22.93 -18.66 1.87
CA SER G 26 -24.22 -18.15 1.41
C SER G 26 -24.18 -17.95 -0.09
N ASP G 27 -25.09 -18.61 -0.80
CA ASP G 27 -25.28 -18.43 -2.23
C ASP G 27 -26.63 -19.01 -2.59
N ALA G 28 -27.17 -18.53 -3.71
CA ALA G 28 -28.34 -19.13 -4.34
C ALA G 28 -28.11 -19.36 -5.82
N LYS G 29 -27.31 -18.52 -6.47
CA LYS G 29 -27.14 -18.57 -7.92
C LYS G 29 -25.85 -17.89 -8.35
N GLU G 34 -23.77 -9.87 -14.15
CA GLU G 34 -24.71 -10.55 -13.27
C GLU G 34 -24.07 -10.76 -11.91
N LYS G 35 -24.48 -9.93 -10.94
CA LYS G 35 -24.01 -9.94 -9.56
C LYS G 35 -22.49 -9.85 -9.49
N HIS G 36 -21.99 -8.71 -9.98
CA HIS G 36 -20.56 -8.56 -10.21
C HIS G 36 -19.77 -8.46 -8.90
N ASN G 37 -20.15 -7.54 -8.02
CA ASN G 37 -19.39 -7.23 -6.82
C ASN G 37 -20.32 -6.61 -5.80
N VAL G 38 -20.39 -7.23 -4.62
CA VAL G 38 -20.97 -6.59 -3.44
C VAL G 38 -19.78 -6.42 -2.51
N TRP G 39 -19.99 -5.88 -1.32
CA TRP G 39 -18.96 -6.04 -0.31
C TRP G 39 -18.83 -7.53 -0.01
N ALA G 40 -17.58 -8.02 -0.13
CA ALA G 40 -17.20 -9.31 -0.71
C ALA G 40 -18.04 -10.53 -0.35
N THR G 41 -18.65 -11.12 -1.37
CA THR G 41 -19.24 -12.46 -1.30
C THR G 41 -19.13 -13.02 -2.72
N HIS G 42 -18.02 -13.70 -3.00
CA HIS G 42 -17.75 -14.16 -4.36
C HIS G 42 -18.11 -15.63 -4.56
N ALA G 43 -17.44 -16.52 -3.84
CA ALA G 43 -17.93 -17.89 -3.73
C ALA G 43 -18.25 -18.24 -2.28
N CYS G 44 -17.25 -18.17 -1.40
CA CYS G 44 -17.40 -18.31 0.06
C CYS G 44 -18.14 -19.58 0.46
N VAL G 45 -17.70 -20.71 -0.10
CA VAL G 45 -18.25 -22.07 0.05
C VAL G 45 -19.78 -22.11 -0.06
N PRO G 46 -20.32 -22.10 -1.29
CA PRO G 46 -21.77 -22.02 -1.48
C PRO G 46 -22.55 -23.15 -0.81
N THR G 47 -23.73 -22.81 -0.31
CA THR G 47 -24.47 -23.67 0.60
C THR G 47 -25.08 -24.86 -0.12
N ASP G 48 -25.73 -25.71 0.66
CA ASP G 48 -26.47 -26.94 0.52
C ASP G 48 -27.96 -26.64 0.45
N PRO G 49 -28.72 -27.39 -0.35
CA PRO G 49 -30.17 -27.10 -0.48
C PRO G 49 -30.98 -27.31 0.79
N ASN G 50 -30.88 -28.48 1.43
CA ASN G 50 -31.70 -28.75 2.60
C ASN G 50 -30.91 -28.62 3.89
N PRO G 51 -31.24 -27.68 4.76
CA PRO G 51 -30.60 -27.63 6.08
C PRO G 51 -31.19 -28.67 7.00
N GLN G 52 -30.33 -29.22 7.86
CA GLN G 52 -30.73 -30.25 8.80
C GLN G 52 -31.03 -29.61 10.15
N GLU G 53 -32.27 -29.75 10.61
CA GLU G 53 -32.71 -29.21 11.88
C GLU G 53 -33.22 -30.38 12.72
N ILE G 54 -32.39 -30.84 13.64
CA ILE G 54 -32.68 -32.02 14.44
C ILE G 54 -33.23 -31.57 15.78
N HIS G 55 -34.33 -32.17 16.20
CA HIS G 55 -35.03 -31.75 17.42
C HIS G 55 -34.66 -32.65 18.57
N LEU G 56 -34.31 -32.04 19.71
CA LEU G 56 -33.92 -32.79 20.89
C LEU G 56 -35.13 -33.01 21.79
N GLU G 57 -34.92 -33.80 22.85
CA GLU G 57 -36.00 -34.25 23.70
C GLU G 57 -35.46 -34.25 25.12
N ASN G 58 -36.29 -33.83 26.08
CA ASN G 58 -36.00 -33.89 27.52
C ASN G 58 -34.73 -33.12 27.91
N VAL G 59 -34.36 -32.11 27.14
CA VAL G 59 -33.08 -31.43 27.30
C VAL G 59 -33.35 -29.94 27.51
N THR G 60 -32.85 -29.40 28.62
CA THR G 60 -32.92 -27.99 28.90
C THR G 60 -31.51 -27.44 29.09
N GLU G 61 -31.26 -26.25 28.54
CA GLU G 61 -29.97 -25.60 28.68
C GLU G 61 -30.20 -24.16 29.07
N GLU G 62 -29.39 -23.65 30.00
CA GLU G 62 -29.46 -22.24 30.35
C GLU G 62 -28.89 -21.43 29.19
N PHE G 63 -29.67 -20.47 28.70
CA PHE G 63 -29.22 -19.61 27.61
C PHE G 63 -28.98 -18.20 28.13
N ASN G 64 -28.18 -17.47 27.40
CA ASN G 64 -27.88 -16.09 27.78
C ASN G 64 -27.45 -15.36 26.52
N MET G 65 -28.14 -14.29 26.19
CA MET G 65 -27.58 -13.27 25.31
C MET G 65 -26.78 -12.31 26.20
N TRP G 66 -26.34 -11.19 25.63
CA TRP G 66 -25.51 -10.15 26.27
C TRP G 66 -24.12 -10.64 26.70
N LYS G 67 -23.81 -11.92 26.51
CA LYS G 67 -22.52 -12.52 26.84
C LYS G 67 -22.09 -13.51 25.76
N ASN G 68 -22.66 -13.41 24.57
CA ASN G 68 -22.39 -14.31 23.46
C ASN G 68 -21.03 -14.00 22.86
N ASN G 69 -20.53 -14.91 22.04
CA ASN G 69 -19.35 -14.63 21.24
C ASN G 69 -19.69 -14.38 19.79
N MET G 70 -20.88 -14.77 19.33
CA MET G 70 -21.20 -14.61 17.93
C MET G 70 -21.50 -13.17 17.57
N VAL G 71 -21.72 -12.31 18.58
CA VAL G 71 -21.89 -10.89 18.31
C VAL G 71 -20.54 -10.24 18.08
N GLU G 72 -19.57 -10.48 18.98
CA GLU G 72 -18.29 -9.80 18.91
C GLU G 72 -17.41 -10.21 17.74
N GLN G 73 -17.77 -11.22 16.95
CA GLN G 73 -17.04 -11.39 15.70
C GLN G 73 -17.94 -11.26 14.48
N MET G 74 -19.24 -11.11 14.67
CA MET G 74 -20.03 -10.51 13.59
C MET G 74 -19.56 -9.10 13.32
N HIS G 75 -19.42 -8.31 14.38
CA HIS G 75 -19.06 -6.90 14.23
C HIS G 75 -17.61 -6.72 13.82
N GLU G 76 -16.73 -7.68 14.09
CA GLU G 76 -15.39 -7.57 13.55
C GLU G 76 -15.33 -7.98 12.09
N ASP G 77 -16.25 -8.82 11.65
CA ASP G 77 -16.24 -9.22 10.25
C ASP G 77 -17.07 -8.31 9.35
N ILE G 78 -17.43 -7.12 9.82
CA ILE G 78 -17.99 -6.13 8.92
C ILE G 78 -17.03 -4.97 8.71
N ILE G 79 -16.46 -4.43 9.78
CA ILE G 79 -15.60 -3.27 9.63
C ILE G 79 -14.23 -3.67 9.10
N SER G 80 -13.86 -4.95 9.28
CA SER G 80 -12.61 -5.39 8.66
C SER G 80 -12.82 -5.81 7.23
N LEU G 81 -14.06 -5.94 6.78
CA LEU G 81 -14.35 -6.26 5.40
C LEU G 81 -14.71 -5.03 4.61
N TRP G 82 -15.21 -4.00 5.32
CA TRP G 82 -15.54 -2.72 4.70
C TRP G 82 -14.30 -1.99 4.23
N ASP G 83 -13.25 -1.98 5.07
CA ASP G 83 -12.01 -1.32 4.68
C ASP G 83 -11.28 -2.08 3.59
N GLN G 84 -11.50 -3.39 3.50
CA GLN G 84 -10.80 -4.19 2.49
C GLN G 84 -11.37 -3.90 1.12
N SER G 85 -12.68 -3.75 1.01
CA SER G 85 -13.34 -3.46 -0.25
C SER G 85 -13.36 -1.99 -0.61
N LEU G 86 -12.48 -1.20 0.00
CA LEU G 86 -12.36 0.22 -0.28
C LEU G 86 -10.90 0.65 -0.37
N LYS G 87 -9.96 -0.22 -0.02
CA LYS G 87 -8.53 0.08 -0.16
C LYS G 87 -8.06 0.33 -1.59
N PRO G 88 -8.37 -0.51 -2.60
CA PRO G 88 -7.84 -0.22 -3.94
C PRO G 88 -8.60 0.84 -4.71
N CYS G 89 -9.55 1.53 -4.12
CA CYS G 89 -10.35 2.49 -4.86
C CYS G 89 -9.59 3.80 -5.06
N VAL G 90 -10.26 4.74 -5.72
CA VAL G 90 -9.69 6.07 -5.94
C VAL G 90 -9.64 6.82 -4.63
N LYS G 91 -8.47 7.35 -4.30
CA LYS G 91 -8.34 8.27 -3.18
C LYS G 91 -8.24 9.68 -3.70
N LEU G 92 -8.59 10.64 -2.86
CA LEU G 92 -8.60 12.05 -3.26
C LEU G 92 -8.15 12.92 -2.10
N THR G 93 -6.87 13.21 -2.08
CA THR G 93 -6.35 14.34 -1.31
C THR G 93 -6.60 15.72 -1.93
N PRO G 94 -6.58 15.95 -3.29
CA PRO G 94 -6.70 17.35 -3.74
C PRO G 94 -8.11 17.92 -3.72
N LEU G 95 -9.06 17.30 -3.03
CA LEU G 95 -10.36 17.94 -2.90
C LEU G 95 -10.36 19.02 -1.81
N CYS G 96 -9.57 18.85 -0.75
CA CYS G 96 -9.58 19.80 0.36
C CYS G 96 -8.93 21.13 -0.02
N VAL G 97 -9.58 21.89 -0.88
CA VAL G 97 -9.12 23.19 -1.33
C VAL G 97 -10.14 24.21 -0.85
N THR G 98 -9.69 25.40 -0.48
CA THR G 98 -10.60 26.46 -0.07
C THR G 98 -11.46 26.90 -1.26
N LEU G 99 -12.77 26.89 -1.08
CA LEU G 99 -13.72 27.03 -2.18
C LEU G 99 -14.84 28.00 -1.84
N GLN G 100 -15.28 28.74 -2.87
CA GLN G 100 -16.25 29.82 -2.74
C GLN G 100 -17.63 29.35 -3.16
N CYS G 101 -18.66 29.76 -2.42
CA CYS G 101 -20.02 29.26 -2.64
C CYS G 101 -21.03 30.39 -2.48
N THR G 102 -22.21 30.19 -3.07
CA THR G 102 -23.34 31.09 -2.92
C THR G 102 -24.62 30.28 -2.73
N ASN G 103 -25.67 30.95 -2.26
CA ASN G 103 -26.96 30.33 -2.10
C ASN G 103 -27.70 30.25 -3.44
N TYR G 104 -28.90 29.71 -3.41
CA TYR G 104 -29.75 29.61 -4.60
C TYR G 104 -30.74 30.76 -4.71
N ALA G 105 -31.80 30.51 -5.49
CA ALA G 105 -32.87 31.34 -6.01
C ALA G 105 -33.66 32.06 -4.92
N PRO G 106 -34.63 32.96 -5.27
CA PRO G 106 -35.60 33.40 -4.26
C PRO G 106 -36.31 32.23 -3.60
N ASN G 107 -36.85 31.29 -4.37
CA ASN G 107 -37.41 30.05 -3.74
C ASN G 107 -38.26 30.42 -2.53
N LEU G 108 -39.34 31.14 -2.73
CA LEU G 108 -40.19 31.68 -1.65
C LEU G 108 -40.70 30.55 -0.73
N LEU G 109 -41.05 29.37 -1.24
CA LEU G 109 -41.53 28.27 -0.37
C LEU G 109 -40.40 27.86 0.58
N SER G 110 -40.67 27.43 1.79
CA SER G 110 -39.56 27.14 2.73
C SER G 110 -39.00 25.72 2.56
N ASN G 111 -39.42 24.97 1.58
CA ASN G 111 -38.87 23.61 1.46
C ASN G 111 -37.34 23.69 1.24
N MET G 112 -36.80 24.52 0.38
CA MET G 112 -35.33 24.45 0.19
C MET G 112 -34.67 25.82 0.35
N ARG G 113 -35.08 26.63 1.31
CA ARG G 113 -34.44 27.98 1.33
C ARG G 113 -33.07 27.86 1.98
N GLY G 114 -32.02 27.88 1.17
CA GLY G 114 -30.67 27.84 1.69
C GLY G 114 -30.24 26.43 2.02
N GLU G 115 -30.17 25.59 1.00
CA GLU G 115 -29.90 24.18 1.19
C GLU G 115 -28.87 23.61 0.23
N LEU G 116 -28.68 24.18 -0.96
CA LEU G 116 -27.96 23.41 -1.95
C LEU G 116 -26.56 23.90 -2.34
N LYS G 117 -26.23 25.19 -2.16
CA LYS G 117 -24.86 25.68 -2.01
C LYS G 117 -23.94 25.35 -3.19
N GLN G 118 -24.21 26.00 -4.32
CA GLN G 118 -23.35 25.86 -5.50
C GLN G 118 -21.97 26.45 -5.23
N CYS G 119 -20.93 25.70 -5.59
CA CYS G 119 -19.56 26.07 -5.25
C CYS G 119 -18.66 25.98 -6.49
N SER G 120 -17.45 26.52 -6.36
CA SER G 120 -16.48 26.55 -7.45
C SER G 120 -15.07 26.56 -6.88
N PHE G 121 -14.15 25.83 -7.51
CA PHE G 121 -12.82 25.68 -6.96
C PHE G 121 -11.84 25.24 -8.05
N ASN G 122 -10.57 25.18 -7.68
CA ASN G 122 -9.50 24.71 -8.55
C ASN G 122 -9.22 23.24 -8.26
N MET G 123 -8.75 22.52 -9.28
CA MET G 123 -8.52 21.08 -9.17
C MET G 123 -7.52 20.67 -10.24
N THR G 124 -6.50 19.92 -9.81
CA THR G 124 -5.37 19.51 -10.70
C THR G 124 -5.85 18.59 -11.83
N THR G 125 -5.33 18.83 -13.03
CA THR G 125 -5.63 18.01 -14.20
C THR G 125 -4.58 16.91 -14.34
N GLU G 126 -4.55 16.28 -15.52
CA GLU G 126 -3.61 15.21 -15.81
C GLU G 126 -2.17 15.69 -15.73
N LEU G 127 -1.84 16.69 -16.55
CA LEU G 127 -0.52 17.28 -16.52
C LEU G 127 -0.31 18.04 -15.23
N ARG G 128 0.93 18.02 -14.74
CA ARG G 128 1.20 18.42 -13.37
C ARG G 128 1.12 19.93 -13.18
N ASP G 129 1.47 20.71 -14.19
CA ASP G 129 1.59 22.15 -14.02
C ASP G 129 0.52 22.93 -14.78
N LYS G 130 -0.69 22.36 -14.89
CA LYS G 130 -1.83 23.13 -15.36
C LYS G 130 -3.00 22.90 -14.41
N LYS G 131 -3.95 23.81 -14.45
CA LYS G 131 -5.05 23.80 -13.50
C LYS G 131 -6.38 23.81 -14.26
N GLN G 132 -7.39 23.22 -13.62
CA GLN G 132 -8.70 23.05 -14.22
C GLN G 132 -9.73 23.67 -13.31
N LYS G 133 -10.68 24.42 -13.87
CA LYS G 133 -11.69 25.09 -13.08
C LYS G 133 -13.01 24.35 -13.24
N VAL G 134 -13.70 24.11 -12.13
CA VAL G 134 -14.84 23.21 -12.13
C VAL G 134 -15.98 23.87 -11.37
N TYR G 135 -17.22 23.48 -11.68
CA TYR G 135 -18.39 23.93 -10.94
C TYR G 135 -19.18 22.72 -10.47
N SER G 136 -19.60 22.74 -9.21
CA SER G 136 -20.40 21.67 -8.64
C SER G 136 -21.28 22.26 -7.55
N LEU G 137 -21.84 21.39 -6.71
CA LEU G 137 -22.66 21.82 -5.59
C LEU G 137 -22.68 20.72 -4.53
N PHE G 138 -22.98 21.12 -3.30
CA PHE G 138 -22.93 20.22 -2.15
C PHE G 138 -24.02 20.58 -1.17
N TYR G 139 -24.65 19.57 -0.59
CA TYR G 139 -25.68 19.74 0.42
C TYR G 139 -25.11 20.45 1.65
N ARG G 140 -26.00 21.05 2.44
CA ARG G 140 -25.61 21.99 3.50
C ARG G 140 -24.82 21.31 4.61
N LEU G 141 -24.93 20.00 4.79
CA LEU G 141 -24.18 19.29 5.81
C LEU G 141 -22.83 18.80 5.33
N ASP G 142 -22.25 19.43 4.31
CA ASP G 142 -20.91 19.07 3.88
C ASP G 142 -19.94 20.22 3.88
N VAL G 143 -20.41 21.45 3.98
CA VAL G 143 -19.52 22.61 3.96
C VAL G 143 -19.66 23.36 5.28
N VAL G 144 -18.53 23.90 5.73
CA VAL G 144 -18.45 24.70 6.94
C VAL G 144 -17.57 25.90 6.63
N GLN G 145 -18.08 27.10 6.90
CA GLN G 145 -17.35 28.31 6.57
C GLN G 145 -16.19 28.53 7.51
N ILE G 146 -15.27 29.39 7.08
CA ILE G 146 -14.14 29.81 7.91
C ILE G 146 -14.47 31.18 8.47
N ASN G 147 -14.65 31.26 9.78
CA ASN G 147 -15.01 32.52 10.44
C ASN G 147 -13.84 33.49 10.46
N SER G 157 -19.55 40.04 3.69
CA SER G 157 -20.37 39.57 2.59
C SER G 157 -20.19 38.07 2.36
N ASN G 158 -19.79 37.71 1.13
CA ASN G 158 -19.53 36.32 0.80
C ASN G 158 -18.31 35.80 1.54
N LYS G 159 -18.32 34.52 1.86
CA LYS G 159 -17.23 33.90 2.59
C LYS G 159 -16.78 32.64 1.86
N GLU G 160 -15.77 32.00 2.42
CA GLU G 160 -15.20 30.79 1.85
C GLU G 160 -15.74 29.58 2.60
N TYR G 161 -15.47 28.40 2.05
CA TYR G 161 -15.98 27.17 2.63
C TYR G 161 -14.97 26.07 2.40
N ARG G 162 -15.03 25.03 3.24
CA ARG G 162 -14.18 23.86 3.11
C ARG G 162 -15.00 22.63 3.46
N LEU G 163 -14.55 21.47 2.99
CA LEU G 163 -15.26 20.21 3.22
C LEU G 163 -15.23 19.84 4.70
N ILE G 164 -16.29 19.17 5.16
CA ILE G 164 -16.55 19.06 6.59
C ILE G 164 -15.54 18.16 7.31
N ASN G 165 -14.77 17.36 6.60
CA ASN G 165 -13.87 16.42 7.23
C ASN G 165 -12.40 16.67 6.94
N CYS G 166 -12.03 17.85 6.46
CA CYS G 166 -10.62 18.10 6.13
C CYS G 166 -9.81 18.58 7.31
N ASN G 167 -10.24 18.32 8.54
CA ASN G 167 -9.36 18.47 9.69
C ASN G 167 -9.28 17.20 10.52
N THR G 168 -9.99 16.16 10.12
CA THR G 168 -10.08 14.96 10.94
C THR G 168 -9.64 13.71 10.21
N SER G 169 -10.04 13.52 8.95
CA SER G 169 -9.80 12.26 8.27
C SER G 169 -9.59 12.50 6.78
N ALA G 170 -8.84 11.59 6.16
CA ALA G 170 -8.54 11.67 4.74
C ALA G 170 -9.71 11.12 3.94
N ILE G 171 -10.13 11.85 2.92
CA ILE G 171 -11.28 11.48 2.12
C ILE G 171 -10.86 10.41 1.12
N THR G 172 -11.75 9.46 0.86
CA THR G 172 -11.58 8.52 -0.24
C THR G 172 -12.92 8.23 -0.87
N GLN G 173 -12.89 7.81 -2.12
CA GLN G 173 -14.07 7.62 -2.94
C GLN G 173 -14.38 6.14 -3.06
N ALA G 174 -15.67 5.80 -3.05
CA ALA G 174 -16.06 4.43 -3.36
C ALA G 174 -15.82 4.14 -4.84
N CYS G 175 -15.48 2.89 -5.13
CA CYS G 175 -15.39 2.47 -6.52
C CYS G 175 -16.80 2.44 -7.13
N PRO G 176 -16.96 2.94 -8.35
CA PRO G 176 -18.31 3.09 -8.92
C PRO G 176 -18.90 1.81 -9.49
N LYS G 177 -18.29 0.65 -9.26
CA LYS G 177 -18.83 -0.62 -9.72
C LYS G 177 -19.59 -1.37 -8.62
N VAL G 178 -19.07 -1.34 -7.40
CA VAL G 178 -19.65 -2.15 -6.32
C VAL G 178 -20.99 -1.58 -5.89
N SER G 179 -21.80 -2.43 -5.27
CA SER G 179 -23.13 -2.06 -4.81
C SER G 179 -23.30 -2.50 -3.36
N PHE G 180 -23.93 -1.66 -2.55
CA PHE G 180 -24.05 -1.89 -1.12
C PHE G 180 -25.38 -2.53 -0.73
N GLU G 181 -26.06 -3.17 -1.66
CA GLU G 181 -27.33 -3.80 -1.33
C GLU G 181 -27.07 -5.09 -0.57
N PRO G 182 -27.71 -5.32 0.58
CA PRO G 182 -27.36 -6.47 1.39
C PRO G 182 -27.94 -7.76 0.84
N ILE G 183 -27.15 -8.83 0.97
CA ILE G 183 -27.55 -10.17 0.57
C ILE G 183 -27.50 -11.04 1.81
N PRO G 184 -28.22 -12.17 1.83
CA PRO G 184 -28.18 -13.04 3.02
C PRO G 184 -26.81 -13.67 3.25
N ILE G 185 -26.51 -13.90 4.52
CA ILE G 185 -25.27 -14.56 4.96
C ILE G 185 -25.64 -15.58 6.02
N HIS G 186 -25.21 -16.82 5.82
CA HIS G 186 -25.29 -17.83 6.86
C HIS G 186 -23.93 -17.97 7.51
N TYR G 187 -23.94 -18.16 8.83
CA TYR G 187 -22.74 -18.57 9.55
C TYR G 187 -22.77 -20.06 9.78
N CYS G 188 -21.64 -20.72 9.58
CA CYS G 188 -21.53 -22.14 9.80
C CYS G 188 -20.33 -22.42 10.69
N ALA G 189 -20.49 -23.33 11.63
CA ALA G 189 -19.48 -23.78 12.56
C ALA G 189 -18.65 -24.90 11.93
N PRO G 190 -17.35 -25.02 12.25
CA PRO G 190 -16.53 -26.04 11.59
C PRO G 190 -16.86 -27.45 12.01
N ALA G 191 -16.24 -28.43 11.38
CA ALA G 191 -16.54 -29.82 11.65
C ALA G 191 -16.03 -30.23 13.02
N GLY G 192 -16.91 -30.80 13.84
CA GLY G 192 -16.59 -31.09 15.22
C GLY G 192 -17.17 -30.13 16.22
N PHE G 193 -18.16 -29.34 15.82
CA PHE G 193 -18.86 -28.41 16.69
C PHE G 193 -20.33 -28.39 16.30
N ALA G 194 -21.13 -27.67 17.06
CA ALA G 194 -22.55 -27.59 16.76
C ALA G 194 -23.07 -26.28 17.32
N ILE G 195 -24.22 -25.86 16.79
CA ILE G 195 -24.84 -24.59 17.17
C ILE G 195 -26.25 -24.91 17.64
N LEU G 196 -26.56 -24.60 18.89
CA LEU G 196 -27.89 -24.86 19.41
C LEU G 196 -28.84 -23.73 19.03
N LYS G 197 -30.12 -23.92 19.33
CA LYS G 197 -31.16 -23.02 18.83
C LYS G 197 -32.40 -23.15 19.68
N CYS G 198 -32.81 -22.08 20.35
CA CYS G 198 -34.02 -22.10 21.16
C CYS G 198 -35.24 -22.05 20.25
N LYS G 199 -36.27 -22.80 20.63
CA LYS G 199 -37.41 -22.98 19.74
C LYS G 199 -38.72 -22.86 20.53
N ASP G 200 -38.86 -21.79 21.30
CA ASP G 200 -40.18 -21.42 21.80
C ASP G 200 -40.64 -20.15 21.08
N LYS G 201 -41.77 -19.60 21.53
CA LYS G 201 -42.35 -18.45 20.85
C LYS G 201 -42.08 -17.14 21.57
N LYS G 202 -42.37 -17.07 22.86
CA LYS G 202 -42.12 -15.88 23.66
C LYS G 202 -40.87 -16.13 24.47
N PHE G 203 -39.78 -15.45 24.10
CA PHE G 203 -38.47 -15.68 24.68
C PHE G 203 -37.89 -14.34 25.11
N ASN G 204 -37.81 -14.11 26.42
CA ASN G 204 -37.41 -12.82 26.95
C ASN G 204 -35.92 -12.65 27.08
N GLY G 205 -35.13 -13.35 26.26
CA GLY G 205 -33.70 -13.17 26.22
C GLY G 205 -32.90 -14.14 27.06
N THR G 206 -33.12 -14.16 28.37
CA THR G 206 -32.36 -15.00 29.28
C THR G 206 -33.29 -16.01 29.93
N GLY G 207 -32.75 -17.16 30.28
CA GLY G 207 -33.50 -18.15 31.01
C GLY G 207 -33.33 -19.54 30.45
N PRO G 208 -34.06 -20.50 31.01
CA PRO G 208 -34.02 -21.86 30.46
C PRO G 208 -34.98 -22.03 29.29
N CYS G 209 -34.48 -22.62 28.21
CA CYS G 209 -35.28 -22.86 27.01
C CYS G 209 -35.61 -24.35 26.95
N PRO G 210 -36.83 -24.76 27.27
CA PRO G 210 -37.10 -26.19 27.50
C PRO G 210 -37.29 -27.04 26.25
N SER G 211 -36.95 -26.56 25.06
CA SER G 211 -37.00 -27.40 23.86
C SER G 211 -36.00 -26.80 22.86
N VAL G 212 -34.83 -27.43 22.75
CA VAL G 212 -33.75 -26.92 21.92
C VAL G 212 -33.69 -27.73 20.64
N SER G 213 -32.88 -27.26 19.69
CA SER G 213 -32.70 -27.93 18.42
C SER G 213 -31.31 -27.64 17.89
N THR G 214 -30.68 -28.64 17.29
CA THR G 214 -29.32 -28.54 16.80
C THR G 214 -29.30 -28.40 15.29
N VAL G 215 -28.71 -27.30 14.82
CA VAL G 215 -28.42 -27.11 13.41
C VAL G 215 -26.92 -26.92 13.27
N GLN G 216 -26.47 -26.70 12.05
CA GLN G 216 -25.07 -26.35 11.83
C GLN G 216 -24.89 -24.99 11.18
N CYS G 217 -25.88 -24.52 10.42
CA CYS G 217 -25.79 -23.22 9.78
C CYS G 217 -27.06 -22.44 10.09
N THR G 218 -26.89 -21.20 10.53
CA THR G 218 -28.03 -20.37 10.90
C THR G 218 -28.83 -19.94 9.69
N HIS G 219 -29.99 -19.35 9.94
CA HIS G 219 -30.86 -18.90 8.86
C HIS G 219 -30.31 -17.63 8.23
N GLY G 220 -31.02 -17.11 7.24
CA GLY G 220 -30.52 -16.01 6.44
C GLY G 220 -30.49 -14.71 7.21
N ILE G 221 -29.29 -14.15 7.41
CA ILE G 221 -29.11 -12.88 8.12
C ILE G 221 -28.88 -11.81 7.07
N LYS G 222 -29.69 -10.75 7.12
CA LYS G 222 -29.49 -9.61 6.25
C LYS G 222 -28.76 -8.52 7.02
N PRO G 223 -27.50 -8.26 6.74
CA PRO G 223 -26.73 -7.28 7.52
C PRO G 223 -26.94 -5.85 7.03
N VAL G 224 -28.13 -5.32 7.31
CA VAL G 224 -28.40 -3.92 7.00
C VAL G 224 -27.76 -3.04 8.06
N VAL G 225 -27.71 -1.74 7.77
CA VAL G 225 -27.22 -0.74 8.71
C VAL G 225 -28.33 0.28 8.92
N SER G 226 -28.76 0.45 10.17
CA SER G 226 -29.83 1.38 10.47
C SER G 226 -29.73 1.85 11.90
N THR G 227 -30.43 2.94 12.19
CA THR G 227 -30.53 3.52 13.53
C THR G 227 -31.98 3.87 13.80
N GLN G 228 -32.42 3.62 15.04
CA GLN G 228 -33.71 3.95 15.65
C GLN G 228 -34.88 3.13 15.11
N LEU G 229 -34.68 2.39 14.02
CA LEU G 229 -35.74 1.61 13.39
C LEU G 229 -35.05 0.50 12.61
N LEU G 230 -35.22 -0.73 13.06
CA LEU G 230 -34.65 -1.87 12.36
C LEU G 230 -35.40 -2.11 11.06
N LEU G 231 -34.67 -2.29 9.97
CA LEU G 231 -35.26 -2.45 8.66
C LEU G 231 -35.01 -3.85 8.11
N ASN G 232 -36.00 -4.37 7.39
CA ASN G 232 -35.97 -5.66 6.69
C ASN G 232 -35.61 -6.83 7.59
N GLY G 233 -35.89 -6.75 8.88
CA GLY G 233 -35.49 -7.79 9.80
C GLY G 233 -36.40 -9.01 9.72
N SER G 234 -36.19 -9.90 10.68
CA SER G 234 -36.99 -11.09 10.81
C SER G 234 -38.09 -10.86 11.84
N LEU G 235 -39.23 -11.50 11.63
CA LEU G 235 -40.41 -11.24 12.43
C LEU G 235 -40.32 -11.90 13.79
N ALA G 236 -41.43 -11.85 14.51
CA ALA G 236 -41.63 -12.56 15.76
C ALA G 236 -42.95 -13.31 15.69
N GLU G 237 -43.40 -13.82 16.82
CA GLU G 237 -44.64 -14.56 16.93
C GLU G 237 -45.59 -13.82 17.86
N GLU G 238 -46.65 -14.53 18.28
CA GLU G 238 -47.97 -14.03 18.65
C GLU G 238 -48.08 -12.66 19.28
N GLU G 239 -47.23 -12.34 20.26
CA GLU G 239 -47.21 -11.00 20.81
C GLU G 239 -45.78 -10.46 20.83
N VAL G 240 -45.66 -9.14 20.91
CA VAL G 240 -44.36 -8.51 20.84
C VAL G 240 -43.58 -8.75 22.12
N ILE G 241 -42.26 -8.58 22.04
CA ILE G 241 -41.34 -8.99 23.09
C ILE G 241 -40.50 -7.78 23.48
N ILE G 242 -40.30 -7.59 24.77
CA ILE G 242 -39.42 -6.55 25.29
C ILE G 242 -38.17 -7.22 25.84
N ARG G 243 -37.01 -6.80 25.37
CA ARG G 243 -35.75 -7.42 25.73
C ARG G 243 -34.75 -6.36 26.15
N SER G 244 -33.99 -6.62 27.21
CA SER G 244 -32.91 -5.75 27.63
C SER G 244 -31.99 -6.48 28.58
N GLU G 245 -31.06 -5.72 29.15
CA GLU G 245 -30.30 -6.09 30.34
C GLU G 245 -30.65 -5.08 31.42
N ASN G 246 -30.89 -5.59 32.64
CA ASN G 246 -31.20 -4.91 33.90
C ASN G 246 -32.02 -3.61 33.75
N ILE G 247 -33.24 -3.71 33.23
CA ILE G 247 -34.14 -2.56 33.28
C ILE G 247 -34.38 -2.15 34.73
N THR G 248 -34.75 -0.87 34.90
CA THR G 248 -34.31 0.03 35.98
C THR G 248 -32.79 0.24 35.91
N ASN G 249 -32.33 0.64 34.73
CA ASN G 249 -31.02 1.26 34.54
C ASN G 249 -31.14 2.13 33.30
N ASN G 250 -30.98 3.43 33.47
CA ASN G 250 -31.33 4.39 32.43
C ASN G 250 -30.32 4.46 31.30
N ALA G 251 -29.19 3.77 31.39
CA ALA G 251 -28.17 3.84 30.37
C ALA G 251 -28.17 2.65 29.42
N LYS G 252 -29.09 1.70 29.60
CA LYS G 252 -29.15 0.53 28.75
C LYS G 252 -30.40 0.56 27.89
N ASN G 253 -30.29 0.08 26.66
CA ASN G 253 -31.34 0.24 25.67
C ASN G 253 -32.45 -0.77 25.90
N ILE G 254 -33.48 -0.69 25.06
CA ILE G 254 -34.59 -1.64 25.05
C ILE G 254 -34.82 -2.04 23.60
N LEU G 255 -34.71 -3.33 23.30
CA LEU G 255 -34.75 -3.83 21.93
C LEU G 255 -36.13 -4.42 21.65
N VAL G 256 -37.05 -3.58 21.24
CA VAL G 256 -38.42 -4.01 20.96
C VAL G 256 -38.44 -4.72 19.62
N GLN G 257 -39.11 -5.87 19.54
CA GLN G 257 -39.34 -6.57 18.29
C GLN G 257 -40.83 -6.66 18.02
N LEU G 258 -41.24 -6.38 16.79
CA LEU G 258 -42.65 -6.25 16.46
C LEU G 258 -43.24 -7.58 16.00
N ASN G 259 -44.57 -7.57 15.81
CA ASN G 259 -45.32 -8.74 15.38
C ASN G 259 -45.82 -8.60 13.95
N THR G 260 -46.58 -7.56 13.66
CA THR G 260 -46.95 -7.35 12.28
C THR G 260 -46.14 -6.21 11.67
N PRO G 261 -45.70 -6.31 10.43
CA PRO G 261 -44.83 -5.28 9.89
C PRO G 261 -45.59 -4.05 9.42
N VAL G 262 -44.85 -2.95 9.34
CA VAL G 262 -45.38 -1.66 8.93
C VAL G 262 -44.56 -1.19 7.74
N GLN G 263 -45.22 -0.94 6.61
CA GLN G 263 -44.49 -0.57 5.40
C GLN G 263 -43.94 0.84 5.50
N ILE G 264 -43.05 1.17 4.57
CA ILE G 264 -42.43 2.49 4.52
C ILE G 264 -42.05 2.77 3.07
N ASN G 265 -42.13 4.03 2.65
CA ASN G 265 -42.01 4.39 1.24
C ASN G 265 -41.10 5.59 1.02
N CYS G 266 -39.87 5.54 1.53
CA CYS G 266 -38.92 6.62 1.30
C CYS G 266 -38.54 6.74 -0.17
N THR G 267 -38.41 7.97 -0.63
CA THR G 267 -38.12 8.26 -2.04
C THR G 267 -37.48 9.63 -2.16
N ARG G 268 -37.16 10.03 -3.40
CA ARG G 268 -36.56 11.32 -3.72
C ARG G 268 -37.01 11.77 -5.10
N PRO G 269 -37.49 13.00 -5.26
CA PRO G 269 -38.19 13.35 -6.51
C PRO G 269 -37.36 14.05 -7.58
N ASN G 270 -36.11 14.43 -7.32
CA ASN G 270 -35.35 15.24 -8.27
C ASN G 270 -34.82 14.37 -9.42
N ASN G 271 -33.94 14.93 -10.25
CA ASN G 271 -33.46 14.17 -11.39
C ASN G 271 -31.95 13.99 -11.42
N ASN G 272 -31.17 15.02 -11.09
CA ASN G 272 -29.78 14.93 -10.65
C ASN G 272 -28.85 14.33 -11.72
N THR G 273 -28.61 15.13 -12.76
CA THR G 273 -27.58 14.77 -13.73
C THR G 273 -26.21 14.72 -13.09
N VAL G 274 -25.32 13.91 -13.67
CA VAL G 274 -23.99 13.67 -13.14
C VAL G 274 -22.98 13.94 -14.25
N LYS G 275 -21.80 14.39 -13.88
CA LYS G 275 -20.71 14.62 -14.82
C LYS G 275 -19.43 14.00 -14.30
N SER G 276 -18.40 13.98 -15.13
CA SER G 276 -17.15 13.35 -14.77
C SER G 276 -15.99 14.03 -15.45
N ILE G 277 -15.01 14.45 -14.66
CA ILE G 277 -13.75 14.98 -15.18
C ILE G 277 -12.67 14.01 -14.73
N ARG G 278 -11.45 14.45 -15.01
CA ARG G 278 -10.22 13.65 -14.81
C ARG G 278 -9.28 14.25 -13.77
N ILE G 279 -9.58 14.34 -12.48
CA ILE G 279 -8.63 14.90 -11.48
C ILE G 279 -7.24 14.42 -11.84
N GLY G 280 -7.03 13.25 -12.38
CA GLY G 280 -5.73 12.89 -13.02
C GLY G 280 -4.42 12.57 -12.28
N PRO G 281 -3.55 11.72 -12.91
CA PRO G 281 -3.39 11.15 -14.24
C PRO G 281 -3.85 9.70 -14.28
N GLY G 282 -5.12 9.47 -14.51
CA GLY G 282 -5.65 8.10 -14.58
C GLY G 282 -6.64 7.77 -13.48
N GLN G 283 -7.16 8.74 -12.78
CA GLN G 283 -8.14 8.55 -11.70
C GLN G 283 -9.35 9.43 -11.96
N ALA G 284 -10.55 8.96 -12.27
CA ALA G 284 -11.69 9.86 -12.59
C ALA G 284 -12.38 10.37 -11.32
N PHE G 285 -13.39 11.18 -11.40
CA PHE G 285 -14.03 11.86 -10.26
C PHE G 285 -15.43 12.26 -10.67
N TYR G 286 -16.43 11.54 -10.16
CA TYR G 286 -17.82 11.80 -10.51
C TYR G 286 -18.40 12.81 -9.53
N TYR G 287 -18.56 14.06 -9.96
CA TYR G 287 -19.17 15.06 -9.10
C TYR G 287 -20.63 15.25 -9.48
N PHE G 288 -21.29 16.10 -8.73
CA PHE G 288 -22.75 16.20 -8.77
C PHE G 288 -23.18 17.40 -9.61
N GLY G 289 -23.72 17.13 -10.79
CA GLY G 289 -24.16 18.18 -11.69
C GLY G 289 -25.44 18.86 -11.24
N ASP G 290 -26.13 19.48 -12.19
CA ASP G 290 -27.23 20.35 -11.83
C ASP G 290 -28.55 19.57 -11.79
N ILE G 291 -29.58 20.19 -11.21
CA ILE G 291 -30.87 19.58 -10.94
C ILE G 291 -31.87 20.07 -11.96
N ILE G 292 -32.46 19.15 -12.72
CA ILE G 292 -33.40 19.50 -13.77
C ILE G 292 -34.81 19.27 -13.26
N GLY G 293 -35.65 20.29 -13.35
CA GLY G 293 -37.04 20.17 -12.93
C GLY G 293 -37.40 21.23 -11.92
N ASP G 294 -37.80 20.80 -10.72
CA ASP G 294 -37.99 21.73 -9.60
C ASP G 294 -37.80 20.95 -8.31
N ILE G 295 -37.33 21.61 -7.30
CA ILE G 295 -36.83 20.92 -6.12
C ILE G 295 -37.91 20.80 -5.06
N ARG G 296 -37.90 19.67 -4.36
CA ARG G 296 -38.70 19.45 -3.18
C ARG G 296 -37.80 18.83 -2.13
N MET G 297 -38.37 18.39 -1.02
CA MET G 297 -37.59 17.61 -0.07
C MET G 297 -37.59 16.15 -0.50
N ALA G 298 -36.85 15.33 0.22
CA ALA G 298 -36.93 13.88 0.09
C ALA G 298 -37.66 13.38 1.33
N HIS G 299 -38.75 12.66 1.15
CA HIS G 299 -39.62 12.34 2.25
C HIS G 299 -39.99 10.87 2.29
N CYS G 300 -40.66 10.47 3.38
CA CYS G 300 -41.05 9.10 3.63
C CYS G 300 -42.49 9.07 4.14
N ASN G 301 -43.23 8.05 3.77
CA ASN G 301 -44.61 7.89 4.22
C ASN G 301 -44.76 6.63 5.05
N VAL G 302 -45.51 6.74 6.14
CA VAL G 302 -45.94 5.61 6.94
C VAL G 302 -47.44 5.78 7.19
N SER G 303 -48.22 4.73 6.87
CA SER G 303 -49.67 4.83 6.95
C SER G 303 -50.14 5.00 8.39
N LYS G 304 -51.00 6.00 8.61
CA LYS G 304 -51.33 6.44 9.96
C LYS G 304 -52.21 5.42 10.68
N ALA G 305 -53.06 4.72 9.93
CA ALA G 305 -53.95 3.75 10.56
C ALA G 305 -53.19 2.54 11.07
N THR G 306 -52.11 2.15 10.39
CA THR G 306 -51.34 1.01 10.85
C THR G 306 -50.42 1.39 12.00
N TRP G 307 -49.79 2.56 11.92
CA TRP G 307 -48.81 2.96 12.93
C TRP G 307 -49.48 3.26 14.26
N ASN G 308 -50.76 3.66 14.23
CA ASN G 308 -51.49 3.81 15.48
C ASN G 308 -51.72 2.46 16.15
N GLU G 309 -51.97 1.42 15.34
CA GLU G 309 -52.24 0.11 15.93
C GLU G 309 -50.98 -0.51 16.49
N THR G 310 -49.82 -0.21 15.88
CA THR G 310 -48.58 -0.84 16.33
C THR G 310 -48.10 -0.23 17.65
N LEU G 311 -48.24 1.08 17.82
CA LEU G 311 -47.94 1.66 19.12
C LEU G 311 -48.95 1.25 20.17
N GLY G 312 -50.19 0.96 19.76
CA GLY G 312 -51.17 0.45 20.69
C GLY G 312 -50.84 -0.95 21.17
N LYS G 313 -50.16 -1.72 20.34
CA LYS G 313 -49.79 -3.08 20.75
C LYS G 313 -48.55 -3.08 21.61
N VAL G 314 -47.62 -2.15 21.39
CA VAL G 314 -46.41 -2.09 22.20
C VAL G 314 -46.73 -1.60 23.60
N VAL G 315 -47.58 -0.59 23.72
CA VAL G 315 -47.81 0.02 25.01
C VAL G 315 -48.69 -0.86 25.91
N LYS G 316 -49.38 -1.85 25.35
CA LYS G 316 -50.00 -2.86 26.19
C LYS G 316 -48.95 -3.80 26.78
N GLN G 317 -47.83 -3.98 26.09
CA GLN G 317 -46.79 -4.89 26.54
C GLN G 317 -45.87 -4.26 27.58
N LEU G 318 -45.62 -2.95 27.52
CA LEU G 318 -44.75 -2.32 28.50
C LEU G 318 -45.40 -2.14 29.86
N ARG G 319 -46.69 -2.42 30.00
CA ARG G 319 -47.31 -2.33 31.31
C ARG G 319 -46.85 -3.43 32.25
N LYS G 320 -46.42 -4.58 31.71
CA LYS G 320 -45.93 -5.68 32.52
C LYS G 320 -44.59 -5.39 33.19
N HIS G 321 -43.87 -4.36 32.77
CA HIS G 321 -42.55 -4.09 33.31
C HIS G 321 -42.47 -2.77 34.06
N PHE G 322 -43.55 -2.01 34.13
CA PHE G 322 -43.48 -0.71 34.81
C PHE G 322 -44.72 -0.46 35.65
N GLY G 323 -45.43 -1.51 36.03
CA GLY G 323 -46.66 -1.28 36.77
C GLY G 323 -47.84 -1.03 35.86
N ASN G 324 -49.01 -1.43 36.32
CA ASN G 324 -50.20 -1.37 35.48
C ASN G 324 -50.75 0.06 35.43
N ASN G 325 -50.67 0.80 36.52
CA ASN G 325 -51.22 2.15 36.57
C ASN G 325 -50.12 3.17 36.33
N THR G 326 -49.86 3.46 35.05
CA THR G 326 -48.91 4.51 34.66
C THR G 326 -49.23 4.95 33.24
N ILE G 327 -49.00 6.23 32.96
CA ILE G 327 -49.57 6.83 31.76
C ILE G 327 -48.50 7.19 30.71
N ILE G 328 -48.21 6.25 29.82
CA ILE G 328 -46.95 6.23 29.06
C ILE G 328 -46.90 7.36 28.04
N ARG G 329 -45.78 8.09 28.02
CA ARG G 329 -45.57 9.23 27.14
C ARG G 329 -44.31 9.03 26.32
N PHE G 330 -44.41 9.26 25.01
CA PHE G 330 -43.28 9.28 24.10
C PHE G 330 -42.83 10.73 23.88
N ALA G 331 -41.69 10.89 23.22
CA ALA G 331 -41.11 12.22 23.00
C ALA G 331 -40.17 12.16 21.81
N GLN G 332 -39.40 13.22 21.62
CA GLN G 332 -38.43 13.31 20.53
C GLN G 332 -37.05 12.90 21.02
N SER G 333 -36.05 12.97 20.15
CA SER G 333 -34.69 12.72 20.56
C SER G 333 -34.07 13.97 21.17
N SER G 334 -33.07 13.76 22.02
CA SER G 334 -32.54 14.85 22.82
C SER G 334 -31.54 15.70 22.06
N GLY G 335 -30.41 15.11 21.68
CA GLY G 335 -29.35 15.88 21.04
C GLY G 335 -28.06 15.10 21.00
N GLY G 336 -27.11 15.63 20.25
CA GLY G 336 -25.85 14.98 19.99
C GLY G 336 -25.44 15.18 18.55
N ASP G 337 -24.73 14.19 17.97
CA ASP G 337 -24.44 14.24 16.55
C ASP G 337 -25.61 13.69 15.75
N LEU G 338 -25.45 13.71 14.42
CA LEU G 338 -26.59 13.49 13.55
C LEU G 338 -27.01 12.02 13.49
N GLU G 339 -26.09 11.08 13.61
CA GLU G 339 -26.46 9.68 13.41
C GLU G 339 -27.10 9.04 14.63
N VAL G 340 -27.35 9.80 15.70
CA VAL G 340 -27.99 9.27 16.89
C VAL G 340 -29.38 9.86 17.07
N THR G 341 -29.52 11.16 16.83
CA THR G 341 -30.80 11.84 17.00
C THR G 341 -31.74 11.64 15.82
N THR G 342 -31.34 10.92 14.79
CA THR G 342 -32.16 10.75 13.59
C THR G 342 -32.25 9.29 13.17
N HIS G 343 -33.09 9.01 12.18
CA HIS G 343 -33.21 7.70 11.56
C HIS G 343 -32.41 7.72 10.26
N SER G 344 -31.44 6.82 10.14
CA SER G 344 -30.52 6.83 9.01
C SER G 344 -30.42 5.44 8.40
N PHE G 345 -30.27 5.39 7.08
CA PHE G 345 -30.11 4.16 6.33
C PHE G 345 -29.56 4.49 4.96
N ASN G 346 -29.47 3.48 4.11
CA ASN G 346 -29.08 3.67 2.72
C ASN G 346 -30.09 2.99 1.81
N CYS G 347 -30.43 3.66 0.71
CA CYS G 347 -31.43 3.19 -0.24
C CYS G 347 -30.82 3.23 -1.63
N GLY G 348 -30.31 2.09 -2.08
CA GLY G 348 -29.79 1.98 -3.43
C GLY G 348 -28.40 2.52 -3.65
N GLY G 349 -27.81 3.20 -2.68
CA GLY G 349 -26.49 3.76 -2.88
C GLY G 349 -26.35 5.16 -2.35
N GLU G 350 -27.40 5.65 -1.71
CA GLU G 350 -27.43 7.00 -1.19
C GLU G 350 -27.94 7.01 0.24
N PHE G 351 -27.41 7.90 1.07
CA PHE G 351 -27.54 7.82 2.52
C PHE G 351 -28.51 8.88 3.03
N PHE G 352 -29.67 8.46 3.49
CA PHE G 352 -30.67 9.41 3.99
C PHE G 352 -30.46 9.70 5.46
N TYR G 353 -31.10 10.77 5.93
CA TYR G 353 -31.16 11.13 7.35
C TYR G 353 -32.51 11.77 7.60
N CYS G 354 -33.44 11.02 8.17
CA CYS G 354 -34.81 11.47 8.39
C CYS G 354 -34.93 12.18 9.73
N ASN G 355 -36.15 12.44 10.19
CA ASN G 355 -36.34 13.08 11.48
C ASN G 355 -37.01 12.18 12.49
N THR G 356 -38.16 11.60 12.14
CA THR G 356 -39.05 10.84 13.04
C THR G 356 -39.38 11.62 14.30
N SER G 357 -40.00 12.77 14.11
CA SER G 357 -40.65 13.46 15.21
C SER G 357 -42.15 13.30 15.21
N GLY G 358 -42.76 13.17 14.05
CA GLY G 358 -44.18 12.93 13.92
C GLY G 358 -44.62 11.51 14.19
N LEU G 359 -43.75 10.67 14.74
CA LEU G 359 -44.10 9.32 15.13
C LEU G 359 -44.16 9.15 16.63
N PHE G 360 -43.13 9.57 17.35
CA PHE G 360 -43.04 9.29 18.79
C PHE G 360 -43.60 10.44 19.61
N ASN G 361 -44.78 10.87 19.25
CA ASN G 361 -45.61 11.84 19.94
C ASN G 361 -46.69 11.09 20.73
N SER G 362 -47.73 11.80 21.18
CA SER G 362 -49.03 11.21 21.56
C SER G 362 -48.95 10.27 22.78
N THR G 363 -48.81 10.87 23.95
CA THR G 363 -48.92 10.19 25.25
C THR G 363 -50.18 9.36 25.42
N TRP G 364 -50.13 8.38 26.34
CA TRP G 364 -51.20 7.44 26.56
C TRP G 364 -51.70 7.53 27.99
N ILE G 365 -52.93 7.05 28.22
CA ILE G 365 -53.56 7.08 29.53
C ILE G 365 -53.99 5.66 29.88
N SER G 366 -53.67 5.23 31.10
CA SER G 366 -53.99 3.89 31.59
C SER G 366 -55.48 3.79 31.86
N ASN G 367 -56.21 3.27 30.89
CA ASN G 367 -57.65 3.11 31.02
C ASN G 367 -58.13 1.91 30.21
N ASN G 379 -57.84 6.58 6.34
CA ASN G 379 -56.69 6.68 5.45
C ASN G 379 -56.03 8.03 5.58
N ASP G 380 -54.73 8.03 5.78
CA ASP G 380 -53.95 9.26 5.93
C ASP G 380 -52.51 8.89 5.58
N SER G 381 -51.58 9.80 5.83
CA SER G 381 -50.16 9.54 5.69
C SER G 381 -49.38 10.52 6.54
N ILE G 382 -48.42 10.02 7.28
CA ILE G 382 -47.52 10.86 8.06
C ILE G 382 -46.27 11.09 7.24
N VAL G 383 -45.95 12.34 6.97
CA VAL G 383 -44.77 12.70 6.18
C VAL G 383 -43.59 12.89 7.13
N LEU G 384 -42.40 12.63 6.62
CA LEU G 384 -41.17 12.74 7.39
C LEU G 384 -40.14 13.44 6.51
N PRO G 385 -39.72 14.65 6.83
CA PRO G 385 -38.68 15.31 6.02
C PRO G 385 -37.32 14.67 6.24
N CYS G 386 -36.64 14.36 5.13
CA CYS G 386 -35.37 13.68 5.21
C CYS G 386 -34.33 14.38 4.36
N ARG G 387 -33.30 14.93 5.00
CA ARG G 387 -32.18 15.57 4.33
C ARG G 387 -31.06 14.57 4.10
N ILE G 388 -30.14 14.92 3.20
CA ILE G 388 -29.21 13.98 2.58
C ILE G 388 -27.78 14.48 2.77
N LYS G 389 -26.90 13.60 3.24
CA LYS G 389 -25.47 13.83 3.20
C LYS G 389 -24.82 12.99 2.11
N GLN G 390 -23.64 13.43 1.68
CA GLN G 390 -22.82 12.67 0.74
C GLN G 390 -21.58 12.10 1.36
N ILE G 391 -21.08 12.70 2.44
CA ILE G 391 -19.85 12.28 3.10
C ILE G 391 -20.23 11.59 4.40
N ILE G 392 -20.01 10.29 4.47
CA ILE G 392 -20.40 9.51 5.61
C ILE G 392 -19.21 9.30 6.53
N ASN G 393 -19.50 9.05 7.79
CA ASN G 393 -18.47 8.87 8.80
C ASN G 393 -18.83 7.67 9.67
N MET G 394 -19.18 6.56 9.03
CA MET G 394 -19.88 5.45 9.66
C MET G 394 -19.01 4.72 10.68
N TRP G 395 -19.68 3.90 11.49
CA TRP G 395 -19.14 3.08 12.58
C TRP G 395 -18.41 3.87 13.64
N GLN G 396 -18.76 5.16 13.82
CA GLN G 396 -18.38 5.99 14.96
C GLN G 396 -16.87 6.19 15.10
N ARG G 397 -16.11 5.95 14.04
CA ARG G 397 -14.67 6.06 14.09
C ARG G 397 -14.24 7.47 13.69
N ILE G 398 -12.95 7.72 13.83
CA ILE G 398 -12.29 8.89 13.23
C ILE G 398 -11.05 8.39 12.52
N GLY G 399 -10.72 9.00 11.39
CA GLY G 399 -9.53 8.58 10.66
C GLY G 399 -9.85 7.75 9.44
N GLN G 400 -11.13 7.64 9.11
CA GLN G 400 -11.53 6.97 7.88
C GLN G 400 -12.89 7.51 7.46
N ALA G 401 -12.92 8.34 6.42
CA ALA G 401 -14.15 8.88 5.89
C ALA G 401 -14.35 8.37 4.47
N MET G 402 -15.42 8.81 3.84
CA MET G 402 -15.85 8.19 2.58
C MET G 402 -16.75 9.13 1.80
N TYR G 403 -16.44 9.29 0.51
CA TYR G 403 -17.30 10.00 -0.42
C TYR G 403 -18.24 9.01 -1.09
N ALA G 404 -19.36 9.52 -1.60
CA ALA G 404 -20.31 8.64 -2.26
C ALA G 404 -20.78 9.26 -3.58
N PRO G 405 -20.60 8.58 -4.70
CA PRO G 405 -20.94 9.17 -6.00
C PRO G 405 -22.45 9.20 -6.20
N PRO G 406 -22.98 10.27 -6.78
CA PRO G 406 -24.43 10.40 -6.94
C PRO G 406 -24.97 9.50 -8.04
N ILE G 407 -26.30 9.36 -8.03
CA ILE G 407 -27.00 8.43 -8.91
C ILE G 407 -28.00 9.22 -9.75
N GLN G 408 -28.04 8.92 -11.05
CA GLN G 408 -29.00 9.55 -11.96
C GLN G 408 -30.42 9.09 -11.66
N GLY G 409 -31.38 9.85 -12.19
CA GLY G 409 -32.77 9.46 -12.09
C GLY G 409 -33.35 9.70 -10.71
N VAL G 410 -34.50 9.08 -10.48
CA VAL G 410 -35.16 9.13 -9.19
C VAL G 410 -34.78 7.89 -8.40
N ILE G 411 -35.02 7.95 -7.09
CA ILE G 411 -34.70 6.84 -6.19
C ILE G 411 -35.98 6.41 -5.49
N ARG G 412 -36.28 5.11 -5.56
CA ARG G 412 -37.50 4.57 -4.99
C ARG G 412 -37.17 3.25 -4.31
N CYS G 413 -37.51 3.13 -3.03
CA CYS G 413 -37.36 1.85 -2.34
C CYS G 413 -38.42 1.68 -1.28
N VAL G 414 -39.00 0.48 -1.22
CA VAL G 414 -40.01 0.11 -0.24
C VAL G 414 -39.40 -0.89 0.73
N SER G 415 -39.67 -0.70 2.02
CA SER G 415 -39.17 -1.59 3.05
C SER G 415 -40.24 -1.74 4.11
N ASN G 416 -39.97 -2.54 5.14
CA ASN G 416 -40.93 -2.64 6.23
C ASN G 416 -40.23 -2.83 7.57
N ILE G 417 -40.73 -2.09 8.55
CA ILE G 417 -40.11 -1.92 9.85
C ILE G 417 -40.46 -3.10 10.73
N THR G 418 -39.45 -3.81 11.22
CA THR G 418 -39.62 -4.85 12.24
C THR G 418 -38.62 -4.56 13.34
N GLY G 419 -38.99 -3.69 14.28
CA GLY G 419 -38.13 -3.49 15.42
C GLY G 419 -37.78 -2.04 15.74
N LEU G 420 -37.92 -1.67 17.00
CA LEU G 420 -37.62 -0.34 17.47
C LEU G 420 -36.51 -0.43 18.51
N ILE G 421 -35.82 0.69 18.73
CA ILE G 421 -34.80 0.80 19.77
C ILE G 421 -35.17 2.00 20.63
N LEU G 422 -35.70 1.75 21.81
CA LEU G 422 -36.15 2.80 22.70
C LEU G 422 -35.16 3.00 23.83
N THR G 423 -35.04 4.24 24.28
CA THR G 423 -34.17 4.59 25.40
C THR G 423 -34.98 5.32 26.45
N ARG G 424 -35.13 4.69 27.61
CA ARG G 424 -35.76 5.34 28.74
C ARG G 424 -34.89 6.49 29.24
N ASP G 425 -35.52 7.57 29.67
CA ASP G 425 -34.80 8.65 30.31
C ASP G 425 -35.17 8.72 31.79
N GLY G 426 -34.38 9.46 32.54
CA GLY G 426 -34.26 9.26 33.96
C GLY G 426 -35.31 9.95 34.81
N GLY G 427 -34.91 10.21 36.04
CA GLY G 427 -35.78 10.67 37.08
C GLY G 427 -35.24 10.17 38.40
N SER G 428 -35.93 10.52 39.48
CA SER G 428 -35.57 9.99 40.79
C SER G 428 -36.66 9.10 41.37
N THR G 429 -37.86 9.64 41.53
CA THR G 429 -38.95 8.92 42.16
C THR G 429 -39.93 8.43 41.11
N ASN G 430 -40.69 7.40 41.47
CA ASN G 430 -41.76 6.91 40.60
C ASN G 430 -42.95 7.86 40.80
N SER G 431 -42.86 9.01 40.15
CA SER G 431 -43.87 10.05 40.23
C SER G 431 -44.41 10.27 38.82
N THR G 432 -45.41 9.47 38.45
CA THR G 432 -46.21 9.60 37.24
C THR G 432 -45.34 9.49 35.97
N THR G 433 -44.96 8.25 35.69
CA THR G 433 -44.63 7.80 34.35
C THR G 433 -43.35 8.33 33.70
N GLU G 434 -42.28 7.57 33.90
CA GLU G 434 -41.08 7.52 33.08
C GLU G 434 -41.42 7.68 31.60
N THR G 435 -40.65 8.47 30.85
CA THR G 435 -40.95 8.60 29.43
C THR G 435 -39.94 7.82 28.58
N PHE G 436 -40.27 7.69 27.28
CA PHE G 436 -39.42 6.99 26.33
C PHE G 436 -39.11 7.88 25.15
N ARG G 437 -37.96 7.62 24.53
CA ARG G 437 -37.48 8.40 23.39
C ARG G 437 -36.46 7.56 22.66
N PRO G 438 -36.36 7.68 21.34
CA PRO G 438 -35.51 6.76 20.56
C PRO G 438 -34.04 7.12 20.67
N GLY G 439 -33.23 6.41 19.88
CA GLY G 439 -31.82 6.70 19.82
C GLY G 439 -30.94 5.48 19.85
N GLY G 440 -30.07 5.40 20.85
CA GLY G 440 -29.14 4.29 20.97
C GLY G 440 -27.93 4.48 20.07
N GLY G 441 -28.10 4.20 18.78
CA GLY G 441 -27.07 4.48 17.80
C GLY G 441 -25.87 3.55 17.79
N ASP G 442 -25.66 2.74 18.82
CA ASP G 442 -24.55 1.80 18.80
C ASP G 442 -24.85 0.63 17.87
N MET G 443 -23.82 0.18 17.15
CA MET G 443 -24.07 -0.75 16.06
C MET G 443 -24.28 -2.19 16.52
N ARG G 444 -23.86 -2.55 17.71
CA ARG G 444 -23.95 -3.96 18.12
C ARG G 444 -25.37 -4.40 18.41
N ASP G 445 -26.27 -3.45 18.67
CA ASP G 445 -27.65 -3.83 18.92
C ASP G 445 -28.38 -4.24 17.66
N ASN G 446 -27.87 -3.86 16.49
CA ASN G 446 -28.47 -4.30 15.24
C ASN G 446 -28.30 -5.79 15.00
N TRP G 447 -27.23 -6.37 15.53
CA TRP G 447 -26.96 -7.78 15.32
C TRP G 447 -27.28 -8.63 16.53
N ARG G 448 -27.96 -8.08 17.53
CA ARG G 448 -28.44 -8.88 18.65
C ARG G 448 -29.91 -9.24 18.52
N SER G 449 -30.62 -8.67 17.56
CA SER G 449 -32.02 -9.01 17.36
C SER G 449 -32.19 -10.19 16.41
N GLU G 450 -31.11 -10.76 15.91
CA GLU G 450 -31.19 -12.04 15.19
C GLU G 450 -30.17 -13.07 15.64
N LEU G 451 -29.22 -12.75 16.52
CA LEU G 451 -28.35 -13.77 17.10
C LEU G 451 -28.68 -13.98 18.56
N TYR G 452 -29.96 -13.89 18.91
CA TYR G 452 -30.40 -14.07 20.29
C TYR G 452 -30.71 -15.51 20.62
N LYS G 453 -30.60 -16.42 19.67
CA LYS G 453 -30.98 -17.80 19.92
C LYS G 453 -29.96 -18.76 19.36
N TYR G 454 -28.68 -18.45 19.52
CA TYR G 454 -27.63 -19.36 19.09
C TYR G 454 -26.45 -19.31 20.05
N LYS G 455 -25.93 -20.48 20.39
CA LYS G 455 -24.68 -20.58 21.14
C LYS G 455 -23.90 -21.76 20.61
N VAL G 456 -22.60 -21.77 20.86
CA VAL G 456 -21.68 -22.71 20.22
C VAL G 456 -21.21 -23.71 21.26
N VAL G 457 -21.29 -25.00 20.94
CA VAL G 457 -20.85 -26.05 21.86
C VAL G 457 -19.78 -26.90 21.18
N LYS G 458 -19.05 -27.65 21.99
CA LYS G 458 -18.00 -28.54 21.51
C LYS G 458 -18.29 -29.98 21.92
N ILE G 459 -18.23 -30.87 20.95
CA ILE G 459 -18.41 -32.30 21.19
C ILE G 459 -17.15 -32.85 21.84
N GLU G 460 -17.31 -33.64 22.92
CA GLU G 460 -16.22 -34.35 23.55
C GLU G 460 -16.54 -35.84 23.57
N PRO G 461 -16.37 -36.53 22.45
CA PRO G 461 -17.05 -37.82 22.25
C PRO G 461 -16.42 -39.01 22.96
N LEU G 462 -15.51 -38.84 23.93
CA LEU G 462 -15.02 -39.99 24.66
C LEU G 462 -15.82 -40.21 25.94
N GLY G 463 -15.51 -41.30 26.62
CA GLY G 463 -16.16 -41.62 27.88
C GLY G 463 -15.94 -43.05 28.31
N VAL G 464 -15.93 -43.30 29.61
CA VAL G 464 -15.72 -44.64 30.14
C VAL G 464 -16.88 -44.99 31.07
N ALA G 465 -17.13 -46.29 31.23
CA ALA G 465 -18.23 -46.79 32.04
C ALA G 465 -17.95 -48.25 32.37
N PRO G 466 -18.40 -48.72 33.53
CA PRO G 466 -18.20 -50.13 33.88
C PRO G 466 -19.34 -51.02 33.44
N THR G 467 -18.98 -52.26 33.09
CA THR G 467 -19.97 -53.30 32.78
C THR G 467 -19.32 -54.67 32.99
N ARG G 468 -20.12 -55.73 32.82
CA ARG G 468 -19.66 -57.10 33.01
C ARG G 468 -19.02 -57.64 31.74
N CYS G 469 -17.80 -57.19 31.47
CA CYS G 469 -17.12 -57.55 30.24
C CYS G 469 -15.64 -57.81 30.51
N LYS G 470 -15.00 -58.58 29.64
CA LYS G 470 -13.60 -58.96 29.81
C LYS G 470 -12.99 -59.31 28.46
N ARG G 471 -11.81 -58.78 28.21
CA ARG G 471 -11.09 -59.03 26.97
C ARG G 471 -10.55 -60.45 26.97
N ARG G 472 -10.76 -61.16 25.85
CA ARG G 472 -10.20 -62.49 25.68
C ARG G 472 -8.68 -62.41 25.59
N VAL G 473 -8.00 -63.21 26.39
CA VAL G 473 -6.54 -63.20 26.38
C VAL G 473 -6.00 -64.06 25.26
N GLU H 20 -25.69 24.32 -34.83
CA GLU H 20 -26.94 25.00 -35.16
C GLU H 20 -27.90 24.96 -33.97
N VAL H 21 -27.83 25.99 -33.12
CA VAL H 21 -28.73 26.18 -32.00
C VAL H 21 -29.23 27.61 -32.07
N GLN H 22 -30.54 27.78 -32.29
CA GLN H 22 -31.07 29.09 -32.58
C GLN H 22 -32.43 29.26 -31.94
N LEU H 23 -32.97 30.47 -32.07
CA LEU H 23 -34.28 30.82 -31.52
C LEU H 23 -35.10 31.53 -32.58
N VAL H 24 -36.33 31.06 -32.79
CA VAL H 24 -37.27 31.68 -33.71
C VAL H 24 -38.33 32.38 -32.88
N GLU H 25 -38.88 33.48 -33.41
CA GLU H 25 -39.74 34.37 -32.63
C GLU H 25 -40.94 34.84 -33.42
N THR H 26 -42.02 35.13 -32.69
CA THR H 26 -43.17 35.85 -33.22
C THR H 26 -43.50 36.97 -32.24
N GLY H 27 -43.90 38.12 -32.76
CA GLY H 27 -44.22 39.24 -31.90
C GLY H 27 -44.96 40.32 -32.65
N GLY H 28 -45.95 40.91 -31.98
CA GLY H 28 -46.73 41.97 -32.58
C GLY H 28 -46.29 43.33 -32.11
N GLY H 29 -46.85 44.35 -32.76
CA GLY H 29 -46.58 45.74 -32.42
C GLY H 29 -47.80 46.60 -32.64
N LEU H 30 -47.63 47.90 -32.35
CA LEU H 30 -48.63 48.95 -32.58
C LEU H 30 -49.92 48.66 -31.81
N VAL H 31 -49.79 48.57 -30.50
CA VAL H 31 -50.91 48.28 -29.61
C VAL H 31 -51.08 49.47 -28.67
N GLN H 32 -52.27 50.08 -28.70
CA GLN H 32 -52.58 51.29 -27.95
C GLN H 32 -52.49 51.05 -26.44
N PRO H 33 -52.18 52.11 -25.63
CA PRO H 33 -51.84 51.87 -24.22
C PRO H 33 -53.02 51.58 -23.29
N GLY H 34 -53.87 50.63 -23.68
CA GLY H 34 -54.91 50.13 -22.79
C GLY H 34 -55.19 48.66 -23.00
N GLY H 35 -54.39 48.00 -23.84
CA GLY H 35 -54.65 46.63 -24.23
C GLY H 35 -53.57 45.71 -23.69
N SER H 36 -53.42 44.57 -24.38
CA SER H 36 -52.48 43.55 -23.98
C SER H 36 -51.68 43.11 -25.20
N LEU H 37 -50.71 42.22 -24.96
CA LEU H 37 -49.89 41.67 -26.03
C LEU H 37 -49.26 40.37 -25.53
N LYS H 38 -49.12 39.41 -26.45
CA LYS H 38 -48.55 38.12 -26.11
C LYS H 38 -47.42 37.81 -27.07
N LEU H 39 -46.22 37.60 -26.54
CA LEU H 39 -45.04 37.27 -27.32
C LEU H 39 -44.72 35.79 -27.17
N SER H 40 -44.10 35.23 -28.20
CA SER H 40 -43.78 33.79 -28.22
C SER H 40 -42.38 33.59 -28.76
N CYS H 41 -41.55 32.89 -27.99
CA CYS H 41 -40.21 32.48 -28.40
C CYS H 41 -40.14 30.96 -28.43
N ALA H 42 -39.67 30.42 -29.55
CA ALA H 42 -39.61 28.97 -29.73
C ALA H 42 -38.17 28.56 -30.04
N ALA H 43 -37.88 27.27 -29.83
CA ALA H 43 -36.51 26.78 -29.88
C ALA H 43 -36.47 25.42 -30.56
N SER H 44 -36.15 25.41 -31.85
CA SER H 44 -35.90 24.15 -32.56
C SER H 44 -34.42 23.79 -32.57
N GLY H 45 -33.78 23.88 -31.41
CA GLY H 45 -32.37 23.59 -31.30
C GLY H 45 -32.01 22.53 -30.31
N PHE H 46 -31.48 23.00 -29.18
CA PHE H 46 -30.99 22.24 -28.05
C PHE H 46 -32.11 21.46 -27.37
N THR H 47 -31.73 20.68 -26.37
CA THR H 47 -32.68 19.94 -25.54
C THR H 47 -33.33 20.94 -24.60
N PHE H 48 -34.52 21.42 -24.96
CA PHE H 48 -35.22 22.41 -24.14
C PHE H 48 -36.17 21.72 -23.17
N SER H 49 -35.57 21.20 -22.11
CA SER H 49 -36.34 20.84 -20.93
C SER H 49 -35.55 21.11 -19.68
N SER H 50 -34.44 21.82 -19.76
CA SER H 50 -33.52 21.94 -18.64
C SER H 50 -32.97 23.32 -18.38
N TYR H 51 -33.12 24.28 -19.29
CA TYR H 51 -32.43 25.55 -19.16
C TYR H 51 -33.41 26.68 -18.86
N GLY H 52 -32.96 27.62 -18.04
CA GLY H 52 -33.81 28.72 -17.62
C GLY H 52 -33.71 29.92 -18.52
N MET H 53 -34.76 30.15 -19.31
CA MET H 53 -34.77 31.22 -20.28
C MET H 53 -35.13 32.52 -19.58
N ASN H 54 -34.67 33.64 -20.15
CA ASN H 54 -34.86 34.95 -19.55
C ASN H 54 -35.21 35.99 -20.62
N TRP H 55 -35.48 37.22 -20.17
CA TRP H 55 -35.83 38.33 -21.05
C TRP H 55 -35.09 39.59 -20.65
N VAL H 56 -34.67 40.38 -21.65
CA VAL H 56 -34.09 41.69 -21.43
C VAL H 56 -34.75 42.67 -22.38
N ARG H 57 -34.56 43.96 -22.13
CA ARG H 57 -35.19 45.00 -22.94
C ARG H 57 -34.19 46.10 -23.27
N GLN H 58 -34.48 46.84 -24.34
CA GLN H 58 -33.58 47.90 -24.82
C GLN H 58 -34.42 48.93 -25.57
N ALA H 59 -34.52 50.13 -25.01
CA ALA H 59 -35.07 51.24 -25.78
C ALA H 59 -34.05 51.68 -26.83
N PRO H 60 -34.51 52.27 -27.93
CA PRO H 60 -33.57 52.90 -28.87
C PRO H 60 -32.96 54.14 -28.25
N GLY H 61 -31.94 53.94 -27.42
CA GLY H 61 -31.59 54.93 -26.42
C GLY H 61 -30.56 54.42 -25.43
N LYS H 62 -30.91 54.49 -24.14
CA LYS H 62 -30.00 54.36 -23.00
C LYS H 62 -29.17 53.08 -22.96
N GLY H 63 -29.81 51.93 -22.79
CA GLY H 63 -29.04 50.71 -22.62
C GLY H 63 -29.90 49.49 -22.39
N LEU H 64 -29.51 48.62 -21.46
CA LEU H 64 -30.31 47.45 -21.17
C LEU H 64 -31.01 47.57 -19.83
N GLU H 65 -31.98 46.68 -19.62
CA GLU H 65 -32.74 46.58 -18.39
C GLU H 65 -33.28 45.16 -18.32
N TRP H 66 -33.25 44.57 -17.13
CA TRP H 66 -33.62 43.17 -16.98
C TRP H 66 -35.07 43.04 -16.50
N VAL H 67 -35.76 42.00 -16.99
CA VAL H 67 -37.09 41.62 -16.51
C VAL H 67 -37.16 40.10 -16.41
N SER H 68 -38.08 39.62 -15.58
CA SER H 68 -38.91 38.43 -15.82
C SER H 68 -38.11 37.15 -16.04
N GLY H 69 -37.47 36.69 -14.98
CA GLY H 69 -36.80 35.41 -15.01
C GLY H 69 -37.71 34.23 -14.71
N ILE H 70 -37.23 33.01 -15.00
CA ILE H 70 -37.95 31.78 -14.74
C ILE H 70 -36.94 30.64 -14.61
N ASN H 71 -37.32 29.58 -13.90
CA ASN H 71 -36.53 28.36 -13.83
C ASN H 71 -36.95 27.39 -14.92
N SER H 72 -36.51 26.13 -14.81
CA SER H 72 -36.82 25.12 -15.81
C SER H 72 -38.07 24.32 -15.49
N GLY H 73 -38.87 24.76 -14.52
CA GLY H 73 -40.07 24.04 -14.18
C GLY H 73 -41.29 24.93 -14.10
N GLY H 74 -41.07 26.24 -14.20
CA GLY H 74 -42.16 27.19 -14.07
C GLY H 74 -42.62 27.41 -12.66
N GLY H 75 -41.81 27.07 -11.68
CA GLY H 75 -42.21 27.14 -10.29
C GLY H 75 -41.70 28.32 -9.50
N THR H 76 -40.87 29.18 -10.07
CA THR H 76 -40.32 30.31 -9.34
C THR H 76 -40.81 31.64 -9.88
N LYS H 77 -40.54 31.92 -11.16
CA LYS H 77 -40.99 33.08 -11.96
C LYS H 77 -40.87 34.42 -11.21
N TYR H 78 -39.63 34.80 -10.94
CA TYR H 78 -39.38 36.06 -10.25
C TYR H 78 -39.21 37.20 -11.26
N TYR H 79 -39.43 38.43 -10.78
CA TYR H 79 -39.53 39.59 -11.65
C TYR H 79 -38.62 40.71 -11.16
N ALA H 80 -38.60 41.79 -11.95
CA ALA H 80 -37.82 42.98 -11.63
C ALA H 80 -38.58 43.85 -10.63
N ASP H 81 -38.16 45.11 -10.48
CA ASP H 81 -38.81 46.02 -9.53
C ASP H 81 -39.60 47.10 -10.26
N SER H 82 -39.60 47.09 -11.59
CA SER H 82 -40.35 48.07 -12.37
C SER H 82 -41.52 47.46 -13.14
N VAL H 83 -41.63 46.14 -13.19
CA VAL H 83 -42.72 45.46 -13.88
C VAL H 83 -43.38 44.51 -12.88
N LYS H 84 -43.08 44.72 -11.60
CA LYS H 84 -43.44 43.74 -10.57
C LYS H 84 -44.95 43.72 -10.34
N GLY H 85 -45.51 42.51 -10.31
CA GLY H 85 -46.93 42.33 -10.05
C GLY H 85 -47.82 42.89 -11.12
N ARG H 86 -47.35 42.91 -12.37
CA ARG H 86 -48.08 43.60 -13.42
C ARG H 86 -48.18 42.71 -14.66
N PHE H 87 -47.32 41.71 -14.78
CA PHE H 87 -47.31 40.84 -15.94
C PHE H 87 -47.15 39.39 -15.51
N THR H 88 -46.89 38.53 -16.49
CA THR H 88 -46.81 37.09 -16.24
C THR H 88 -45.87 36.44 -17.24
N ILE H 89 -45.49 35.20 -16.94
CA ILE H 89 -44.71 34.35 -17.83
C ILE H 89 -45.34 32.97 -17.87
N SER H 90 -45.63 32.48 -19.07
CA SER H 90 -46.01 31.09 -19.27
C SER H 90 -44.82 30.33 -19.85
N ARG H 91 -44.73 29.04 -19.53
CA ARG H 91 -43.69 28.19 -20.09
C ARG H 91 -44.26 26.80 -20.28
N ASP H 92 -44.52 26.43 -21.53
CA ASP H 92 -45.05 25.11 -21.86
C ASP H 92 -43.93 24.30 -22.50
N ASN H 93 -43.52 23.24 -21.82
CA ASN H 93 -42.56 22.31 -22.39
C ASN H 93 -43.26 21.33 -23.32
N SER H 94 -42.51 20.35 -23.81
CA SER H 94 -42.88 19.25 -24.71
C SER H 94 -43.27 19.70 -26.11
N LYS H 95 -43.32 21.00 -26.39
CA LYS H 95 -43.41 21.48 -27.76
C LYS H 95 -42.53 22.70 -28.00
N ASN H 96 -41.61 22.98 -27.06
CA ASN H 96 -40.54 23.97 -27.20
C ASN H 96 -41.10 25.37 -27.43
N THR H 97 -41.81 25.86 -26.42
CA THR H 97 -42.51 27.13 -26.52
C THR H 97 -42.42 27.90 -25.21
N LEU H 98 -41.91 29.12 -25.27
CA LEU H 98 -42.04 30.08 -24.19
C LEU H 98 -43.16 31.03 -24.55
N SER H 99 -43.91 31.50 -23.54
CA SER H 99 -44.97 32.45 -23.80
C SER H 99 -44.92 33.57 -22.77
N LEU H 100 -44.63 34.77 -23.27
CA LEU H 100 -44.66 36.00 -22.46
C LEU H 100 -45.87 36.83 -22.83
N GLN H 101 -46.54 37.38 -21.82
CA GLN H 101 -47.85 38.01 -22.00
C GLN H 101 -47.88 39.34 -21.27
N MET H 102 -47.68 40.42 -22.01
CA MET H 102 -47.78 41.75 -21.41
C MET H 102 -49.23 42.20 -21.43
N ASN H 103 -49.73 42.66 -20.29
CA ASN H 103 -51.16 42.84 -20.23
C ASN H 103 -51.61 44.23 -19.80
N SER H 104 -50.80 44.98 -19.07
CA SER H 104 -51.24 46.30 -18.63
C SER H 104 -51.04 47.35 -19.72
N LEU H 105 -49.81 47.46 -20.22
CA LEU H 105 -49.39 48.42 -21.26
C LEU H 105 -49.63 49.86 -20.81
N ARG H 106 -48.74 50.28 -19.93
CA ARG H 106 -48.68 51.64 -19.43
C ARG H 106 -48.12 52.56 -20.52
N ALA H 107 -48.10 53.87 -20.20
CA ALA H 107 -47.48 54.90 -21.04
C ALA H 107 -46.07 54.51 -21.44
N GLU H 108 -45.79 54.65 -22.73
CA GLU H 108 -44.80 53.84 -23.45
C GLU H 108 -43.36 53.99 -23.00
N ASP H 109 -42.80 52.88 -22.50
CA ASP H 109 -41.37 52.68 -22.52
C ASP H 109 -41.09 51.80 -23.73
N THR H 110 -41.02 52.47 -24.88
CA THR H 110 -40.83 51.83 -26.17
C THR H 110 -39.46 51.16 -26.23
N ALA H 111 -39.45 49.84 -26.32
CA ALA H 111 -38.20 49.09 -26.22
C ALA H 111 -38.30 47.80 -27.03
N VAL H 112 -37.15 47.24 -27.37
CA VAL H 112 -37.07 45.98 -28.09
C VAL H 112 -36.81 44.86 -27.08
N TYR H 113 -37.21 43.65 -27.42
CA TYR H 113 -37.20 42.53 -26.48
C TYR H 113 -36.40 41.35 -27.04
N TYR H 114 -35.53 40.77 -26.21
CA TYR H 114 -34.66 39.69 -26.64
C TYR H 114 -34.94 38.42 -25.85
N CYS H 115 -34.87 37.28 -26.53
CA CYS H 115 -35.03 35.97 -25.92
C CYS H 115 -33.66 35.40 -25.56
N ALA H 116 -33.56 34.74 -24.42
CA ALA H 116 -32.26 34.39 -23.87
C ALA H 116 -32.21 32.91 -23.47
N LYS H 117 -31.03 32.47 -23.04
CA LYS H 117 -30.82 31.10 -22.55
C LYS H 117 -29.66 31.11 -21.56
N SER H 118 -29.85 30.48 -20.40
CA SER H 118 -28.81 30.45 -19.38
C SER H 118 -28.37 29.02 -19.17
N PRO H 119 -27.08 28.71 -19.25
CA PRO H 119 -26.67 27.31 -19.23
C PRO H 119 -26.46 26.76 -17.84
N TRP H 120 -27.35 27.06 -16.92
CA TRP H 120 -27.43 26.30 -15.69
C TRP H 120 -28.75 25.56 -15.59
N GLY H 121 -29.85 26.29 -15.61
CA GLY H 121 -31.09 25.73 -15.18
C GLY H 121 -31.28 25.99 -13.70
N GLN H 122 -32.55 26.00 -13.30
CA GLN H 122 -33.05 25.89 -11.95
C GLN H 122 -32.85 27.12 -11.05
N SER H 123 -31.91 28.02 -11.35
CA SER H 123 -31.62 29.09 -10.40
C SER H 123 -30.62 30.09 -10.96
N THR H 124 -30.24 31.01 -10.09
CA THR H 124 -29.38 32.19 -10.16
C THR H 124 -28.04 32.01 -9.42
N SER H 125 -27.40 33.15 -9.10
CA SER H 125 -26.30 33.49 -8.17
C SER H 125 -24.92 33.43 -8.79
N PHE H 126 -24.77 32.94 -10.02
CA PHE H 126 -23.99 33.63 -11.05
C PHE H 126 -24.43 33.00 -12.38
N GLU H 127 -25.08 33.82 -13.19
CA GLU H 127 -25.83 33.38 -14.35
C GLU H 127 -25.38 34.20 -15.55
N TYR H 128 -25.25 33.54 -16.70
CA TYR H 128 -24.90 34.25 -17.91
C TYR H 128 -25.79 33.77 -19.05
N PHE H 129 -25.49 34.24 -20.25
CA PHE H 129 -26.37 34.07 -21.39
C PHE H 129 -25.55 33.65 -22.61
N GLU H 130 -25.72 32.41 -23.05
CA GLU H 130 -24.94 31.91 -24.17
C GLU H 130 -25.47 32.40 -25.52
N PHE H 131 -26.67 32.01 -25.88
CA PHE H 131 -27.20 32.23 -27.22
C PHE H 131 -28.40 33.15 -27.15
N TRP H 132 -28.49 34.07 -28.11
CA TRP H 132 -29.50 35.12 -28.14
C TRP H 132 -30.35 34.94 -29.38
N GLY H 133 -31.57 35.46 -29.33
CA GLY H 133 -32.55 35.24 -30.37
C GLY H 133 -32.79 36.37 -31.35
N GLN H 134 -32.41 37.60 -31.00
CA GLN H 134 -32.41 38.84 -31.80
C GLN H 134 -33.70 39.14 -32.55
N GLY H 135 -34.83 38.58 -32.12
CA GLY H 135 -36.12 38.94 -32.68
C GLY H 135 -36.84 39.87 -31.74
N ALA H 136 -36.92 41.14 -32.12
CA ALA H 136 -37.10 42.21 -31.15
C ALA H 136 -38.09 43.25 -31.64
N LEU H 137 -39.26 42.80 -32.10
CA LEU H 137 -40.26 43.73 -32.58
C LEU H 137 -40.89 44.49 -31.42
N VAL H 138 -41.29 45.72 -31.70
CA VAL H 138 -41.35 46.76 -30.68
C VAL H 138 -42.81 47.08 -30.35
N THR H 139 -43.06 47.49 -29.10
CA THR H 139 -44.35 48.03 -28.69
C THR H 139 -44.25 49.56 -28.75
N VAL H 140 -45.12 50.19 -29.53
CA VAL H 140 -44.94 51.62 -29.80
C VAL H 140 -46.13 52.50 -29.41
N SER H 141 -47.36 52.01 -29.57
CA SER H 141 -48.62 52.69 -29.25
C SER H 141 -48.71 54.11 -29.82
N SER H 142 -48.66 54.20 -31.15
CA SER H 142 -48.78 55.50 -31.77
C SER H 142 -50.23 55.78 -32.16
N ALA H 143 -50.42 56.82 -32.94
CA ALA H 143 -51.74 57.23 -33.42
C ALA H 143 -52.26 56.29 -34.49
N ALA I 1 12.87 -71.10 15.41
CA ALA I 1 13.21 -70.57 16.71
C ALA I 1 14.70 -70.23 16.81
N GLU I 2 15.52 -71.13 16.27
CA GLU I 2 16.96 -70.91 16.25
C GLU I 2 17.33 -69.81 15.27
N ASN I 3 16.70 -69.82 14.11
CA ASN I 3 16.76 -68.67 13.22
C ASN I 3 15.86 -67.55 13.72
N LEU I 4 16.08 -66.35 13.22
CA LEU I 4 15.46 -65.16 13.75
C LEU I 4 14.51 -64.53 12.74
N TRP I 5 13.49 -63.86 13.26
CA TRP I 5 12.54 -63.12 12.43
C TRP I 5 12.56 -61.66 12.86
N VAL I 6 12.08 -60.78 11.99
CA VAL I 6 12.21 -59.35 12.25
C VAL I 6 11.06 -58.90 13.14
N THR I 7 11.17 -57.69 13.70
CA THR I 7 10.16 -57.15 14.58
C THR I 7 10.16 -55.63 14.44
N VAL I 8 8.98 -55.06 14.17
CA VAL I 8 8.84 -53.64 13.90
C VAL I 8 8.57 -52.93 15.22
N TYR I 9 9.39 -51.95 15.55
CA TYR I 9 9.22 -51.14 16.74
C TYR I 9 8.80 -49.74 16.36
N TYR I 10 8.03 -49.10 17.24
CA TYR I 10 7.56 -47.74 17.01
C TYR I 10 7.82 -46.91 18.26
N GLY I 11 8.21 -45.67 18.05
CA GLY I 11 8.53 -44.81 19.17
C GLY I 11 9.83 -45.13 19.86
N VAL I 12 10.87 -45.40 19.09
CA VAL I 12 12.15 -45.78 19.67
C VAL I 12 13.08 -44.58 19.54
N PRO I 13 13.82 -44.19 20.58
CA PRO I 13 14.53 -42.91 20.53
C PRO I 13 15.78 -42.87 19.66
N VAL I 14 15.68 -42.25 18.49
CA VAL I 14 16.84 -41.80 17.74
C VAL I 14 16.56 -40.39 17.25
N TRP I 15 17.61 -39.61 17.06
CA TRP I 15 17.47 -38.30 16.47
C TRP I 15 18.65 -38.04 15.54
N LYS I 16 18.37 -37.45 14.38
CA LYS I 16 19.41 -37.00 13.49
C LYS I 16 19.08 -35.60 13.02
N ASP I 17 20.13 -34.84 12.70
CA ASP I 17 20.06 -33.39 12.61
C ASP I 17 19.22 -32.92 11.42
N ALA I 18 18.59 -31.77 11.58
CA ALA I 18 17.75 -31.15 10.55
C ALA I 18 17.60 -29.66 10.87
N GLU I 19 16.63 -29.02 10.22
CA GLU I 19 16.29 -27.64 10.52
C GLU I 19 14.83 -27.41 10.16
N THR I 20 14.17 -26.50 10.87
CA THR I 20 12.76 -26.22 10.65
C THR I 20 12.52 -24.73 10.67
N THR I 21 11.25 -24.36 10.73
CA THR I 21 10.80 -23.05 11.12
C THR I 21 10.26 -23.12 12.54
N LEU I 22 10.26 -21.98 13.22
CA LEU I 22 9.92 -21.91 14.63
C LEU I 22 8.83 -20.88 14.84
N PHE I 23 8.13 -20.96 15.97
CA PHE I 23 7.15 -19.95 16.32
C PHE I 23 7.36 -19.45 17.73
N CYS I 24 7.00 -18.19 17.96
CA CYS I 24 7.21 -17.55 19.24
C CYS I 24 6.02 -17.79 20.16
N ALA I 25 6.29 -17.83 21.46
CA ALA I 25 5.26 -18.13 22.44
C ALA I 25 5.69 -17.53 23.77
N SER I 26 5.09 -16.40 24.14
CA SER I 26 5.54 -15.67 25.33
C SER I 26 4.42 -14.79 25.86
N ASP I 27 4.04 -15.01 27.10
CA ASP I 27 3.08 -14.18 27.80
C ASP I 27 3.21 -14.46 29.29
N ALA I 28 2.78 -13.49 30.09
CA ALA I 28 2.61 -13.68 31.53
C ALA I 28 1.24 -13.20 31.99
N LYS I 29 0.68 -12.19 31.33
CA LYS I 29 -0.55 -11.56 31.79
C LYS I 29 -1.24 -10.82 30.64
N GLU I 34 -3.65 -1.10 29.12
CA GLU I 34 -2.77 -2.08 29.76
C GLU I 34 -2.09 -2.93 28.70
N LYS I 35 -0.81 -2.62 28.47
CA LYS I 35 0.06 -3.30 27.49
C LYS I 35 -0.58 -3.32 26.11
N HIS I 36 -0.76 -2.11 25.57
CA HIS I 36 -1.56 -1.92 24.37
C HIS I 36 -0.87 -2.48 23.13
N ASN I 37 0.36 -2.06 22.87
CA ASN I 37 1.06 -2.39 21.63
C ASN I 37 2.55 -2.28 21.87
N VAL I 38 3.27 -3.37 21.62
CA VAL I 38 4.71 -3.33 21.48
C VAL I 38 4.95 -3.67 20.02
N TRP I 39 6.20 -3.73 19.59
CA TRP I 39 6.44 -4.40 18.31
C TRP I 39 6.02 -5.86 18.45
N ALA I 40 5.15 -6.28 17.53
CA ALA I 40 4.00 -7.17 17.76
C ALA I 40 4.20 -8.38 18.67
N THR I 41 3.46 -8.40 19.77
CA THR I 41 3.27 -9.58 20.60
C THR I 41 1.88 -9.42 21.23
N HIS I 42 0.86 -9.94 20.54
CA HIS I 42 -0.51 -9.72 20.97
C HIS I 42 -1.08 -10.91 21.73
N ALA I 43 -1.19 -12.06 21.09
CA ALA I 43 -1.40 -13.31 21.82
C ALA I 43 -0.25 -14.28 21.62
N CYS I 44 0.00 -14.67 20.36
CA CYS I 44 1.15 -15.47 19.94
C CYS I 44 1.33 -16.74 20.75
N VAL I 45 0.24 -17.50 20.88
CA VAL I 45 0.07 -18.75 21.65
C VAL I 45 0.71 -18.67 23.04
N PRO I 46 0.01 -18.07 24.01
CA PRO I 46 0.58 -17.84 25.35
C PRO I 46 1.03 -19.12 26.05
N THR I 47 2.12 -19.00 26.79
CA THR I 47 2.86 -20.15 27.29
C THR I 47 2.11 -20.84 28.43
N ASP I 48 2.70 -21.93 28.89
CA ASP I 48 2.47 -22.93 29.92
C ASP I 48 3.25 -22.56 31.17
N PRO I 49 2.68 -22.82 32.36
CA PRO I 49 3.39 -22.44 33.61
C PRO I 49 4.68 -23.19 33.86
N ASN I 50 4.68 -24.52 33.81
CA ASN I 50 5.88 -25.28 34.14
C ASN I 50 6.57 -25.80 32.88
N PRO I 51 7.78 -25.35 32.57
CA PRO I 51 8.53 -25.96 31.47
C PRO I 51 9.14 -27.28 31.87
N GLN I 52 9.18 -28.20 30.92
CA GLN I 52 9.71 -29.54 31.14
C GLN I 52 11.15 -29.59 30.70
N GLU I 53 12.05 -29.88 31.65
CA GLU I 53 13.48 -29.97 31.37
C GLU I 53 13.92 -31.38 31.77
N ILE I 54 14.07 -32.25 30.79
CA ILE I 54 14.37 -33.66 31.03
C ILE I 54 15.87 -33.86 30.84
N HIS I 55 16.48 -34.55 31.80
CA HIS I 55 17.94 -34.70 31.82
C HIS I 55 18.32 -36.06 31.25
N LEU I 56 19.27 -36.06 30.33
CA LEU I 56 19.72 -37.29 29.70
C LEU I 56 20.93 -37.86 30.44
N GLU I 57 21.35 -39.06 30.04
CA GLU I 57 22.36 -39.81 30.76
C GLU I 57 23.21 -40.50 29.71
N ASN I 58 24.54 -40.54 29.95
CA ASN I 58 25.50 -41.28 29.11
C ASN I 58 25.50 -40.84 27.65
N VAL I 59 25.11 -39.60 27.37
CA VAL I 59 24.90 -39.13 26.01
C VAL I 59 25.78 -37.90 25.79
N THR I 60 26.62 -37.96 24.76
CA THR I 60 27.44 -36.85 24.34
C THR I 60 27.13 -36.51 22.89
N GLU I 61 27.04 -35.21 22.59
CA GLU I 61 26.79 -34.75 21.24
C GLU I 61 27.77 -33.65 20.90
N GLU I 62 28.31 -33.68 19.68
CA GLU I 62 29.17 -32.59 19.25
C GLU I 62 28.31 -31.35 19.01
N PHE I 63 28.67 -30.24 19.65
CA PHE I 63 27.95 -29.00 19.47
C PHE I 63 28.80 -28.01 18.69
N ASN I 64 28.12 -27.05 18.09
CA ASN I 64 28.82 -26.03 17.32
C ASN I 64 27.91 -24.81 17.26
N MET I 65 28.40 -23.68 17.74
CA MET I 65 27.84 -22.39 17.33
C MET I 65 28.54 -21.99 16.04
N TRP I 66 28.32 -20.75 15.58
CA TRP I 66 28.83 -20.17 14.34
C TRP I 66 28.32 -20.87 13.06
N LYS I 67 27.51 -21.92 13.20
CA LYS I 67 26.92 -22.65 12.09
C LYS I 67 25.48 -23.04 12.41
N ASN I 68 24.85 -22.37 13.36
CA ASN I 68 23.51 -22.67 13.81
C ASN I 68 22.50 -22.17 12.77
N ASN I 69 21.26 -22.61 12.90
CA ASN I 69 20.19 -22.03 12.11
C ASN I 69 19.29 -21.12 12.93
N MET I 70 19.36 -21.21 14.27
CA MET I 70 18.47 -20.39 15.09
C MET I 70 18.90 -18.94 15.11
N VAL I 71 20.13 -18.65 14.68
CA VAL I 71 20.56 -17.26 14.57
C VAL I 71 19.99 -16.63 13.31
N GLU I 72 20.14 -17.30 12.17
CA GLU I 72 19.75 -16.72 10.89
C GLU I 72 18.24 -16.57 10.71
N GLN I 73 17.40 -17.09 11.60
CA GLN I 73 16.00 -16.68 11.51
C GLN I 73 15.52 -15.96 12.75
N MET I 74 16.35 -15.86 13.78
CA MET I 74 16.12 -14.80 14.76
C MET I 74 16.24 -13.44 14.09
N HIS I 75 17.31 -13.25 13.34
CA HIS I 75 17.58 -11.95 12.72
C HIS I 75 16.62 -11.65 11.58
N GLU I 76 16.04 -12.67 10.94
CA GLU I 76 15.02 -12.37 9.94
C GLU I 76 13.69 -12.06 10.59
N ASP I 77 13.45 -12.55 11.80
CA ASP I 77 12.19 -12.25 12.45
C ASP I 77 12.24 -11.00 13.31
N ILE I 78 13.24 -10.15 13.13
CA ILE I 78 13.19 -8.83 13.74
C ILE I 78 13.02 -7.75 12.69
N ILE I 79 13.81 -7.79 11.61
CA ILE I 79 13.74 -6.73 10.62
C ILE I 79 12.51 -6.90 9.74
N SER I 80 11.96 -8.12 9.66
CA SER I 80 10.72 -8.28 8.93
C SER I 80 9.51 -7.97 9.81
N LEU I 81 9.71 -7.82 11.11
CA LEU I 81 8.63 -7.45 12.00
C LEU I 81 8.69 -5.98 12.32
N TRP I 82 9.87 -5.38 12.22
CA TRP I 82 10.04 -3.95 12.43
C TRP I 82 9.36 -3.14 11.33
N ASP I 83 9.53 -3.56 10.08
CA ASP I 83 8.90 -2.85 8.97
C ASP I 83 7.39 -3.05 8.98
N GLN I 84 6.90 -4.15 9.53
CA GLN I 84 5.48 -4.42 9.54
C GLN I 84 4.77 -3.49 10.51
N SER I 85 5.38 -3.25 11.67
CA SER I 85 4.81 -2.38 12.70
C SER I 85 5.12 -0.92 12.47
N LEU I 86 5.49 -0.54 11.25
CA LEU I 86 5.77 0.84 10.90
C LEU I 86 5.17 1.21 9.55
N LYS I 87 4.66 0.23 8.80
CA LYS I 87 3.98 0.51 7.53
C LYS I 87 2.72 1.37 7.64
N PRO I 88 1.76 1.11 8.53
CA PRO I 88 0.56 1.97 8.53
C PRO I 88 0.73 3.31 9.24
N CYS I 89 1.94 3.68 9.66
CA CYS I 89 2.10 4.91 10.41
C CYS I 89 2.11 6.12 9.49
N VAL I 90 2.26 7.29 10.10
CA VAL I 90 2.34 8.55 9.37
C VAL I 90 3.64 8.59 8.59
N LYS I 91 3.55 8.85 7.29
CA LYS I 91 4.74 9.14 6.49
C LYS I 91 4.83 10.63 6.25
N LEU I 92 6.05 11.10 5.97
CA LEU I 92 6.28 12.53 5.79
C LEU I 92 7.33 12.73 4.69
N THR I 93 6.84 12.93 3.48
CA THR I 93 7.64 13.54 2.43
C THR I 93 7.81 15.06 2.55
N PRO I 94 6.83 15.90 3.02
CA PRO I 94 7.09 17.35 2.95
C PRO I 94 7.99 17.90 4.02
N LEU I 95 8.75 17.07 4.74
CA LEU I 95 9.72 17.63 5.67
C LEU I 95 11.00 18.07 4.95
N CYS I 96 11.39 17.40 3.87
CA CYS I 96 12.65 17.72 3.19
C CYS I 96 12.56 19.04 2.43
N VAL I 97 12.49 20.14 3.16
CA VAL I 97 12.42 21.48 2.59
C VAL I 97 13.70 22.20 3.04
N THR I 98 14.25 23.06 2.18
CA THR I 98 15.41 23.84 2.56
C THR I 98 15.06 24.83 3.68
N LEU I 99 15.83 24.78 4.75
CA LEU I 99 15.47 25.46 5.99
C LEU I 99 16.64 26.21 6.59
N GLN I 100 16.35 27.36 7.21
CA GLN I 100 17.33 28.30 7.73
C GLN I 100 17.47 28.14 9.24
N CYS I 101 18.71 28.20 9.73
CA CYS I 101 18.99 27.91 11.13
C CYS I 101 20.04 28.88 11.67
N THR I 102 20.06 29.02 13.00
CA THR I 102 21.07 29.80 13.71
C THR I 102 21.53 29.05 14.95
N ASN I 103 22.65 29.47 15.51
CA ASN I 103 23.15 28.89 16.74
C ASN I 103 22.41 29.48 17.94
N TYR I 104 22.80 29.04 19.13
CA TYR I 104 22.23 29.54 20.38
C TYR I 104 23.07 30.65 21.00
N ALA I 105 22.87 30.84 22.31
CA ALA I 105 23.30 31.86 23.25
C ALA I 105 24.82 32.02 23.31
N PRO I 106 25.25 32.85 24.27
CA PRO I 106 26.66 32.84 24.46
C PRO I 106 26.93 31.41 24.94
N ASN I 107 26.18 30.91 25.93
CA ASN I 107 26.40 29.55 26.49
C ASN I 107 27.89 29.33 26.73
N LEU I 108 28.48 30.06 27.68
CA LEU I 108 29.94 30.05 27.99
C LEU I 108 30.40 28.78 28.70
N LEU I 109 29.53 27.80 29.03
CA LEU I 109 29.86 26.49 29.67
C LEU I 109 30.86 25.78 28.77
N SER I 110 30.61 25.83 27.47
CA SER I 110 31.46 25.30 26.36
C SER I 110 31.36 23.78 26.27
N ASN I 111 30.38 23.19 26.89
CA ASN I 111 30.24 21.75 26.62
C ASN I 111 29.18 21.68 25.53
N MET I 112 28.16 22.53 25.62
CA MET I 112 27.05 22.56 24.64
C MET I 112 27.18 23.72 23.66
N ARG I 113 28.33 24.36 23.55
CA ARG I 113 28.35 25.50 22.60
C ARG I 113 28.19 24.96 21.18
N GLY I 114 27.17 25.42 20.49
CA GLY I 114 26.93 25.08 19.09
C GLY I 114 26.42 23.66 18.95
N GLU I 115 25.26 23.40 19.52
CA GLU I 115 24.72 22.05 19.56
C GLU I 115 23.25 21.95 19.19
N LEU I 116 22.45 23.00 19.36
CA LEU I 116 21.02 22.76 19.33
C LEU I 116 20.24 23.32 18.14
N LYS I 117 20.73 24.35 17.44
CA LYS I 117 20.39 24.66 16.05
C LYS I 117 18.89 24.88 15.81
N GLN I 118 18.40 26.00 16.34
CA GLN I 118 17.00 26.38 16.09
C GLN I 118 16.78 26.72 14.62
N CYS I 119 15.71 26.18 14.04
CA CYS I 119 15.47 26.30 12.61
C CYS I 119 14.03 26.76 12.35
N SER I 120 13.77 27.12 11.09
CA SER I 120 12.45 27.61 10.68
C SER I 120 12.23 27.30 9.22
N PHE I 121 11.02 26.91 8.85
CA PHE I 121 10.75 26.46 7.49
C PHE I 121 9.26 26.54 7.19
N ASN I 122 8.91 26.27 5.93
CA ASN I 122 7.53 26.21 5.47
C ASN I 122 7.04 24.77 5.49
N MET I 123 5.74 24.59 5.67
CA MET I 123 5.15 23.26 5.79
C MET I 123 3.68 23.35 5.45
N THR I 124 3.19 22.40 4.65
CA THR I 124 1.84 22.48 4.09
C THR I 124 0.80 22.17 5.15
N THR I 125 -0.29 22.94 5.14
CA THR I 125 -1.38 22.77 6.08
C THR I 125 -2.44 21.83 5.50
N GLU I 126 -3.62 21.82 6.12
CA GLU I 126 -4.72 20.97 5.68
C GLU I 126 -5.15 21.30 4.27
N LEU I 127 -5.56 22.55 4.05
CA LEU I 127 -5.95 23.01 2.73
C LEU I 127 -4.72 23.06 1.82
N ARG I 128 -4.95 22.77 0.54
CA ARG I 128 -3.83 22.46 -0.35
C ARG I 128 -3.05 23.71 -0.74
N ASP I 129 -3.71 24.86 -0.84
CA ASP I 129 -3.07 26.04 -1.39
C ASP I 129 -2.85 27.13 -0.34
N LYS I 130 -2.59 26.74 0.91
CA LYS I 130 -2.10 27.68 1.91
C LYS I 130 -0.90 27.08 2.61
N LYS I 131 -0.10 27.94 3.23
CA LYS I 131 1.16 27.54 3.81
C LYS I 131 1.20 27.95 5.28
N GLN I 132 1.96 27.18 6.06
CA GLN I 132 2.04 27.36 7.50
C GLN I 132 3.50 27.53 7.87
N LYS I 133 3.80 28.49 8.73
CA LYS I 133 5.17 28.76 9.14
C LYS I 133 5.38 28.24 10.54
N VAL I 134 6.49 27.54 10.76
CA VAL I 134 6.68 26.79 12.00
C VAL I 134 8.08 27.07 12.52
N TYR I 135 8.28 26.92 13.83
CA TYR I 135 9.59 27.01 14.44
C TYR I 135 9.87 25.76 15.25
N SER I 136 11.07 25.21 15.11
CA SER I 136 11.48 24.03 15.85
C SER I 136 12.98 24.07 16.03
N LEU I 137 13.57 22.94 16.40
CA LEU I 137 15.02 22.83 16.56
C LEU I 137 15.42 21.37 16.43
N PHE I 138 16.69 21.15 16.10
CA PHE I 138 17.21 19.82 15.81
C PHE I 138 18.65 19.73 16.29
N TYR I 139 19.00 18.59 16.86
CA TYR I 139 20.36 18.31 17.30
C TYR I 139 21.33 18.34 16.12
N ARG I 140 22.61 18.54 16.43
CA ARG I 140 23.62 18.86 15.42
C ARG I 140 23.86 17.71 14.45
N LEU I 141 23.53 16.47 14.82
CA LEU I 141 23.71 15.33 13.92
C LEU I 141 22.48 15.07 13.05
N ASP I 142 21.66 16.08 12.80
CA ASP I 142 20.53 15.91 11.89
C ASP I 142 20.52 16.88 10.74
N VAL I 143 21.32 17.94 10.79
CA VAL I 143 21.33 18.93 9.74
C VAL I 143 22.72 18.99 9.12
N VAL I 144 22.75 19.21 7.82
CA VAL I 144 23.98 19.34 7.04
C VAL I 144 23.79 20.51 6.09
N GLN I 145 24.71 21.46 6.12
CA GLN I 145 24.58 22.66 5.31
C GLN I 145 24.85 22.37 3.84
N ILE I 146 24.41 23.28 2.99
CA ILE I 146 24.68 23.22 1.56
C ILE I 146 25.82 24.19 1.28
N ASN I 147 26.98 23.65 0.88
CA ASN I 147 28.15 24.47 0.61
C ASN I 147 27.98 25.26 -0.68
N SER I 157 27.98 34.46 5.40
CA SER I 157 27.32 34.59 6.68
C SER I 157 26.46 33.36 7.01
N ASN I 158 25.17 33.60 7.25
CA ASN I 158 24.23 32.52 7.51
C ASN I 158 24.03 31.67 6.27
N LYS I 159 23.79 30.38 6.48
CA LYS I 159 23.60 29.45 5.38
C LYS I 159 22.31 28.66 5.61
N GLU I 160 22.01 27.79 4.66
CA GLU I 160 20.82 26.97 4.70
C GLU I 160 21.18 25.57 5.19
N TYR I 161 20.16 24.77 5.48
CA TYR I 161 20.39 23.43 5.99
C TYR I 161 19.28 22.52 5.48
N ARG I 162 19.56 21.22 5.46
CA ARG I 162 18.60 20.21 5.06
C ARG I 162 18.79 18.99 5.95
N LEU I 163 17.74 18.17 6.05
CA LEU I 163 17.76 16.99 6.91
C LEU I 163 18.76 15.96 6.38
N ILE I 164 19.36 15.21 7.29
CA ILE I 164 20.57 14.45 6.97
C ILE I 164 20.31 13.28 6.02
N ASN I 165 19.06 12.87 5.84
CA ASN I 165 18.76 11.70 5.03
C ASN I 165 17.92 12.00 3.80
N CYS I 166 17.83 13.25 3.36
CA CYS I 166 17.00 13.56 2.21
C CYS I 166 17.73 13.41 0.88
N ASN I 167 18.80 12.62 0.83
CA ASN I 167 19.35 12.18 -0.44
C ASN I 167 19.46 10.66 -0.52
N THR I 168 19.08 9.96 0.52
CA THR I 168 19.29 8.52 0.57
C THR I 168 18.01 7.74 0.81
N SER I 169 17.15 8.18 1.72
CA SER I 169 15.99 7.37 2.10
C SER I 169 14.82 8.27 2.45
N ALA I 170 13.62 7.73 2.29
CA ALA I 170 12.39 8.45 2.59
C ALA I 170 12.10 8.38 4.07
N ILE I 171 11.79 9.53 4.67
CA ILE I 171 11.57 9.62 6.11
C ILE I 171 10.16 9.13 6.41
N THR I 172 10.00 8.44 7.54
CA THR I 172 8.69 8.12 8.07
C THR I 172 8.73 8.21 9.58
N GLN I 173 7.56 8.43 10.17
CA GLN I 173 7.41 8.70 11.59
C GLN I 173 6.88 7.46 12.29
N ALA I 174 7.36 7.20 13.49
CA ALA I 174 6.77 6.16 14.33
C ALA I 174 5.39 6.58 14.78
N CYS I 175 4.51 5.59 14.93
CA CYS I 175 3.20 5.87 15.52
C CYS I 175 3.38 6.19 17.00
N PRO I 176 2.70 7.21 17.51
CA PRO I 176 2.95 7.66 18.88
C PRO I 176 2.30 6.82 19.97
N LYS I 177 1.71 5.67 19.63
CA LYS I 177 1.11 4.79 20.62
C LYS I 177 2.04 3.64 21.04
N VAL I 178 2.78 3.07 20.08
CA VAL I 178 3.57 1.89 20.36
C VAL I 178 4.79 2.23 21.21
N SER I 179 5.32 1.23 21.89
CA SER I 179 6.47 1.40 22.77
C SER I 179 7.51 0.34 22.45
N PHE I 180 8.77 0.73 22.46
CA PHE I 180 9.86 -0.14 22.05
C PHE I 180 10.55 -0.83 23.21
N GLU I 181 9.89 -0.94 24.35
CA GLU I 181 10.52 -1.59 25.49
C GLU I 181 10.49 -3.10 25.29
N PRO I 182 11.60 -3.80 25.44
CA PRO I 182 11.63 -5.22 25.10
C PRO I 182 10.95 -6.08 26.16
N ILE I 183 10.27 -7.11 25.69
CA ILE I 183 9.60 -8.09 26.55
C ILE I 183 10.22 -9.44 26.22
N PRO I 184 10.14 -10.42 27.14
CA PRO I 184 10.70 -11.75 26.85
C PRO I 184 9.99 -12.46 25.71
N ILE I 185 10.74 -13.28 24.99
CA ILE I 185 10.25 -14.12 23.89
C ILE I 185 10.85 -15.50 24.05
N HIS I 186 10.00 -16.52 24.07
CA HIS I 186 10.46 -17.89 23.98
C HIS I 186 10.28 -18.38 22.56
N TYR I 187 11.23 -19.16 22.08
CA TYR I 187 11.07 -19.91 20.84
C TYR I 187 10.68 -21.33 21.16
N CYS I 188 9.72 -21.86 20.42
CA CYS I 188 9.28 -23.23 20.59
C CYS I 188 9.30 -23.94 19.24
N ALA I 189 9.75 -25.17 19.25
CA ALA I 189 9.83 -26.06 18.09
C ALA I 189 8.50 -26.78 17.90
N PRO I 190 8.08 -27.09 16.67
CA PRO I 190 6.77 -27.72 16.47
C PRO I 190 6.71 -29.15 16.95
N ALA I 191 5.52 -29.74 16.92
CA ALA I 191 5.34 -31.09 17.44
C ALA I 191 6.01 -32.11 16.52
N GLY I 192 6.84 -32.95 17.12
CA GLY I 192 7.66 -33.87 16.35
C GLY I 192 9.10 -33.47 16.21
N PHE I 193 9.57 -32.54 17.04
CA PHE I 193 10.95 -32.10 17.05
C PHE I 193 11.35 -31.83 18.50
N ALA I 194 12.62 -31.52 18.71
CA ALA I 194 13.10 -31.25 20.06
C ALA I 194 14.29 -30.33 19.96
N ILE I 195 14.60 -29.67 21.07
CA ILE I 195 15.70 -28.71 21.13
C ILE I 195 16.61 -29.14 22.27
N LEU I 196 17.86 -29.44 21.95
CA LEU I 196 18.80 -29.86 22.98
C LEU I 196 19.40 -28.64 23.67
N LYS I 197 20.16 -28.89 24.73
CA LYS I 197 20.63 -27.82 25.60
C LYS I 197 21.84 -28.29 26.38
N CYS I 198 22.98 -27.63 26.19
CA CYS I 198 24.19 -27.97 26.94
C CYS I 198 24.08 -27.46 28.36
N LYS I 199 24.56 -28.26 29.30
CA LYS I 199 24.36 -27.95 30.72
C LYS I 199 25.64 -28.16 31.51
N ASP I 200 26.74 -27.57 31.05
CA ASP I 200 27.90 -27.42 31.90
C ASP I 200 28.06 -25.94 32.28
N LYS I 201 29.15 -25.62 32.95
CA LYS I 201 29.35 -24.26 33.43
C LYS I 201 30.31 -23.46 32.57
N LYS I 202 31.50 -23.98 32.29
CA LYS I 202 32.47 -23.32 31.45
C LYS I 202 32.40 -23.97 30.07
N PHE I 203 31.86 -23.24 29.10
CA PHE I 203 31.60 -23.77 27.77
C PHE I 203 32.19 -22.81 26.75
N ASN I 204 33.27 -23.23 26.08
CA ASN I 204 34.01 -22.35 25.19
C ASN I 204 33.46 -22.32 23.77
N GLY I 205 32.17 -22.59 23.61
CA GLY I 205 31.52 -22.47 22.32
C GLY I 205 31.41 -23.76 21.52
N THR I 206 32.54 -24.37 21.19
CA THR I 206 32.56 -25.57 20.38
C THR I 206 33.12 -26.73 21.17
N GLY I 207 32.68 -27.93 20.86
CA GLY I 207 33.23 -29.11 21.47
C GLY I 207 32.16 -30.09 21.91
N PRO I 208 32.58 -31.17 22.56
CA PRO I 208 31.59 -32.11 23.11
C PRO I 208 31.07 -31.68 24.46
N CYS I 209 29.75 -31.71 24.62
CA CYS I 209 29.08 -31.33 25.86
C CYS I 209 28.62 -32.60 26.56
N PRO I 210 29.28 -33.07 27.61
CA PRO I 210 29.04 -34.42 28.12
C PRO I 210 27.81 -34.59 29.01
N SER I 211 26.90 -33.62 29.06
CA SER I 211 25.64 -33.79 29.81
C SER I 211 24.62 -32.85 29.18
N VAL I 212 23.73 -33.40 28.36
CA VAL I 212 22.76 -32.60 27.64
C VAL I 212 21.41 -32.72 28.30
N SER I 213 20.47 -31.90 27.85
CA SER I 213 19.11 -31.90 28.39
C SER I 213 18.16 -31.46 27.29
N THR I 214 16.99 -32.09 27.25
CA THR I 214 16.00 -31.83 26.23
C THR I 214 14.86 -30.99 26.79
N VAL I 215 14.62 -29.83 26.19
CA VAL I 215 13.46 -29.02 26.45
C VAL I 215 12.71 -28.85 25.14
N GLN I 216 11.62 -28.10 25.18
CA GLN I 216 10.92 -27.75 23.95
C GLN I 216 10.85 -26.25 23.71
N CYS I 217 10.90 -25.44 24.77
CA CYS I 217 10.87 -24.00 24.61
C CYS I 217 12.03 -23.40 25.40
N THR I 218 12.79 -22.51 24.76
CA THR I 218 13.95 -21.91 25.39
C THR I 218 13.54 -20.93 26.48
N HIS I 219 14.53 -20.47 27.24
CA HIS I 219 14.27 -19.54 28.32
C HIS I 219 14.01 -18.14 27.77
N GLY I 220 13.78 -17.19 28.67
CA GLY I 220 13.34 -15.87 28.27
C GLY I 220 14.44 -15.08 27.59
N ILE I 221 14.26 -14.73 26.32
CA ILE I 221 15.22 -13.95 25.56
C ILE I 221 14.71 -12.52 25.51
N LYS I 222 15.55 -11.57 25.92
CA LYS I 222 15.22 -10.17 25.81
C LYS I 222 15.90 -9.60 24.57
N PRO I 223 15.18 -9.29 23.52
CA PRO I 223 15.81 -8.82 22.27
C PRO I 223 16.10 -7.32 22.29
N VAL I 224 17.08 -6.94 23.08
CA VAL I 224 17.53 -5.55 23.09
C VAL I 224 18.40 -5.29 21.86
N VAL I 225 18.66 -4.00 21.62
CA VAL I 225 19.56 -3.58 20.55
C VAL I 225 20.65 -2.74 21.18
N SER I 226 21.90 -3.15 20.99
CA SER I 226 23.02 -2.42 21.58
C SER I 226 24.28 -2.68 20.79
N THR I 227 25.27 -1.83 21.00
CA THR I 227 26.60 -1.93 20.40
C THR I 227 27.64 -1.69 21.47
N GLN I 228 28.73 -2.48 21.41
CA GLN I 228 29.95 -2.41 22.23
C GLN I 228 29.76 -2.83 23.68
N LEU I 229 28.52 -2.98 24.14
CA LEU I 229 28.23 -3.34 25.52
C LEU I 229 26.85 -3.98 25.51
N LEU I 230 26.80 -5.28 25.80
CA LEU I 230 25.53 -5.97 25.87
C LEU I 230 24.78 -5.55 27.12
N LEU I 231 23.50 -5.23 26.96
CA LEU I 231 22.69 -4.74 28.06
C LEU I 231 21.58 -5.72 28.42
N ASN I 232 21.28 -5.80 29.71
CA ASN I 232 20.21 -6.61 30.30
C ASN I 232 20.29 -8.09 29.93
N GLY I 233 21.47 -8.61 29.63
CA GLY I 233 21.59 -9.97 29.17
C GLY I 233 21.48 -10.97 30.29
N SER I 234 21.78 -12.22 29.95
CA SER I 234 21.81 -13.30 30.92
C SER I 234 23.22 -13.53 31.40
N LEU I 235 23.36 -13.95 32.66
CA LEU I 235 24.65 -14.04 33.31
C LEU I 235 25.42 -15.27 32.83
N ALA I 236 26.53 -15.51 33.51
CA ALA I 236 27.33 -16.71 33.35
C ALA I 236 27.60 -17.28 34.74
N GLU I 237 28.51 -18.25 34.80
CA GLU I 237 28.89 -18.90 36.04
C GLU I 237 30.37 -18.64 36.30
N GLU I 238 30.93 -19.42 37.25
CA GLU I 238 32.04 -19.10 38.13
C GLU I 238 33.14 -18.17 37.61
N GLU I 239 33.62 -18.39 36.39
CA GLU I 239 34.58 -17.47 35.80
C GLU I 239 34.12 -17.05 34.41
N VAL I 240 34.65 -15.93 33.93
CA VAL I 240 34.22 -15.39 32.65
C VAL I 240 34.76 -16.24 31.51
N ILE I 241 34.13 -16.11 30.35
CA ILE I 241 34.35 -16.99 29.22
C ILE I 241 34.73 -16.15 28.01
N ILE I 242 35.73 -16.59 27.25
CA ILE I 242 36.13 -15.95 26.01
C ILE I 242 35.70 -16.86 24.87
N ARG I 243 34.95 -16.31 23.93
CA ARG I 243 34.38 -17.08 22.83
C ARG I 243 34.65 -16.38 21.52
N SER I 244 35.01 -17.14 20.50
CA SER I 244 35.17 -16.61 19.15
C SER I 244 35.19 -17.74 18.14
N GLU I 245 35.49 -17.37 16.90
CA GLU I 245 35.92 -18.28 15.85
C GLU I 245 37.32 -17.89 15.46
N ASN I 246 38.20 -18.89 15.31
CA ASN I 246 39.61 -18.87 14.89
C ASN I 246 40.40 -17.62 15.33
N ILE I 247 40.53 -17.41 16.65
CA ILE I 247 41.45 -16.38 17.13
C ILE I 247 42.87 -16.69 16.64
N THR I 248 43.68 -15.62 16.57
CA THR I 248 44.67 -15.35 15.51
C THR I 248 43.96 -15.19 14.16
N ASN I 249 42.98 -14.31 14.13
CA ASN I 249 42.45 -13.73 12.90
C ASN I 249 41.87 -12.38 13.28
N ASN I 250 42.44 -11.31 12.74
CA ASN I 250 42.17 -9.97 13.22
C ASN I 250 40.82 -9.42 12.78
N ALA I 251 40.09 -10.12 11.92
CA ALA I 251 38.82 -9.63 11.42
C ALA I 251 37.62 -10.23 12.12
N LYS I 252 37.82 -11.11 13.09
CA LYS I 252 36.71 -11.75 13.79
C LYS I 252 36.67 -11.27 15.23
N ASN I 253 35.45 -11.12 15.75
CA ASN I 253 35.23 -10.47 17.03
C ASN I 253 35.55 -11.42 18.18
N ILE I 254 35.42 -10.92 19.40
CA ILE I 254 35.56 -11.70 20.62
C ILE I 254 34.37 -11.37 21.51
N LEU I 255 33.58 -12.37 21.87
CA LEU I 255 32.33 -12.17 22.58
C LEU I 255 32.53 -12.51 24.05
N VAL I 256 32.99 -11.53 24.82
CA VAL I 256 33.25 -11.73 26.25
C VAL I 256 31.92 -11.73 26.98
N GLN I 257 31.73 -12.67 27.90
CA GLN I 257 30.58 -12.70 28.79
C GLN I 257 31.05 -12.59 30.23
N LEU I 258 30.38 -11.75 31.01
CA LEU I 258 30.84 -11.43 32.35
C LEU I 258 30.25 -12.36 33.41
N ASN I 259 30.73 -12.20 34.64
CA ASN I 259 30.30 -13.00 35.77
C ASN I 259 29.47 -12.20 36.75
N THR I 260 30.02 -11.11 37.27
CA THR I 260 29.18 -10.26 38.10
C THR I 260 28.78 -9.00 37.35
N PRO I 261 27.55 -8.53 37.49
CA PRO I 261 27.11 -7.41 36.67
C PRO I 261 27.59 -6.07 37.21
N VAL I 262 27.61 -5.09 36.33
CA VAL I 262 28.04 -3.74 36.63
C VAL I 262 26.89 -2.80 36.27
N GLN I 263 26.42 -2.03 37.24
CA GLN I 263 25.28 -1.17 36.99
C GLN I 263 25.65 0.02 36.11
N ILE I 264 24.62 0.70 35.62
CA ILE I 264 24.80 1.86 34.76
C ILE I 264 23.59 2.77 34.94
N ASN I 265 23.80 4.09 34.86
CA ASN I 265 22.77 5.06 35.24
C ASN I 265 22.64 6.18 34.22
N CYS I 266 22.43 5.84 32.95
CA CYS I 266 22.22 6.87 31.93
C CYS I 266 20.93 7.64 32.16
N THR I 267 20.99 8.95 31.92
CA THR I 267 19.85 9.84 32.16
C THR I 267 20.00 11.08 31.29
N ARG I 268 19.03 12.00 31.41
CA ARG I 268 18.99 13.26 30.69
C ARG I 268 18.30 14.33 31.53
N PRO I 269 18.89 15.51 31.70
CA PRO I 269 18.38 16.43 32.72
C PRO I 269 17.42 17.52 32.26
N ASN I 270 17.17 17.68 30.95
CA ASN I 270 16.38 18.81 30.47
C ASN I 270 14.89 18.55 30.69
N ASN I 271 14.03 19.40 30.12
CA ASN I 271 12.60 19.24 30.35
C ASN I 271 11.79 19.03 29.08
N ASN I 272 12.08 19.76 28.00
CA ASN I 272 11.72 19.41 26.63
C ASN I 272 10.21 19.35 26.40
N THR I 273 9.59 20.52 26.41
CA THR I 273 8.19 20.62 25.99
C THR I 273 8.02 20.22 24.53
N VAL I 274 6.82 19.73 24.21
CA VAL I 274 6.51 19.22 22.88
C VAL I 274 5.26 19.93 22.37
N LYS I 275 5.16 20.11 21.07
CA LYS I 275 4.00 20.71 20.44
C LYS I 275 3.55 19.86 19.26
N SER I 276 2.40 20.19 18.71
CA SER I 276 1.83 19.41 17.62
C SER I 276 1.01 20.28 16.70
N ILE I 277 1.33 20.25 15.42
CA ILE I 277 0.54 20.90 14.38
C ILE I 277 -0.01 19.79 13.50
N ARG I 278 -0.85 20.14 12.52
CA ARG I 278 -1.30 19.19 11.52
C ARG I 278 -0.65 19.53 10.21
N ILE I 279 -0.06 18.52 9.61
CA ILE I 279 0.69 18.56 8.34
C ILE I 279 -0.38 18.52 7.29
N GLY I 280 -1.53 17.91 7.53
CA GLY I 280 -2.70 18.00 6.61
C GLY I 280 -2.77 17.03 5.45
N PRO I 281 -3.95 16.41 5.24
CA PRO I 281 -5.25 16.58 5.87
C PRO I 281 -5.59 15.35 6.69
N GLY I 282 -5.17 15.29 7.93
CA GLY I 282 -5.47 14.12 8.76
C GLY I 282 -4.25 13.41 9.31
N GLN I 283 -3.08 13.99 9.26
CA GLN I 283 -1.88 13.35 9.82
C GLN I 283 -1.21 14.31 10.80
N ALA I 284 -1.02 14.03 12.06
CA ALA I 284 -0.38 15.04 12.92
C ALA I 284 1.12 14.93 12.83
N PHE I 285 1.84 15.77 13.51
CA PHE I 285 3.30 15.85 13.43
C PHE I 285 3.81 16.46 14.73
N TYR I 286 4.40 15.63 15.58
CA TYR I 286 4.89 16.08 16.87
C TYR I 286 6.34 16.54 16.72
N TYR I 287 6.57 17.85 16.71
CA TYR I 287 7.92 18.36 16.65
C TYR I 287 8.39 18.76 18.04
N PHE I 288 9.64 19.20 18.10
CA PHE I 288 10.34 19.35 19.36
C PHE I 288 10.37 20.82 19.77
N GLY I 289 9.60 21.17 20.80
CA GLY I 289 9.51 22.53 21.28
C GLY I 289 10.74 22.97 22.05
N ASP I 290 10.56 23.99 22.88
CA ASP I 290 11.71 24.64 23.48
C ASP I 290 12.06 23.99 24.82
N ILE I 291 13.26 24.31 25.33
CA ILE I 291 13.84 23.69 26.50
C ILE I 291 13.71 24.65 27.67
N ILE I 292 13.04 24.22 28.73
CA ILE I 292 12.80 25.06 29.90
C ILE I 292 13.79 24.67 30.98
N GLY I 293 14.52 25.65 31.51
CA GLY I 293 15.47 25.41 32.57
C GLY I 293 16.85 25.89 32.21
N ASP I 294 17.82 24.97 32.19
CA ASP I 294 19.15 25.26 31.66
C ASP I 294 19.76 23.97 31.18
N ILE I 295 20.59 24.06 30.18
CA ILE I 295 21.00 22.87 29.44
C ILE I 295 22.30 22.32 29.99
N ARG I 296 22.41 21.00 29.98
CA ARG I 296 23.64 20.28 30.27
C ARG I 296 23.79 19.21 29.20
N MET I 297 24.76 18.32 29.37
CA MET I 297 24.82 17.16 28.50
C MET I 297 23.91 16.07 29.06
N ALA I 298 23.80 14.98 28.32
CA ALA I 298 23.17 13.76 28.82
C ALA I 298 24.30 12.77 29.08
N HIS I 299 24.39 12.26 30.29
CA HIS I 299 25.56 11.50 30.70
C HIS I 299 25.18 10.20 31.38
N CYS I 300 26.20 9.37 31.62
CA CYS I 300 26.04 8.06 32.21
C CYS I 300 27.12 7.85 33.27
N ASN I 301 26.78 7.16 34.35
CA ASN I 301 27.73 6.87 35.41
C ASN I 301 27.95 5.37 35.53
N VAL I 302 29.21 4.99 35.72
CA VAL I 302 29.62 3.64 36.07
C VAL I 302 30.58 3.73 37.24
N SER I 303 30.30 2.99 38.31
CA SER I 303 31.09 3.09 39.53
C SER I 303 32.51 2.60 39.31
N LYS I 304 33.48 3.41 39.73
CA LYS I 304 34.87 3.18 39.36
C LYS I 304 35.46 1.99 40.10
N ALA I 305 35.01 1.75 41.33
CA ALA I 305 35.55 0.64 42.10
C ALA I 305 35.11 -0.70 41.53
N THR I 306 33.91 -0.77 40.96
CA THR I 306 33.45 -2.03 40.39
C THR I 306 34.06 -2.27 39.02
N TRP I 307 34.15 -1.23 38.20
CA TRP I 307 34.64 -1.38 36.84
C TRP I 307 36.13 -1.72 36.81
N ASN I 308 36.86 -1.29 37.83
CA ASN I 308 38.25 -1.71 37.93
C ASN I 308 38.36 -3.21 38.21
N GLU I 309 37.44 -3.74 39.02
CA GLU I 309 37.51 -5.16 39.35
C GLU I 309 37.10 -6.02 38.17
N THR I 310 36.20 -5.52 37.33
CA THR I 310 35.71 -6.33 36.22
C THR I 310 36.75 -6.44 35.11
N LEU I 311 37.47 -5.35 34.83
CA LEU I 311 38.58 -5.46 33.88
C LEU I 311 39.73 -6.28 34.46
N GLY I 312 39.87 -6.28 35.78
CA GLY I 312 40.88 -7.12 36.39
C GLY I 312 40.54 -8.60 36.28
N LYS I 313 39.26 -8.93 36.20
CA LYS I 313 38.87 -10.33 36.07
C LYS I 313 38.96 -10.79 34.63
N VAL I 314 38.71 -9.89 33.67
CA VAL I 314 38.79 -10.27 32.26
C VAL I 314 40.24 -10.48 31.84
N VAL I 315 41.14 -9.61 32.29
CA VAL I 315 42.50 -9.67 31.80
C VAL I 315 43.28 -10.83 32.43
N LYS I 316 42.77 -11.41 33.52
CA LYS I 316 43.33 -12.67 33.99
C LYS I 316 42.93 -13.81 33.07
N GLN I 317 41.78 -13.70 32.42
CA GLN I 317 41.28 -14.76 31.55
C GLN I 317 41.91 -14.73 30.15
N LEU I 318 42.24 -13.56 29.63
CA LEU I 318 42.85 -13.49 28.31
C LEU I 318 44.30 -13.94 28.28
N ARG I 319 44.92 -14.20 29.42
CA ARG I 319 46.29 -14.71 29.42
C ARG I 319 46.36 -16.14 28.92
N LYS I 320 45.29 -16.91 29.05
CA LYS I 320 45.26 -18.29 28.57
C LYS I 320 45.26 -18.40 27.06
N HIS I 321 44.98 -17.33 26.33
CA HIS I 321 44.88 -17.39 24.88
C HIS I 321 45.96 -16.58 24.16
N PHE I 322 46.84 -15.90 24.88
CA PHE I 322 47.84 -15.07 24.23
C PHE I 322 49.19 -15.19 24.91
N GLY I 323 49.41 -16.27 25.65
CA GLY I 323 50.67 -16.35 26.37
C GLY I 323 50.61 -15.66 27.71
N ASN I 324 51.39 -16.18 28.65
CA ASN I 324 51.32 -15.69 30.03
C ASN I 324 52.10 -14.38 30.16
N ASN I 325 53.21 -14.24 29.44
CA ASN I 325 54.04 -13.05 29.58
C ASN I 325 53.72 -12.07 28.45
N THR I 326 52.72 -11.24 28.65
CA THR I 326 52.38 -10.17 27.72
C THR I 326 51.58 -9.10 28.46
N ILE I 327 51.75 -7.85 28.04
CA ILE I 327 51.31 -6.73 28.87
C ILE I 327 50.13 -5.97 28.27
N ILE I 328 48.91 -6.40 28.61
CA ILE I 328 47.71 -6.11 27.82
C ILE I 328 47.33 -4.63 27.90
N ARG I 329 47.07 -4.03 26.74
CA ARG I 329 46.72 -2.62 26.62
C ARG I 329 45.39 -2.46 25.90
N PHE I 330 44.50 -1.65 26.46
CA PHE I 330 43.26 -1.25 25.83
C PHE I 330 43.44 0.11 25.16
N ALA I 331 42.44 0.51 24.38
CA ALA I 331 42.52 1.76 23.62
C ALA I 331 41.11 2.23 23.29
N GLN I 332 41.00 3.22 22.42
CA GLN I 332 39.72 3.77 21.99
C GLN I 332 39.29 3.12 20.69
N SER I 333 38.15 3.55 20.15
CA SER I 333 37.72 3.08 18.84
C SER I 333 38.40 3.87 17.74
N SER I 334 38.51 3.25 16.56
CA SER I 334 39.32 3.81 15.49
C SER I 334 38.56 4.88 14.71
N GLY I 335 37.50 4.49 14.03
CA GLY I 335 36.79 5.42 13.15
C GLY I 335 35.84 4.69 12.24
N GLY I 336 35.01 5.48 11.57
CA GLY I 336 33.94 4.97 10.74
C GLY I 336 32.69 5.80 10.92
N ASP I 337 31.52 5.17 10.77
CA ASP I 337 30.28 5.87 11.09
C ASP I 337 29.99 5.81 12.58
N LEU I 338 28.88 6.43 12.97
CA LEU I 338 28.65 6.70 14.38
C LEU I 338 28.23 5.44 15.15
N GLU I 339 27.52 4.52 14.53
CA GLU I 339 26.98 3.39 15.29
C GLU I 339 27.99 2.28 15.53
N VAL I 340 29.25 2.46 15.12
CA VAL I 340 30.29 1.47 15.34
C VAL I 340 31.32 1.96 16.34
N THR I 341 31.71 3.23 16.22
CA THR I 341 32.72 3.80 17.10
C THR I 341 32.17 4.21 18.46
N THR I 342 30.88 4.05 18.71
CA THR I 342 30.27 4.49 19.96
C THR I 342 29.41 3.40 20.58
N HIS I 343 28.92 3.65 21.78
CA HIS I 343 27.97 2.79 22.48
C HIS I 343 26.59 3.38 22.31
N SER I 344 25.66 2.60 21.72
CA SER I 344 24.34 3.10 21.38
C SER I 344 23.27 2.15 21.90
N PHE I 345 22.14 2.72 22.31
CA PHE I 345 21.00 1.97 22.78
C PHE I 345 19.79 2.88 22.77
N ASN I 346 18.67 2.38 23.31
CA ASN I 346 17.47 3.19 23.48
C ASN I 346 16.97 3.06 24.91
N CYS I 347 16.54 4.17 25.47
CA CYS I 347 16.09 4.25 26.86
C CYS I 347 14.72 4.90 26.88
N GLY I 348 13.66 4.09 26.91
CA GLY I 348 12.32 4.60 27.02
C GLY I 348 11.69 5.12 25.76
N GLY I 349 12.44 5.24 24.67
CA GLY I 349 11.86 5.78 23.45
C GLY I 349 12.77 6.76 22.76
N GLU I 350 13.97 6.93 23.29
CA GLU I 350 14.92 7.89 22.76
C GLU I 350 16.29 7.25 22.63
N PHE I 351 17.03 7.63 21.59
CA PHE I 351 18.21 6.89 21.15
C PHE I 351 19.49 7.62 21.51
N PHE I 352 20.25 7.09 22.46
CA PHE I 352 21.48 7.73 22.89
C PHE I 352 22.66 7.29 22.03
N TYR I 353 23.76 8.05 22.14
CA TYR I 353 25.03 7.70 21.50
C TYR I 353 26.13 8.21 22.43
N CYS I 354 26.72 7.32 23.22
CA CYS I 354 27.72 7.67 24.21
C CYS I 354 29.11 7.67 23.58
N ASN I 355 30.16 7.74 24.40
CA ASN I 355 31.52 7.71 23.87
C ASN I 355 32.29 6.47 24.29
N THR I 356 32.34 6.17 25.60
CA THR I 356 33.15 5.11 26.19
C THR I 356 34.61 5.22 25.77
N SER I 357 35.22 6.36 26.11
CA SER I 357 36.66 6.48 26.05
C SER I 357 37.31 6.40 27.41
N GLY I 358 36.64 6.85 28.46
CA GLY I 358 37.12 6.76 29.81
C GLY I 358 36.99 5.41 30.46
N LEU I 359 36.69 4.37 29.68
CA LEU I 359 36.62 3.01 30.18
C LEU I 359 37.76 2.16 29.67
N PHE I 360 38.00 2.15 28.35
CA PHE I 360 38.97 1.22 27.77
C PHE I 360 40.34 1.88 27.63
N ASN I 361 40.79 2.48 28.71
CA ASN I 361 42.11 3.05 28.90
C ASN I 361 42.94 2.07 29.73
N SER I 362 44.08 2.52 30.28
CA SER I 362 44.77 1.88 31.41
C SER I 362 45.31 0.48 31.09
N THR I 363 46.41 0.45 30.33
CA THR I 363 47.20 -0.75 30.08
C THR I 363 47.62 -1.51 31.33
N TRP I 364 47.94 -2.81 31.16
CA TRP I 364 48.25 -3.69 32.26
C TRP I 364 49.65 -4.26 32.09
N ILE I 365 50.23 -4.74 33.19
CA ILE I 365 51.57 -5.30 33.22
C ILE I 365 51.50 -6.70 33.81
N SER I 366 52.14 -7.66 33.15
CA SER I 366 52.14 -9.06 33.56
C SER I 366 53.03 -9.22 34.79
N ASN I 367 52.41 -9.19 35.96
CA ASN I 367 53.13 -9.33 37.22
C ASN I 367 52.25 -10.00 38.26
N ASN I 379 35.19 5.27 46.49
CA ASN I 379 33.98 5.73 45.82
C ASN I 379 34.32 6.83 44.85
N ASP I 380 33.84 6.69 43.62
CA ASP I 380 34.07 7.66 42.56
C ASP I 380 32.97 7.44 41.54
N SER I 381 33.08 8.09 40.38
CA SER I 381 32.18 7.86 39.27
C SER I 381 32.87 8.31 37.99
N ILE I 382 32.79 7.48 36.97
CA ILE I 382 33.30 7.82 35.65
C ILE I 382 32.15 8.35 34.83
N VAL I 383 32.28 9.57 34.33
CA VAL I 383 31.24 10.20 33.53
C VAL I 383 31.49 9.88 32.06
N LEU I 384 30.41 9.83 31.28
CA LEU I 384 30.49 9.53 29.87
C LEU I 384 29.57 10.50 29.14
N PRO I 385 30.10 11.41 28.33
CA PRO I 385 29.23 12.33 27.59
C PRO I 385 28.50 11.60 26.46
N CYS I 386 27.18 11.82 26.39
CA CYS I 386 26.37 11.12 25.41
C CYS I 386 25.48 12.10 24.67
N ARG I 387 25.70 12.24 23.37
CA ARG I 387 24.90 13.08 22.49
C ARG I 387 23.78 12.25 21.87
N ILE I 388 22.78 12.94 21.32
CA ILE I 388 21.48 12.36 21.00
C ILE I 388 21.13 12.66 19.55
N LYS I 389 20.74 11.62 18.81
CA LYS I 389 20.12 11.78 17.50
C LYS I 389 18.63 11.53 17.60
N GLN I 390 17.89 12.07 16.62
CA GLN I 390 16.47 11.80 16.47
C GLN I 390 16.13 10.95 15.27
N ILE I 391 16.97 10.96 14.26
CA ILE I 391 16.74 10.23 13.01
C ILE I 391 17.67 9.03 13.00
N ILE I 392 17.11 7.84 13.11
CA ILE I 392 17.90 6.63 13.19
C ILE I 392 17.96 5.97 11.82
N ASN I 393 18.99 5.16 11.63
CA ASN I 393 19.22 4.49 10.36
C ASN I 393 19.61 3.04 10.64
N MET I 394 18.83 2.38 11.49
CA MET I 394 19.23 1.13 12.13
C MET I 394 19.32 -0.03 11.14
N TRP I 395 19.96 -1.10 11.62
CA TRP I 395 20.24 -2.36 10.91
C TRP I 395 21.03 -2.18 9.62
N GLN I 396 21.84 -1.12 9.53
CA GLN I 396 22.89 -0.93 8.52
C GLN I 396 22.35 -0.89 7.10
N ARG I 397 21.06 -0.63 6.92
CA ARG I 397 20.46 -0.62 5.61
C ARG I 397 20.50 0.80 5.03
N ILE I 398 20.08 0.90 3.77
CA ILE I 398 19.76 2.18 3.15
C ILE I 398 18.40 2.02 2.47
N GLY I 399 17.60 3.07 2.48
CA GLY I 399 16.30 3.00 1.84
C GLY I 399 15.17 2.85 2.83
N GLN I 400 15.47 2.96 4.11
CA GLN I 400 14.43 2.96 5.14
C GLN I 400 14.97 3.68 6.36
N ALA I 401 14.50 4.91 6.59
CA ALA I 401 14.87 5.68 7.76
C ALA I 401 13.65 5.90 8.64
N MET I 402 13.85 6.63 9.73
CA MET I 402 12.82 6.69 10.76
C MET I 402 13.00 7.92 11.63
N TYR I 403 11.92 8.66 11.84
CA TYR I 403 11.86 9.76 12.79
C TYR I 403 11.40 9.23 14.14
N ALA I 404 11.73 9.96 15.20
CA ALA I 404 11.32 9.54 16.53
C ALA I 404 10.75 10.71 17.31
N PRO I 405 9.52 10.64 17.78
CA PRO I 405 8.90 11.78 18.46
C PRO I 405 9.47 11.96 19.85
N PRO I 406 9.69 13.20 20.28
CA PRO I 406 10.31 13.45 21.59
C PRO I 406 9.35 13.20 22.74
N ILE I 407 9.93 13.12 23.93
CA ILE I 407 9.22 12.74 25.15
C ILE I 407 9.34 13.88 26.16
N GLN I 408 8.22 14.22 26.80
CA GLN I 408 8.21 15.24 27.85
C GLN I 408 8.96 14.75 29.09
N GLY I 409 9.28 15.71 29.95
CA GLY I 409 9.87 15.37 31.23
C GLY I 409 11.34 14.97 31.12
N VAL I 410 11.81 14.36 32.19
CA VAL I 410 13.16 13.83 32.24
C VAL I 410 13.11 12.35 31.89
N ILE I 411 14.28 11.80 31.57
CA ILE I 411 14.41 10.39 31.21
C ILE I 411 15.39 9.74 32.16
N ARG I 412 14.98 8.63 32.77
CA ARG I 412 15.79 7.94 33.75
C ARG I 412 15.65 6.44 33.52
N CYS I 413 16.77 5.75 33.34
CA CYS I 413 16.73 4.30 33.26
C CYS I 413 18.02 3.69 33.81
N VAL I 414 17.86 2.62 34.58
CA VAL I 414 18.97 1.89 35.18
C VAL I 414 19.05 0.53 34.51
N SER I 415 20.26 0.10 34.16
CA SER I 415 20.49 -1.19 33.53
C SER I 415 21.77 -1.77 34.09
N ASN I 416 22.14 -2.96 33.65
CA ASN I 416 23.40 -3.53 34.06
C ASN I 416 24.05 -4.34 32.96
N ILE I 417 25.35 -4.13 32.81
CA ILE I 417 26.14 -4.62 31.70
C ILE I 417 26.54 -6.06 31.95
N THR I 418 26.16 -6.96 31.04
CA THR I 418 26.64 -8.34 31.05
C THR I 418 27.14 -8.64 29.65
N GLY I 419 28.39 -8.29 29.36
CA GLY I 419 28.96 -8.69 28.10
C GLY I 419 29.61 -7.57 27.30
N LEU I 420 30.81 -7.83 26.82
CA LEU I 420 31.57 -6.89 26.01
C LEU I 420 31.81 -7.49 24.64
N ILE I 421 32.10 -6.64 23.67
CA ILE I 421 32.47 -7.07 22.32
C ILE I 421 33.79 -6.40 21.99
N LEU I 422 34.87 -7.15 22.04
CA LEU I 422 36.20 -6.62 21.80
C LEU I 422 36.70 -7.01 20.43
N THR I 423 37.48 -6.14 19.81
CA THR I 423 38.08 -6.38 18.51
C THR I 423 39.58 -6.20 18.61
N ARG I 424 40.32 -7.28 18.43
CA ARG I 424 41.76 -7.21 18.36
C ARG I 424 42.19 -6.47 17.09
N ASP I 425 43.25 -5.69 17.20
CA ASP I 425 43.84 -5.07 16.02
C ASP I 425 45.21 -5.68 15.75
N GLY I 426 45.70 -5.41 14.54
CA GLY I 426 46.70 -6.26 13.93
C GLY I 426 48.13 -6.01 14.32
N GLY I 427 49.01 -6.36 13.41
CA GLY I 427 50.43 -6.41 13.63
C GLY I 427 51.01 -7.49 12.76
N SER I 428 52.32 -7.66 12.82
CA SER I 428 52.96 -8.75 12.11
C SER I 428 53.59 -9.76 13.07
N THR I 429 54.50 -9.31 13.92
CA THR I 429 55.24 -10.19 14.80
C THR I 429 54.69 -10.09 16.22
N ASN I 430 54.92 -11.14 16.99
CA ASN I 430 54.56 -11.12 18.42
C ASN I 430 55.66 -10.33 19.13
N SER I 431 55.56 -9.01 19.03
CA SER I 431 56.52 -8.08 19.61
C SER I 431 55.75 -7.21 20.60
N THR I 432 55.63 -7.70 21.84
CA THR I 432 55.10 -6.99 23.00
C THR I 432 53.66 -6.53 22.78
N THR I 433 52.77 -7.52 22.87
CA THR I 433 51.37 -7.29 23.23
C THR I 433 50.46 -6.57 22.24
N GLU I 434 49.81 -7.38 21.42
CA GLU I 434 48.56 -7.10 20.71
C GLU I 434 47.63 -6.24 21.57
N THR I 435 46.99 -5.23 21.00
CA THR I 435 46.06 -4.45 21.80
C THR I 435 44.61 -4.77 21.47
N PHE I 436 43.69 -4.27 22.30
CA PHE I 436 42.27 -4.48 22.12
C PHE I 436 41.53 -3.15 22.11
N ARG I 437 40.40 -3.14 21.41
CA ARG I 437 39.59 -1.94 21.25
C ARG I 437 38.19 -2.39 20.87
N PRO I 438 37.15 -1.67 21.28
CA PRO I 438 35.78 -2.15 21.10
C PRO I 438 35.30 -1.95 19.67
N GLY I 439 34.02 -2.24 19.46
CA GLY I 439 33.41 -2.02 18.17
C GLY I 439 32.53 -3.14 17.70
N GLY I 440 32.86 -3.72 16.54
CA GLY I 440 32.08 -4.79 15.98
C GLY I 440 30.87 -4.26 15.23
N GLY I 441 29.82 -3.89 15.96
CA GLY I 441 28.68 -3.23 15.38
C GLY I 441 27.73 -4.09 14.58
N ASP I 442 28.11 -5.30 14.19
CA ASP I 442 27.20 -6.17 13.46
C ASP I 442 26.16 -6.75 14.40
N MET I 443 24.93 -6.85 13.92
CA MET I 443 23.82 -7.16 14.81
C MET I 443 23.72 -8.63 15.18
N ARG I 444 24.32 -9.53 14.41
CA ARG I 444 24.13 -10.96 14.68
C ARG I 444 24.85 -11.42 15.93
N ASP I 445 25.87 -10.67 16.37
CA ASP I 445 26.58 -11.07 17.57
C ASP I 445 25.76 -10.81 18.82
N ASN I 446 24.74 -9.95 18.76
CA ASN I 446 23.88 -9.73 19.91
C ASN I 446 23.04 -10.94 20.22
N TRP I 447 22.70 -11.75 19.22
CA TRP I 447 21.85 -12.90 19.44
C TRP I 447 22.63 -14.21 19.44
N ARG I 448 23.95 -14.15 19.49
CA ARG I 448 24.74 -15.36 19.67
C ARG I 448 25.20 -15.56 21.11
N SER I 449 25.02 -14.58 21.97
CA SER I 449 25.39 -14.73 23.37
C SER I 449 24.27 -15.32 24.21
N GLU I 450 23.13 -15.63 23.60
CA GLU I 450 22.11 -16.43 24.28
C GLU I 450 21.56 -17.59 23.47
N LEU I 451 21.93 -17.76 22.21
CA LEU I 451 21.57 -18.96 21.47
C LEU I 451 22.79 -19.82 21.22
N TYR I 452 23.71 -19.84 22.19
CA TYR I 452 24.93 -20.63 22.05
C TYR I 452 24.78 -22.05 22.57
N LYS I 453 23.61 -22.41 23.07
CA LYS I 453 23.45 -23.73 23.67
C LYS I 453 22.14 -24.36 23.24
N TYR I 454 21.78 -24.22 21.97
CA TYR I 454 20.58 -24.86 21.46
C TYR I 454 20.80 -25.31 20.03
N LYS I 455 20.37 -26.53 19.73
CA LYS I 455 20.32 -27.02 18.36
C LYS I 455 19.05 -27.85 18.20
N VAL I 456 18.63 -28.02 16.95
CA VAL I 456 17.32 -28.60 16.64
C VAL I 456 17.52 -29.98 16.06
N VAL I 457 16.79 -30.97 16.59
CA VAL I 457 16.89 -32.35 16.12
C VAL I 457 15.52 -32.82 15.66
N LYS I 458 15.51 -33.90 14.88
CA LYS I 458 14.28 -34.50 14.39
C LYS I 458 14.17 -35.95 14.84
N ILE I 459 13.04 -36.29 15.41
CA ILE I 459 12.75 -37.65 15.84
C ILE I 459 12.44 -38.50 14.61
N GLU I 460 13.05 -39.69 14.52
CA GLU I 460 12.74 -40.66 13.48
C GLU I 460 12.34 -41.97 14.13
N PRO I 461 11.10 -42.06 14.63
CA PRO I 461 10.76 -43.09 15.63
C PRO I 461 10.55 -44.49 15.09
N LEU I 462 10.94 -44.83 13.87
CA LEU I 462 10.83 -46.21 13.43
C LEU I 462 12.13 -46.97 13.67
N GLY I 463 12.09 -48.27 13.40
CA GLY I 463 13.26 -49.11 13.54
C GLY I 463 12.93 -50.57 13.54
N VAL I 464 13.85 -51.41 13.07
CA VAL I 464 13.65 -52.85 13.01
C VAL I 464 14.79 -53.54 13.74
N ALA I 465 14.52 -54.75 14.22
CA ALA I 465 15.49 -55.53 14.99
C ALA I 465 15.05 -56.98 14.99
N PRO I 466 15.98 -57.92 15.03
CA PRO I 466 15.60 -59.33 15.07
C PRO I 466 15.45 -59.87 16.48
N THR I 467 14.53 -60.82 16.64
CA THR I 467 14.34 -61.55 17.88
C THR I 467 13.65 -62.89 17.58
N ARG I 468 13.48 -63.71 18.63
CA ARG I 468 12.88 -65.03 18.49
C ARG I 468 11.36 -64.94 18.58
N CYS I 469 10.75 -64.46 17.51
CA CYS I 469 9.31 -64.24 17.50
C CYS I 469 8.72 -64.65 16.17
N LYS I 470 7.42 -64.96 16.15
CA LYS I 470 6.75 -65.43 14.95
C LYS I 470 5.26 -65.14 15.06
N ARG I 471 4.70 -64.60 13.98
CA ARG I 471 3.29 -64.27 13.92
C ARG I 471 2.46 -65.54 13.82
N ARG I 472 1.41 -65.64 14.63
CA ARG I 472 0.48 -66.76 14.55
C ARG I 472 -0.28 -66.71 13.23
N VAL I 473 -0.29 -67.82 12.51
CA VAL I 473 -0.99 -67.87 11.23
C VAL I 473 -2.47 -68.12 11.44
N GLU J 20 -5.57 38.82 30.46
CA GLU J 20 -4.96 39.63 31.51
C GLU J 20 -3.58 39.08 31.87
N VAL J 21 -2.56 39.59 31.20
CA VAL J 21 -1.16 39.27 31.48
C VAL J 21 -0.41 40.59 31.60
N GLN J 22 0.11 40.89 32.79
CA GLN J 22 0.65 42.22 33.04
C GLN J 22 1.88 42.12 33.92
N LEU J 23 2.52 43.26 34.15
CA LEU J 23 3.70 43.37 34.97
C LEU J 23 3.54 44.53 35.95
N VAL J 24 3.79 44.25 37.23
CA VAL J 24 3.75 45.26 38.28
C VAL J 24 5.19 45.54 38.69
N GLU J 25 5.47 46.78 39.11
CA GLU J 25 6.84 47.23 39.31
C GLU J 25 6.98 48.06 40.58
N THR J 26 8.18 48.03 41.16
CA THR J 26 8.61 48.95 42.20
C THR J 26 9.97 49.49 41.81
N GLY J 27 10.20 50.77 42.07
CA GLY J 27 11.47 51.37 41.71
C GLY J 27 11.66 52.71 42.40
N GLY J 28 12.89 52.96 42.85
CA GLY J 28 13.21 54.19 43.51
C GLY J 28 13.90 55.17 42.58
N GLY J 29 14.06 56.40 43.09
CA GLY J 29 14.73 57.45 42.36
C GLY J 29 15.49 58.37 43.30
N LEU J 30 16.14 59.37 42.70
CA LEU J 30 16.85 60.45 43.40
C LEU J 30 17.96 59.90 44.29
N VAL J 31 18.90 59.20 43.66
CA VAL J 31 20.01 58.57 44.36
C VAL J 31 21.30 59.18 43.82
N GLN J 32 22.08 59.79 44.72
CA GLN J 32 23.29 60.52 44.37
C GLN J 32 24.34 59.61 43.73
N PRO J 33 25.25 60.15 42.87
CA PRO J 33 26.10 59.28 42.05
C PRO J 33 27.28 58.63 42.78
N GLY J 34 27.01 58.01 43.93
CA GLY J 34 28.01 57.20 44.59
C GLY J 34 27.41 56.00 45.29
N GLY J 35 26.12 55.78 45.11
CA GLY J 35 25.39 54.75 45.83
C GLY J 35 24.94 53.64 44.91
N SER J 36 23.88 52.95 45.34
CA SER J 36 23.33 51.82 44.61
C SER J 36 21.83 51.97 44.53
N LEU J 37 21.21 51.04 43.80
CA LEU J 37 19.75 51.02 43.65
C LEU J 37 19.34 49.62 43.23
N LYS J 38 18.18 49.18 43.73
CA LYS J 38 17.66 47.85 43.41
C LYS J 38 16.24 47.99 42.90
N LEU J 39 16.00 47.51 41.68
CA LEU J 39 14.69 47.54 41.06
C LEU J 39 14.07 46.15 41.07
N SER J 40 12.74 46.09 41.10
CA SER J 40 12.03 44.84 41.20
C SER J 40 10.85 44.85 40.23
N CYS J 41 10.77 43.84 39.38
CA CYS J 41 9.64 43.62 38.48
C CYS J 41 9.00 42.28 38.81
N ALA J 42 7.68 42.30 38.98
CA ALA J 42 6.94 41.10 39.37
C ALA J 42 5.85 40.82 38.35
N ALA J 43 5.38 39.58 38.33
CA ALA J 43 4.48 39.11 37.27
C ALA J 43 3.39 38.23 37.87
N SER J 44 2.22 38.81 38.11
CA SER J 44 1.06 38.01 38.52
C SER J 44 0.20 37.64 37.30
N GLY J 45 0.83 37.15 36.25
CA GLY J 45 0.13 36.81 35.04
C GLY J 45 0.32 35.38 34.59
N PHE J 46 1.13 35.26 33.54
CA PHE J 46 1.48 34.03 32.84
C PHE J 46 2.26 33.08 33.74
N THR J 47 2.55 31.90 33.19
CA THR J 47 3.37 30.92 33.87
C THR J 47 4.82 31.38 33.80
N PHE J 48 5.29 32.02 34.87
CA PHE J 48 6.66 32.54 34.89
C PHE J 48 7.61 31.51 35.50
N SER J 49 7.95 30.54 34.68
CA SER J 49 9.11 29.71 34.97
C SER J 49 9.81 29.33 33.68
N SER J 50 9.49 29.96 32.56
CA SER J 50 9.98 29.50 31.27
C SER J 50 10.46 30.59 30.33
N TYR J 51 10.19 31.86 30.60
CA TYR J 51 10.45 32.90 29.62
C TYR J 51 11.60 33.80 30.06
N GLY J 52 12.39 34.24 29.09
CA GLY J 52 13.55 35.04 29.39
C GLY J 52 13.28 36.52 29.37
N MET J 53 13.25 37.13 30.55
CA MET J 53 12.92 38.53 30.69
C MET J 53 14.15 39.37 30.39
N ASN J 54 13.92 40.60 29.94
CA ASN J 54 15.00 41.50 29.54
C ASN J 54 14.73 42.92 30.01
N TRP J 55 15.68 43.82 29.75
CA TRP J 55 15.60 45.22 30.14
C TRP J 55 16.05 46.12 29.00
N VAL J 56 15.38 47.26 28.85
CA VAL J 56 15.79 48.30 27.92
C VAL J 56 15.73 49.64 28.65
N ARG J 57 16.35 50.66 28.05
CA ARG J 57 16.41 51.97 28.67
C ARG J 57 16.11 53.05 27.65
N GLN J 58 15.70 54.22 28.15
CA GLN J 58 15.31 55.34 27.31
C GLN J 58 15.52 56.64 28.08
N ALA J 59 16.47 57.45 27.63
CA ALA J 59 16.56 58.80 28.15
C ALA J 59 15.43 59.64 27.59
N PRO J 60 15.01 60.70 28.29
CA PRO J 60 14.06 61.65 27.69
C PRO J 60 14.75 62.44 26.59
N GLY J 61 14.83 61.85 25.40
CA GLY J 61 15.83 62.24 24.43
C GLY J 61 15.92 61.29 23.25
N LYS J 62 17.13 60.77 23.02
CA LYS J 62 17.53 60.10 21.78
C LYS J 62 16.67 58.91 21.36
N GLY J 63 16.66 57.83 22.14
CA GLY J 63 15.95 56.64 21.71
C GLY J 63 16.06 55.49 22.68
N LEU J 64 16.27 54.28 22.17
CA LEU J 64 16.43 53.13 23.06
C LEU J 64 17.86 52.65 23.09
N GLU J 65 18.14 51.80 24.07
CA GLU J 65 19.43 51.17 24.26
C GLU J 65 19.19 49.90 25.07
N TRP J 66 19.88 48.83 24.70
CA TRP J 66 19.63 47.53 25.31
C TRP J 66 20.65 47.26 26.41
N VAL J 67 20.19 46.58 27.48
CA VAL J 67 21.05 46.08 28.54
C VAL J 67 20.57 44.69 28.96
N SER J 68 21.48 43.90 29.54
CA SER J 68 21.24 43.00 30.67
C SER J 68 20.17 41.93 30.39
N GLY J 69 20.52 41.01 29.49
CA GLY J 69 19.66 39.86 29.25
C GLY J 69 19.88 38.71 30.23
N ILE J 70 18.94 37.76 30.22
CA ILE J 70 19.01 36.57 31.06
C ILE J 70 18.19 35.47 30.40
N ASN J 71 18.50 34.21 30.72
CA ASN J 71 17.71 33.07 30.30
C ASN J 71 16.67 32.73 31.37
N SER J 72 16.06 31.55 31.27
CA SER J 72 15.02 31.13 32.20
C SER J 72 15.57 30.32 33.36
N GLY J 73 16.88 30.28 33.55
CA GLY J 73 17.45 29.54 34.65
C GLY J 73 18.45 30.34 35.45
N GLY J 74 18.77 31.54 34.97
CA GLY J 74 19.75 32.35 35.64
C GLY J 74 21.19 31.92 35.41
N GLY J 75 21.43 31.13 34.37
CA GLY J 75 22.74 30.57 34.14
C GLY J 75 23.58 31.21 33.07
N THR J 76 23.07 32.22 32.36
CA THR J 76 23.82 32.85 31.29
C THR J 76 24.14 34.31 31.60
N LYS J 77 23.12 35.13 31.82
CA LYS J 77 23.17 36.55 32.25
C LYS J 77 24.22 37.39 31.50
N TYR J 78 23.99 37.55 30.21
CA TYR J 78 24.90 38.33 29.39
C TYR J 78 24.47 39.81 29.38
N TYR J 79 25.43 40.68 29.05
CA TYR J 79 25.24 42.11 29.20
C TYR J 79 25.63 42.85 27.93
N ALA J 80 25.43 44.16 27.95
CA ALA J 80 25.77 45.03 26.84
C ALA J 80 27.26 45.37 26.88
N ASP J 81 27.67 46.40 26.13
CA ASP J 81 29.07 46.79 26.08
C ASP J 81 29.31 48.11 26.80
N SER J 82 28.27 48.73 27.34
CA SER J 82 28.39 49.97 28.08
C SER J 82 28.12 49.84 29.57
N VAL J 83 27.60 48.70 30.02
CA VAL J 83 27.33 48.46 31.43
C VAL J 83 28.06 47.20 31.84
N LYS J 84 29.00 46.76 31.01
CA LYS J 84 29.59 45.44 31.14
C LYS J 84 30.50 45.37 32.36
N GLY J 85 30.31 44.31 33.16
CA GLY J 85 31.13 44.08 34.33
C GLY J 85 30.94 45.11 35.42
N ARG J 86 29.75 45.68 35.52
CA ARG J 86 29.54 46.81 36.41
C ARG J 86 28.27 46.60 37.23
N PHE J 87 27.37 45.73 36.78
CA PHE J 87 26.11 45.51 37.46
C PHE J 87 25.81 44.02 37.53
N THR J 88 24.58 43.69 37.91
CA THR J 88 24.17 42.31 38.09
C THR J 88 22.68 42.16 37.85
N ILE J 89 22.24 40.91 37.70
CA ILE J 89 20.83 40.54 37.60
C ILE J 89 20.57 39.37 38.53
N SER J 90 19.57 39.49 39.39
CA SER J 90 19.06 38.37 40.16
C SER J 90 17.74 37.92 39.55
N ARG J 91 17.43 36.64 39.67
CA ARG J 91 16.16 36.10 39.19
C ARG J 91 15.75 34.97 40.12
N ASP J 92 14.75 35.23 40.96
CA ASP J 92 14.23 34.25 41.90
C ASP J 92 12.87 33.78 41.38
N ASN J 93 12.79 32.51 41.00
CA ASN J 93 11.53 31.92 40.63
C ASN J 93 10.75 31.50 41.88
N SER J 94 9.61 30.84 41.66
CA SER J 94 8.66 30.29 42.64
C SER J 94 7.92 31.35 43.44
N LYS J 95 8.23 32.64 43.27
CA LYS J 95 7.39 33.70 43.80
C LYS J 95 7.26 34.86 42.81
N ASN J 96 7.65 34.64 41.55
CA ASN J 96 7.42 35.54 40.41
C ASN J 96 8.07 36.92 40.65
N THR J 97 9.39 36.90 40.73
CA THR J 97 10.13 38.10 41.06
C THR J 97 11.43 38.17 40.26
N LEU J 98 11.61 39.25 39.52
CA LEU J 98 12.90 39.61 38.95
C LEU J 98 13.53 40.66 39.84
N SER J 99 14.86 40.63 39.96
CA SER J 99 15.54 41.63 40.76
C SER J 99 16.76 42.16 40.02
N LEU J 100 16.71 43.43 39.66
CA LEU J 100 17.82 44.14 39.04
C LEU J 100 18.44 45.10 40.05
N GLN J 101 19.76 45.14 40.08
CA GLN J 101 20.50 45.83 41.14
C GLN J 101 21.61 46.67 40.53
N MET J 102 21.36 47.97 40.38
CA MET J 102 22.39 48.86 39.89
C MET J 102 23.25 49.32 41.07
N ASN J 103 24.56 49.23 40.91
CA ASN J 103 25.38 49.41 42.10
C ASN J 103 26.47 50.45 41.97
N SER J 104 26.95 50.75 40.76
CA SER J 104 28.02 51.74 40.62
C SER J 104 27.48 53.16 40.64
N LEU J 105 26.53 53.44 39.75
CA LEU J 105 25.89 54.75 39.56
C LEU J 105 26.93 55.83 39.22
N ARG J 106 27.35 55.76 37.98
CA ARG J 106 28.25 56.74 37.37
C ARG J 106 27.49 58.04 37.10
N ALA J 107 28.24 59.04 36.62
CA ALA J 107 27.69 60.32 36.16
C ALA J 107 26.54 60.10 35.18
N GLU J 108 25.45 60.82 35.43
CA GLU J 108 24.10 60.40 35.07
C GLU J 108 23.81 60.26 33.58
N ASP J 109 23.50 59.03 33.16
CA ASP J 109 22.72 58.81 31.97
C ASP J 109 21.29 58.58 32.44
N THR J 110 20.62 59.70 32.69
CA THR J 110 19.26 59.73 33.22
C THR J 110 18.30 59.12 32.21
N ALA J 111 17.70 57.99 32.56
CA ALA J 111 16.89 57.23 31.62
C ALA J 111 15.80 56.47 32.37
N VAL J 112 14.75 56.09 31.64
CA VAL J 112 13.66 55.30 32.18
C VAL J 112 13.90 53.84 31.82
N TYR J 113 13.34 52.93 32.63
CA TYR J 113 13.64 51.50 32.51
C TYR J 113 12.36 50.69 32.34
N TYR J 114 12.36 49.77 31.39
CA TYR J 114 11.18 48.97 31.06
C TYR J 114 11.44 47.49 31.31
N CYS J 115 10.42 46.79 31.82
CA CYS J 115 10.47 45.35 32.03
C CYS J 115 9.87 44.64 30.83
N ALA J 116 10.47 43.51 30.44
CA ALA J 116 10.13 42.90 29.16
C ALA J 116 9.84 41.40 29.33
N LYS J 117 9.44 40.77 28.22
CA LYS J 117 9.19 39.33 28.20
C LYS J 117 9.41 38.83 26.77
N SER J 118 10.16 37.74 26.62
CA SER J 118 10.46 37.20 25.30
C SER J 118 9.85 35.82 25.18
N PRO J 119 9.05 35.54 24.17
CA PRO J 119 8.32 34.28 24.15
C PRO J 119 9.09 33.13 23.54
N TRP J 120 10.37 33.00 23.86
CA TRP J 120 11.08 31.76 23.62
C TRP J 120 11.49 31.11 24.92
N GLY J 121 12.29 31.81 25.70
CA GLY J 121 13.00 31.17 26.77
C GLY J 121 14.36 30.72 26.26
N GLN J 122 15.29 30.60 27.20
CA GLN J 122 16.55 29.88 27.11
C GLN J 122 17.64 30.55 26.26
N SER J 123 17.30 31.44 25.33
CA SER J 123 18.33 31.94 24.41
C SER J 123 17.79 33.05 23.52
N THR J 124 18.66 33.44 22.59
CA THR J 124 18.65 34.49 21.57
C THR J 124 18.52 33.93 20.13
N SER J 125 18.92 34.77 19.16
CA SER J 125 19.23 34.60 17.74
C SER J 125 18.07 34.79 16.78
N PHE J 126 16.84 34.91 17.29
CA PHE J 126 15.92 35.97 16.85
C PHE J 126 14.86 36.05 17.93
N GLU J 127 14.84 37.17 18.64
CA GLU J 127 14.12 37.36 19.87
C GLU J 127 13.29 38.61 19.77
N TYR J 128 12.06 38.56 20.30
CA TYR J 128 11.22 39.73 20.31
C TYR J 128 10.57 39.87 21.67
N PHE J 129 9.66 40.84 21.78
CA PHE J 129 9.12 41.24 23.07
C PHE J 129 7.62 41.41 22.96
N GLU J 130 6.86 40.53 23.61
CA GLU J 130 5.40 40.57 23.50
C GLU J 130 4.80 41.65 24.39
N PHE J 131 4.94 41.52 25.70
CA PHE J 131 4.23 42.36 26.65
C PHE J 131 5.21 43.19 27.44
N TRP J 132 4.87 44.45 27.67
CA TRP J 132 5.74 45.42 28.31
C TRP J 132 5.10 45.88 29.62
N GLY J 133 5.93 46.36 30.54
CA GLY J 133 5.50 46.68 31.87
C GLY J 133 5.29 48.15 32.20
N GLN J 134 5.87 49.06 31.41
CA GLN J 134 5.73 50.53 31.43
C GLN J 134 5.87 51.20 32.79
N GLY J 135 6.53 50.54 33.74
CA GLY J 135 6.85 51.15 35.01
C GLY J 135 8.29 51.58 35.04
N ALA J 136 8.54 52.88 34.94
CA ALA J 136 9.79 53.39 34.42
C ALA J 136 10.29 54.57 35.23
N LEU J 137 10.32 54.43 36.54
CA LEU J 137 10.79 55.51 37.38
C LEU J 137 12.30 55.68 37.26
N VAL J 138 12.75 56.91 37.43
CA VAL J 138 13.99 57.35 36.80
C VAL J 138 15.08 57.54 37.86
N THR J 139 16.33 57.34 37.46
CA THR J 139 17.49 57.67 38.29
C THR J 139 17.99 59.04 37.85
N VAL J 140 18.05 60.00 38.77
CA VAL J 140 18.31 61.38 38.37
C VAL J 140 19.53 62.03 39.02
N SER J 141 19.80 61.71 40.29
CA SER J 141 20.93 62.22 41.10
C SER J 141 21.07 63.73 41.04
N SER J 142 20.04 64.43 41.52
CA SER J 142 20.11 65.88 41.55
C SER J 142 20.62 66.36 42.92
N ALA J 143 20.51 67.66 43.13
CA ALA J 143 20.93 68.28 44.38
C ALA J 143 19.96 67.97 45.52
N GLN K 20 30.90 50.65 15.23
CA GLN K 20 30.49 49.27 15.25
C GLN K 20 29.65 48.98 14.01
N THR K 21 28.33 48.84 14.16
CA THR K 21 27.41 48.54 13.07
C THR K 21 26.20 49.45 13.23
N VAL K 22 26.00 50.35 12.29
CA VAL K 22 24.92 51.34 12.39
C VAL K 22 23.72 50.85 11.61
N VAL K 23 22.54 51.20 12.13
CA VAL K 23 21.27 50.95 11.47
C VAL K 23 20.59 52.29 11.31
N THR K 24 20.74 52.90 10.14
CA THR K 24 20.19 54.24 9.95
C THR K 24 18.79 54.17 9.37
N GLN K 25 17.99 55.17 9.71
CA GLN K 25 16.63 55.31 9.22
C GLN K 25 16.28 56.79 9.25
N PRO K 26 15.41 57.27 8.36
CA PRO K 26 15.22 58.72 8.21
C PRO K 26 14.53 59.35 9.41
N ARG K 27 14.96 60.58 9.70
CA ARG K 27 14.45 61.33 10.84
C ARG K 27 13.10 61.94 10.51
N SER K 28 12.04 61.32 11.03
CA SER K 28 10.71 61.90 11.17
C SER K 28 10.09 62.28 9.82
N VAL K 29 9.82 61.26 9.02
CA VAL K 29 9.09 61.45 7.76
C VAL K 29 7.60 61.62 8.08
N SER K 30 6.95 62.50 7.31
CA SER K 30 5.54 62.82 7.60
C SER K 30 4.81 63.06 6.29
N VAL K 31 3.90 62.15 5.95
CA VAL K 31 2.93 62.38 4.90
C VAL K 31 1.60 62.74 5.57
N SER K 32 0.68 63.28 4.78
CA SER K 32 -0.56 63.82 5.31
C SER K 32 -1.73 63.29 4.48
N GLN K 33 -2.45 62.33 5.06
CA GLN K 33 -3.70 61.78 4.52
C GLN K 33 -3.54 61.14 3.14
N GLY K 34 -2.32 60.78 2.75
CA GLY K 34 -2.13 60.07 1.49
C GLY K 34 -2.48 58.60 1.55
N GLN K 35 -2.81 58.11 2.75
CA GLN K 35 -3.26 56.75 3.04
C GLN K 35 -2.22 55.70 2.67
N THR K 36 -0.96 56.10 2.59
CA THR K 36 0.17 55.20 2.48
C THR K 36 1.38 55.91 3.08
N ALA K 37 2.28 55.12 3.66
CA ALA K 37 3.51 55.66 4.22
C ALA K 37 4.52 54.53 4.28
N ARG K 38 5.76 54.84 3.91
CA ARG K 38 6.81 53.84 3.80
C ARG K 38 7.99 54.28 4.66
N ILE K 39 7.98 53.85 5.92
CA ILE K 39 9.08 54.13 6.84
C ILE K 39 10.20 53.14 6.50
N THR K 40 11.19 53.60 5.75
CA THR K 40 12.26 52.72 5.35
C THR K 40 13.28 52.57 6.46
N CYS K 41 14.19 51.62 6.27
CA CYS K 41 15.20 51.26 7.26
C CYS K 41 16.42 50.77 6.49
N GLY K 42 17.33 50.10 7.18
CA GLY K 42 18.43 49.47 6.51
C GLY K 42 19.76 49.79 7.15
N GLY K 43 20.83 49.42 6.45
CA GLY K 43 22.18 49.62 6.89
C GLY K 43 23.11 48.56 6.33
N ASP K 44 23.84 47.89 7.21
CA ASP K 44 24.67 46.74 6.85
C ASP K 44 23.82 45.50 6.69
N ASN K 45 24.43 44.34 6.89
CA ASN K 45 23.95 43.05 6.37
C ASN K 45 22.59 42.67 6.94
N ILE K 46 21.56 43.05 6.18
CA ILE K 46 20.23 42.49 6.36
C ILE K 46 20.07 41.25 5.49
N GLY K 47 19.51 40.22 6.08
CA GLY K 47 19.69 38.86 5.63
C GLY K 47 20.06 38.12 6.89
N SER K 48 19.97 38.88 7.99
CA SER K 48 20.05 38.42 9.37
C SER K 48 18.87 38.99 10.16
N GLU K 49 17.67 38.81 9.60
CA GLU K 49 16.39 39.01 10.28
C GLU K 49 16.12 40.44 10.74
N ALA K 50 15.83 41.34 9.80
CA ALA K 50 15.16 42.61 10.12
C ALA K 50 13.77 42.28 10.66
N VAL K 51 13.56 42.51 11.95
CA VAL K 51 12.70 41.63 12.72
C VAL K 51 11.50 42.34 13.34
N GLN K 52 11.61 43.62 13.73
CA GLN K 52 10.48 44.31 14.31
C GLN K 52 10.47 45.80 14.02
N TRP K 53 9.37 46.44 14.43
CA TRP K 53 9.16 47.87 14.20
C TRP K 53 8.66 48.64 15.42
N TYR K 54 7.88 48.00 16.30
CA TYR K 54 7.65 48.46 17.68
C TYR K 54 7.03 49.86 17.76
N GLN K 55 5.75 49.94 17.39
CA GLN K 55 4.98 51.18 17.56
C GLN K 55 4.94 51.59 19.03
N GLN K 56 5.21 52.87 19.31
CA GLN K 56 5.03 53.41 20.65
C GLN K 56 4.52 54.83 20.55
N LYS K 57 3.43 55.13 21.32
CA LYS K 57 2.70 56.37 21.56
C LYS K 57 3.25 57.07 22.80
N PRO K 58 3.16 58.40 22.86
CA PRO K 58 3.77 59.12 24.00
C PRO K 58 3.10 58.82 25.32
N ALA K 59 3.92 58.69 26.36
CA ALA K 59 3.55 58.33 27.73
C ALA K 59 2.79 57.01 27.81
N GLN K 60 3.09 56.08 26.91
CA GLN K 60 2.43 54.79 26.84
C GLN K 60 3.47 53.68 26.88
N ALA K 61 3.00 52.47 26.79
CA ALA K 61 3.91 51.34 26.65
C ALA K 61 4.18 51.08 25.18
N PRO K 62 5.39 50.66 24.82
CA PRO K 62 5.62 50.17 23.45
C PRO K 62 4.80 48.91 23.20
N VAL K 63 4.35 48.74 21.97
CA VAL K 63 3.50 47.62 21.58
C VAL K 63 4.11 46.99 20.34
N LEU K 64 4.24 45.65 20.36
CA LEU K 64 4.70 44.95 19.17
C LEU K 64 3.64 45.01 18.09
N VAL K 65 4.07 45.23 16.86
CA VAL K 65 3.18 45.39 15.73
C VAL K 65 3.41 44.35 14.64
N ILE K 66 4.67 44.01 14.35
CA ILE K 66 4.96 43.02 13.32
C ILE K 66 6.24 42.30 13.68
N TYR K 67 6.17 40.97 13.70
CA TYR K 67 7.28 40.14 14.12
C TYR K 67 7.66 39.19 13.00
N ASP K 68 8.97 39.05 12.81
CA ASP K 68 9.59 38.26 11.73
C ASP K 68 9.07 38.71 10.36
N ASP K 69 8.86 40.02 10.21
CA ASP K 69 8.63 40.83 9.01
C ASP K 69 7.60 40.30 8.00
N SER K 70 6.80 39.34 8.40
CA SER K 70 5.68 38.91 7.55
C SER K 70 4.37 38.82 8.31
N GLU K 71 4.39 38.33 9.54
CA GLU K 71 3.16 38.20 10.32
C GLU K 71 3.12 39.23 11.43
N ARG K 72 1.93 39.34 12.02
CA ARG K 72 1.52 40.21 13.09
C ARG K 72 0.84 39.39 14.16
N PRO K 73 0.91 39.78 15.43
CA PRO K 73 0.21 39.02 16.47
C PRO K 73 -1.28 39.26 16.41
N SER K 74 -2.02 38.40 17.10
CA SER K 74 -3.47 38.50 17.13
C SER K 74 -3.92 39.72 17.91
N GLY K 75 -4.74 40.54 17.29
CA GLY K 75 -5.23 41.77 17.90
C GLY K 75 -4.78 43.05 17.25
N ILE K 76 -4.20 42.99 16.06
CA ILE K 76 -3.74 44.18 15.34
C ILE K 76 -4.45 44.22 13.99
N PRO K 77 -5.07 45.34 13.61
CA PRO K 77 -5.72 45.41 12.30
C PRO K 77 -4.71 45.38 11.16
N ASP K 78 -5.18 44.96 9.99
CA ASP K 78 -4.30 44.71 8.86
C ASP K 78 -4.08 45.94 7.99
N ARG K 79 -3.75 47.07 8.61
CA ARG K 79 -3.20 48.20 7.87
C ARG K 79 -1.67 48.18 7.87
N PHE K 80 -1.07 47.31 8.67
CA PHE K 80 0.37 47.19 8.79
C PHE K 80 0.85 46.03 7.93
N SER K 81 1.94 46.25 7.22
CA SER K 81 2.49 45.23 6.33
C SER K 81 3.96 45.51 6.12
N GLY K 82 4.79 44.51 6.33
CA GLY K 82 6.22 44.68 6.17
C GLY K 82 6.79 43.86 5.03
N SER K 83 7.97 44.24 4.56
CA SER K 83 8.63 43.52 3.49
C SER K 83 10.13 43.76 3.59
N LYS K 84 10.89 42.68 3.44
CA LYS K 84 12.35 42.76 3.43
C LYS K 84 12.82 42.61 1.99
N SER K 85 13.36 43.68 1.44
CA SER K 85 13.75 43.73 0.04
C SER K 85 15.23 44.04 -0.08
N GLY K 86 16.00 43.07 -0.58
CA GLY K 86 17.40 43.27 -0.85
C GLY K 86 18.22 43.45 0.42
N ASN K 87 18.67 44.68 0.66
CA ASN K 87 19.48 45.00 1.81
C ASN K 87 18.79 46.02 2.73
N THR K 88 17.71 46.62 2.28
CA THR K 88 16.98 47.61 3.09
C THR K 88 15.54 47.16 3.22
N ALA K 89 15.16 46.68 4.39
CA ALA K 89 13.77 46.35 4.64
C ALA K 89 12.98 47.62 4.95
N THR K 90 11.65 47.50 4.85
CA THR K 90 10.80 48.65 5.11
C THR K 90 9.45 48.19 5.64
N LEU K 91 8.74 49.16 6.23
CA LEU K 91 7.41 48.95 6.77
C LEU K 91 6.44 49.82 5.99
N THR K 92 5.41 49.21 5.44
CA THR K 92 4.43 49.92 4.60
C THR K 92 3.08 49.88 5.29
N ILE K 93 2.65 51.02 5.82
CA ILE K 93 1.30 51.16 6.35
C ILE K 93 0.44 51.80 5.27
N SER K 94 -0.78 51.28 5.10
CA SER K 94 -1.71 51.76 4.07
C SER K 94 -3.00 52.16 4.78
N GLY K 95 -3.21 53.47 4.90
CA GLY K 95 -4.33 53.99 5.66
C GLY K 95 -3.84 54.86 6.78
N VAL K 96 -4.76 55.67 7.31
CA VAL K 96 -4.43 56.62 8.36
C VAL K 96 -5.52 56.60 9.42
N GLU K 97 -5.26 57.37 10.48
CA GLU K 97 -6.13 57.46 11.65
C GLU K 97 -5.66 58.69 12.44
N ALA K 98 -6.58 59.26 13.21
CA ALA K 98 -6.26 60.34 14.13
C ALA K 98 -5.70 59.85 15.45
N GLY K 99 -5.40 58.56 15.57
CA GLY K 99 -4.82 58.01 16.77
C GLY K 99 -3.64 57.10 16.48
N ASP K 100 -3.10 57.16 15.27
CA ASP K 100 -1.95 56.36 14.88
C ASP K 100 -0.80 57.24 14.43
N GLU K 101 -0.55 58.31 15.18
CA GLU K 101 0.62 59.17 15.00
C GLU K 101 1.59 58.86 16.13
N ALA K 102 2.72 58.25 15.81
CA ALA K 102 3.56 57.66 16.85
C ALA K 102 5.00 57.56 16.34
N ASP K 103 5.79 56.73 17.01
CA ASP K 103 7.21 56.59 16.73
C ASP K 103 7.50 55.14 16.35
N TYR K 104 8.42 54.95 15.39
CA TYR K 104 8.66 53.65 14.77
C TYR K 104 10.15 53.46 14.57
N TYR K 105 10.68 52.29 14.92
CA TYR K 105 12.12 52.06 14.85
C TYR K 105 12.47 50.58 14.80
N CYS K 106 13.59 50.27 14.14
CA CYS K 106 14.01 48.91 13.82
C CYS K 106 14.71 48.23 15.00
N GLN K 107 14.80 46.91 14.92
CA GLN K 107 15.43 46.11 15.97
C GLN K 107 16.23 44.98 15.33
N VAL K 108 16.87 45.28 14.21
CA VAL K 108 17.26 44.29 13.20
C VAL K 108 18.39 43.38 13.63
N TRP K 109 19.19 43.80 14.60
CA TRP K 109 20.48 43.17 14.84
C TRP K 109 20.37 42.03 15.83
N ASP K 110 21.18 40.99 15.59
CA ASP K 110 21.82 40.15 16.59
C ASP K 110 22.97 39.39 15.91
N SER K 111 24.19 39.88 16.16
CA SER K 111 25.41 39.19 15.75
C SER K 111 26.60 39.74 16.52
N SER K 112 27.62 38.89 16.70
CA SER K 112 29.02 39.25 17.00
C SER K 112 29.23 40.00 18.31
N SER K 113 28.17 40.41 18.99
CA SER K 113 28.21 41.38 20.08
C SER K 113 26.91 41.21 20.88
N ASP K 114 26.54 42.26 21.64
CA ASP K 114 25.22 42.35 22.26
C ASP K 114 24.11 42.15 21.23
N HIS K 115 23.23 41.22 21.53
CA HIS K 115 22.33 40.75 20.48
C HIS K 115 21.18 41.74 20.23
N PRO K 116 20.40 42.22 21.21
CA PRO K 116 19.42 43.24 20.84
C PRO K 116 20.09 44.58 20.62
N LEU K 117 19.78 45.20 19.48
CA LEU K 117 20.33 46.52 19.13
C LEU K 117 19.24 47.30 18.39
N PHE K 118 18.57 48.19 19.10
CA PHE K 118 17.63 49.11 18.47
C PHE K 118 18.38 50.12 17.63
N GLY K 119 17.68 50.74 16.69
CA GLY K 119 18.29 51.78 15.89
C GLY K 119 17.43 53.01 15.70
N GLY K 120 17.90 54.15 16.23
CA GLY K 120 17.37 55.49 16.00
C GLY K 120 15.90 55.64 16.34
N GLY K 121 15.26 56.54 15.61
CA GLY K 121 13.83 56.74 15.75
C GLY K 121 13.26 57.39 14.51
N THR K 122 11.93 57.36 14.41
CA THR K 122 11.24 58.00 13.29
C THR K 122 9.85 58.41 13.76
N ARG K 123 9.55 59.71 13.66
CA ARG K 123 8.27 60.26 14.09
C ARG K 123 7.31 60.33 12.91
N LEU K 124 6.05 59.98 13.16
CA LEU K 124 5.03 60.00 12.12
C LEU K 124 3.90 60.93 12.53
N THR K 125 3.66 61.96 11.73
CA THR K 125 2.54 62.88 11.91
C THR K 125 1.78 63.02 10.60
N VAL K 126 0.47 63.15 10.70
CA VAL K 126 -0.39 63.42 9.55
C VAL K 126 -1.13 64.73 9.81
N LEU K 127 -1.61 65.35 8.73
CA LEU K 127 -2.25 66.66 8.84
C LEU K 127 -3.71 66.59 8.43
N GLN L 20 -30.31 52.85 -5.56
CA GLN L 20 -30.07 51.46 -5.24
C GLN L 20 -28.56 51.22 -5.26
N THR L 21 -28.05 50.52 -6.29
CA THR L 21 -26.64 50.20 -6.43
C THR L 21 -26.25 50.48 -7.87
N VAL L 22 -25.37 51.45 -8.08
CA VAL L 22 -24.99 51.89 -9.42
C VAL L 22 -23.70 51.19 -9.83
N VAL L 23 -23.61 50.90 -11.12
CA VAL L 23 -22.41 50.36 -11.75
C VAL L 23 -22.01 51.33 -12.84
N THR L 24 -21.09 52.23 -12.53
CA THR L 24 -20.71 53.24 -13.50
C THR L 24 -19.53 52.79 -14.34
N GLN L 25 -19.49 53.28 -15.57
CA GLN L 25 -18.43 53.00 -16.51
C GLN L 25 -18.35 54.17 -17.48
N PRO L 26 -17.17 54.48 -18.03
CA PRO L 26 -17.02 55.73 -18.79
C PRO L 26 -17.78 55.72 -20.11
N ARG L 27 -18.30 56.88 -20.47
CA ARG L 27 -19.09 57.05 -21.67
C ARG L 27 -18.17 57.15 -22.88
N SER L 28 -18.09 56.06 -23.64
CA SER L 28 -17.60 56.02 -25.03
C SER L 28 -16.14 56.47 -25.14
N VAL L 29 -15.26 55.66 -24.54
CA VAL L 29 -13.82 55.89 -24.70
C VAL L 29 -13.39 55.39 -26.08
N SER L 30 -12.45 56.09 -26.70
CA SER L 30 -12.04 55.76 -28.06
C SER L 30 -10.55 56.03 -28.23
N VAL L 31 -9.77 54.96 -28.37
CA VAL L 31 -8.38 55.06 -28.82
C VAL L 31 -8.36 54.70 -30.29
N SER L 32 -7.25 55.01 -30.95
CA SER L 32 -7.14 54.88 -32.40
C SER L 32 -5.83 54.18 -32.73
N GLN L 33 -5.94 52.89 -33.09
CA GLN L 33 -4.84 52.05 -33.59
C GLN L 33 -3.68 51.92 -32.61
N GLY L 34 -3.90 52.18 -31.32
CA GLY L 34 -2.88 51.95 -30.33
C GLY L 34 -2.67 50.51 -29.96
N GLN L 35 -3.54 49.62 -30.47
CA GLN L 35 -3.51 48.17 -30.30
C GLN L 35 -3.64 47.74 -28.85
N THR L 36 -4.19 48.61 -28.01
CA THR L 36 -4.60 48.28 -26.66
C THR L 36 -5.74 49.23 -26.29
N ALA L 37 -6.64 48.73 -25.44
CA ALA L 37 -7.75 49.53 -24.95
C ALA L 37 -8.24 48.91 -23.66
N ARG L 38 -8.52 49.75 -22.67
CA ARG L 38 -8.88 49.32 -21.34
C ARG L 38 -10.23 49.93 -20.96
N ILE L 39 -11.31 49.22 -21.29
CA ILE L 39 -12.65 49.65 -20.93
C ILE L 39 -12.84 49.30 -19.45
N THR L 40 -12.68 50.29 -18.58
CA THR L 40 -12.79 50.03 -17.16
C THR L 40 -14.27 49.99 -16.74
N CYS L 41 -14.49 49.58 -15.50
CA CYS L 41 -15.82 49.38 -14.95
C CYS L 41 -15.72 49.62 -13.45
N GLY L 42 -16.72 49.21 -12.70
CA GLY L 42 -16.63 49.25 -11.26
C GLY L 42 -17.84 49.88 -10.63
N GLY L 43 -17.72 50.15 -9.33
CA GLY L 43 -18.79 50.73 -8.54
C GLY L 43 -18.68 50.32 -7.09
N ASP L 44 -19.77 49.77 -6.56
CA ASP L 44 -19.80 49.18 -5.23
C ASP L 44 -19.18 47.79 -5.26
N ASN L 45 -19.59 46.94 -4.31
CA ASN L 45 -18.84 45.76 -3.88
C ASN L 45 -18.68 44.74 -5.01
N ILE L 46 -17.53 44.88 -5.68
CA ILE L 46 -17.03 43.83 -6.55
C ILE L 46 -16.13 42.89 -5.74
N GLY L 47 -16.32 41.60 -5.94
CA GLY L 47 -15.95 40.60 -4.99
C GLY L 47 -17.20 39.76 -4.86
N SER L 48 -18.15 40.10 -5.73
CA SER L 48 -19.38 39.37 -6.02
C SER L 48 -19.53 39.21 -7.52
N GLU L 49 -18.45 38.73 -8.16
CA GLU L 49 -18.44 38.23 -9.53
C GLU L 49 -18.79 39.26 -10.60
N ALA L 50 -17.87 40.19 -10.87
CA ALA L 50 -17.88 40.97 -12.11
C ALA L 50 -17.69 40.00 -13.26
N VAL L 51 -18.71 39.78 -14.07
CA VAL L 51 -18.94 38.47 -14.65
C VAL L 51 -18.93 38.48 -16.18
N GLN L 52 -19.39 39.54 -16.83
CA GLN L 52 -19.40 39.57 -18.29
C GLN L 52 -19.20 40.95 -18.87
N TRP L 53 -19.06 40.98 -20.20
CA TRP L 53 -18.83 42.22 -20.94
C TRP L 53 -19.69 42.40 -22.19
N TYR L 54 -20.07 41.30 -22.86
CA TYR L 54 -21.18 41.25 -23.81
C TYR L 54 -21.03 42.23 -24.99
N GLN L 55 -20.09 41.91 -25.88
CA GLN L 55 -19.93 42.64 -27.13
C GLN L 55 -21.21 42.61 -27.95
N GLN L 56 -21.64 43.78 -28.44
CA GLN L 56 -22.77 43.83 -29.38
C GLN L 56 -22.49 44.91 -30.40
N LYS L 57 -22.67 44.56 -31.72
CA LYS L 57 -22.58 45.31 -32.96
C LYS L 57 -23.96 45.81 -33.36
N PRO L 58 -24.05 46.93 -34.07
CA PRO L 58 -25.36 47.51 -34.38
C PRO L 58 -26.18 46.64 -35.33
N ALA L 59 -27.49 46.57 -35.02
CA ALA L 59 -28.48 45.74 -35.71
C ALA L 59 -28.12 44.27 -35.73
N GLN L 60 -27.44 43.79 -34.69
CA GLN L 60 -26.99 42.42 -34.59
C GLN L 60 -27.48 41.83 -33.26
N ALA L 61 -27.11 40.61 -33.03
CA ALA L 61 -27.38 39.99 -31.73
C ALA L 61 -26.21 40.25 -30.80
N PRO L 62 -26.45 40.45 -29.51
CA PRO L 62 -25.34 40.46 -28.54
C PRO L 62 -24.67 39.10 -28.49
N VAL L 63 -23.36 39.09 -28.29
CA VAL L 63 -22.56 37.87 -28.25
C VAL L 63 -21.74 37.88 -26.98
N LEU L 64 -21.74 36.75 -26.27
CA LEU L 64 -20.89 36.61 -25.10
C LEU L 64 -19.44 36.53 -25.52
N VAL L 65 -18.58 37.21 -24.78
CA VAL L 65 -17.18 37.31 -25.11
C VAL L 65 -16.29 36.76 -24.00
N ILE L 66 -16.62 37.02 -22.74
CA ILE L 66 -15.80 36.55 -21.63
C ILE L 66 -16.69 36.31 -20.42
N TYR L 67 -16.62 35.10 -19.87
CA TYR L 67 -17.48 34.68 -18.79
C TYR L 67 -16.64 34.29 -17.59
N ASP L 68 -17.10 34.73 -16.41
CA ASP L 68 -16.41 34.55 -15.13
C ASP L 68 -14.99 35.10 -15.18
N ASP L 69 -14.81 36.22 -15.89
CA ASP L 69 -13.68 37.16 -15.96
C ASP L 69 -12.29 36.55 -16.12
N SER L 70 -12.19 35.28 -16.47
CA SER L 70 -10.91 34.71 -16.80
C SER L 70 -10.93 33.91 -18.09
N GLU L 71 -11.99 33.15 -18.35
CA GLU L 71 -12.09 32.37 -19.57
C GLU L 71 -13.09 32.97 -20.54
N ARG L 72 -13.03 32.46 -21.75
CA ARG L 72 -13.81 32.79 -22.92
C ARG L 72 -14.38 31.51 -23.52
N PRO L 73 -15.55 31.56 -24.15
CA PRO L 73 -16.09 30.35 -24.78
C PRO L 73 -15.32 29.99 -26.04
N SER L 74 -15.54 28.76 -26.50
CA SER L 74 -14.86 28.27 -27.69
C SER L 74 -15.40 28.98 -28.93
N GLY L 75 -14.50 29.55 -29.71
CA GLY L 75 -14.86 30.27 -30.91
C GLY L 75 -14.57 31.76 -30.89
N ILE L 76 -13.79 32.24 -29.92
CA ILE L 76 -13.44 33.66 -29.83
C ILE L 76 -11.92 33.77 -29.85
N PRO L 77 -11.35 34.62 -30.70
CA PRO L 77 -9.89 34.78 -30.71
C PRO L 77 -9.38 35.45 -29.45
N ASP L 78 -8.11 35.19 -29.15
CA ASP L 78 -7.53 35.61 -27.88
C ASP L 78 -6.94 37.01 -27.93
N ARG L 79 -7.69 37.98 -28.44
CA ARG L 79 -7.36 39.37 -28.23
C ARG L 79 -8.09 39.95 -27.04
N PHE L 80 -9.05 39.20 -26.48
CA PHE L 80 -9.83 39.63 -25.34
C PHE L 80 -9.26 39.02 -24.07
N SER L 81 -9.17 39.81 -23.02
CA SER L 81 -8.60 39.36 -21.76
C SER L 81 -9.14 40.24 -20.64
N GLY L 82 -9.68 39.61 -19.60
CA GLY L 82 -10.23 40.37 -18.51
C GLY L 82 -9.46 40.17 -17.21
N SER L 83 -9.64 41.08 -16.27
CA SER L 83 -8.99 40.98 -14.97
C SER L 83 -9.80 41.74 -13.95
N LYS L 84 -9.98 41.13 -12.79
CA LYS L 84 -10.68 41.76 -11.68
C LYS L 84 -9.65 42.19 -10.65
N SER L 85 -9.48 43.50 -10.49
CA SER L 85 -8.43 44.06 -9.65
C SER L 85 -9.06 44.94 -8.59
N GLY L 86 -8.93 44.51 -7.33
CA GLY L 86 -9.40 45.29 -6.20
C GLY L 86 -10.90 45.44 -6.15
N ASN L 87 -11.38 46.65 -6.48
CA ASN L 87 -12.80 46.94 -6.46
C ASN L 87 -13.33 47.33 -7.84
N THR L 88 -12.44 47.56 -8.80
CA THR L 88 -12.84 47.94 -10.15
C THR L 88 -12.24 46.94 -11.14
N ALA L 89 -13.06 46.07 -11.68
CA ALA L 89 -12.60 45.18 -12.73
C ALA L 89 -12.55 45.91 -14.06
N THR L 90 -11.83 45.32 -15.01
CA THR L 90 -11.69 45.94 -16.32
C THR L 90 -11.49 44.87 -17.39
N LEU L 91 -11.71 45.28 -18.63
CA LEU L 91 -11.53 44.44 -19.80
C LEU L 91 -10.43 45.05 -20.66
N THR L 92 -9.42 44.26 -20.96
CA THR L 92 -8.27 44.71 -21.71
C THR L 92 -8.21 43.97 -23.04
N ILE L 93 -8.51 44.67 -24.12
CA ILE L 93 -8.34 44.14 -25.46
C ILE L 93 -7.00 44.65 -26.00
N SER L 94 -6.25 43.76 -26.63
CA SER L 94 -4.93 44.10 -27.18
C SER L 94 -4.95 43.77 -28.67
N GLY L 95 -5.01 44.81 -29.49
CA GLY L 95 -5.16 44.63 -30.93
C GLY L 95 -6.42 45.31 -31.40
N VAL L 96 -6.48 45.53 -32.72
CA VAL L 96 -7.61 46.22 -33.32
C VAL L 96 -8.02 45.50 -34.60
N GLU L 97 -9.10 45.99 -35.19
CA GLU L 97 -9.72 45.44 -36.39
C GLU L 97 -10.68 46.49 -36.91
N ALA L 98 -10.95 46.44 -38.22
CA ALA L 98 -11.96 47.28 -38.85
C ALA L 98 -13.37 46.71 -38.71
N GLY L 99 -13.54 45.66 -37.92
CA GLY L 99 -14.86 45.09 -37.69
C GLY L 99 -15.13 44.81 -36.23
N ASP L 100 -14.33 45.40 -35.34
CA ASP L 100 -14.49 45.23 -33.90
C ASP L 100 -14.70 46.58 -33.22
N GLU L 101 -15.53 47.43 -33.82
CA GLU L 101 -15.97 48.69 -33.24
C GLU L 101 -17.42 48.50 -32.80
N ALA L 102 -17.64 48.47 -31.49
CA ALA L 102 -18.93 48.02 -30.98
C ALA L 102 -19.17 48.61 -29.59
N ASP L 103 -20.10 48.01 -28.86
CA ASP L 103 -20.53 48.50 -27.56
C ASP L 103 -20.26 47.44 -26.50
N TYR L 104 -19.87 47.88 -25.31
CA TYR L 104 -19.37 46.99 -24.25
C TYR L 104 -19.91 47.45 -22.91
N TYR L 105 -20.41 46.52 -22.09
CA TYR L 105 -21.02 46.92 -20.82
C TYR L 105 -21.07 45.75 -19.84
N CYS L 106 -21.01 46.07 -18.55
CA CYS L 106 -20.87 45.12 -17.46
C CYS L 106 -22.21 44.49 -17.07
N GLN L 107 -22.12 43.38 -16.35
CA GLN L 107 -23.30 42.64 -15.90
C GLN L 107 -23.07 42.12 -14.49
N VAL L 108 -22.42 42.93 -13.66
CA VAL L 108 -21.67 42.47 -12.50
C VAL L 108 -22.55 41.99 -11.35
N TRP L 109 -23.81 42.42 -11.32
CA TRP L 109 -24.60 42.30 -10.10
C TRP L 109 -25.36 41.00 -10.06
N ASP L 110 -25.49 40.46 -8.84
CA ASP L 110 -26.63 39.68 -8.35
C ASP L 110 -26.56 39.65 -6.83
N SER L 111 -27.38 40.48 -6.19
CA SER L 111 -27.57 40.46 -4.74
C SER L 111 -28.85 41.20 -4.38
N SER L 112 -29.45 40.81 -3.25
CA SER L 112 -30.41 41.58 -2.44
C SER L 112 -31.70 41.98 -3.16
N SER L 113 -31.80 41.76 -4.46
CA SER L 113 -32.82 42.35 -5.33
C SER L 113 -32.89 41.49 -6.59
N ASP L 114 -33.42 42.07 -7.68
CA ASP L 114 -33.33 41.47 -9.00
C ASP L 114 -31.89 41.13 -9.37
N HIS L 115 -31.68 39.89 -9.75
CA HIS L 115 -30.31 39.41 -9.82
C HIS L 115 -29.59 39.89 -11.08
N PRO L 116 -30.09 39.76 -12.31
CA PRO L 116 -29.36 40.38 -13.41
C PRO L 116 -29.55 41.88 -13.41
N LEU L 117 -28.43 42.62 -13.49
CA LEU L 117 -28.44 44.07 -13.53
C LEU L 117 -27.31 44.54 -14.44
N PHE L 118 -27.65 44.87 -15.67
CA PHE L 118 -26.70 45.49 -16.58
C PHE L 118 -26.37 46.90 -16.12
N GLY L 119 -25.24 47.41 -16.59
CA GLY L 119 -24.89 48.78 -16.27
C GLY L 119 -24.36 49.58 -17.44
N GLY L 120 -25.10 50.63 -17.81
CA GLY L 120 -24.73 51.67 -18.76
C GLY L 120 -24.32 51.14 -20.13
N GLY L 121 -23.41 51.88 -20.75
CA GLY L 121 -22.86 51.46 -22.03
C GLY L 121 -21.53 52.15 -22.26
N THR L 122 -20.80 51.63 -23.25
CA THR L 122 -19.52 52.21 -23.64
C THR L 122 -19.29 51.93 -25.12
N ARG L 123 -19.11 52.98 -25.92
CA ARG L 123 -18.90 52.86 -27.36
C ARG L 123 -17.42 52.86 -27.67
N LEU L 124 -17.00 52.00 -28.60
CA LEU L 124 -15.61 51.89 -28.99
C LEU L 124 -15.47 52.16 -30.48
N THR L 125 -14.70 53.20 -30.82
CA THR L 125 -14.36 53.52 -32.20
C THR L 125 -12.86 53.70 -32.33
N VAL L 126 -12.32 53.26 -33.47
CA VAL L 126 -10.92 53.48 -33.80
C VAL L 126 -10.84 54.27 -35.09
N LEU L 127 -9.72 54.93 -35.32
CA LEU L 127 -9.56 55.80 -36.48
C LEU L 127 -8.49 55.28 -37.44
C1 NAG M . 9.89 24.93 -16.42
C2 NAG M . 8.80 25.33 -17.43
C3 NAG M . 8.98 26.77 -17.90
C4 NAG M . 9.02 27.71 -16.70
C5 NAG M . 10.10 27.26 -15.71
C6 NAG M . 10.10 28.06 -14.44
C7 NAG M . 9.65 24.15 -19.48
C8 NAG M . 9.27 23.17 -20.54
N2 NAG M . 8.70 24.40 -18.56
O3 NAG M . 7.92 27.12 -18.79
O4 NAG M . 9.32 29.03 -17.15
O5 NAG M . 9.90 25.89 -15.34
O6 NAG M . 10.44 29.43 -14.67
O7 NAG M . 10.75 24.70 -19.48
C1 NAG M . 8.18 29.91 -17.06
C2 NAG M . 8.68 31.36 -17.14
C3 NAG M . 7.52 32.33 -17.10
C4 NAG M . 6.52 32.00 -18.21
C5 NAG M . 6.08 30.54 -18.09
C6 NAG M . 5.18 30.10 -19.23
C7 NAG M . 10.78 32.27 -16.27
C8 NAG M . 11.64 32.49 -15.06
N2 NAG M . 9.63 31.64 -16.07
O3 NAG M . 8.00 33.66 -17.24
O4 NAG M . 5.38 32.85 -18.12
O5 NAG M . 7.22 29.68 -18.12
O6 NAG M . 5.62 30.66 -20.46
O7 NAG M . 11.13 32.66 -17.39
C1 BMA M . 5.38 33.80 -19.22
C2 BMA M . 4.09 33.64 -20.06
C3 BMA M . 4.07 34.70 -21.17
C4 BMA M . 4.31 36.12 -20.61
C5 BMA M . 5.61 36.14 -19.80
C6 BMA M . 5.88 37.49 -19.18
O2 BMA M . 2.94 33.89 -19.27
O3 BMA M . 2.85 34.66 -21.89
O4 BMA M . 4.40 37.06 -21.66
O5 BMA M . 5.51 35.16 -18.74
O6 BMA M . 5.66 38.48 -20.17
C1 NAG N . 21.48 -9.20 -41.20
C2 NAG N . 22.94 -9.47 -40.87
C3 NAG N . 23.78 -8.22 -41.12
C4 NAG N . 23.57 -7.70 -42.54
C5 NAG N . 22.08 -7.60 -42.89
C6 NAG N . 21.84 -7.33 -44.35
C7 NAG N . 22.84 -9.42 -38.36
C8 NAG N . 23.17 -10.23 -37.13
N2 NAG N . 23.14 -10.01 -39.52
O3 NAG N . 25.14 -8.57 -40.88
O4 NAG N . 24.09 -6.38 -42.67
O5 NAG N . 21.38 -8.82 -42.57
O6 NAG N . 21.93 -8.52 -45.11
O7 NAG N . 22.34 -8.30 -38.27
C1 NAG N . 25.46 -6.29 -43.11
C2 NAG N . 25.61 -5.27 -44.24
C3 NAG N . 27.09 -5.08 -44.59
C4 NAG N . 27.88 -4.71 -43.34
C5 NAG N . 27.67 -5.76 -42.26
C6 NAG N . 28.33 -5.42 -40.95
C7 NAG N . 24.03 -4.88 -46.11
C8 NAG N . 23.87 -3.47 -45.61
N2 NAG N . 24.86 -5.68 -45.42
O3 NAG N . 27.20 -4.06 -45.57
O4 NAG N . 29.27 -4.63 -43.67
O5 NAG N . 26.26 -5.89 -41.99
O6 NAG N . 27.44 -4.72 -40.10
O7 NAG N . 23.43 -5.28 -47.10
C1 BMA N . 29.75 -3.27 -43.56
C2 BMA N . 31.03 -3.29 -42.72
C3 BMA N . 31.67 -1.88 -42.66
C4 BMA N . 31.78 -1.24 -44.07
C5 BMA N . 30.43 -1.32 -44.82
C6 BMA N . 30.52 -0.83 -46.24
O2 BMA N . 31.99 -4.15 -43.30
O3 BMA N . 32.98 -1.87 -42.08
O4 BMA N . 32.20 0.11 -43.96
O5 BMA N . 29.99 -2.69 -44.84
O6 BMA N . 31.11 -1.85 -47.03
C1 MAN N . 33.04 -2.34 -40.72
C2 MAN N . 33.96 -1.37 -39.95
C3 MAN N . 35.44 -1.53 -40.43
C4 MAN N . 35.87 -3.02 -40.61
C5 MAN N . 34.80 -3.77 -41.40
C6 MAN N . 35.10 -5.24 -41.60
O2 MAN N . 33.96 -1.60 -38.54
O3 MAN N . 36.36 -0.87 -39.56
O4 MAN N . 37.10 -3.08 -41.31
O5 MAN N . 33.55 -3.63 -40.69
O6 MAN N . 36.06 -5.36 -42.64
C1 MAN N . 33.18 -0.57 -37.90
C2 MAN N . 34.05 0.68 -37.69
C3 MAN N . 35.13 0.35 -36.66
C4 MAN N . 34.48 -0.06 -35.33
C5 MAN N . 33.60 -1.30 -35.57
C6 MAN N . 32.82 -1.70 -34.33
O2 MAN N . 33.26 1.73 -37.10
O3 MAN N . 36.10 1.38 -36.47
O4 MAN N . 35.47 -0.36 -34.36
O5 MAN N . 32.65 -1.04 -36.64
O6 MAN N . 33.70 -1.63 -33.21
C1 MAN N . 33.53 3.08 -37.57
C2 MAN N . 32.12 3.77 -37.72
C3 MAN N . 31.57 3.60 -39.11
C4 MAN N . 32.52 4.26 -40.08
C5 MAN N . 33.81 3.43 -40.13
C6 MAN N . 34.90 4.11 -40.94
O2 MAN N . 32.21 5.19 -37.52
O3 MAN N . 30.28 4.16 -39.24
O4 MAN N . 31.93 4.30 -41.37
O5 MAN N . 34.38 3.16 -38.78
O6 MAN N . 35.39 5.23 -40.20
C1 NAG O . 15.13 -17.86 -26.90
C2 NAG O . 15.12 -16.47 -26.26
C3 NAG O . 16.52 -15.86 -26.29
C4 NAG O . 17.56 -16.81 -25.72
C5 NAG O . 17.46 -18.17 -26.39
C6 NAG O . 18.35 -19.21 -25.77
C7 NAG O . 13.26 -14.89 -26.27
C8 NAG O . 12.34 -14.05 -27.10
N2 NAG O . 14.17 -15.61 -26.93
O3 NAG O . 16.49 -14.65 -25.54
O4 NAG O . 18.87 -16.29 -25.97
O5 NAG O . 16.12 -18.66 -26.28
O6 NAG O . 17.83 -20.52 -25.95
O7 NAG O . 13.16 -14.94 -25.05
C1 NAG O . 19.49 -15.78 -24.76
C2 NAG O . 20.96 -16.18 -24.73
C3 NAG O . 21.62 -15.62 -23.48
C4 NAG O . 21.45 -14.11 -23.41
C5 NAG O . 19.97 -13.75 -23.52
C6 NAG O . 19.73 -12.25 -23.62
C7 NAG O . 22.06 -18.20 -25.56
C8 NAG O . 22.10 -19.70 -25.50
N2 NAG O . 21.12 -17.62 -24.80
O3 NAG O . 22.99 -15.99 -23.50
O4 NAG O . 21.93 -13.59 -22.18
O5 NAG O . 19.38 -14.34 -24.69
O6 NAG O . 20.93 -11.55 -23.91
O7 NAG O . 22.84 -17.55 -26.24
C1 BMA O . 23.31 -13.08 -22.08
C2 BMA O . 24.01 -12.75 -23.44
C3 BMA O . 25.44 -12.39 -23.13
C4 BMA O . 25.51 -11.18 -22.19
C5 BMA O . 24.68 -11.42 -20.91
C6 BMA O . 24.53 -10.17 -20.11
O2 BMA O . 23.46 -11.58 -24.03
O3 BMA O . 26.19 -12.13 -24.30
O4 BMA O . 26.85 -10.91 -21.83
O5 BMA O . 23.35 -11.89 -21.26
O6 BMA O . 23.14 -9.92 -20.00
C1 MAN O . 22.77 -9.80 -18.61
C2 MAN O . 22.91 -8.30 -18.24
C3 MAN O . 23.78 -8.14 -16.99
C4 MAN O . 23.28 -9.06 -15.87
C5 MAN O . 23.49 -10.53 -16.32
C6 MAN O . 22.41 -11.47 -15.83
O2 MAN O . 21.65 -7.75 -17.90
O3 MAN O . 23.78 -6.78 -16.54
O4 MAN O . 24.03 -8.84 -14.69
O5 MAN O . 23.58 -10.65 -17.78
O6 MAN O . 21.15 -10.79 -15.88
C1 NAG P . 16.32 -24.20 -31.58
C2 NAG P . 17.28 -25.16 -32.34
C3 NAG P . 17.92 -26.22 -31.42
C4 NAG P . 18.45 -25.60 -30.13
C5 NAG P . 17.42 -24.67 -29.51
C6 NAG P . 17.94 -23.93 -28.31
C7 NAG P . 15.77 -26.59 -33.92
C8 NAG P . 14.91 -27.17 -32.82
N2 NAG P . 16.77 -25.72 -33.61
O3 NAG P . 18.97 -26.84 -32.16
O4 NAG P . 18.69 -26.63 -29.17
O5 NAG P . 17.00 -23.67 -30.46
O6 NAG P . 18.09 -22.54 -28.60
O7 NAG P . 15.56 -26.89 -35.10
C1 NAG P . 19.97 -27.32 -29.15
C2 NAG P . 19.65 -28.83 -29.14
C3 NAG P . 20.94 -29.64 -29.19
C4 NAG P . 21.80 -29.23 -30.37
C5 NAG P . 22.08 -27.73 -30.32
C6 NAG P . 22.82 -27.23 -31.52
C7 NAG P . 17.98 -30.20 -27.97
C8 NAG P . 17.25 -30.42 -26.69
N2 NAG P . 18.85 -29.19 -27.99
O3 NAG P . 20.63 -31.03 -29.31
O4 NAG P . 23.04 -29.93 -30.35
O5 NAG P . 20.83 -27.01 -30.28
O6 NAG P . 22.64 -28.09 -32.64
O7 NAG P . 17.80 -30.91 -28.96
C1 NAG Q . 22.15 -16.05 -37.31
C2 NAG Q . 22.67 -16.42 -38.67
C3 NAG Q . 23.43 -17.74 -38.59
C4 NAG Q . 24.54 -17.65 -37.55
C5 NAG Q . 23.98 -17.16 -36.21
C6 NAG Q . 25.06 -16.87 -35.19
C7 NAG Q . 21.55 -15.76 -40.74
C8 NAG Q . 20.38 -15.97 -41.64
N2 NAG Q . 21.59 -16.51 -39.64
O3 NAG Q . 23.95 -18.06 -39.87
O4 NAG Q . 25.13 -18.94 -37.37
O5 NAG Q . 23.25 -15.94 -36.39
O6 NAG Q . 24.91 -15.57 -34.65
O7 NAG Q . 22.42 -14.96 -41.01
C1 NAG Q . 26.49 -18.96 -37.88
C2 NAG Q . 27.02 -20.40 -37.79
C3 NAG Q . 28.43 -20.51 -38.39
C4 NAG Q . 28.47 -19.90 -39.78
C5 NAG Q . 27.92 -18.48 -39.76
C6 NAG Q . 27.84 -17.85 -41.13
C7 NAG Q . 27.61 -20.51 -35.35
C8 NAG Q . 27.37 -21.27 -34.09
N2 NAG Q . 26.96 -20.95 -36.44
O3 NAG Q . 28.81 -21.88 -38.44
O4 NAG Q . 29.82 -19.87 -40.25
O5 NAG Q . 26.58 -18.50 -39.23
O6 NAG Q . 29.11 -17.34 -41.53
O7 NAG Q . 28.37 -19.52 -35.36
C1 NAG R . -5.84 9.65 -24.75
C2 NAG R . -7.23 9.53 -25.38
C3 NAG R . -7.15 8.83 -26.73
C4 NAG R . -6.13 9.52 -27.64
C5 NAG R . -4.79 9.58 -26.92
C6 NAG R . -3.71 10.29 -27.69
C7 NAG R . -9.44 9.03 -24.45
C8 NAG R . -10.22 8.21 -23.47
N2 NAG R . -8.12 8.81 -24.49
O3 NAG R . -8.43 8.85 -27.36
O4 NAG R . -5.99 8.78 -28.85
O5 NAG R . -4.94 10.28 -25.68
O6 NAG R . -3.31 9.53 -28.82
O7 NAG R . -9.98 9.86 -25.17
C1 NAG R . -6.43 9.53 -30.00
C2 NAG R . -6.17 8.68 -31.25
C3 NAG R . -6.64 9.41 -32.50
C4 NAG R . -8.09 9.88 -32.36
C5 NAG R . -8.25 10.69 -31.07
C6 NAG R . -9.68 11.10 -30.81
C7 NAG R . -4.33 7.18 -31.86
C8 NAG R . -2.85 6.99 -31.90
N2 NAG R . -4.77 8.34 -31.36
O3 NAG R . -6.54 8.54 -33.63
O4 NAG R . -8.45 10.69 -33.46
O5 NAG R . -7.83 9.91 -29.95
O6 NAG R . -10.19 11.88 -31.89
O7 NAG R . -5.11 6.32 -32.26
C1 NAG S . 5.32 -8.93 -52.45
C2 NAG S . 6.55 -8.03 -52.52
C3 NAG S . 6.49 -7.14 -53.77
C4 NAG S . 6.28 -7.97 -55.02
C5 NAG S . 5.04 -8.85 -54.86
C6 NAG S . 4.82 -9.82 -56.00
C7 NAG S . 7.76 -7.25 -50.55
C8 NAG S . 7.74 -6.34 -49.35
N2 NAG S . 6.68 -7.22 -51.32
O3 NAG S . 7.69 -6.38 -53.88
O4 NAG S . 6.14 -7.11 -56.15
O5 NAG S . 5.17 -9.66 -53.67
O6 NAG S . 5.77 -10.88 -55.97
O7 NAG S . 8.73 -7.96 -50.80
C1 NAG S . 7.24 -7.35 -57.07
C2 NAG S . 7.02 -6.51 -58.33
C3 NAG S . 8.15 -6.77 -59.32
C4 NAG S . 9.51 -6.52 -58.66
C5 NAG S . 9.64 -7.31 -57.37
C6 NAG S . 10.90 -6.99 -56.60
C7 NAG S . 4.61 -6.14 -58.66
C8 NAG S . 3.37 -6.59 -59.37
N2 NAG S . 5.73 -6.82 -58.93
O3 NAG S . 7.99 -5.92 -60.45
O4 NAG S . 10.54 -6.92 -59.55
O5 NAG S . 8.53 -7.01 -56.49
O6 NAG S . 12.04 -7.05 -57.44
O7 NAG S . 4.60 -5.20 -57.87
C1 NAG T . 5.44 -3.02 -43.41
C2 NAG T . 4.42 -1.97 -42.90
C3 NAG T . 3.67 -1.35 -44.08
C4 NAG T . 4.67 -0.76 -45.06
C5 NAG T . 5.58 -1.87 -45.57
C6 NAG T . 6.65 -1.39 -46.52
C7 NAG T . 3.01 -1.89 -40.90
C8 NAG T . 2.06 -2.65 -40.03
N2 NAG T . 3.49 -2.55 -41.96
O3 NAG T . 2.81 -0.32 -43.59
O4 NAG T . 4.05 0.02 -46.09
O5 NAG T . 6.27 -2.44 -44.45
O6 NAG T . 6.39 -0.06 -46.96
O7 NAG T . 3.33 -0.74 -40.67
C1 NAG T . 3.09 -0.55 -46.99
C2 NAG T . 2.16 0.58 -47.45
C3 NAG T . 1.20 0.10 -48.54
C4 NAG T . 1.96 -0.55 -49.68
C5 NAG T . 2.85 -1.66 -49.14
C6 NAG T . 3.73 -2.28 -50.19
C7 NAG T . 0.54 0.67 -45.53
C8 NAG T . -0.04 1.59 -44.49
N2 NAG T . 1.45 1.23 -46.36
O3 NAG T . 0.44 1.20 -49.02
O4 NAG T . 1.05 -1.10 -50.63
O5 NAG T . 3.72 -1.13 -48.12
O6 NAG T . 4.91 -1.50 -50.38
O7 NAG T . 0.20 -0.51 -45.59
C1 NAG U . 29.99 2.31 -26.73
C2 NAG U . 31.33 2.01 -27.44
C3 NAG U . 32.37 1.40 -26.47
C4 NAG U . 32.43 2.16 -25.14
C5 NAG U . 31.02 2.40 -24.59
C6 NAG U . 30.97 3.25 -23.36
C7 NAG U . 30.84 0.07 -29.12
C8 NAG U . 30.31 -0.90 -28.09
N2 NAG U . 31.26 1.31 -28.73
O3 NAG U . 33.64 1.41 -27.12
O4 NAG U . 33.15 1.34 -24.21
O5 NAG U . 30.22 3.08 -25.58
O6 NAG U . 31.99 4.24 -23.37
O7 NAG U . 30.90 -0.25 -30.30
C1 NAG U . 34.36 1.89 -23.58
C2 NAG U . 35.59 1.72 -24.49
C3 NAG U . 36.83 2.31 -23.83
C4 NAG U . 36.58 3.75 -23.40
C5 NAG U . 35.32 3.83 -22.53
C6 NAG U . 34.95 5.24 -22.13
C7 NAG U . 36.21 -0.09 -26.05
C8 NAG U . 36.38 -1.56 -26.23
N2 NAG U . 35.80 0.32 -24.84
O3 NAG U . 37.93 2.26 -24.73
O4 NAG U . 37.69 4.23 -22.65
O5 NAG U . 34.20 3.29 -23.23
O6 NAG U . 33.54 5.38 -22.01
O7 NAG U . 36.45 0.71 -26.95
C1 NAG V . -7.81 29.28 -8.40
C2 NAG V . -7.94 30.14 -7.14
C3 NAG V . -7.82 31.63 -7.47
C4 NAG V . -6.54 31.90 -8.24
C5 NAG V . -6.46 30.99 -9.47
C6 NAG V . -5.14 31.11 -10.19
C7 NAG V . -10.42 30.03 -6.75
C8 NAG V . -11.46 29.67 -5.74
N2 NAG V . -9.14 29.86 -6.36
O3 NAG V . -7.88 32.39 -6.28
O4 NAG V . -6.51 33.26 -8.66
O5 NAG V . -6.60 29.62 -9.09
O6 NAG V . -4.94 32.41 -10.74
O7 NAG V . -10.73 30.47 -7.86
C1 NAG V . -5.55 34.04 -7.91
C2 NAG V . -5.28 35.34 -8.70
C3 NAG V . -4.31 36.22 -7.93
C4 NAG V . -4.84 36.49 -6.52
C5 NAG V . -5.10 35.17 -5.81
C6 NAG V . -5.74 35.35 -4.45
C7 NAG V . -5.25 35.66 -11.13
C8 NAG V . -4.62 35.25 -12.42
N2 NAG V . -4.78 35.05 -10.03
O3 NAG V . -4.13 37.44 -8.65
O4 NAG V . -3.89 37.26 -5.78
O5 NAG V . -6.01 34.38 -6.59
O6 NAG V . -6.70 36.40 -4.47
O7 NAG V . -6.14 36.50 -11.07
C1 BMA V . -4.38 38.61 -5.59
C2 BMA V . -4.48 38.91 -4.06
C3 BMA V . -4.93 40.37 -3.87
C4 BMA V . -4.05 41.35 -4.67
C5 BMA V . -4.02 40.93 -6.15
C6 BMA V . -3.14 41.82 -6.99
O2 BMA V . -3.22 38.81 -3.44
O3 BMA V . -4.93 40.73 -2.50
O4 BMA V . -4.55 42.67 -4.56
O5 BMA V . -3.53 39.58 -6.23
O6 BMA V . -3.42 43.17 -6.64
C1 NAG W . -46.25 10.23 0.21
C2 NAG W . -46.78 9.78 -1.12
C3 NAG W . -46.89 10.96 -2.08
C4 NAG W . -47.71 12.09 -1.46
C5 NAG W . -47.23 12.40 -0.03
C6 NAG W . -48.16 13.34 0.70
C7 NAG W . -44.75 8.65 -2.07
C8 NAG W . -44.26 7.36 -2.65
N2 NAG W . -46.04 8.66 -1.71
O3 NAG W . -47.50 10.48 -3.29
O4 NAG W . -47.54 13.30 -2.20
O5 NAG W . -47.12 11.21 0.76
O6 NAG W . -49.26 12.64 1.24
O7 NAG W . -44.00 9.62 -1.94
C1 NAG W . -48.50 13.53 -3.24
C2 NAG W . -49.06 14.95 -3.18
C3 NAG W . -49.97 15.22 -4.38
C4 NAG W . -49.23 14.93 -5.68
C5 NAG W . -48.68 13.50 -5.66
C6 NAG W . -47.84 13.16 -6.86
C7 NAG W . -49.63 16.23 -1.13
C8 NAG W . -48.60 17.25 -1.56
N2 NAG W . -49.79 15.17 -1.94
O3 NAG W . -50.39 16.57 -4.35
O4 NAG W . -50.10 15.09 -6.79
O5 NAG W . -47.85 13.32 -4.51
O6 NAG W . -46.46 13.42 -6.60
O7 NAG W . -50.28 16.37 -0.10
C1 BMA W . -49.71 16.23 -7.59
C2 BMA W . -49.67 15.77 -9.06
C3 BMA W . -49.38 16.95 -10.01
C4 BMA W . -50.29 18.17 -9.69
C5 BMA W . -50.26 18.51 -8.19
C6 BMA W . -51.24 19.60 -7.81
O2 BMA W . -50.93 15.23 -9.45
O3 BMA W . -49.55 16.63 -11.39
O4 BMA W . -49.87 19.29 -10.45
O5 BMA W . -50.61 17.32 -7.44
O6 BMA W . -52.54 19.05 -7.76
C1 MAN W . -48.69 15.58 -11.88
C2 MAN W . -48.14 16.04 -13.25
C3 MAN W . -49.29 16.06 -14.31
C4 MAN W . -50.23 14.81 -14.23
C5 MAN W . -50.63 14.56 -12.77
C6 MAN W . -51.50 13.34 -12.58
O2 MAN W . -47.13 15.17 -13.76
O3 MAN W . -48.79 16.19 -15.64
O4 MAN W . -51.38 15.03 -15.01
O5 MAN W . -49.42 14.40 -12.01
O6 MAN W . -52.83 13.69 -12.98
C1 MAN W . -45.84 15.82 -13.59
C2 MAN W . -45.60 16.79 -14.77
C3 MAN W . -45.45 15.97 -16.05
C4 MAN W . -44.25 15.02 -15.91
C5 MAN W . -44.50 14.07 -14.73
C6 MAN W . -43.31 13.17 -14.44
O2 MAN W . -44.35 17.47 -14.58
O3 MAN W . -45.35 16.75 -17.23
O4 MAN W . -44.08 14.26 -17.10
O5 MAN W . -44.80 14.84 -13.52
O6 MAN W . -42.83 12.67 -15.68
C1 MAN W . -44.32 18.87 -14.97
C2 MAN W . -43.48 19.61 -13.86
C3 MAN W . -44.39 20.14 -12.77
C4 MAN W . -45.35 21.13 -13.37
C5 MAN W . -46.33 20.37 -14.26
C6 MAN W . -47.22 21.30 -15.08
O2 MAN W . -42.82 20.77 -14.37
O3 MAN W . -43.66 20.74 -11.72
O4 MAN W . -46.07 21.80 -12.34
O5 MAN W . -45.65 19.48 -15.23
O6 MAN W . -46.43 21.92 -16.09
C1 NAG X . -35.38 -3.83 2.22
C2 NAG X . -34.33 -2.90 1.61
C3 NAG X . -34.77 -2.40 0.24
C4 NAG X . -35.21 -3.56 -0.67
C5 NAG X . -36.21 -4.44 0.05
C6 NAG X . -36.57 -5.69 -0.73
C7 NAG X . -32.82 -1.43 2.84
C8 NAG X . -32.71 -0.26 3.76
N2 NAG X . -34.06 -1.79 2.50
O3 NAG X . -33.69 -1.70 -0.35
O4 NAG X . -35.82 -3.04 -1.85
O5 NAG X . -35.67 -4.88 1.30
O6 NAG X . -36.97 -6.74 0.15
O7 NAG X . -31.84 -2.03 2.44
C1 NAG X . -34.96 -3.18 -3.01
C2 NAG X . -35.80 -3.61 -4.21
C3 NAG X . -34.92 -3.73 -5.44
C4 NAG X . -34.18 -2.42 -5.71
C5 NAG X . -33.41 -1.98 -4.45
C6 NAG X . -32.79 -0.61 -4.59
C7 NAG X . -37.76 -5.05 -4.33
C8 NAG X . -38.34 -6.40 -3.99
N2 NAG X . -36.50 -4.86 -3.96
O3 NAG X . -35.73 -4.10 -6.55
O4 NAG X . -33.23 -2.56 -6.77
O5 NAG X . -34.29 -1.94 -3.31
O6 NAG X . -33.32 0.10 -5.70
O7 NAG X . -38.42 -4.19 -4.90
C1 BMA X . -33.62 -2.21 -8.14
C2 BMA X . -34.89 -1.31 -8.29
C3 BMA X . -35.20 -1.20 -9.77
C4 BMA X . -34.01 -0.57 -10.52
C5 BMA X . -32.71 -1.35 -10.25
C6 BMA X . -31.51 -0.61 -10.76
O2 BMA X . -34.63 0.02 -7.86
O3 BMA X . -36.37 -0.45 -10.02
O4 BMA X . -34.27 -0.55 -11.91
O5 BMA X . -32.52 -1.54 -8.82
O6 BMA X . -30.66 -0.38 -9.65
C1 MAN X . -29.35 -0.91 -9.92
C2 MAN X . -28.53 0.23 -10.58
C3 MAN X . -27.89 -0.24 -11.88
C4 MAN X . -27.16 -1.56 -11.67
C5 MAN X . -28.17 -2.65 -11.29
C6 MAN X . -27.65 -3.67 -10.30
O2 MAN X . -27.44 0.61 -9.75
O3 MAN X . -27.02 0.75 -12.41
O4 MAN X . -26.49 -1.94 -12.85
O5 MAN X . -29.42 -2.08 -10.74
O6 MAN X . -26.82 -3.00 -9.35
C1 NAG Y . -42.12 -7.30 4.69
C2 NAG Y . -43.55 -7.83 4.40
C3 NAG Y . -43.55 -9.22 3.74
C4 NAG Y . -42.55 -9.30 2.58
C5 NAG Y . -41.19 -8.72 3.00
C6 NAG Y . -40.22 -8.65 1.87
C7 NAG Y . -44.63 -8.29 6.73
C8 NAG Y . -43.57 -9.28 7.19
N2 NAG Y . -44.52 -7.71 5.50
O3 NAG Y . -44.88 -9.46 3.27
O4 NAG Y . -42.31 -10.67 2.26
O5 NAG Y . -41.35 -7.38 3.50
O6 NAG Y . -39.96 -7.30 1.50
O7 NAG Y . -45.57 -7.99 7.47
C1 NAG Y . -43.17 -11.34 1.30
C2 NAG Y . -43.62 -12.66 1.97
C3 NAG Y . -44.59 -13.41 1.06
C4 NAG Y . -45.77 -12.53 0.68
C5 NAG Y . -45.26 -11.24 0.03
C6 NAG Y . -46.38 -10.27 -0.27
C7 NAG Y . -42.43 -14.35 3.31
C8 NAG Y . -41.17 -15.12 3.48
N2 NAG Y . -42.46 -13.49 2.28
O3 NAG Y . -45.08 -14.57 1.74
O4 NAG Y . -46.61 -13.21 -0.23
O5 NAG Y . -44.35 -10.57 0.91
O6 NAG Y . -47.50 -10.50 0.57
O7 NAG Y . -43.40 -14.51 4.05
C1 NAG Z . -46.20 2.34 -0.20
C2 NAG Z . -47.66 2.63 0.00
C3 NAG Z . -48.48 1.39 -0.36
C4 NAG Z . -48.16 0.93 -1.78
C5 NAG Z . -46.65 0.77 -1.96
C6 NAG Z . -46.25 0.50 -3.39
C7 NAG Z . -48.50 4.22 1.65
C8 NAG Z . -48.72 4.50 3.10
N2 NAG Z . -47.94 3.04 1.36
O3 NAG Z . -49.87 1.68 -0.23
O4 NAG Z . -48.81 -0.31 -2.04
O5 NAG Z . -45.96 1.96 -1.57
O6 NAG Z . -45.24 1.40 -3.81
O7 NAG Z . -48.81 5.02 0.78
C1 NAG Z . -49.86 -0.15 -3.02
C2 NAG Z . -50.61 -1.49 -3.15
C3 NAG Z . -51.79 -1.36 -4.12
C4 NAG Z . -52.67 -0.18 -3.75
C5 NAG Z . -51.84 1.09 -3.64
C6 NAG Z . -52.63 2.29 -3.18
C7 NAG Z . -49.03 -2.75 -4.64
C8 NAG Z . -48.22 -4.00 -4.74
N2 NAG Z . -49.74 -2.60 -3.52
O3 NAG Z . -52.56 -2.57 -4.09
O4 NAG Z . -53.68 0.01 -4.75
O5 NAG Z . -50.79 0.89 -2.67
O6 NAG Z . -53.34 2.88 -4.26
O7 NAG Z . -49.01 -1.90 -5.55
C1 NAG AA . -12.85 20.34 12.70
C2 NAG AA . -12.73 20.58 14.20
C3 NAG AA . -14.12 20.59 14.86
C4 NAG AA . -15.05 21.58 14.15
C5 NAG AA . -15.09 21.24 12.67
C6 NAG AA . -15.93 22.18 11.85
C7 NAG AA . -11.14 19.80 15.89
C8 NAG AA . -10.33 18.65 16.39
N2 NAG AA . -11.89 19.57 14.81
O3 NAG AA . -13.98 20.96 16.23
O4 NAG AA . -16.35 21.49 14.72
O5 NAG AA . -13.76 21.29 12.13
O6 NAG AA . -17.32 22.02 12.16
O7 NAG AA . -11.13 20.89 16.45
C1 NAG AA . -16.74 22.71 15.37
C2 NAG AA . -18.18 22.53 15.87
C3 NAG AA . -18.66 23.78 16.60
C4 NAG AA . -17.66 24.19 17.69
C5 NAG AA . -16.27 24.31 17.10
C6 NAG AA . -15.22 24.61 18.15
C7 NAG AA . -20.13 21.42 14.89
C8 NAG AA . -20.94 21.21 13.65
N2 NAG AA . -19.07 22.22 14.77
O3 NAG AA . -19.94 23.53 17.18
O4 NAG AA . -18.05 25.43 18.24
O5 NAG AA . -15.89 23.08 16.48
O6 NAG AA . -15.51 25.82 18.83
O7 NAG AA . -20.42 20.88 15.95
C1 NAG BA . -47.26 16.40 18.90
C2 NAG BA . -47.55 17.18 17.61
C3 NAG BA . -48.15 18.56 17.94
C4 NAG BA . -49.36 18.41 18.84
C5 NAG BA . -48.98 17.61 20.09
C6 NAG BA . -50.16 17.30 20.99
C7 NAG BA . -46.27 16.90 15.54
C8 NAG BA . -44.96 17.14 14.84
N2 NAG BA . -46.35 17.33 16.80
O3 NAG BA . -48.51 19.22 16.73
O4 NAG BA . -49.84 19.70 19.20
O5 NAG BA . -48.44 16.33 19.70
O6 NAG BA . -51.01 16.31 20.42
O7 NAG BA . -47.21 16.35 14.98
C1 NAG BA . -51.18 19.88 18.67
C2 NAG BA . -51.73 21.22 19.17
C3 NAG BA . -53.16 21.41 18.64
C4 NAG BA . -53.19 21.26 17.12
C5 NAG BA . -52.54 19.95 16.68
C6 NAG BA . -52.42 19.82 15.19
C7 NAG BA . -50.70 21.80 21.32
C8 NAG BA . -50.84 21.78 22.80
N2 NAG BA . -51.72 21.28 20.62
O3 NAG BA . -53.63 22.69 19.03
O4 NAG BA . -54.54 21.28 16.67
O5 NAG BA . -51.22 19.86 17.22
O6 NAG BA . -53.65 20.11 14.54
O7 NAG BA . -49.70 22.26 20.76
C1 NAG CA . -37.88 17.39 13.61
C2 NAG CA . -36.59 18.13 14.02
C3 NAG CA . -36.91 19.25 15.00
C4 NAG CA . -37.93 20.20 14.38
C5 NAG CA . -39.19 19.41 14.07
C6 NAG CA . -40.26 20.24 13.39
C7 NAG CA . -34.31 17.32 14.44
C8 NAG CA . -33.47 16.28 15.11
N2 NAG CA . -35.63 17.21 14.62
O3 NAG CA . -35.71 19.97 15.29
O4 NAG CA . -38.14 21.39 15.13
O5 NAG CA . -38.87 18.35 13.15
O6 NAG CA . -39.97 21.62 13.45
O7 NAG CA . -33.82 18.22 13.76
C1 NAG CA . -38.60 21.35 16.49
C2 NAG CA . -38.08 22.60 17.20
C3 NAG CA . -38.66 22.72 18.61
C4 NAG CA . -40.18 22.65 18.56
C5 NAG CA . -40.61 21.38 17.86
C6 NAG CA . -42.10 21.29 17.66
C7 NAG CA . -35.76 21.85 17.82
C8 NAG CA . -34.32 22.20 17.67
N2 NAG CA . -36.63 22.69 17.21
O3 NAG CA . -38.25 23.96 19.19
O4 NAG CA . -40.70 22.65 19.89
O5 NAG CA . -40.04 21.34 16.54
O6 NAG CA . -42.51 22.02 16.51
O7 NAG CA . -36.12 20.85 18.44
C1 NAG DA . -34.42 13.28 -16.06
C2 NAG DA . -35.73 13.29 -16.88
C3 NAG DA . -35.71 12.25 -18.03
C4 NAG DA . -34.39 12.30 -18.82
C5 NAG DA . -33.20 12.31 -17.85
C6 NAG DA . -31.85 12.49 -18.53
C7 NAG DA . -37.57 12.38 -15.27
C8 NAG DA . -36.89 11.06 -14.98
N2 NAG DA . -36.99 13.27 -16.11
O3 NAG DA . -36.81 12.51 -18.88
O4 NAG DA . -34.32 11.11 -19.61
O5 NAG DA . -33.32 13.40 -16.93
O6 NAG DA . -31.97 13.33 -19.68
O7 NAG DA . -38.66 12.64 -14.75
C1 NAG DA . -34.19 11.25 -21.06
C2 NAG DA . -35.57 11.48 -21.72
C3 NAG DA . -35.41 11.63 -23.24
C4 NAG DA . -34.38 12.71 -23.56
C5 NAG DA . -33.06 12.43 -22.83
C6 NAG DA . -32.02 13.51 -23.03
C7 NAG DA . -37.79 10.58 -21.19
C8 NAG DA . -38.59 9.35 -20.88
N2 NAG DA . -36.49 10.39 -21.41
O3 NAG DA . -36.65 11.96 -23.83
O4 NAG DA . -34.14 12.74 -24.97
O5 NAG DA . -33.30 12.33 -21.42
O6 NAG DA . -31.19 13.63 -21.88
O7 NAG DA . -38.31 11.69 -21.24
C1 NAG EA . 8.65 30.11 2.76
C2 NAG EA . 10.04 30.29 2.14
C3 NAG EA . 10.29 31.75 1.80
C4 NAG EA . 9.19 32.29 0.90
C5 NAG EA . 7.83 32.06 1.56
C6 NAG EA . 6.67 32.45 0.67
C7 NAG EA . 11.48 30.11 4.18
C8 NAG EA . 12.63 29.36 4.78
N2 NAG EA . 11.11 29.72 2.95
O3 NAG EA . 11.56 31.87 1.16
O4 NAG EA . 9.38 33.69 0.70
O5 NAG EA . 7.66 30.68 1.88
O6 NAG EA . 6.66 33.85 0.40
O7 NAG EA . 10.93 31.03 4.79
C1 NAG EA . 9.82 34.00 -0.64
C2 NAG EA . 9.58 35.49 -0.89
C3 NAG EA . 10.07 35.88 -2.28
C4 NAG EA . 11.53 35.48 -2.46
C5 NAG EA . 11.70 33.99 -2.17
C6 NAG EA . 13.14 33.54 -2.21
C7 NAG EA . 7.78 36.91 -0.02
C8 NAG EA . 6.30 37.12 0.05
N2 NAG EA . 8.18 35.84 -0.72
O3 NAG EA . 9.89 37.28 -2.47
O4 NAG EA . 11.96 35.77 -3.78
O5 NAG EA . 11.21 33.69 -0.86
O6 NAG EA . 13.99 34.52 -1.63
O7 NAG EA . 8.58 37.67 0.53
C1 BMA EA . 12.88 36.89 -3.78
C2 BMA EA . 14.24 36.45 -4.39
C3 BMA EA . 15.18 37.66 -4.44
C4 BMA EA . 14.51 38.86 -5.15
C5 BMA EA . 13.18 39.19 -4.47
C6 BMA EA . 12.45 40.33 -5.13
O2 BMA EA . 14.09 36.02 -5.72
O3 BMA EA . 16.40 37.34 -5.09
O4 BMA EA . 15.36 40.00 -5.09
O5 BMA EA . 12.34 38.02 -4.51
O6 BMA EA . 13.38 41.37 -5.36
C1 NAG FA . 26.29 10.87 37.87
C2 NAG FA . 25.31 11.13 39.01
C3 NAG FA . 25.07 12.62 39.18
C4 NAG FA . 26.40 13.36 39.36
C5 NAG FA . 27.41 12.95 38.28
C6 NAG FA . 28.80 13.47 38.55
C7 NAG FA . 23.15 10.48 37.88
C8 NAG FA . 21.96 9.59 38.03
N2 NAG FA . 24.06 10.37 38.87
O3 NAG FA . 24.23 12.78 40.32
O4 NAG FA . 26.21 14.77 39.20
O5 NAG FA . 27.52 11.52 38.17
O6 NAG FA . 29.48 12.65 39.49
O7 NAG FA . 23.27 11.25 36.93
C1 NAG FA . 25.94 15.49 40.41
C2 NAG FA . 26.82 16.74 40.51
C3 NAG FA . 26.40 17.58 41.72
C4 NAG FA . 24.92 17.90 41.67
C5 NAG FA . 24.12 16.61 41.56
C6 NAG FA . 22.64 16.83 41.38
C7 NAG FA . 29.20 16.94 39.85
C8 NAG FA . 28.77 18.00 38.86
N2 NAG FA . 28.22 16.39 40.59
O3 NAG FA . 27.16 18.78 41.74
O4 NAG FA . 24.54 18.60 42.85
O5 NAG FA . 24.56 15.88 40.41
O6 NAG FA . 22.28 16.89 40.01
O7 NAG FA . 30.36 16.61 39.96
C1 BMA FA . 24.16 19.97 42.55
C2 BMA FA . 22.81 20.23 43.23
C3 BMA FA . 22.39 21.72 43.05
C4 BMA FA . 23.55 22.68 43.40
C5 BMA FA . 24.85 22.28 42.67
C6 BMA FA . 26.04 23.11 43.10
O2 BMA FA . 22.90 20.00 44.62
O3 BMA FA . 21.26 22.09 43.84
O4 BMA FA . 23.20 24.01 43.05
O5 BMA FA . 25.15 20.90 42.99
O6 BMA FA . 26.49 22.64 44.36
C1 MAN FA . 20.05 21.35 43.55
C2 MAN FA . 18.90 22.38 43.51
C3 MAN FA . 18.61 22.93 44.94
C4 MAN FA . 18.63 21.83 46.05
C5 MAN FA . 19.87 20.96 45.88
C6 MAN FA . 19.96 19.82 46.88
O2 MAN FA . 17.67 21.80 43.04
O3 MAN FA . 17.39 23.65 45.00
O4 MAN FA . 18.66 22.44 47.32
O5 MAN FA . 19.83 20.40 44.54
O6 MAN FA . 20.43 20.36 48.11
C1 MAN FA . 17.44 22.24 41.69
C2 MAN FA . 16.78 23.64 41.70
C3 MAN FA . 15.38 23.50 42.29
C4 MAN FA . 14.54 22.55 41.43
C5 MAN FA . 15.21 21.17 41.42
C6 MAN FA . 14.52 20.19 40.50
O2 MAN FA . 16.60 24.10 40.35
O3 MAN FA . 14.71 24.74 42.49
O4 MAN FA . 13.23 22.43 41.96
O5 MAN FA . 16.61 21.30 40.99
O6 MAN FA . 13.12 20.31 40.70
C1 MAN FA . 16.83 25.52 40.12
C2 MAN FA . 17.60 25.62 38.75
C3 MAN FA . 19.09 25.61 38.97
C4 MAN FA . 19.47 26.81 39.80
C5 MAN FA . 18.93 26.59 41.22
C6 MAN FA . 19.08 27.83 42.09
O2 MAN FA . 17.33 26.85 38.09
O3 MAN FA . 19.81 25.63 37.75
O4 MAN FA . 20.88 26.94 39.84
O5 MAN FA . 17.49 26.23 41.25
O6 MAN FA . 18.16 28.83 41.65
C1 NAG GA . 17.14 -2.94 31.13
C2 NAG GA . 16.53 -1.88 30.22
C3 NAG GA . 15.86 -0.78 31.03
C4 NAG GA . 14.89 -1.35 32.07
C5 NAG GA . 15.59 -2.42 32.90
C6 NAG GA . 14.66 -3.15 33.83
C7 NAG GA . 17.35 -1.22 28.01
C8 NAG GA . 18.48 -0.61 27.25
N2 NAG GA . 17.52 -1.32 29.33
O3 NAG GA . 15.15 0.08 30.14
O4 NAG GA . 14.46 -0.32 32.96
O5 NAG GA . 16.15 -3.42 32.02
O6 NAG GA . 15.12 -4.48 34.10
O7 NAG GA . 16.33 -1.60 27.47
C1 NAG GA . 13.09 0.07 32.72
C2 NAG GA . 12.37 0.29 34.04
C3 NAG GA . 10.93 0.72 33.80
C4 NAG GA . 10.90 1.96 32.93
C5 NAG GA . 11.69 1.73 31.64
C6 NAG GA . 11.82 2.98 30.79
C7 NAG GA . 12.66 -0.86 36.19
C8 NAG GA . 12.65 -2.18 36.89
N2 NAG GA . 12.41 -0.91 34.88
O3 NAG GA . 10.31 0.94 35.06
O4 NAG GA . 9.56 2.29 32.56
O5 NAG GA . 13.01 1.28 31.93
O6 NAG GA . 11.47 4.15 31.53
O7 NAG GA . 12.85 0.20 36.78
C1 BMA GA . 8.79 3.26 33.37
C2 BMA GA . 9.64 4.18 34.31
C3 BMA GA . 8.67 4.98 35.15
C4 BMA GA . 7.76 5.84 34.25
C5 BMA GA . 7.04 4.97 33.21
C6 BMA GA . 6.36 5.81 32.16
O2 BMA GA . 10.37 5.14 33.57
O3 BMA GA . 9.33 5.81 36.09
O4 BMA GA . 6.79 6.51 35.04
O5 BMA GA . 8.00 4.13 32.51
O6 BMA GA . 6.92 5.46 30.91
C1 MAN GA . 5.86 5.06 30.01
C2 MAN GA . 5.41 6.35 29.27
C3 MAN GA . 3.90 6.51 29.36
C4 MAN GA . 3.20 5.21 28.96
C5 MAN GA . 3.55 4.11 29.98
C6 MAN GA . 3.68 2.73 29.37
O2 MAN GA . 5.69 6.25 27.87
O3 MAN GA . 3.45 7.59 28.55
O4 MAN GA . 1.79 5.40 28.96
O5 MAN GA . 4.79 4.41 30.70
O6 MAN GA . 4.28 2.85 28.09
C1 NAG HA . 20.93 -6.87 36.93
C2 NAG HA . 21.18 -7.14 38.43
C3 NAG HA . 20.11 -8.06 39.06
C4 NAG HA . 18.71 -7.64 38.67
C5 NAG HA . 18.61 -7.38 37.16
C6 NAG HA . 17.28 -6.83 36.75
C7 NAG HA . 23.35 -8.59 38.55
C8 NAG HA . 22.82 -9.73 37.69
N2 NAG HA . 22.57 -7.51 38.81
O3 NAG HA . 20.30 -8.00 40.48
O4 NAG HA . 17.80 -8.70 38.94
O5 NAG HA . 19.60 -6.42 36.75
O6 NAG HA . 17.41 -5.47 36.33
O7 NAG HA . 24.50 -8.64 39.00
C1 NAG HA . 17.19 -8.81 40.26
C2 NAG HA . 17.41 -10.27 40.71
C3 NAG HA . 16.86 -10.47 42.13
C4 NAG HA . 17.47 -9.46 43.09
C5 NAG HA . 17.23 -8.04 42.59
C6 NAG HA . 17.91 -7.00 43.44
C7 NAG HA . 17.23 -12.44 39.57
C8 NAG HA . 16.46 -13.25 38.59
N2 NAG HA . 16.78 -11.20 39.79
O3 NAG HA . 17.18 -11.79 42.58
O4 NAG HA . 16.89 -9.60 44.38
O5 NAG HA . 17.76 -7.91 41.25
O6 NAG HA . 19.02 -7.55 44.15
O7 NAG HA . 18.21 -12.88 40.16
C1 NAG IA . 22.83 4.09 40.01
C2 NAG IA . 23.80 4.32 41.15
C3 NAG IA . 23.42 3.42 42.33
C4 NAG IA . 21.98 3.68 42.75
C5 NAG IA . 21.04 3.55 41.53
C6 NAG IA . 19.62 3.96 41.83
C7 NAG IA . 26.12 4.99 40.81
C8 NAG IA . 27.48 4.56 40.34
N2 NAG IA . 25.16 4.06 40.74
O3 NAG IA . 24.31 3.68 43.42
O4 NAG IA . 21.59 2.72 43.74
O5 NAG IA . 21.49 4.39 40.46
O6 NAG IA . 19.17 4.92 40.89
O7 NAG IA . 25.90 6.11 41.23
C1 NAG IA . 21.38 3.37 45.02
C2 NAG IA . 21.12 2.28 46.07
C3 NAG IA . 20.97 2.89 47.47
C4 NAG IA . 22.15 3.81 47.79
C5 NAG IA . 22.34 4.84 46.68
C6 NAG IA . 23.54 5.72 46.88
C7 NAG IA . 18.69 1.80 45.60
C8 NAG IA . 17.74 0.70 45.25
N2 NAG IA . 19.98 1.43 45.74
O3 NAG IA . 20.89 1.84 48.43
O4 NAG IA . 21.92 4.48 49.02
O5 NAG IA . 22.51 4.16 45.42
O6 NAG IA . 23.27 6.77 47.80
O7 NAG IA . 18.31 2.96 45.74
C1 NAG JA . 24.11 12.56 0.93
C2 NAG JA . 25.33 12.07 0.14
C3 NAG JA . 26.51 11.83 1.09
C4 NAG JA . 26.79 13.07 1.94
C5 NAG JA . 25.51 13.47 2.67
C6 NAG JA . 25.65 14.72 3.50
C7 NAG JA . 25.59 10.52 -1.74
C8 NAG JA . 25.14 9.24 -2.36
N2 NAG JA . 25.01 10.86 -0.59
O3 NAG JA . 27.67 11.51 0.32
O4 NAG JA . 27.82 12.78 2.87
O5 NAG JA . 24.47 13.71 1.71
O6 NAG JA . 26.48 14.49 4.62
O7 NAG JA . 26.45 11.23 -2.25
C1 NAG JA . 29.01 13.57 2.64
C2 NAG JA . 30.01 13.24 3.75
C3 NAG JA . 31.30 14.02 3.55
C4 NAG JA . 31.84 13.84 2.14
C5 NAG JA . 30.77 14.15 1.11
C6 NAG JA . 31.20 13.89 -0.31
C7 NAG JA . 29.74 12.80 6.15
C8 NAG JA . 29.06 13.23 7.42
N2 NAG JA . 29.45 13.52 5.06
O3 NAG JA . 32.27 13.59 4.49
O4 NAG JA . 32.95 14.69 1.92
O5 NAG JA . 29.61 13.34 1.35
O6 NAG JA . 32.36 14.65 -0.64
O7 NAG JA . 30.49 11.84 6.11
C1 NAG KA . 43.87 7.63 29.61
C2 NAG KA . 43.31 8.94 30.18
C3 NAG KA . 44.39 10.02 30.22
C4 NAG KA . 45.63 9.52 30.96
C5 NAG KA . 46.11 8.21 30.33
C6 NAG KA . 47.26 7.56 31.07
C7 NAG KA . 40.95 9.60 29.97
C8 NAG KA . 39.88 10.09 29.04
N2 NAG KA . 42.16 9.40 29.42
O3 NAG KA . 43.88 11.19 30.86
O4 NAG KA . 46.63 10.52 30.90
O5 NAG KA . 45.04 7.25 30.33
O6 NAG KA . 46.81 6.99 32.30
O7 NAG KA . 40.74 9.42 31.16
C1 NAG KA . 46.94 10.98 32.25
C2 NAG KA . 48.11 11.95 32.20
C3 NAG KA . 48.45 12.42 33.60
C4 NAG KA . 47.22 13.00 34.29
C5 NAG KA . 46.05 12.02 34.23
C6 NAG KA . 44.77 12.61 34.76
C7 NAG KA . 49.54 11.42 30.26
C8 NAG KA . 50.76 10.71 29.78
N2 NAG KA . 49.28 11.32 31.57
O3 NAG KA . 49.49 13.39 33.54
O4 NAG KA . 47.52 13.29 35.65
O5 NAG KA . 45.80 11.64 32.87
O6 NAG KA . 44.96 13.22 36.03
O7 NAG KA . 48.81 12.04 29.50
C1 NAG LA . 35.63 10.58 23.27
C2 NAG LA . 35.62 10.99 21.78
C3 NAG LA . 36.99 11.54 21.37
C4 NAG LA . 37.36 12.71 22.28
C5 NAG LA . 37.41 12.22 23.72
C6 NAG LA . 37.71 13.30 24.72
C7 NAG LA . 34.54 9.99 19.83
C8 NAG LA . 34.27 8.72 19.07
N2 NAG LA . 35.27 9.86 20.94
O3 NAG LA . 36.93 11.99 20.02
O4 NAG LA . 38.52 13.42 21.84
O5 NAG LA . 36.11 11.69 24.07
O6 NAG LA . 38.16 14.48 24.08
O7 NAG LA . 34.13 11.07 19.44
C1 NAG LA . 39.79 12.76 21.72
C2 NAG LA . 40.59 13.52 20.65
C3 NAG LA . 42.02 12.99 20.56
C4 NAG LA . 42.69 13.01 21.93
C5 NAG LA . 41.83 12.24 22.93
C6 NAG LA . 42.37 12.31 24.33
C7 NAG LA . 39.68 12.46 18.56
C8 NAG LA . 39.00 12.78 17.26
N2 NAG LA . 39.94 13.53 19.34
O3 NAG LA . 42.76 13.79 19.65
O4 NAG LA . 43.98 12.41 21.85
O5 NAG LA . 40.51 12.79 22.96
O6 NAG LA . 41.94 13.51 24.97
O7 NAG LA . 39.94 11.30 18.88
C1 NAG MA . 9.05 20.68 33.31
C2 NAG MA . 9.03 21.12 34.79
C3 NAG MA . 7.71 20.74 35.50
C4 NAG MA . 6.48 21.10 34.66
C5 NAG MA . 6.67 20.61 33.21
C6 NAG MA . 5.57 21.02 32.27
C7 NAG MA . 10.82 19.64 35.99
C8 NAG MA . 10.21 18.31 35.61
N2 NAG MA . 10.23 20.80 35.58
O3 NAG MA . 7.67 21.41 36.76
O4 NAG MA . 5.36 20.42 35.22
O5 NAG MA . 7.89 21.15 32.67
O6 NAG MA . 5.05 22.30 32.61
O7 NAG MA . 11.84 19.68 36.67
C1 NAG MA . 4.21 21.21 35.66
C2 NAG MA . 4.43 21.78 37.07
C3 NAG MA . 3.22 22.62 37.50
C4 NAG MA . 2.91 23.68 36.46
C5 NAG MA . 2.74 23.04 35.08
C6 NAG MA . 2.51 24.03 33.97
C7 NAG MA . 5.57 20.83 39.04
C8 NAG MA . 5.71 19.64 39.93
N2 NAG MA . 4.69 20.72 38.04
O3 NAG MA . 3.50 23.23 38.76
O4 NAG MA . 1.70 24.35 36.81
O5 NAG MA . 3.92 22.30 34.75
O6 NAG MA . 3.07 23.57 32.75
O7 NAG MA . 6.22 21.85 39.22
C1 NAG NA . -33.33 -56.60 -2.63
C2 NAG NA . -34.14 -57.00 -1.40
C3 NAG NA . -35.61 -56.62 -1.61
C4 NAG NA . -35.74 -55.14 -1.91
C5 NAG NA . -34.87 -54.75 -3.10
C6 NAG NA . -34.82 -53.26 -3.32
C7 NAG NA . -33.69 -58.90 0.08
C8 NAG NA . -33.62 -60.39 0.20
N2 NAG NA . -34.02 -58.42 -1.12
O3 NAG NA . -36.35 -56.95 -0.44
O4 NAG NA . -37.10 -54.83 -2.20
O5 NAG NA . -33.50 -55.19 -2.89
O6 NAG NA . -34.39 -52.92 -4.64
O7 NAG NA . -33.45 -58.15 1.03
C1 NAG OA . -21.59 -67.55 -16.11
C2 NAG OA . -21.56 -68.98 -15.72
C3 NAG OA . -21.20 -69.82 -16.95
C4 NAG OA . -22.07 -69.46 -18.15
C5 NAG OA . -22.37 -67.95 -18.31
C6 NAG OA . -23.63 -67.74 -19.13
C7 NAG OA . -20.97 -69.86 -13.52
C8 NAG OA . -19.88 -70.05 -12.51
N2 NAG OA . -20.62 -69.22 -14.64
O3 NAG OA . -21.35 -71.20 -16.64
O4 NAG OA . -21.47 -69.92 -19.35
O5 NAG OA . -22.64 -67.34 -17.03
O6 NAG OA . -23.41 -68.00 -20.51
O7 NAG OA . -22.11 -70.27 -13.34
C1 NAG PA . -28.71 -43.92 -11.30
C2 NAG PA . -30.17 -43.51 -11.22
C3 NAG PA . -30.47 -42.32 -12.13
C4 NAG PA . -29.48 -41.19 -11.88
C5 NAG PA . -28.07 -41.72 -12.03
C6 NAG PA . -27.01 -40.68 -11.73
C7 NAG PA . -32.21 -44.86 -10.97
C8 NAG PA . -32.96 -46.07 -11.45
N2 NAG PA . -31.03 -44.63 -11.55
O3 NAG PA . -31.78 -41.86 -11.88
O4 NAG PA . -29.69 -40.13 -12.82
O5 NAG PA . -27.87 -42.79 -11.11
O6 NAG PA . -26.22 -41.05 -10.62
O7 NAG PA . -32.65 -44.12 -10.10
C1 NAG QA . -4.24 -55.81 -23.46
C2 NAG QA . -3.80 -56.78 -22.33
C3 NAG QA . -3.32 -58.11 -22.92
C4 NAG QA . -4.36 -58.69 -23.86
C5 NAG QA . -4.72 -57.69 -24.94
C6 NAG QA . -5.83 -58.17 -25.84
C7 NAG QA . -2.57 -56.48 -20.21
C8 NAG QA . -1.47 -55.75 -19.52
N2 NAG QA . -2.76 -56.18 -21.51
O3 NAG QA . -3.09 -59.03 -21.87
O4 NAG QA . -3.83 -59.86 -24.49
O5 NAG QA . -5.20 -56.48 -24.32
O6 NAG QA . -6.91 -57.24 -25.89
O7 NAG QA . -3.28 -57.30 -19.63
C1 NAG RA . 10.76 -21.53 -53.29
C2 NAG RA . 11.35 -20.96 -54.58
C3 NAG RA . 10.53 -21.42 -55.79
C4 NAG RA . 10.34 -22.93 -55.79
C5 NAG RA . 9.79 -23.41 -54.45
C6 NAG RA . 9.70 -24.91 -54.34
C7 NAG RA . 10.50 -18.60 -54.42
C8 NAG RA . 10.94 -17.16 -54.41
N2 NAG RA . 11.48 -19.50 -54.55
O3 NAG RA . 11.19 -21.01 -56.98
O4 NAG RA . 9.45 -23.32 -56.83
O5 NAG RA . 10.64 -22.96 -53.40
O6 NAG RA . 10.60 -25.40 -53.34
O7 NAG RA . 9.31 -18.89 -54.31
C1 NAG SA . -5.86 -34.21 -53.20
C2 NAG SA . -6.76 -35.20 -53.97
C3 NAG SA . -7.11 -36.41 -53.08
C4 NAG SA . -5.83 -37.04 -52.52
C5 NAG SA . -5.01 -35.99 -51.78
C6 NAG SA . -3.68 -36.51 -51.29
C7 NAG SA . -8.63 -34.94 -55.56
C8 NAG SA . -9.89 -34.19 -55.88
N2 NAG SA . -7.98 -34.57 -54.45
O3 NAG SA . -7.85 -37.41 -53.78
O4 NAG SA . -6.14 -38.14 -51.67
O5 NAG SA . -4.72 -34.90 -52.66
O6 NAG SA . -2.62 -35.66 -51.71
O7 NAG SA . -8.23 -35.85 -56.28
C1 NAG TA . -18.79 -23.24 -34.93
C2 NAG TA . -19.39 -23.73 -36.32
C3 NAG TA . -19.60 -25.26 -36.39
C4 NAG TA . -19.59 -25.94 -35.03
C5 NAG TA . -20.28 -25.06 -34.02
C6 NAG TA . -20.49 -25.72 -32.68
C7 NAG TA . -21.02 -22.85 -37.92
C8 NAG TA . -22.32 -22.12 -38.09
N2 NAG TA . -20.62 -23.04 -36.65
O3 NAG TA . -18.60 -25.84 -37.23
O4 NAG TA . -20.30 -27.18 -35.10
O5 NAG TA . -19.46 -23.92 -33.79
O6 NAG TA . -20.02 -24.91 -31.61
O7 NAG TA . -20.36 -23.24 -38.87
C1 NAG UA . -8.39 -47.32 44.83
C2 NAG UA . -7.19 -48.22 45.15
C3 NAG UA . -6.50 -47.73 46.41
C4 NAG UA . -6.10 -46.27 46.28
C5 NAG UA . -7.30 -45.41 45.89
C6 NAG UA . -6.90 -43.98 45.56
C7 NAG UA . -6.98 -50.61 44.63
C8 NAG UA . -7.51 -51.98 44.91
N2 NAG UA . -7.58 -49.61 45.30
O3 NAG UA . -5.37 -48.53 46.69
O4 NAG UA . -5.55 -45.80 47.50
O5 NAG UA . -7.95 -45.93 44.72
O6 NAG UA . -8.01 -43.10 45.62
O7 NAG UA . -6.07 -50.41 43.85
C1 NAG VA . -28.89 -51.18 42.81
C2 NAG VA . -29.16 -52.63 43.00
C3 NAG VA . -30.63 -52.81 43.39
C4 NAG VA . -31.01 -51.88 44.55
C5 NAG VA . -30.41 -50.46 44.49
C6 NAG VA . -30.37 -49.85 45.87
C7 NAG VA . -28.06 -54.46 41.80
C8 NAG VA . -27.86 -55.14 40.49
N2 NAG VA . -28.86 -53.39 41.79
O3 NAG VA . -30.86 -54.16 43.75
O4 NAG VA . -32.42 -51.77 44.63
O5 NAG VA . -29.03 -50.52 44.05
O6 NAG VA . -31.65 -49.44 46.31
O7 NAG VA . -27.53 -54.85 42.85
C1 NAG WA . -12.42 -32.27 41.03
C2 NAG WA . -11.48 -31.88 42.18
C3 NAG WA . -11.60 -30.39 42.49
C4 NAG WA . -11.43 -29.55 41.23
C5 NAG WA . -12.44 -30.01 40.20
C6 NAG WA . -12.30 -29.28 38.87
C7 NAG WA . -10.86 -33.10 44.20
C8 NAG WA . -11.34 -33.91 45.36
N2 NAG WA . -11.79 -32.68 43.35
O3 NAG WA . -10.59 -30.05 43.44
O4 NAG WA . -11.65 -28.18 41.52
O5 NAG WA . -12.22 -31.40 39.93
O6 NAG WA . -11.94 -30.16 37.82
O7 NAG WA . -9.67 -32.83 44.06
C1 NAG XA . 20.62 -62.38 1.32
C2 NAG XA . 19.96 -63.37 0.38
C3 NAG XA . 20.81 -63.56 -0.87
C4 NAG XA . 21.08 -62.22 -1.54
C5 NAG XA . 21.70 -61.23 -0.56
C6 NAG XA . 21.81 -59.84 -1.13
C7 NAG XA . 18.52 -65.25 1.01
C8 NAG XA . 18.44 -66.57 1.72
N2 NAG XA . 19.71 -64.65 1.01
O3 NAG XA . 20.17 -64.45 -1.78
O4 NAG XA . 21.97 -62.41 -2.63
O5 NAG XA . 20.88 -61.13 0.63
O6 NAG XA . 22.73 -59.03 -0.42
O7 NAG XA . 17.54 -64.74 0.47
C1 NAG YA . 25.49 -47.14 2.55
C2 NAG YA . 26.09 -47.38 1.17
C3 NAG YA . 26.98 -46.20 0.75
C4 NAG YA . 26.25 -44.89 0.90
C5 NAG YA . 25.73 -44.75 2.31
C6 NAG YA . 24.91 -43.50 2.54
C7 NAG YA . 26.91 -49.43 0.10
C8 NAG YA . 27.73 -50.66 0.27
N2 NAG YA . 26.85 -48.62 1.15
O3 NAG YA . 27.37 -46.39 -0.60
O4 NAG YA . 27.11 -43.79 0.63
O5 NAG YA . 24.86 -45.86 2.60
O6 NAG YA . 23.57 -43.81 2.88
O7 NAG YA . 26.33 -49.17 -0.95
C1 NAG ZA . 26.98 -64.50 20.65
C2 NAG ZA . 26.92 -65.62 21.58
C3 NAG ZA . 27.62 -65.07 22.73
C4 NAG ZA . 28.97 -64.84 22.32
C5 NAG ZA . 28.95 -63.76 21.37
C6 NAG ZA . 30.34 -63.35 21.06
C7 NAG ZA . 24.66 -66.80 21.53
C8 NAG ZA . 23.36 -67.14 22.24
N2 NAG ZA . 25.58 -65.93 22.05
O3 NAG ZA . 27.75 -66.15 23.55
O4 NAG ZA . 29.67 -64.34 23.38
O5 NAG ZA . 28.27 -64.28 20.31
O6 NAG ZA . 31.00 -63.19 22.32
O7 NAG ZA . 24.82 -67.30 20.44
C1 NAG AB . -38.34 -38.15 27.53
C2 NAG AB . -38.05 -39.55 26.94
C3 NAG AB . -39.26 -40.47 27.10
C4 NAG AB . -39.73 -40.50 28.54
C5 NAG AB . -40.00 -39.09 29.05
C6 NAG AB . -40.38 -39.05 30.51
C7 NAG AB . -36.84 -40.32 24.93
C8 NAG AB . -36.55 -40.05 23.49
N2 NAG AB . -37.66 -39.44 25.54
O3 NAG AB . -38.91 -41.78 26.71
O4 NAG AB . -40.93 -41.26 28.63
O5 NAG AB . -38.82 -38.29 28.90
O6 NAG AB . -39.54 -38.16 31.24
O7 NAG AB . -36.38 -41.29 25.52
C1 NAG BB . -55.46 5.44 17.69
C2 NAG BB . -56.54 6.52 17.56
C3 NAG BB . -57.28 6.72 18.87
C4 NAG BB . -57.80 5.39 19.42
C5 NAG BB . -56.65 4.37 19.49
C6 NAG BB . -57.12 2.99 19.90
C7 NAG BB . -55.07 8.57 17.62
C8 NAG BB . -54.72 9.82 16.86
N2 NAG BB . -56.00 7.79 17.04
O3 NAG BB . -58.38 7.61 18.67
O4 NAG BB . -58.33 5.57 20.73
O5 NAG BB . -56.05 4.23 18.19
O6 NAG BB . -56.95 2.06 18.85
O7 NAG BB . -54.54 8.31 18.70
C1 NAG CB . -52.44 -5.10 35.48
C2 NAG CB . -53.01 -5.58 36.84
C3 NAG CB . -52.62 -7.05 37.09
C4 NAG CB . -53.04 -7.92 35.91
C5 NAG CB . -52.43 -7.38 34.62
C6 NAG CB . -52.89 -8.12 33.38
C7 NAG CB . -53.27 -4.52 39.06
C8 NAG CB . -52.62 -3.66 40.10
N2 NAG CB . -52.55 -4.74 37.94
O3 NAG CB . -53.21 -7.57 38.29
O4 NAG CB . -52.65 -9.28 36.11
O5 NAG CB . -52.84 -6.01 34.43
O6 NAG CB . -53.39 -7.22 32.41
O7 NAG CB . -54.37 -5.01 39.23
C1 NAG DB . -27.60 -3.40 36.62
C2 NAG DB . -28.60 -3.17 37.83
C3 NAG DB . -29.15 -4.48 38.43
C4 NAG DB . -28.35 -5.72 38.04
C5 NAG DB . -26.88 -5.38 38.02
C6 NAG DB . -25.99 -6.58 37.82
C7 NAG DB . -28.72 -1.57 39.68
C8 NAG DB . -27.96 -0.80 40.70
N2 NAG DB . -28.00 -2.35 38.87
O3 NAG DB . -30.51 -4.64 38.04
O4 NAG DB . -28.56 -6.75 39.01
O5 NAG DB . -26.64 -4.52 36.90
O6 NAG DB . -25.07 -6.38 36.78
O7 NAG DB . -29.94 -1.51 39.59
C1 NAG EB . 24.96 -44.95 32.26
C2 NAG EB . 23.79 -45.92 32.59
C3 NAG EB . 24.14 -46.75 33.83
C4 NAG EB . 25.48 -47.44 33.66
C5 NAG EB . 26.56 -46.42 33.34
C6 NAG EB . 27.91 -47.05 33.07
C7 NAG EB . 21.33 -45.71 32.55
C8 NAG EB . 20.17 -44.81 32.80
N2 NAG EB . 22.55 -45.19 32.79
O3 NAG EB . 23.15 -47.75 34.02
O4 NAG EB . 25.83 -48.10 34.88
O5 NAG EB . 26.19 -45.69 32.16
O6 NAG EB . 28.42 -46.64 31.81
O7 NAG EB . 21.20 -46.86 32.15
C1 NAG FB . 42.53 -1.14 40.11
C2 NAG FB . 43.37 -0.07 40.82
C3 NAG FB . 44.84 -0.48 40.89
C4 NAG FB . 44.98 -1.89 41.46
C5 NAG FB . 44.09 -2.88 40.69
C6 NAG FB . 44.10 -4.26 41.29
C7 NAG FB . 43.52 1.64 38.99
C8 NAG FB . 43.24 3.08 38.66
N2 NAG FB . 43.20 1.26 40.24
O3 NAG FB . 45.55 0.44 41.70
O4 NAG FB . 46.33 -2.32 41.34
O5 NAG FB . 42.74 -2.42 40.73
O6 NAG FB . 42.82 -4.60 41.81
O7 NAG FB . 44.01 0.88 38.15
C1 NAG GB . 50.92 -18.89 32.93
C2 NAG GB . 52.07 -19.92 33.00
C3 NAG GB . 51.50 -21.35 32.95
C4 NAG GB . 50.43 -21.55 34.01
C5 NAG GB . 49.35 -20.49 33.87
C6 NAG GB . 48.30 -20.55 34.95
C7 NAG GB . 54.35 -20.02 32.06
C8 NAG GB . 55.20 -19.77 30.85
N2 NAG GB . 53.05 -19.72 31.94
O3 NAG GB . 52.53 -22.34 33.11
O4 NAG GB . 49.87 -22.86 33.94
O5 NAG GB . 49.93 -19.18 33.94
O6 NAG GB . 48.13 -19.28 35.56
O7 NAG GB . 54.83 -20.47 33.09
C1 NAG HB . 40.61 -18.96 10.26
C2 NAG HB . 42.14 -19.28 10.57
C3 NAG HB . 42.36 -20.69 11.15
C4 NAG HB . 41.19 -21.64 10.92
C5 NAG HB . 40.60 -21.39 9.55
C6 NAG HB . 39.54 -22.40 9.17
C7 NAG HB . 44.28 -18.73 9.52
C8 NAG HB . 45.01 -18.55 8.24
N2 NAG HB . 42.98 -19.06 9.41
O3 NAG HB . 42.65 -20.60 12.53
O4 NAG HB . 41.64 -22.99 10.98
O5 NAG HB . 39.95 -20.12 9.58
O6 NAG HB . 38.36 -21.77 8.73
O7 NAG HB . 44.82 -18.58 10.60
#